data_5LNF
#
_entry.id   5LNF
#
loop_
_entity.id
_entity.type
_entity.pdbx_description
1 polymer 'Peroxisomal biogenesis factor 19'
2 non-polymer FARNESYL
#
_entity_poly.entity_id   1
_entity_poly.type   'polypeptide(L)'
_entity_poly.pdbx_seq_one_letter_code
;GMDEGDGEGNILPIMQSIMQNLLSKDVLYPSLKEITEKYPEWLQSHRESLPPEQFEKYQEQHSVMCKICEQFEAETPTDS
ETTQKARFEMVLDLMQQLQDLGHPPKELAGEMPPGLNFDLDALNLSGPPGASGEQCLIM
;
_entity_poly.pdbx_strand_id   A
#
loop_
_chem_comp.id
_chem_comp.type
_chem_comp.name
_chem_comp.formula
FAR non-polymer FARNESYL 'C15 H26'
#
# COMPACT_ATOMS: atom_id res chain seq x y z
N GLY A 1 -29.04 28.11 -18.65
CA GLY A 1 -28.76 27.38 -17.39
C GLY A 1 -27.63 28.01 -16.61
N MET A 2 -27.19 27.35 -15.55
CA MET A 2 -26.12 27.87 -14.71
C MET A 2 -24.76 27.39 -15.20
N ASP A 3 -23.71 27.83 -14.52
CA ASP A 3 -22.34 27.46 -14.89
C ASP A 3 -22.07 25.98 -14.59
N GLU A 4 -21.27 25.36 -15.44
CA GLU A 4 -20.89 23.97 -15.26
C GLU A 4 -19.77 23.86 -14.21
N GLY A 5 -20.07 23.20 -13.11
CA GLY A 5 -19.09 23.05 -12.05
C GLY A 5 -19.64 22.25 -10.89
N ASP A 6 -19.90 20.98 -11.12
CA ASP A 6 -20.44 20.10 -10.09
C ASP A 6 -19.66 18.79 -10.06
N GLY A 7 -19.61 18.15 -8.90
CA GLY A 7 -18.98 16.85 -8.80
C GLY A 7 -17.66 16.89 -8.04
N GLU A 8 -17.07 18.07 -7.96
CA GLU A 8 -15.78 18.20 -7.29
C GLU A 8 -15.83 19.34 -6.29
N GLY A 9 -15.00 19.26 -5.26
CA GLY A 9 -14.97 20.27 -4.24
C GLY A 9 -13.84 20.06 -3.26
N ASN A 10 -14.15 19.45 -2.13
CA ASN A 10 -13.18 19.21 -1.09
C ASN A 10 -13.38 17.82 -0.46
N ILE A 11 -13.05 16.80 -1.24
CA ILE A 11 -13.21 15.42 -0.79
C ILE A 11 -11.95 14.98 -0.05
N LEU A 12 -11.00 15.90 0.06
CA LEU A 12 -9.69 15.64 0.66
C LEU A 12 -9.81 14.92 2.02
N PRO A 13 -10.55 15.51 2.99
CA PRO A 13 -10.64 14.93 4.34
C PRO A 13 -11.44 13.63 4.36
N ILE A 14 -12.29 13.47 3.37
CA ILE A 14 -13.09 12.25 3.24
C ILE A 14 -12.26 11.13 2.62
N MET A 15 -11.21 11.51 1.90
CA MET A 15 -10.40 10.55 1.14
C MET A 15 -9.78 9.49 2.04
N GLN A 16 -9.45 9.86 3.27
CA GLN A 16 -8.87 8.91 4.21
C GLN A 16 -9.87 7.81 4.56
N SER A 17 -11.16 8.15 4.54
CA SER A 17 -12.22 7.19 4.80
C SER A 17 -12.34 6.25 3.61
N ILE A 18 -12.34 6.82 2.41
CA ILE A 18 -12.39 6.05 1.18
C ILE A 18 -11.16 5.15 1.07
N MET A 19 -10.01 5.73 1.35
CA MET A 19 -8.73 5.03 1.27
C MET A 19 -8.70 3.86 2.26
N GLN A 20 -9.18 4.11 3.47
CA GLN A 20 -9.22 3.08 4.51
C GLN A 20 -10.23 1.99 4.15
N ASN A 21 -11.34 2.38 3.53
CA ASN A 21 -12.37 1.42 3.12
C ASN A 21 -11.85 0.52 2.00
N LEU A 22 -11.19 1.14 1.02
CA LEU A 22 -10.65 0.40 -0.12
C LEU A 22 -9.43 -0.41 0.28
N LEU A 23 -8.49 0.21 0.98
CA LEU A 23 -7.23 -0.45 1.30
C LEU A 23 -7.33 -1.27 2.57
N SER A 24 -8.55 -1.55 2.99
CA SER A 24 -8.80 -2.50 4.06
C SER A 24 -8.33 -3.88 3.60
N LYS A 25 -8.16 -4.81 4.53
CA LYS A 25 -7.66 -6.15 4.22
C LYS A 25 -8.50 -6.81 3.12
N ASP A 26 -9.75 -6.36 3.05
CA ASP A 26 -10.70 -6.84 2.04
C ASP A 26 -10.15 -6.70 0.63
N VAL A 27 -9.90 -5.47 0.20
CA VAL A 27 -9.44 -5.20 -1.16
C VAL A 27 -7.92 -5.17 -1.23
N LEU A 28 -7.29 -4.76 -0.14
CA LEU A 28 -5.83 -4.66 -0.09
C LEU A 28 -5.17 -5.99 -0.44
N TYR A 29 -5.74 -7.09 0.02
CA TYR A 29 -5.18 -8.42 -0.25
C TYR A 29 -5.04 -8.69 -1.76
N PRO A 30 -6.14 -8.68 -2.55
CA PRO A 30 -6.06 -8.90 -3.99
C PRO A 30 -5.22 -7.85 -4.72
N SER A 31 -5.34 -6.60 -4.27
CA SER A 31 -4.60 -5.51 -4.90
C SER A 31 -3.09 -5.71 -4.75
N LEU A 32 -2.66 -6.10 -3.56
CA LEU A 32 -1.25 -6.35 -3.31
C LEU A 32 -0.81 -7.63 -4.03
N LYS A 33 -1.69 -8.63 -4.02
CA LYS A 33 -1.42 -9.91 -4.68
C LYS A 33 -1.19 -9.71 -6.18
N GLU A 34 -1.99 -8.85 -6.79
CA GLU A 34 -1.86 -8.55 -8.21
C GLU A 34 -0.54 -7.84 -8.50
N ILE A 35 -0.17 -6.90 -7.65
CA ILE A 35 1.05 -6.15 -7.84
C ILE A 35 2.28 -7.01 -7.58
N THR A 36 2.18 -7.90 -6.60
CA THR A 36 3.29 -8.80 -6.29
C THR A 36 3.60 -9.73 -7.46
N GLU A 37 2.55 -10.17 -8.15
CA GLU A 37 2.73 -11.00 -9.34
C GLU A 37 3.42 -10.20 -10.45
N LYS A 38 3.15 -8.91 -10.49
CA LYS A 38 3.64 -8.05 -11.57
C LYS A 38 5.01 -7.45 -11.25
N TYR A 39 5.27 -7.28 -9.97
CA TYR A 39 6.50 -6.63 -9.51
C TYR A 39 7.78 -7.26 -10.12
N PRO A 40 7.96 -8.59 -10.06
CA PRO A 40 9.20 -9.23 -10.54
C PRO A 40 9.43 -9.04 -12.03
N GLU A 41 8.36 -9.14 -12.80
CA GLU A 41 8.47 -9.01 -14.26
C GLU A 41 8.82 -7.57 -14.64
N TRP A 42 8.23 -6.63 -13.91
CA TRP A 42 8.50 -5.22 -14.13
C TRP A 42 9.97 -4.93 -13.82
N LEU A 43 10.41 -5.40 -12.66
CA LEU A 43 11.78 -5.24 -12.22
C LEU A 43 12.75 -5.90 -13.18
N GLN A 44 12.41 -7.09 -13.66
CA GLN A 44 13.29 -7.81 -14.59
C GLN A 44 13.47 -7.03 -15.88
N SER A 45 12.41 -6.38 -16.31
CA SER A 45 12.41 -5.64 -17.56
C SER A 45 13.27 -4.39 -17.43
N HIS A 46 13.05 -3.65 -16.36
CA HIS A 46 13.71 -2.37 -16.14
C HIS A 46 15.00 -2.54 -15.37
N ARG A 47 15.34 -3.79 -15.09
CA ARG A 47 16.49 -4.10 -14.23
C ARG A 47 17.76 -3.45 -14.76
N GLU A 48 17.87 -3.39 -16.09
CA GLU A 48 19.06 -2.81 -16.73
C GLU A 48 19.08 -1.29 -16.55
N SER A 49 17.89 -0.70 -16.47
CA SER A 49 17.75 0.74 -16.36
C SER A 49 17.61 1.17 -14.91
N LEU A 50 17.44 0.22 -14.02
CA LEU A 50 17.19 0.50 -12.62
C LEU A 50 18.47 0.59 -11.81
N PRO A 51 18.63 1.70 -11.07
CA PRO A 51 19.75 1.90 -10.16
C PRO A 51 19.85 0.77 -9.15
N PRO A 52 21.06 0.31 -8.82
CA PRO A 52 21.27 -0.80 -7.88
C PRO A 52 20.56 -0.53 -6.56
N GLU A 53 20.70 0.70 -6.08
CA GLU A 53 20.07 1.11 -4.83
C GLU A 53 18.55 1.06 -4.93
N GLN A 54 18.02 1.49 -6.06
CA GLN A 54 16.59 1.56 -6.25
C GLN A 54 16.01 0.17 -6.46
N PHE A 55 16.75 -0.65 -7.20
CA PHE A 55 16.35 -2.01 -7.53
C PHE A 55 16.18 -2.82 -6.25
N GLU A 56 17.15 -2.68 -5.35
CA GLU A 56 17.12 -3.38 -4.08
C GLU A 56 15.87 -3.05 -3.27
N LYS A 57 15.60 -1.75 -3.09
CA LYS A 57 14.43 -1.32 -2.32
C LYS A 57 13.16 -1.91 -2.92
N TYR A 58 13.11 -1.98 -4.24
CA TYR A 58 11.93 -2.50 -4.93
C TYR A 58 11.78 -3.99 -4.69
N GLN A 59 12.91 -4.69 -4.55
CA GLN A 59 12.89 -6.12 -4.26
C GLN A 59 12.34 -6.36 -2.87
N GLU A 60 12.69 -5.47 -1.95
CA GLU A 60 12.23 -5.58 -0.58
C GLU A 60 10.72 -5.36 -0.50
N GLN A 61 10.24 -4.37 -1.24
CA GLN A 61 8.82 -4.08 -1.31
C GLN A 61 8.06 -5.27 -1.89
N HIS A 62 8.62 -5.87 -2.93
CA HIS A 62 8.02 -7.04 -3.55
C HIS A 62 7.96 -8.19 -2.55
N SER A 63 9.06 -8.41 -1.85
CA SER A 63 9.15 -9.48 -0.89
C SER A 63 8.18 -9.25 0.27
N VAL A 64 8.19 -8.04 0.81
CA VAL A 64 7.32 -7.70 1.91
C VAL A 64 5.85 -7.80 1.53
N MET A 65 5.48 -7.22 0.38
CA MET A 65 4.10 -7.28 -0.11
C MET A 65 3.64 -8.72 -0.27
N CYS A 66 4.54 -9.59 -0.73
CA CYS A 66 4.23 -11.01 -0.86
C CYS A 66 3.85 -11.62 0.46
N LYS A 67 4.62 -11.30 1.50
CA LYS A 67 4.39 -11.85 2.83
C LYS A 67 3.01 -11.48 3.32
N ILE A 68 2.65 -10.23 3.10
CA ILE A 68 1.35 -9.71 3.49
C ILE A 68 0.22 -10.49 2.81
N CYS A 69 0.35 -10.70 1.51
CA CYS A 69 -0.64 -11.46 0.76
C CYS A 69 -0.69 -12.90 1.25
N GLU A 70 0.49 -13.47 1.50
CA GLU A 70 0.61 -14.83 2.02
C GLU A 70 -0.17 -14.97 3.32
N GLN A 71 -0.12 -13.95 4.14
CA GLN A 71 -0.74 -14.01 5.46
C GLN A 71 -2.26 -14.08 5.33
N PHE A 72 -2.82 -13.30 4.42
CA PHE A 72 -4.27 -13.21 4.28
C PHE A 72 -4.82 -14.47 3.61
N GLU A 73 -4.09 -14.98 2.62
CA GLU A 73 -4.48 -16.20 1.94
C GLU A 73 -4.25 -17.42 2.83
N ALA A 74 -3.43 -17.23 3.86
CA ALA A 74 -3.13 -18.31 4.80
C ALA A 74 -3.87 -18.07 6.12
N GLU A 75 -4.79 -17.11 6.12
CA GLU A 75 -5.55 -16.79 7.31
C GLU A 75 -6.87 -17.54 7.32
N THR A 76 -7.36 -17.86 8.52
CA THR A 76 -8.64 -18.50 8.67
C THR A 76 -9.48 -17.73 9.68
N PRO A 77 -10.79 -17.59 9.42
CA PRO A 77 -11.72 -16.94 10.35
C PRO A 77 -11.89 -17.74 11.63
N THR A 78 -11.39 -18.97 11.59
CA THR A 78 -11.54 -19.89 12.70
C THR A 78 -10.39 -19.74 13.69
N ASP A 79 -9.36 -18.99 13.30
CA ASP A 79 -8.26 -18.67 14.20
C ASP A 79 -8.74 -17.79 15.35
N SER A 80 -8.00 -17.80 16.45
CA SER A 80 -8.36 -17.06 17.64
C SER A 80 -8.18 -15.55 17.46
N GLU A 81 -8.78 -14.77 18.36
CA GLU A 81 -8.73 -13.32 18.27
C GLU A 81 -7.29 -12.81 18.39
N THR A 82 -6.48 -13.53 19.16
CA THR A 82 -5.08 -13.16 19.33
C THR A 82 -4.31 -13.41 18.04
N THR A 83 -4.84 -14.35 17.25
CA THR A 83 -4.24 -14.69 15.97
C THR A 83 -4.59 -13.62 14.94
N GLN A 84 -5.86 -13.21 14.99
CA GLN A 84 -6.34 -12.15 14.11
C GLN A 84 -5.51 -10.89 14.31
N LYS A 85 -5.23 -10.62 15.58
CA LYS A 85 -4.42 -9.46 15.96
C LYS A 85 -2.96 -9.68 15.60
N ALA A 86 -2.45 -10.86 15.92
CA ALA A 86 -1.03 -11.16 15.74
C ALA A 86 -0.62 -11.08 14.28
N ARG A 87 -1.44 -11.64 13.41
CA ARG A 87 -1.15 -11.62 11.99
C ARG A 87 -1.22 -10.20 11.48
N PHE A 88 -2.23 -9.48 11.97
CA PHE A 88 -2.41 -8.08 11.62
C PHE A 88 -1.21 -7.25 12.04
N GLU A 89 -0.74 -7.45 13.26
CA GLU A 89 0.41 -6.70 13.77
C GLU A 89 1.65 -6.99 12.95
N MET A 90 1.86 -8.26 12.62
CA MET A 90 3.01 -8.66 11.82
C MET A 90 2.90 -8.08 10.41
N VAL A 91 1.71 -8.16 9.83
CA VAL A 91 1.45 -7.57 8.53
C VAL A 91 1.65 -6.05 8.57
N LEU A 92 1.07 -5.42 9.58
CA LEU A 92 1.19 -3.99 9.77
C LEU A 92 2.65 -3.57 9.88
N ASP A 93 3.43 -4.34 10.64
CA ASP A 93 4.85 -4.08 10.78
C ASP A 93 5.55 -4.16 9.42
N LEU A 94 5.22 -5.20 8.66
CA LEU A 94 5.74 -5.38 7.32
C LEU A 94 5.35 -4.21 6.42
N MET A 95 4.09 -3.81 6.50
CA MET A 95 3.57 -2.67 5.74
C MET A 95 4.37 -1.42 6.07
N GLN A 96 4.68 -1.25 7.35
CA GLN A 96 5.45 -0.10 7.82
C GLN A 96 6.83 -0.08 7.20
N GLN A 97 7.44 -1.26 7.02
CA GLN A 97 8.76 -1.37 6.45
C GLN A 97 8.74 -1.05 4.97
N LEU A 98 7.78 -1.62 4.26
CA LEU A 98 7.71 -1.48 2.81
C LEU A 98 7.34 -0.06 2.41
N GLN A 99 6.41 0.57 3.15
CA GLN A 99 6.06 1.95 2.87
C GLN A 99 7.26 2.85 3.11
N ASP A 100 8.09 2.47 4.09
CA ASP A 100 9.32 3.17 4.42
C ASP A 100 10.41 2.89 3.37
N LEU A 101 10.21 1.84 2.59
CA LEU A 101 11.17 1.41 1.58
C LEU A 101 10.92 2.12 0.25
N GLY A 102 9.70 2.61 0.10
CA GLY A 102 9.33 3.29 -1.12
C GLY A 102 8.02 2.77 -1.67
N HIS A 103 7.35 3.58 -2.47
CA HIS A 103 6.11 3.18 -3.09
C HIS A 103 6.39 2.39 -4.36
N PRO A 104 5.48 1.49 -4.75
CA PRO A 104 5.60 0.77 -6.01
C PRO A 104 5.45 1.72 -7.19
N PRO A 105 6.02 1.34 -8.36
CA PRO A 105 5.94 2.15 -9.57
C PRO A 105 4.50 2.43 -9.99
N LYS A 106 4.24 3.63 -10.51
CA LYS A 106 2.90 4.04 -10.90
C LYS A 106 2.31 3.11 -11.95
N GLU A 107 3.14 2.55 -12.82
CA GLU A 107 2.69 1.57 -13.81
C GLU A 107 2.15 0.33 -13.11
N LEU A 108 2.77 -0.02 -12.00
CA LEU A 108 2.35 -1.17 -11.22
C LEU A 108 1.18 -0.80 -10.32
N ALA A 109 0.93 0.49 -10.17
CA ALA A 109 -0.20 0.95 -9.39
C ALA A 109 -1.27 1.50 -10.32
N GLY A 110 -1.09 1.25 -11.62
CA GLY A 110 -2.01 1.75 -12.63
C GLY A 110 -3.33 1.05 -12.64
N GLU A 111 -3.64 0.35 -11.57
CA GLU A 111 -4.91 -0.31 -11.40
C GLU A 111 -5.65 0.31 -10.22
N MET A 112 -5.03 1.33 -9.65
CA MET A 112 -5.60 2.06 -8.53
C MET A 112 -6.17 3.38 -9.02
N PRO A 113 -7.25 3.88 -8.40
CA PRO A 113 -7.87 5.15 -8.80
C PRO A 113 -6.93 6.34 -8.58
N PRO A 114 -6.46 6.96 -9.68
CA PRO A 114 -5.50 8.08 -9.60
C PRO A 114 -5.93 9.14 -8.60
N GLY A 115 -5.19 9.23 -7.51
CA GLY A 115 -5.51 10.16 -6.46
C GLY A 115 -5.11 9.62 -5.09
N LEU A 116 -5.40 8.34 -4.87
CA LEU A 116 -5.06 7.70 -3.60
C LEU A 116 -3.61 7.24 -3.59
N ASN A 117 -2.80 7.81 -4.49
CA ASN A 117 -1.43 7.38 -4.71
C ASN A 117 -0.57 7.56 -3.47
N PHE A 118 0.59 6.93 -3.49
CA PHE A 118 1.45 6.85 -2.33
C PHE A 118 2.81 7.47 -2.63
N ASP A 119 3.13 8.55 -1.93
CA ASP A 119 4.44 9.19 -2.05
C ASP A 119 5.32 8.81 -0.87
N LEU A 120 6.53 8.35 -1.13
CA LEU A 120 7.41 7.84 -0.07
C LEU A 120 7.67 8.88 0.99
N ASP A 121 7.98 10.09 0.57
CA ASP A 121 8.27 11.17 1.52
C ASP A 121 7.04 11.47 2.37
N ALA A 122 5.88 11.43 1.74
CA ALA A 122 4.62 11.64 2.45
C ALA A 122 4.34 10.48 3.40
N LEU A 123 4.74 9.28 3.00
CA LEU A 123 4.58 8.09 3.83
C LEU A 123 5.58 8.11 4.97
N ASN A 124 6.74 8.67 4.68
CA ASN A 124 7.83 8.77 5.63
C ASN A 124 7.56 9.92 6.60
N LEU A 125 6.53 10.70 6.27
CA LEU A 125 6.16 11.91 7.01
C LEU A 125 7.32 12.89 7.04
N SER A 126 8.10 12.90 5.97
CA SER A 126 9.24 13.80 5.84
C SER A 126 8.76 15.22 5.56
N GLY A 127 7.70 15.34 4.77
CA GLY A 127 7.14 16.64 4.47
C GLY A 127 5.62 16.60 4.35
N PRO A 128 4.92 16.32 5.46
CA PRO A 128 3.46 16.23 5.46
C PRO A 128 2.80 17.60 5.52
N PRO A 129 1.66 17.77 4.84
CA PRO A 129 0.94 19.05 4.81
C PRO A 129 0.49 19.51 6.18
N GLY A 130 -0.01 18.56 6.98
CA GLY A 130 -0.45 18.88 8.32
C GLY A 130 0.58 18.56 9.35
N ALA A 131 1.36 17.49 9.09
CA ALA A 131 2.44 17.07 9.98
C ALA A 131 1.89 16.54 11.29
N SER A 132 0.62 16.22 11.27
CA SER A 132 -0.08 15.71 12.45
C SER A 132 0.09 14.20 12.54
N GLY A 133 0.48 13.58 11.43
CA GLY A 133 0.60 12.15 11.39
C GLY A 133 -0.40 11.54 10.43
N GLU A 134 -0.73 12.30 9.40
CA GLU A 134 -1.66 11.87 8.38
C GLU A 134 -1.18 10.58 7.73
N GLN A 135 -2.07 9.60 7.63
CA GLN A 135 -1.70 8.29 7.11
C GLN A 135 -2.70 7.83 6.05
N CYS A 136 -2.59 6.58 5.66
CA CYS A 136 -3.41 6.03 4.60
C CYS A 136 -4.49 5.15 5.21
N LEU A 137 -4.08 4.00 5.71
CA LEU A 137 -4.97 3.08 6.39
C LEU A 137 -4.40 2.74 7.76
N ILE A 138 -3.34 3.46 8.11
CA ILE A 138 -2.62 3.20 9.35
C ILE A 138 -3.33 3.87 10.51
N MET A 139 -3.16 5.18 10.63
CA MET A 139 -3.79 5.96 11.68
C MET A 139 -4.91 6.81 11.08
C1 FAR B . -0.09 4.82 4.85
C2 FAR B . -0.06 3.31 4.62
C3 FAR B . 0.70 2.63 3.78
C5 FAR B . 0.60 1.13 3.71
C6 FAR B . -0.34 0.61 2.65
C7 FAR B . 0.17 0.86 1.23
C8 FAR B . 1.29 0.38 0.68
C9 FAR B . 1.68 0.72 -0.74
C11 FAR B . 1.01 -0.12 -1.80
C12 FAR B . -0.47 -0.33 -1.55
C13 FAR B . -1.45 -0.38 -2.44
C14 FAR B . -1.24 -0.22 -3.92
C15 FAR B . -2.87 -0.58 -2.02
C4 FAR B . 1.67 3.28 2.81
C10 FAR B . 2.21 -0.58 1.38
H11 FAR B . -0.63 5.03 5.76
H12A FAR B . 0.89 5.16 4.96
H2 FAR B . -0.76 2.77 5.24
H51 FAR B . 0.27 0.79 4.68
H52 FAR B . 1.59 0.75 3.52
H61 FAR B . -0.45 -0.46 2.79
H62 FAR B . -1.30 1.07 2.76
H7 FAR B . -0.48 1.49 0.66
H91 FAR B . 2.75 0.61 -0.82
H92 FAR B . 1.42 1.75 -0.91
H111 FAR B . 1.15 0.37 -2.76
H112 FAR B . 1.49 -1.09 -1.83
H12 FAR B . -0.71 -0.46 -0.51
H141 FAR B . -0.81 0.75 -4.12
H142 FAR B . -0.57 -0.98 -4.27
H143 FAR B . -2.19 -0.30 -4.43
H151 FAR B . -3.34 -1.33 -2.65
H152 FAR B . -2.90 -0.92 -0.99
H153 FAR B . -3.40 0.35 -2.11
H41 FAR B . 1.11 3.93 2.14
H42 FAR B . 2.17 2.52 2.24
H43 FAR B . 2.39 3.85 3.36
H101 FAR B . 1.73 -0.93 2.28
H102 FAR B . 3.13 -0.08 1.62
H103 FAR B . 2.40 -1.42 0.74
N GLY A 1 -14.68 13.64 -17.01
CA GLY A 1 -15.59 12.62 -17.58
C GLY A 1 -16.94 12.62 -16.94
N MET A 2 -17.36 11.47 -16.42
CA MET A 2 -18.66 11.34 -15.79
C MET A 2 -18.59 11.75 -14.32
N ASP A 3 -19.11 12.93 -14.02
CA ASP A 3 -19.11 13.44 -12.65
C ASP A 3 -20.28 12.90 -11.88
N GLU A 4 -20.00 12.37 -10.70
CA GLU A 4 -21.06 11.84 -9.83
C GLU A 4 -21.44 12.89 -8.79
N GLY A 5 -21.17 14.15 -9.10
CA GLY A 5 -21.43 15.23 -8.18
C GLY A 5 -20.16 15.66 -7.48
N ASP A 6 -19.57 14.74 -6.74
CA ASP A 6 -18.31 15.00 -6.06
C ASP A 6 -17.14 14.63 -6.96
N GLY A 7 -15.94 14.88 -6.49
CA GLY A 7 -14.75 14.58 -7.25
C GLY A 7 -13.79 15.75 -7.27
N GLU A 8 -14.31 16.94 -7.04
CA GLU A 8 -13.51 18.14 -6.99
C GLU A 8 -13.88 18.96 -5.77
N GLY A 9 -12.87 19.44 -5.05
CA GLY A 9 -13.12 20.24 -3.87
C GLY A 9 -12.22 19.86 -2.72
N ASN A 10 -12.75 19.94 -1.51
CA ASN A 10 -11.99 19.62 -0.31
C ASN A 10 -12.31 18.22 0.17
N ILE A 11 -11.96 17.22 -0.63
CA ILE A 11 -12.19 15.84 -0.27
C ILE A 11 -10.94 15.28 0.41
N LEU A 12 -9.91 16.12 0.48
CA LEU A 12 -8.61 15.74 1.04
C LEU A 12 -8.74 15.02 2.38
N PRO A 13 -9.43 15.62 3.38
CA PRO A 13 -9.56 15.01 4.71
C PRO A 13 -10.51 13.82 4.72
N ILE A 14 -11.39 13.78 3.73
CA ILE A 14 -12.32 12.67 3.58
C ILE A 14 -11.64 11.47 2.92
N MET A 15 -10.55 11.74 2.21
CA MET A 15 -9.86 10.72 1.42
C MET A 15 -9.38 9.57 2.29
N GLN A 16 -9.00 9.87 3.53
CA GLN A 16 -8.52 8.82 4.43
C GLN A 16 -9.63 7.80 4.73
N SER A 17 -10.88 8.25 4.75
CA SER A 17 -12.00 7.38 5.01
C SER A 17 -12.24 6.47 3.80
N ILE A 18 -12.21 7.08 2.62
CA ILE A 18 -12.38 6.34 1.38
C ILE A 18 -11.21 5.38 1.17
N MET A 19 -10.02 5.89 1.41
CA MET A 19 -8.78 5.13 1.24
C MET A 19 -8.75 3.94 2.20
N GLN A 20 -9.27 4.15 3.40
CA GLN A 20 -9.32 3.10 4.42
C GLN A 20 -10.24 1.97 3.96
N ASN A 21 -11.40 2.34 3.41
CA ASN A 21 -12.36 1.34 2.94
C ASN A 21 -11.83 0.60 1.73
N LEU A 22 -11.33 1.35 0.75
CA LEU A 22 -10.86 0.79 -0.51
C LEU A 22 -9.60 -0.05 -0.32
N LEU A 23 -8.79 0.31 0.67
CA LEU A 23 -7.54 -0.40 0.90
C LEU A 23 -7.62 -1.30 2.12
N SER A 24 -8.85 -1.56 2.56
CA SER A 24 -9.07 -2.53 3.63
C SER A 24 -8.67 -3.92 3.15
N LYS A 25 -8.54 -4.87 4.08
CA LYS A 25 -8.03 -6.21 3.77
C LYS A 25 -8.82 -6.86 2.63
N ASP A 26 -10.08 -6.45 2.51
CA ASP A 26 -10.96 -6.95 1.46
C ASP A 26 -10.35 -6.74 0.07
N VAL A 27 -10.07 -5.49 -0.28
CA VAL A 27 -9.53 -5.16 -1.59
C VAL A 27 -8.00 -5.15 -1.58
N LEU A 28 -7.42 -4.78 -0.44
CA LEU A 28 -5.97 -4.65 -0.31
C LEU A 28 -5.25 -5.93 -0.73
N TYR A 29 -5.77 -7.08 -0.31
CA TYR A 29 -5.12 -8.36 -0.62
C TYR A 29 -4.98 -8.57 -2.14
N PRO A 30 -6.10 -8.61 -2.91
CA PRO A 30 -6.03 -8.81 -4.36
C PRO A 30 -5.17 -7.77 -5.07
N SER A 31 -5.23 -6.52 -4.62
CA SER A 31 -4.42 -5.47 -5.23
C SER A 31 -2.93 -5.70 -4.97
N LEU A 32 -2.59 -6.06 -3.74
CA LEU A 32 -1.20 -6.34 -3.40
C LEU A 32 -0.73 -7.61 -4.09
N LYS A 33 -1.60 -8.61 -4.10
CA LYS A 33 -1.32 -9.88 -4.76
C LYS A 33 -1.08 -9.66 -6.26
N GLU A 34 -1.89 -8.78 -6.85
CA GLU A 34 -1.75 -8.44 -8.26
C GLU A 34 -0.37 -7.86 -8.52
N ILE A 35 0.02 -6.90 -7.70
CA ILE A 35 1.27 -6.18 -7.88
C ILE A 35 2.47 -7.06 -7.55
N THR A 36 2.33 -7.96 -6.59
CA THR A 36 3.41 -8.85 -6.24
C THR A 36 3.72 -9.84 -7.37
N GLU A 37 2.68 -10.31 -8.04
CA GLU A 37 2.86 -11.20 -9.18
C GLU A 37 3.48 -10.45 -10.36
N LYS A 38 3.26 -9.14 -10.39
CA LYS A 38 3.72 -8.31 -11.51
C LYS A 38 5.09 -7.70 -11.22
N TYR A 39 5.39 -7.50 -9.95
CA TYR A 39 6.63 -6.86 -9.52
C TYR A 39 7.88 -7.50 -10.15
N PRO A 40 8.06 -8.84 -10.08
CA PRO A 40 9.27 -9.48 -10.57
C PRO A 40 9.47 -9.28 -12.07
N GLU A 41 8.40 -9.36 -12.85
CA GLU A 41 8.49 -9.22 -14.29
C GLU A 41 8.86 -7.78 -14.65
N TRP A 42 8.29 -6.83 -13.92
CA TRP A 42 8.57 -5.42 -14.15
C TRP A 42 10.04 -5.14 -13.84
N LEU A 43 10.46 -5.62 -12.67
CA LEU A 43 11.84 -5.47 -12.23
C LEU A 43 12.81 -6.14 -13.20
N GLN A 44 12.47 -7.32 -13.65
CA GLN A 44 13.33 -8.06 -14.56
C GLN A 44 13.48 -7.34 -15.89
N SER A 45 12.39 -6.76 -16.35
CA SER A 45 12.38 -6.07 -17.63
C SER A 45 13.17 -4.77 -17.56
N HIS A 46 12.99 -4.01 -16.49
CA HIS A 46 13.66 -2.73 -16.31
C HIS A 46 14.97 -2.89 -15.54
N ARG A 47 15.31 -4.13 -15.23
CA ARG A 47 16.46 -4.41 -14.38
C ARG A 47 17.73 -3.79 -14.95
N GLU A 48 17.84 -3.78 -16.27
CA GLU A 48 19.00 -3.24 -16.95
C GLU A 48 19.06 -1.71 -16.82
N SER A 49 17.88 -1.11 -16.71
CA SER A 49 17.77 0.34 -16.64
C SER A 49 17.60 0.83 -15.20
N LEU A 50 17.42 -0.11 -14.29
CA LEU A 50 17.18 0.23 -12.89
C LEU A 50 18.48 0.29 -12.10
N PRO A 51 18.72 1.42 -11.42
CA PRO A 51 19.89 1.57 -10.55
C PRO A 51 19.89 0.52 -9.44
N PRO A 52 21.08 0.01 -9.09
CA PRO A 52 21.23 -1.03 -8.08
C PRO A 52 20.52 -0.69 -6.78
N GLU A 53 20.64 0.55 -6.33
CA GLU A 53 20.04 0.97 -5.06
C GLU A 53 18.52 0.97 -5.15
N GLN A 54 18.01 1.40 -6.29
CA GLN A 54 16.57 1.47 -6.49
C GLN A 54 16.00 0.06 -6.66
N PHE A 55 16.76 -0.77 -7.36
CA PHE A 55 16.40 -2.14 -7.61
C PHE A 55 16.21 -2.88 -6.29
N GLU A 56 17.14 -2.65 -5.36
CA GLU A 56 17.08 -3.27 -4.05
C GLU A 56 15.78 -2.94 -3.33
N LYS A 57 15.48 -1.65 -3.21
CA LYS A 57 14.29 -1.20 -2.47
C LYS A 57 13.04 -1.84 -3.06
N TYR A 58 13.01 -1.95 -4.38
CA TYR A 58 11.87 -2.54 -5.06
C TYR A 58 11.75 -4.02 -4.75
N GLN A 59 12.89 -4.69 -4.58
CA GLN A 59 12.92 -6.09 -4.19
C GLN A 59 12.36 -6.24 -2.79
N GLU A 60 12.66 -5.26 -1.93
CA GLU A 60 12.21 -5.30 -0.56
C GLU A 60 10.70 -5.13 -0.49
N GLN A 61 10.20 -4.17 -1.26
CA GLN A 61 8.77 -3.93 -1.37
C GLN A 61 8.06 -5.17 -1.91
N HIS A 62 8.66 -5.79 -2.92
CA HIS A 62 8.10 -7.01 -3.50
C HIS A 62 8.04 -8.11 -2.46
N SER A 63 9.15 -8.29 -1.73
CA SER A 63 9.23 -9.35 -0.75
C SER A 63 8.23 -9.10 0.38
N VAL A 64 8.24 -7.88 0.89
CA VAL A 64 7.36 -7.52 1.99
C VAL A 64 5.89 -7.64 1.60
N MET A 65 5.51 -7.10 0.44
CA MET A 65 4.15 -7.19 -0.04
C MET A 65 3.72 -8.65 -0.20
N CYS A 66 4.65 -9.50 -0.63
CA CYS A 66 4.38 -10.93 -0.76
C CYS A 66 4.03 -11.55 0.58
N LYS A 67 4.79 -11.18 1.61
CA LYS A 67 4.59 -11.75 2.94
C LYS A 67 3.20 -11.40 3.45
N ILE A 68 2.79 -10.17 3.17
CA ILE A 68 1.47 -9.68 3.56
C ILE A 68 0.37 -10.49 2.87
N CYS A 69 0.51 -10.69 1.58
CA CYS A 69 -0.47 -11.47 0.81
C CYS A 69 -0.51 -12.89 1.33
N GLU A 70 0.66 -13.44 1.63
CA GLU A 70 0.77 -14.79 2.19
C GLU A 70 -0.05 -14.91 3.46
N GLN A 71 -0.05 -13.86 4.27
CA GLN A 71 -0.72 -13.90 5.56
C GLN A 71 -2.23 -14.02 5.39
N PHE A 72 -2.78 -13.26 4.44
CA PHE A 72 -4.23 -13.17 4.28
C PHE A 72 -4.79 -14.41 3.60
N GLU A 73 -4.07 -14.92 2.61
CA GLU A 73 -4.49 -16.15 1.93
C GLU A 73 -4.25 -17.37 2.82
N ALA A 74 -3.42 -17.18 3.83
CA ALA A 74 -3.14 -18.24 4.81
C ALA A 74 -3.91 -17.96 6.09
N GLU A 75 -4.87 -17.04 5.99
CA GLU A 75 -5.72 -16.68 7.12
C GLU A 75 -6.93 -17.59 7.18
N THR A 76 -7.36 -17.92 8.38
CA THR A 76 -8.54 -18.72 8.57
C THR A 76 -9.50 -18.05 9.54
N PRO A 77 -10.81 -18.23 9.33
CA PRO A 77 -11.83 -17.73 10.25
C PRO A 77 -11.76 -18.45 11.60
N THR A 78 -10.98 -19.53 11.63
CA THR A 78 -10.87 -20.34 12.82
C THR A 78 -9.69 -19.89 13.68
N ASP A 79 -8.86 -18.99 13.12
CA ASP A 79 -7.79 -18.37 13.88
C ASP A 79 -8.37 -17.55 15.04
N SER A 80 -7.69 -17.57 16.17
CA SER A 80 -8.16 -16.91 17.37
C SER A 80 -8.07 -15.39 17.25
N GLU A 81 -8.72 -14.67 18.16
CA GLU A 81 -8.70 -13.21 18.16
C GLU A 81 -7.29 -12.70 18.35
N THR A 82 -6.49 -13.42 19.13
CA THR A 82 -5.10 -13.05 19.36
C THR A 82 -4.31 -13.23 18.07
N THR A 83 -4.80 -14.11 17.24
CA THR A 83 -4.19 -14.37 15.94
C THR A 83 -4.56 -13.27 14.96
N GLN A 84 -5.82 -12.85 15.04
CA GLN A 84 -6.30 -11.76 14.20
C GLN A 84 -5.52 -10.49 14.50
N LYS A 85 -5.23 -10.30 15.78
CA LYS A 85 -4.42 -9.18 16.22
C LYS A 85 -2.96 -9.36 15.81
N ALA A 86 -2.45 -10.57 16.03
CA ALA A 86 -1.04 -10.87 15.77
C ALA A 86 -0.72 -10.75 14.29
N ARG A 87 -1.59 -11.30 13.45
CA ARG A 87 -1.41 -11.22 12.01
C ARG A 87 -1.42 -9.76 11.57
N PHE A 88 -2.37 -9.01 12.09
CA PHE A 88 -2.48 -7.59 11.79
C PHE A 88 -1.22 -6.85 12.21
N GLU A 89 -0.74 -7.12 13.42
CA GLU A 89 0.45 -6.46 13.93
C GLU A 89 1.67 -6.73 13.05
N MET A 90 1.87 -7.99 12.68
CA MET A 90 3.01 -8.38 11.86
C MET A 90 2.88 -7.83 10.46
N VAL A 91 1.67 -7.90 9.90
CA VAL A 91 1.40 -7.34 8.58
C VAL A 91 1.61 -5.83 8.58
N LEU A 92 1.07 -5.17 9.60
CA LEU A 92 1.21 -3.73 9.74
C LEU A 92 2.69 -3.35 9.86
N ASP A 93 3.44 -4.16 10.60
CA ASP A 93 4.88 -3.95 10.75
C ASP A 93 5.57 -4.01 9.39
N LEU A 94 5.19 -5.02 8.62
CA LEU A 94 5.69 -5.18 7.26
C LEU A 94 5.30 -3.99 6.39
N MET A 95 4.04 -3.58 6.49
CA MET A 95 3.52 -2.44 5.75
C MET A 95 4.30 -1.17 6.11
N GLN A 96 4.64 -1.03 7.39
CA GLN A 96 5.42 0.10 7.85
C GLN A 96 6.79 0.14 7.17
N GLN A 97 7.41 -1.03 7.02
CA GLN A 97 8.75 -1.13 6.44
C GLN A 97 8.71 -0.82 4.95
N LEU A 98 7.77 -1.42 4.25
CA LEU A 98 7.70 -1.31 2.81
C LEU A 98 7.30 0.10 2.39
N GLN A 99 6.40 0.72 3.15
CA GLN A 99 5.99 2.08 2.86
C GLN A 99 7.17 3.04 3.06
N ASP A 100 8.01 2.72 4.04
CA ASP A 100 9.23 3.48 4.31
C ASP A 100 10.31 3.20 3.25
N LEU A 101 10.07 2.19 2.43
CA LEU A 101 11.00 1.80 1.39
C LEU A 101 10.68 2.50 0.08
N GLY A 102 9.48 3.01 -0.05
CA GLY A 102 9.09 3.74 -1.24
C GLY A 102 7.85 3.14 -1.88
N HIS A 103 7.18 3.93 -2.71
CA HIS A 103 5.99 3.46 -3.40
C HIS A 103 6.36 2.64 -4.63
N PRO A 104 5.49 1.69 -5.01
CA PRO A 104 5.68 0.92 -6.23
C PRO A 104 5.53 1.78 -7.47
N PRO A 105 6.05 1.32 -8.62
CA PRO A 105 5.95 2.05 -9.89
C PRO A 105 4.51 2.20 -10.35
N LYS A 106 4.20 3.32 -11.01
CA LYS A 106 2.86 3.59 -11.49
C LYS A 106 2.35 2.51 -12.45
N GLU A 107 3.26 1.91 -13.22
CA GLU A 107 2.89 0.82 -14.12
C GLU A 107 2.35 -0.36 -13.33
N LEU A 108 2.82 -0.50 -12.10
CA LEU A 108 2.39 -1.56 -11.22
C LEU A 108 1.22 -1.13 -10.36
N ALA A 109 0.96 0.17 -10.32
CA ALA A 109 -0.11 0.71 -9.50
C ALA A 109 -1.26 1.14 -10.38
N GLY A 110 -1.21 0.70 -11.64
CA GLY A 110 -2.16 1.13 -12.66
C GLY A 110 -3.62 0.98 -12.29
N GLU A 111 -3.94 0.12 -11.32
CA GLU A 111 -5.32 -0.12 -10.92
C GLU A 111 -5.73 0.81 -9.78
N MET A 112 -4.83 1.66 -9.36
CA MET A 112 -5.09 2.58 -8.26
C MET A 112 -5.66 3.89 -8.77
N PRO A 113 -6.79 4.31 -8.19
CA PRO A 113 -7.45 5.58 -8.52
C PRO A 113 -6.50 6.78 -8.51
N PRO A 114 -6.70 7.74 -9.40
CA PRO A 114 -5.87 8.94 -9.45
C PRO A 114 -6.13 9.87 -8.28
N GLY A 115 -5.37 9.68 -7.19
CA GLY A 115 -5.53 10.53 -6.03
C GLY A 115 -5.00 9.89 -4.76
N LEU A 116 -5.34 8.64 -4.52
CA LEU A 116 -4.96 7.97 -3.28
C LEU A 116 -3.53 7.42 -3.37
N ASN A 117 -2.72 8.08 -4.19
CA ASN A 117 -1.36 7.61 -4.47
C ASN A 117 -0.49 7.66 -3.24
N PHE A 118 0.63 6.97 -3.32
CA PHE A 118 1.47 6.75 -2.16
C PHE A 118 2.80 7.47 -2.34
N ASP A 119 3.06 8.43 -1.46
CA ASP A 119 4.31 9.19 -1.50
C ASP A 119 5.15 8.85 -0.28
N LEU A 120 6.40 8.44 -0.51
CA LEU A 120 7.26 7.97 0.56
C LEU A 120 7.42 9.01 1.65
N ASP A 121 7.68 10.25 1.27
CA ASP A 121 7.85 11.33 2.22
C ASP A 121 6.59 11.53 3.06
N ALA A 122 5.44 11.44 2.41
CA ALA A 122 4.16 11.62 3.09
C ALA A 122 3.88 10.46 4.04
N LEU A 123 4.38 9.29 3.68
CA LEU A 123 4.22 8.10 4.50
C LEU A 123 5.26 8.09 5.62
N ASN A 124 6.39 8.68 5.31
CA ASN A 124 7.51 8.81 6.24
C ASN A 124 7.19 9.87 7.27
N LEU A 125 6.24 10.73 6.92
CA LEU A 125 5.86 11.87 7.73
C LEU A 125 7.04 12.84 7.84
N SER A 126 7.87 12.84 6.81
CA SER A 126 8.95 13.81 6.69
C SER A 126 8.36 15.11 6.15
N GLY A 127 7.32 14.97 5.35
CA GLY A 127 6.57 16.12 4.87
C GLY A 127 5.09 15.96 5.15
N PRO A 128 4.67 16.09 6.42
CA PRO A 128 3.29 15.91 6.82
C PRO A 128 2.47 17.18 6.68
N PRO A 129 1.22 17.07 6.18
CA PRO A 129 0.30 18.20 6.07
C PRO A 129 0.09 18.89 7.41
N GLY A 130 -0.30 18.12 8.41
CA GLY A 130 -0.53 18.69 9.72
C GLY A 130 0.32 18.07 10.80
N ALA A 131 0.93 16.94 10.48
CA ALA A 131 1.77 16.21 11.43
C ALA A 131 0.95 15.72 12.61
N SER A 132 0.26 14.63 12.38
CA SER A 132 -0.61 14.02 13.38
C SER A 132 -0.56 12.51 13.23
N GLY A 133 0.45 12.02 12.53
CA GLY A 133 0.53 10.62 12.22
C GLY A 133 -0.44 10.24 11.12
N GLU A 134 -0.66 11.18 10.20
CA GLU A 134 -1.57 10.97 9.09
C GLU A 134 -1.04 9.87 8.18
N GLN A 135 -1.81 8.79 8.08
CA GLN A 135 -1.42 7.64 7.30
C GLN A 135 -2.48 7.35 6.23
N CYS A 136 -2.67 6.09 5.90
CA CYS A 136 -3.55 5.70 4.81
C CYS A 136 -4.64 4.80 5.36
N LEU A 137 -4.25 3.59 5.73
CA LEU A 137 -5.14 2.62 6.37
C LEU A 137 -4.51 2.15 7.67
N ILE A 138 -3.43 2.82 8.04
CA ILE A 138 -2.63 2.44 9.19
C ILE A 138 -3.30 2.84 10.49
N MET A 139 -3.20 4.11 10.82
CA MET A 139 -3.78 4.64 12.04
C MET A 139 -5.07 5.38 11.73
C1 FAR B . -0.25 4.67 4.78
C2 FAR B . -0.20 3.17 4.54
C3 FAR B . 0.53 2.50 3.65
C5 FAR B . 0.44 1.01 3.59
C6 FAR B . -0.48 0.46 2.51
C7 FAR B . 0.05 0.74 1.11
C8 FAR B . 1.17 0.27 0.57
C9 FAR B . 1.58 0.63 -0.84
C11 FAR B . 0.94 -0.21 -1.93
C12 FAR B . -0.54 -0.43 -1.70
C13 FAR B . -1.52 -0.45 -2.58
C14 FAR B . -1.30 -0.21 -4.05
C15 FAR B . -2.94 -0.67 -2.18
C4 FAR B . 1.43 3.16 2.65
C10 FAR B . 2.06 -0.73 1.26
H11 FAR B . -0.74 4.86 5.72
H12A FAR B . 0.74 5.03 4.84
H2 FAR B . -0.85 2.61 5.18
H51 FAR B . 0.10 0.67 4.56
H52 FAR B . 1.43 0.63 3.41
H61 FAR B . -0.57 -0.60 2.65
H62 FAR B . -1.44 0.92 2.62
H7 FAR B . -0.59 1.40 0.55
H91 FAR B . 2.66 0.54 -0.91
H92 FAR B . 1.30 1.66 -1.00
H111 FAR B . 1.08 0.30 -2.88
H112 FAR B . 1.44 -1.16 -1.95
H12 FAR B . -0.78 -0.62 -0.65
H141 FAR B . -0.68 -0.99 -4.45
H142 FAR B . -2.25 -0.21 -4.56
H143 FAR B . -0.82 0.74 -4.19
H151 FAR B . -3.36 -1.47 -2.78
H152 FAR B . -2.98 -0.95 -1.13
H153 FAR B . -3.51 0.23 -2.34
H41 FAR B . 1.19 2.82 1.65
H42 FAR B . 2.45 2.91 2.87
H43 FAR B . 1.31 4.24 2.69
H101 FAR B . 2.96 -0.22 1.59
H102 FAR B . 2.32 -1.52 0.57
H103 FAR B . 1.55 -1.14 2.11
N GLY A 1 -13.72 8.36 -7.44
CA GLY A 1 -13.58 7.53 -8.65
C GLY A 1 -14.69 6.50 -8.80
N MET A 2 -15.52 6.36 -7.78
CA MET A 2 -16.60 5.39 -7.81
C MET A 2 -17.94 6.09 -7.72
N ASP A 3 -18.50 6.43 -8.88
CA ASP A 3 -19.79 7.12 -8.97
C ASP A 3 -19.76 8.44 -8.19
N GLU A 4 -19.31 9.49 -8.86
CA GLU A 4 -19.22 10.80 -8.24
C GLU A 4 -20.59 11.46 -8.21
N GLY A 5 -20.68 12.58 -7.51
CA GLY A 5 -21.94 13.28 -7.41
C GLY A 5 -21.91 14.37 -6.36
N ASP A 6 -22.41 14.05 -5.18
CA ASP A 6 -22.41 14.99 -4.06
C ASP A 6 -21.13 14.80 -3.24
N GLY A 7 -20.94 15.66 -2.24
CA GLY A 7 -19.76 15.58 -1.42
C GLY A 7 -18.52 16.05 -2.16
N GLU A 8 -18.69 17.06 -3.00
CA GLU A 8 -17.61 17.60 -3.81
C GLU A 8 -17.15 18.93 -3.25
N GLY A 9 -15.87 19.23 -3.40
CA GLY A 9 -15.32 20.48 -2.93
C GLY A 9 -14.25 20.26 -1.89
N ASN A 10 -14.65 19.78 -0.72
CA ASN A 10 -13.71 19.47 0.34
C ASN A 10 -13.74 18.00 0.66
N ILE A 11 -13.17 17.20 -0.23
CA ILE A 11 -13.11 15.75 -0.05
C ILE A 11 -11.82 15.38 0.69
N LEU A 12 -10.98 16.39 0.90
CA LEU A 12 -9.66 16.22 1.50
C LEU A 12 -9.71 15.38 2.78
N PRO A 13 -10.53 15.78 3.79
CA PRO A 13 -10.58 15.06 5.07
C PRO A 13 -11.30 13.72 4.95
N ILE A 14 -12.15 13.61 3.95
CA ILE A 14 -12.90 12.38 3.70
C ILE A 14 -12.02 11.36 2.97
N MET A 15 -10.95 11.84 2.37
CA MET A 15 -10.06 10.98 1.57
C MET A 15 -9.47 9.86 2.41
N GLN A 16 -9.23 10.12 3.69
CA GLN A 16 -8.59 9.13 4.55
C GLN A 16 -9.51 7.94 4.79
N SER A 17 -10.80 8.22 4.95
CA SER A 17 -11.78 7.18 5.19
C SER A 17 -12.07 6.39 3.92
N ILE A 18 -12.18 7.11 2.80
CA ILE A 18 -12.37 6.48 1.50
C ILE A 18 -11.19 5.58 1.17
N MET A 19 -9.99 6.12 1.36
CA MET A 19 -8.76 5.38 1.09
C MET A 19 -8.65 4.17 2.00
N GLN A 20 -9.11 4.33 3.24
CA GLN A 20 -9.08 3.25 4.22
C GLN A 20 -10.05 2.14 3.83
N ASN A 21 -11.22 2.52 3.32
CA ASN A 21 -12.21 1.55 2.88
C ASN A 21 -11.73 0.80 1.66
N LEU A 22 -11.22 1.54 0.68
CA LEU A 22 -10.75 0.94 -0.57
C LEU A 22 -9.53 0.08 -0.35
N LEU A 23 -8.64 0.52 0.54
CA LEU A 23 -7.41 -0.22 0.79
C LEU A 23 -7.56 -1.10 2.03
N SER A 24 -8.81 -1.32 2.43
CA SER A 24 -9.10 -2.28 3.47
C SER A 24 -8.64 -3.66 3.03
N LYS A 25 -8.51 -4.59 3.97
CA LYS A 25 -8.01 -5.93 3.67
C LYS A 25 -8.82 -6.57 2.54
N ASP A 26 -10.07 -6.13 2.41
CA ASP A 26 -10.99 -6.62 1.39
C ASP A 26 -10.37 -6.49 0.00
N VAL A 27 -10.09 -5.25 -0.41
CA VAL A 27 -9.53 -4.99 -1.73
C VAL A 27 -8.01 -5.03 -1.71
N LEU A 28 -7.42 -4.65 -0.59
CA LEU A 28 -5.97 -4.59 -0.46
C LEU A 28 -5.32 -5.93 -0.81
N TYR A 29 -5.91 -7.03 -0.35
CA TYR A 29 -5.35 -8.36 -0.59
C TYR A 29 -5.14 -8.63 -2.09
N PRO A 30 -6.21 -8.60 -2.93
CA PRO A 30 -6.07 -8.82 -4.36
C PRO A 30 -5.18 -7.79 -5.04
N SER A 31 -5.25 -6.54 -4.57
CA SER A 31 -4.46 -5.46 -5.15
C SER A 31 -2.96 -5.70 -4.94
N LEU A 32 -2.61 -6.09 -3.72
CA LEU A 32 -1.21 -6.36 -3.41
C LEU A 32 -0.74 -7.64 -4.10
N LYS A 33 -1.61 -8.64 -4.12
CA LYS A 33 -1.32 -9.91 -4.76
C LYS A 33 -1.08 -9.72 -6.26
N GLU A 34 -1.87 -8.86 -6.87
CA GLU A 34 -1.71 -8.52 -8.27
C GLU A 34 -0.35 -7.91 -8.54
N ILE A 35 0.00 -6.91 -7.73
CA ILE A 35 1.21 -6.14 -7.93
C ILE A 35 2.45 -6.97 -7.61
N THR A 36 2.34 -7.88 -6.65
CA THR A 36 3.46 -8.73 -6.29
C THR A 36 3.81 -9.69 -7.43
N GLU A 37 2.81 -10.18 -8.14
CA GLU A 37 3.05 -11.07 -9.27
C GLU A 37 3.62 -10.28 -10.46
N LYS A 38 3.31 -8.98 -10.49
CA LYS A 38 3.71 -8.13 -11.59
C LYS A 38 5.08 -7.50 -11.32
N TYR A 39 5.37 -7.30 -10.05
CA TYR A 39 6.62 -6.67 -9.63
C TYR A 39 7.86 -7.30 -10.29
N PRO A 40 8.03 -8.64 -10.27
CA PRO A 40 9.20 -9.29 -10.87
C PRO A 40 9.31 -9.01 -12.37
N GLU A 41 8.17 -8.99 -13.06
CA GLU A 41 8.15 -8.71 -14.49
C GLU A 41 8.68 -7.30 -14.77
N TRP A 42 8.18 -6.35 -14.01
CA TRP A 42 8.58 -4.96 -14.20
C TRP A 42 10.05 -4.79 -13.87
N LEU A 43 10.44 -5.33 -12.71
CA LEU A 43 11.82 -5.25 -12.26
C LEU A 43 12.78 -5.92 -13.22
N GLN A 44 12.44 -7.11 -13.68
CA GLN A 44 13.33 -7.86 -14.58
C GLN A 44 13.53 -7.11 -15.90
N SER A 45 12.46 -6.50 -16.37
CA SER A 45 12.48 -5.82 -17.65
C SER A 45 13.33 -4.55 -17.57
N HIS A 46 13.12 -3.76 -16.52
CA HIS A 46 13.81 -2.48 -16.35
C HIS A 46 15.07 -2.66 -15.53
N ARG A 47 15.38 -3.90 -15.19
CA ARG A 47 16.48 -4.21 -14.29
C ARG A 47 17.80 -3.61 -14.80
N GLU A 48 17.96 -3.61 -16.11
CA GLU A 48 19.19 -3.11 -16.74
C GLU A 48 19.27 -1.59 -16.64
N SER A 49 18.10 -0.98 -16.54
CA SER A 49 18.02 0.48 -16.43
C SER A 49 17.85 0.91 -14.98
N LEU A 50 17.59 -0.06 -14.12
CA LEU A 50 17.35 0.22 -12.71
C LEU A 50 18.63 0.15 -11.91
N PRO A 51 18.94 1.21 -11.16
CA PRO A 51 20.09 1.24 -10.28
C PRO A 51 19.97 0.20 -9.17
N PRO A 52 21.07 -0.52 -8.86
CA PRO A 52 21.07 -1.58 -7.84
C PRO A 52 20.46 -1.12 -6.53
N GLU A 53 20.73 0.13 -6.14
CA GLU A 53 20.23 0.65 -4.88
C GLU A 53 18.71 0.77 -4.89
N GLN A 54 18.18 1.19 -6.02
CA GLN A 54 16.73 1.32 -6.19
C GLN A 54 16.10 -0.05 -6.36
N PHE A 55 16.77 -0.89 -7.12
CA PHE A 55 16.29 -2.24 -7.42
C PHE A 55 16.12 -3.05 -6.15
N GLU A 56 17.08 -2.91 -5.24
CA GLU A 56 17.03 -3.61 -3.97
C GLU A 56 15.77 -3.23 -3.18
N LYS A 57 15.53 -1.94 -3.04
CA LYS A 57 14.37 -1.46 -2.28
C LYS A 57 13.08 -2.03 -2.90
N TYR A 58 13.05 -2.09 -4.22
CA TYR A 58 11.88 -2.58 -4.94
C TYR A 58 11.70 -4.07 -4.69
N GLN A 59 12.81 -4.79 -4.57
CA GLN A 59 12.77 -6.21 -4.22
C GLN A 59 12.20 -6.40 -2.83
N GLU A 60 12.53 -5.49 -1.92
CA GLU A 60 12.06 -5.57 -0.55
C GLU A 60 10.56 -5.30 -0.49
N GLN A 61 10.13 -4.31 -1.26
CA GLN A 61 8.70 -4.01 -1.37
C GLN A 61 7.97 -5.20 -1.94
N HIS A 62 8.56 -5.83 -2.96
CA HIS A 62 8.00 -7.03 -3.55
C HIS A 62 7.92 -8.15 -2.52
N SER A 63 9.02 -8.34 -1.79
CA SER A 63 9.10 -9.40 -0.79
C SER A 63 8.09 -9.15 0.31
N VAL A 64 8.10 -7.94 0.86
CA VAL A 64 7.21 -7.60 1.95
C VAL A 64 5.74 -7.70 1.53
N MET A 65 5.40 -7.12 0.37
CA MET A 65 4.03 -7.19 -0.13
C MET A 65 3.57 -8.63 -0.31
N CYS A 66 4.48 -9.50 -0.76
CA CYS A 66 4.17 -10.92 -0.90
C CYS A 66 3.79 -11.53 0.44
N LYS A 67 4.56 -11.20 1.47
CA LYS A 67 4.36 -11.76 2.80
C LYS A 67 2.97 -11.38 3.32
N ILE A 68 2.60 -10.14 3.08
CA ILE A 68 1.31 -9.62 3.48
C ILE A 68 0.17 -10.40 2.84
N CYS A 69 0.28 -10.63 1.54
CA CYS A 69 -0.74 -11.37 0.81
C CYS A 69 -0.83 -12.79 1.33
N GLU A 70 0.34 -13.40 1.57
CA GLU A 70 0.44 -14.75 2.10
C GLU A 70 -0.32 -14.87 3.41
N GLN A 71 -0.28 -13.83 4.22
CA GLN A 71 -0.93 -13.85 5.51
C GLN A 71 -2.44 -13.88 5.38
N PHE A 72 -2.98 -13.09 4.45
CA PHE A 72 -4.43 -12.98 4.30
C PHE A 72 -5.01 -14.22 3.64
N GLU A 73 -4.28 -14.78 2.68
CA GLU A 73 -4.70 -16.00 2.02
C GLU A 73 -4.53 -17.20 2.97
N ALA A 74 -3.73 -16.99 4.01
CA ALA A 74 -3.52 -18.01 5.02
C ALA A 74 -4.28 -17.65 6.29
N GLU A 75 -5.21 -16.72 6.18
CA GLU A 75 -6.01 -16.26 7.31
C GLU A 75 -7.23 -17.15 7.50
N THR A 76 -7.57 -17.42 8.75
CA THR A 76 -8.76 -18.18 9.08
C THR A 76 -9.52 -17.47 10.17
N PRO A 77 -10.85 -17.39 10.05
CA PRO A 77 -11.71 -16.77 11.06
C PRO A 77 -11.81 -17.64 12.31
N THR A 78 -11.35 -18.89 12.19
CA THR A 78 -11.51 -19.85 13.25
C THR A 78 -10.30 -19.88 14.19
N ASP A 79 -9.22 -19.21 13.81
CA ASP A 79 -8.06 -19.10 14.68
C ASP A 79 -8.33 -18.11 15.81
N SER A 80 -7.52 -18.19 16.85
CA SER A 80 -7.73 -17.40 18.05
C SER A 80 -7.53 -15.91 17.79
N GLU A 81 -8.07 -15.10 18.69
CA GLU A 81 -7.96 -13.64 18.59
C GLU A 81 -6.50 -13.21 18.56
N THR A 82 -5.67 -13.94 19.29
CA THR A 82 -4.24 -13.64 19.37
C THR A 82 -3.58 -13.86 18.01
N THR A 83 -4.17 -14.75 17.23
CA THR A 83 -3.67 -15.05 15.90
C THR A 83 -4.07 -13.95 14.94
N GLN A 84 -5.30 -13.49 15.11
CA GLN A 84 -5.82 -12.39 14.31
C GLN A 84 -4.97 -11.15 14.54
N LYS A 85 -4.68 -10.90 15.81
CA LYS A 85 -3.88 -9.74 16.21
C LYS A 85 -2.42 -9.90 15.79
N ALA A 86 -1.86 -11.07 16.02
CA ALA A 86 -0.44 -11.32 15.74
C ALA A 86 -0.14 -11.14 14.26
N ARG A 87 -1.00 -11.69 13.43
CA ARG A 87 -0.84 -11.59 12.00
C ARG A 87 -0.98 -10.14 11.57
N PHE A 88 -1.98 -9.47 12.11
CA PHE A 88 -2.23 -8.07 11.81
C PHE A 88 -1.03 -7.20 12.18
N GLU A 89 -0.51 -7.40 13.39
CA GLU A 89 0.64 -6.63 13.85
C GLU A 89 1.85 -6.87 12.94
N MET A 90 2.06 -8.13 12.57
CA MET A 90 3.16 -8.49 11.70
C MET A 90 2.97 -7.89 10.31
N VAL A 91 1.76 -7.99 9.78
CA VAL A 91 1.43 -7.40 8.49
C VAL A 91 1.62 -5.89 8.52
N LEU A 92 1.07 -5.26 9.54
CA LEU A 92 1.17 -3.83 9.70
C LEU A 92 2.63 -3.41 9.82
N ASP A 93 3.41 -4.20 10.56
CA ASP A 93 4.84 -3.94 10.71
C ASP A 93 5.54 -4.00 9.37
N LEU A 94 5.22 -5.03 8.60
CA LEU A 94 5.76 -5.20 7.27
C LEU A 94 5.35 -4.03 6.38
N MET A 95 4.07 -3.63 6.46
CA MET A 95 3.56 -2.49 5.73
C MET A 95 4.33 -1.23 6.12
N GLN A 96 4.65 -1.10 7.41
CA GLN A 96 5.45 0.01 7.92
C GLN A 96 6.81 0.06 7.25
N GLN A 97 7.43 -1.10 7.08
CA GLN A 97 8.76 -1.19 6.50
C GLN A 97 8.73 -0.91 5.01
N LEU A 98 7.77 -1.51 4.32
CA LEU A 98 7.71 -1.41 2.86
C LEU A 98 7.35 0.01 2.43
N GLN A 99 6.43 0.65 3.15
CA GLN A 99 6.08 2.04 2.82
C GLN A 99 7.30 2.93 3.03
N ASP A 100 8.11 2.60 4.03
CA ASP A 100 9.33 3.32 4.35
C ASP A 100 10.42 3.03 3.32
N LEU A 101 10.22 1.97 2.56
CA LEU A 101 11.17 1.55 1.54
C LEU A 101 10.84 2.21 0.20
N GLY A 102 9.67 2.81 0.13
CA GLY A 102 9.26 3.52 -1.05
C GLY A 102 8.02 2.94 -1.69
N HIS A 103 7.38 3.72 -2.52
CA HIS A 103 6.18 3.27 -3.21
C HIS A 103 6.54 2.47 -4.47
N PRO A 104 5.67 1.54 -4.87
CA PRO A 104 5.84 0.81 -6.13
C PRO A 104 5.67 1.75 -7.32
N PRO A 105 6.15 1.34 -8.50
CA PRO A 105 6.04 2.14 -9.73
C PRO A 105 4.58 2.43 -10.10
N LYS A 106 4.33 3.62 -10.63
CA LYS A 106 2.99 4.04 -11.03
C LYS A 106 2.40 3.08 -12.06
N GLU A 107 3.25 2.53 -12.92
CA GLU A 107 2.80 1.58 -13.93
C GLU A 107 2.26 0.32 -13.27
N LEU A 108 2.87 -0.06 -12.16
CA LEU A 108 2.44 -1.23 -11.41
C LEU A 108 1.25 -0.91 -10.53
N ALA A 109 1.00 0.37 -10.31
CA ALA A 109 -0.13 0.78 -9.48
C ALA A 109 -1.22 1.38 -10.36
N GLY A 110 -1.06 1.22 -11.66
CA GLY A 110 -1.94 1.84 -12.64
C GLY A 110 -3.31 1.20 -12.74
N GLU A 111 -3.66 0.39 -11.75
CA GLU A 111 -4.98 -0.23 -11.72
C GLU A 111 -5.76 0.28 -10.51
N MET A 112 -5.20 1.29 -9.87
CA MET A 112 -5.81 1.93 -8.74
C MET A 112 -6.50 3.21 -9.19
N PRO A 113 -7.56 3.64 -8.49
CA PRO A 113 -8.23 4.91 -8.77
C PRO A 113 -7.25 6.09 -8.73
N PRO A 114 -6.99 6.71 -9.89
CA PRO A 114 -5.95 7.74 -10.04
C PRO A 114 -6.11 8.89 -9.05
N GLY A 115 -5.29 8.88 -8.01
CA GLY A 115 -5.34 9.92 -7.00
C GLY A 115 -4.84 9.44 -5.66
N LEU A 116 -5.19 8.21 -5.29
CA LEU A 116 -4.81 7.67 -3.98
C LEU A 116 -3.34 7.24 -3.96
N ASN A 117 -2.53 7.80 -4.87
CA ASN A 117 -1.12 7.45 -5.00
C ASN A 117 -0.37 7.53 -3.66
N PHE A 118 0.79 6.90 -3.63
CA PHE A 118 1.53 6.74 -2.40
C PHE A 118 2.89 7.42 -2.53
N ASP A 119 3.09 8.49 -1.78
CA ASP A 119 4.37 9.19 -1.77
C ASP A 119 5.11 8.91 -0.47
N LEU A 120 6.39 8.53 -0.58
CA LEU A 120 7.16 8.12 0.60
C LEU A 120 7.18 9.21 1.66
N ASP A 121 7.43 10.44 1.23
CA ASP A 121 7.44 11.57 2.17
C ASP A 121 6.09 11.75 2.85
N ALA A 122 5.01 11.57 2.09
CA ALA A 122 3.66 11.70 2.64
C ALA A 122 3.36 10.57 3.62
N LEU A 123 4.10 9.48 3.48
CA LEU A 123 3.99 8.35 4.37
C LEU A 123 4.96 8.51 5.53
N ASN A 124 5.96 9.34 5.29
CA ASN A 124 7.04 9.56 6.23
C ASN A 124 6.65 10.57 7.29
N LEU A 125 6.75 10.17 8.54
CA LEU A 125 6.40 11.06 9.64
C LEU A 125 7.65 11.47 10.41
N SER A 126 8.81 11.33 9.77
CA SER A 126 10.06 11.72 10.39
C SER A 126 10.20 13.24 10.36
N GLY A 127 9.59 13.87 9.37
CA GLY A 127 9.62 15.32 9.27
C GLY A 127 8.64 15.85 8.25
N PRO A 128 7.33 15.68 8.48
CA PRO A 128 6.29 16.15 7.55
C PRO A 128 5.87 17.60 7.85
N PRO A 129 5.06 18.21 6.96
CA PRO A 129 4.53 19.57 7.18
C PRO A 129 3.79 19.70 8.51
N GLY A 130 3.20 18.60 8.96
CA GLY A 130 2.55 18.61 10.26
C GLY A 130 1.57 17.45 10.41
N ALA A 131 2.02 16.25 10.09
CA ALA A 131 1.19 15.07 10.19
C ALA A 131 1.49 14.34 11.50
N SER A 132 0.51 14.27 12.37
CA SER A 132 0.67 13.59 13.65
C SER A 132 0.64 12.08 13.44
N GLY A 133 -0.30 11.64 12.62
CA GLY A 133 -0.39 10.22 12.30
C GLY A 133 -1.29 9.97 11.12
N GLU A 134 -1.63 11.03 10.38
CA GLU A 134 -2.49 10.92 9.22
C GLU A 134 -1.85 10.02 8.17
N GLN A 135 -2.32 8.78 8.12
CA GLN A 135 -1.77 7.80 7.19
C GLN A 135 -2.80 7.48 6.09
N CYS A 136 -2.82 6.22 5.66
CA CYS A 136 -3.61 5.82 4.50
C CYS A 136 -4.76 4.94 4.95
N LEU A 137 -4.42 3.73 5.37
CA LEU A 137 -5.38 2.77 5.90
C LEU A 137 -4.96 2.38 7.30
N ILE A 138 -3.91 3.05 7.76
CA ILE A 138 -3.29 2.75 9.03
C ILE A 138 -4.01 3.45 10.17
N MET A 139 -3.81 4.76 10.27
CA MET A 139 -4.46 5.55 11.30
C MET A 139 -4.71 6.96 10.76
C1 FAR B . -0.29 4.72 4.74
C2 FAR B . -0.18 3.22 4.45
C3 FAR B . 0.64 2.60 3.63
C5 FAR B . 0.59 1.11 3.50
C6 FAR B . -0.34 0.57 2.44
C7 FAR B . 0.18 0.82 1.03
C8 FAR B . 1.28 0.31 0.47
C9 FAR B . 1.68 0.63 -0.94
C11 FAR B . 1.03 -0.23 -2.01
C12 FAR B . -0.46 -0.43 -1.78
C13 FAR B . -1.44 -0.45 -2.67
C14 FAR B . -1.20 -0.25 -4.15
C15 FAR B . -2.87 -0.65 -2.27
C4 FAR B . 1.60 3.30 2.71
C10 FAR B . 2.15 -0.69 1.18
H11 FAR B . -0.87 4.87 5.62
H12A FAR B . 0.68 5.10 4.91
H2 FAR B . -0.88 2.64 5.02
H51 FAR B . 0.30 0.72 4.46
H52 FAR B . 1.59 0.76 3.29
H61 FAR B . -0.46 -0.49 2.59
H62 FAR B . -1.29 1.05 2.55
H7 FAR B . -0.45 1.49 0.47
H91 FAR B . 2.76 0.52 -1.01
H92 FAR B . 1.42 1.66 -1.13
H111 FAR B . 1.19 0.24 -2.97
H112 FAR B . 1.51 -1.20 -2.00
H12 FAR B . -0.70 -0.58 -0.73
H141 FAR B . -0.64 0.66 -4.30
H142 FAR B . -0.64 -1.09 -4.54
H143 FAR B . -2.15 -0.18 -4.65
H151 FAR B . -2.91 -0.95 -1.23
H152 FAR B . -3.40 0.29 -2.40
H153 FAR B . -3.31 -1.41 -2.89
H41 FAR B . 2.26 2.58 2.24
H42 FAR B . 2.19 4.01 3.27
H43 FAR B . 1.05 3.84 1.94
H101 FAR B . 2.40 -1.48 0.49
H102 FAR B . 1.61 -1.10 2.02
H103 FAR B . 3.05 -0.21 1.52
N GLY A 1 -24.90 21.28 -24.83
CA GLY A 1 -24.61 19.84 -24.64
C GLY A 1 -25.25 19.30 -23.37
N MET A 2 -24.62 18.28 -22.80
CA MET A 2 -25.12 17.68 -21.56
C MET A 2 -24.35 18.21 -20.37
N ASP A 3 -24.60 17.66 -19.19
CA ASP A 3 -23.89 18.05 -17.99
C ASP A 3 -22.40 17.74 -18.12
N GLU A 4 -21.56 18.57 -17.52
CA GLU A 4 -20.12 18.46 -17.67
C GLU A 4 -19.46 17.89 -16.41
N GLY A 5 -20.26 17.37 -15.50
CA GLY A 5 -19.71 16.76 -14.30
C GLY A 5 -20.25 17.35 -13.01
N ASP A 6 -21.56 17.47 -12.93
CA ASP A 6 -22.23 18.04 -11.76
C ASP A 6 -21.99 17.17 -10.53
N GLY A 7 -21.65 17.79 -9.42
CA GLY A 7 -21.48 17.06 -8.19
C GLY A 7 -20.06 17.15 -7.66
N GLU A 8 -19.43 18.30 -7.85
CA GLU A 8 -18.08 18.52 -7.34
C GLU A 8 -18.16 19.08 -5.93
N GLY A 9 -17.57 18.37 -4.98
CA GLY A 9 -17.60 18.83 -3.61
C GLY A 9 -16.21 19.08 -3.05
N ASN A 10 -15.92 18.47 -1.91
CA ASN A 10 -14.62 18.58 -1.29
C ASN A 10 -14.16 17.22 -0.77
N ILE A 11 -13.75 16.36 -1.68
CA ILE A 11 -13.39 14.99 -1.34
C ILE A 11 -11.99 14.91 -0.77
N LEU A 12 -11.23 16.00 -0.91
CA LEU A 12 -9.84 16.05 -0.49
C LEU A 12 -9.65 15.50 0.94
N PRO A 13 -10.39 16.02 1.94
CA PRO A 13 -10.29 15.51 3.31
C PRO A 13 -11.00 14.19 3.51
N ILE A 14 -12.00 13.94 2.68
CA ILE A 14 -12.81 12.73 2.78
C ILE A 14 -12.06 11.54 2.20
N MET A 15 -11.00 11.84 1.44
CA MET A 15 -10.19 10.81 0.80
C MET A 15 -9.62 9.83 1.83
N GLN A 16 -9.49 10.29 3.07
CA GLN A 16 -8.99 9.44 4.15
C GLN A 16 -9.90 8.22 4.33
N SER A 17 -11.19 8.48 4.32
CA SER A 17 -12.19 7.44 4.53
C SER A 17 -12.29 6.53 3.32
N ILE A 18 -12.34 7.15 2.14
CA ILE A 18 -12.47 6.42 0.89
C ILE A 18 -11.24 5.56 0.63
N MET A 19 -10.07 6.13 0.82
CA MET A 19 -8.82 5.43 0.60
C MET A 19 -8.71 4.23 1.54
N GLN A 20 -9.12 4.43 2.78
CA GLN A 20 -9.05 3.36 3.78
C GLN A 20 -10.02 2.24 3.44
N ASN A 21 -11.19 2.60 2.92
CA ASN A 21 -12.18 1.61 2.51
C ASN A 21 -11.69 0.82 1.31
N LEU A 22 -11.13 1.52 0.34
CA LEU A 22 -10.61 0.90 -0.88
C LEU A 22 -9.40 0.03 -0.59
N LEU A 23 -8.68 0.36 0.48
CA LEU A 23 -7.45 -0.35 0.81
C LEU A 23 -7.64 -1.25 2.03
N SER A 24 -8.89 -1.52 2.37
CA SER A 24 -9.19 -2.46 3.45
C SER A 24 -8.71 -3.86 3.06
N LYS A 25 -8.56 -4.75 4.03
CA LYS A 25 -8.02 -6.09 3.79
C LYS A 25 -8.78 -6.81 2.68
N ASP A 26 -10.04 -6.44 2.53
CA ASP A 26 -10.90 -7.00 1.49
C ASP A 26 -10.31 -6.80 0.11
N VAL A 27 -10.00 -5.55 -0.24
CA VAL A 27 -9.46 -5.24 -1.56
C VAL A 27 -7.94 -5.25 -1.56
N LEU A 28 -7.35 -4.86 -0.43
CA LEU A 28 -5.90 -4.75 -0.31
C LEU A 28 -5.21 -6.05 -0.69
N TYR A 29 -5.76 -7.19 -0.26
CA TYR A 29 -5.16 -8.48 -0.55
C TYR A 29 -4.99 -8.72 -2.06
N PRO A 30 -6.07 -8.72 -2.87
CA PRO A 30 -5.96 -8.95 -4.32
C PRO A 30 -5.13 -7.87 -5.02
N SER A 31 -5.23 -6.62 -4.56
CA SER A 31 -4.46 -5.54 -5.15
C SER A 31 -2.97 -5.75 -4.93
N LEU A 32 -2.60 -6.13 -3.71
CA LEU A 32 -1.20 -6.39 -3.39
C LEU A 32 -0.72 -7.64 -4.10
N LYS A 33 -1.56 -8.66 -4.14
CA LYS A 33 -1.23 -9.93 -4.76
C LYS A 33 -0.98 -9.76 -6.26
N GLU A 34 -1.80 -8.95 -6.92
CA GLU A 34 -1.61 -8.70 -8.34
C GLU A 34 -0.31 -7.94 -8.60
N ILE A 35 -0.02 -6.97 -7.75
CA ILE A 35 1.18 -6.16 -7.93
C ILE A 35 2.43 -6.97 -7.64
N THR A 36 2.36 -7.86 -6.65
CA THR A 36 3.50 -8.68 -6.30
C THR A 36 3.89 -9.60 -7.44
N GLU A 37 2.91 -10.16 -8.14
CA GLU A 37 3.17 -11.05 -9.26
C GLU A 37 3.66 -10.26 -10.47
N LYS A 38 3.38 -8.96 -10.48
CA LYS A 38 3.79 -8.09 -11.58
C LYS A 38 5.13 -7.44 -11.31
N TYR A 39 5.43 -7.24 -10.03
CA TYR A 39 6.65 -6.59 -9.60
C TYR A 39 7.91 -7.19 -10.26
N PRO A 40 8.10 -8.52 -10.21
CA PRO A 40 9.29 -9.14 -10.80
C PRO A 40 9.39 -8.90 -12.31
N GLU A 41 8.24 -8.85 -12.97
CA GLU A 41 8.18 -8.60 -14.40
C GLU A 41 8.66 -7.18 -14.70
N TRP A 42 8.14 -6.23 -13.94
CA TRP A 42 8.47 -4.83 -14.16
C TRP A 42 9.94 -4.60 -13.86
N LEU A 43 10.36 -5.10 -12.72
CA LEU A 43 11.74 -4.99 -12.27
C LEU A 43 12.70 -5.64 -13.25
N GLN A 44 12.36 -6.82 -13.72
CA GLN A 44 13.25 -7.55 -14.62
C GLN A 44 13.38 -6.83 -15.96
N SER A 45 12.30 -6.19 -16.38
CA SER A 45 12.28 -5.48 -17.65
C SER A 45 13.13 -4.22 -17.57
N HIS A 46 12.95 -3.45 -16.51
CA HIS A 46 13.68 -2.20 -16.30
C HIS A 46 14.97 -2.43 -15.54
N ARG A 47 15.25 -3.69 -15.24
CA ARG A 47 16.38 -4.04 -14.37
C ARG A 47 17.69 -3.47 -14.91
N GLU A 48 17.78 -3.36 -16.23
CA GLU A 48 19.00 -2.93 -16.90
C GLU A 48 19.16 -1.43 -16.73
N SER A 49 18.01 -0.81 -16.60
CA SER A 49 17.91 0.61 -16.52
C SER A 49 17.74 1.09 -15.07
N LEU A 50 17.50 0.15 -14.18
CA LEU A 50 17.30 0.43 -12.77
C LEU A 50 18.60 0.31 -12.00
N PRO A 51 18.94 1.35 -11.23
CA PRO A 51 20.13 1.33 -10.36
C PRO A 51 19.98 0.27 -9.27
N PRO A 52 21.05 -0.50 -9.02
CA PRO A 52 21.04 -1.56 -8.01
C PRO A 52 20.49 -1.10 -6.67
N GLU A 53 20.78 0.14 -6.30
CA GLU A 53 20.32 0.68 -5.02
C GLU A 53 18.80 0.80 -4.99
N GLN A 54 18.24 1.25 -6.09
CA GLN A 54 16.79 1.40 -6.21
C GLN A 54 16.14 0.03 -6.42
N PHE A 55 16.83 -0.80 -7.20
CA PHE A 55 16.35 -2.12 -7.55
C PHE A 55 16.15 -2.98 -6.31
N GLU A 56 17.12 -2.91 -5.41
CA GLU A 56 17.04 -3.65 -4.15
C GLU A 56 15.79 -3.29 -3.37
N LYS A 57 15.56 -2.00 -3.16
CA LYS A 57 14.42 -1.55 -2.37
C LYS A 57 13.12 -2.06 -2.97
N TYR A 58 13.06 -2.08 -4.29
CA TYR A 58 11.87 -2.55 -4.99
C TYR A 58 11.67 -4.05 -4.80
N GLN A 59 12.78 -4.78 -4.72
CA GLN A 59 12.74 -6.20 -4.44
C GLN A 59 12.25 -6.43 -3.02
N GLU A 60 12.65 -5.55 -2.12
CA GLU A 60 12.25 -5.64 -0.71
C GLU A 60 10.75 -5.44 -0.58
N GLN A 61 10.24 -4.48 -1.34
CA GLN A 61 8.80 -4.19 -1.36
C GLN A 61 8.03 -5.39 -1.90
N HIS A 62 8.56 -6.01 -2.96
CA HIS A 62 7.95 -7.20 -3.53
C HIS A 62 7.89 -8.31 -2.49
N SER A 63 9.00 -8.52 -1.80
CA SER A 63 9.08 -9.57 -0.80
C SER A 63 8.13 -9.29 0.35
N VAL A 64 8.18 -8.06 0.86
CA VAL A 64 7.33 -7.67 1.98
C VAL A 64 5.84 -7.77 1.62
N MET A 65 5.46 -7.22 0.47
CA MET A 65 4.08 -7.28 0.01
C MET A 65 3.60 -8.72 -0.13
N CYS A 66 4.49 -9.61 -0.57
CA CYS A 66 4.17 -11.03 -0.68
C CYS A 66 3.84 -11.62 0.68
N LYS A 67 4.63 -11.26 1.68
CA LYS A 67 4.44 -11.80 3.03
C LYS A 67 3.07 -11.44 3.55
N ILE A 68 2.66 -10.21 3.25
CA ILE A 68 1.36 -9.69 3.65
C ILE A 68 0.25 -10.49 2.99
N CYS A 69 0.36 -10.71 1.68
CA CYS A 69 -0.63 -11.48 0.95
C CYS A 69 -0.68 -12.91 1.46
N GLU A 70 0.51 -13.47 1.73
CA GLU A 70 0.62 -14.82 2.28
C GLU A 70 -0.16 -14.96 3.57
N GLN A 71 -0.16 -13.90 4.38
CA GLN A 71 -0.84 -13.94 5.66
C GLN A 71 -2.34 -14.06 5.47
N PHE A 72 -2.89 -13.28 4.56
CA PHE A 72 -4.34 -13.19 4.39
C PHE A 72 -4.90 -14.43 3.69
N GLU A 73 -4.15 -14.94 2.71
CA GLU A 73 -4.55 -16.15 2.01
C GLU A 73 -4.37 -17.39 2.90
N ALA A 74 -3.55 -17.22 3.93
CA ALA A 74 -3.30 -18.31 4.87
C ALA A 74 -4.06 -18.06 6.16
N GLU A 75 -4.99 -17.11 6.12
CA GLU A 75 -5.78 -16.74 7.26
C GLU A 75 -7.04 -17.59 7.34
N THR A 76 -7.44 -17.93 8.56
CA THR A 76 -8.62 -18.72 8.77
C THR A 76 -9.58 -18.02 9.72
N PRO A 77 -10.89 -18.24 9.56
CA PRO A 77 -11.89 -17.70 10.48
C PRO A 77 -11.79 -18.34 11.86
N THR A 78 -11.00 -19.40 11.95
CA THR A 78 -10.85 -20.14 13.18
C THR A 78 -9.67 -19.63 13.99
N ASP A 79 -8.87 -18.76 13.38
CA ASP A 79 -7.77 -18.09 14.08
C ASP A 79 -8.31 -17.24 15.22
N SER A 80 -7.63 -17.29 16.35
CA SER A 80 -8.11 -16.62 17.56
C SER A 80 -7.89 -15.11 17.51
N GLU A 81 -8.49 -14.41 18.48
CA GLU A 81 -8.38 -12.96 18.56
C GLU A 81 -6.93 -12.51 18.67
N THR A 82 -6.12 -13.31 19.35
CA THR A 82 -4.70 -13.01 19.50
C THR A 82 -3.99 -13.22 18.17
N THR A 83 -4.57 -14.07 17.34
CA THR A 83 -4.01 -14.34 16.02
C THR A 83 -4.35 -13.20 15.08
N GLN A 84 -5.59 -12.75 15.18
CA GLN A 84 -6.04 -11.62 14.38
C GLN A 84 -5.18 -10.40 14.70
N LYS A 85 -4.86 -10.24 15.96
CA LYS A 85 -4.02 -9.14 16.41
C LYS A 85 -2.58 -9.36 15.97
N ALA A 86 -2.08 -10.57 16.18
CA ALA A 86 -0.68 -10.89 15.88
C ALA A 86 -0.41 -10.77 14.39
N ARG A 87 -1.32 -11.29 13.58
CA ARG A 87 -1.20 -11.21 12.14
C ARG A 87 -1.25 -9.75 11.71
N PHE A 88 -2.18 -9.01 12.29
CA PHE A 88 -2.31 -7.60 11.99
C PHE A 88 -1.05 -6.84 12.36
N GLU A 89 -0.51 -7.11 13.55
CA GLU A 89 0.70 -6.44 14.01
C GLU A 89 1.89 -6.77 13.10
N MET A 90 2.03 -8.04 12.77
CA MET A 90 3.13 -8.49 11.92
C MET A 90 3.00 -7.88 10.52
N VAL A 91 1.79 -7.91 9.99
CA VAL A 91 1.51 -7.33 8.67
C VAL A 91 1.72 -5.83 8.69
N LEU A 92 1.21 -5.18 9.74
CA LEU A 92 1.36 -3.75 9.89
C LEU A 92 2.83 -3.36 9.95
N ASP A 93 3.63 -4.14 10.67
CA ASP A 93 5.07 -3.92 10.73
C ASP A 93 5.68 -4.00 9.34
N LEU A 94 5.29 -5.03 8.60
CA LEU A 94 5.73 -5.22 7.23
C LEU A 94 5.32 -4.03 6.36
N MET A 95 4.08 -3.59 6.50
CA MET A 95 3.56 -2.46 5.76
C MET A 95 4.34 -1.19 6.10
N GLN A 96 4.73 -1.05 7.37
CA GLN A 96 5.53 0.08 7.81
C GLN A 96 6.91 0.05 7.18
N GLN A 97 7.47 -1.14 6.99
CA GLN A 97 8.79 -1.30 6.40
C GLN A 97 8.76 -0.99 4.91
N LEU A 98 7.77 -1.57 4.22
CA LEU A 98 7.71 -1.46 2.77
C LEU A 98 7.37 -0.04 2.35
N GLN A 99 6.49 0.63 3.10
CA GLN A 99 6.17 2.03 2.80
C GLN A 99 7.44 2.87 2.93
N ASP A 100 8.29 2.48 3.89
CA ASP A 100 9.56 3.15 4.18
C ASP A 100 10.59 2.84 3.10
N LEU A 101 10.34 1.77 2.35
CA LEU A 101 11.27 1.32 1.32
C LEU A 101 10.96 1.98 -0.02
N GLY A 102 9.75 2.49 -0.16
CA GLY A 102 9.35 3.15 -1.38
C GLY A 102 8.02 2.63 -1.88
N HIS A 103 7.36 3.42 -2.70
CA HIS A 103 6.10 3.02 -3.31
C HIS A 103 6.34 2.27 -4.61
N PRO A 104 5.40 1.41 -5.01
CA PRO A 104 5.47 0.74 -6.31
C PRO A 104 5.25 1.74 -7.44
N PRO A 105 5.76 1.44 -8.64
CA PRO A 105 5.66 2.35 -9.79
C PRO A 105 4.24 2.46 -10.30
N LYS A 106 3.93 3.57 -10.97
CA LYS A 106 2.59 3.83 -11.50
C LYS A 106 2.15 2.75 -12.47
N GLU A 107 3.11 2.19 -13.22
CA GLU A 107 2.82 1.10 -14.14
C GLU A 107 2.27 -0.11 -13.38
N LEU A 108 2.77 -0.30 -12.17
CA LEU A 108 2.34 -1.41 -11.32
C LEU A 108 1.17 -1.03 -10.43
N ALA A 109 0.86 0.26 -10.38
CA ALA A 109 -0.23 0.75 -9.56
C ALA A 109 -1.40 1.14 -10.46
N GLY A 110 -1.32 0.72 -11.72
CA GLY A 110 -2.27 1.13 -12.74
C GLY A 110 -3.73 0.79 -12.46
N GLU A 111 -4.01 0.02 -11.41
CA GLU A 111 -5.39 -0.29 -11.06
C GLU A 111 -5.92 0.71 -10.04
N MET A 112 -5.04 1.54 -9.52
CA MET A 112 -5.38 2.46 -8.45
C MET A 112 -5.91 3.78 -9.03
N PRO A 113 -6.98 4.33 -8.42
CA PRO A 113 -7.55 5.61 -8.83
C PRO A 113 -6.56 6.76 -8.63
N PRO A 114 -6.35 7.61 -9.65
CA PRO A 114 -5.41 8.72 -9.58
C PRO A 114 -5.72 9.68 -8.45
N GLY A 115 -4.97 9.57 -7.36
CA GLY A 115 -5.19 10.45 -6.23
C GLY A 115 -4.76 9.83 -4.92
N LEU A 116 -5.17 8.58 -4.69
CA LEU A 116 -4.88 7.91 -3.43
C LEU A 116 -3.44 7.35 -3.44
N ASN A 117 -2.56 8.02 -4.16
CA ASN A 117 -1.21 7.55 -4.39
C ASN A 117 -0.40 7.52 -3.10
N PHE A 118 0.73 6.84 -3.16
CA PHE A 118 1.51 6.54 -1.98
C PHE A 118 2.88 7.20 -2.05
N ASP A 119 3.03 8.34 -1.39
CA ASP A 119 4.29 9.06 -1.37
C ASP A 119 5.06 8.76 -0.10
N LEU A 120 6.28 8.25 -0.25
CA LEU A 120 7.08 7.79 0.88
C LEU A 120 7.22 8.85 1.97
N ASP A 121 7.52 10.07 1.56
CA ASP A 121 7.67 11.17 2.52
C ASP A 121 6.39 11.35 3.34
N ALA A 122 5.25 11.29 2.65
CA ALA A 122 3.96 11.47 3.30
C ALA A 122 3.59 10.25 4.13
N LEU A 123 3.97 9.07 3.65
CA LEU A 123 3.65 7.82 4.35
C LEU A 123 4.43 7.72 5.64
N ASN A 124 5.68 8.14 5.55
CA ASN A 124 6.62 8.02 6.64
C ASN A 124 6.40 9.13 7.67
N LEU A 125 5.48 10.03 7.35
CA LEU A 125 5.21 11.20 8.19
C LEU A 125 6.46 12.06 8.33
N SER A 126 7.27 12.08 7.29
CA SER A 126 8.50 12.86 7.28
C SER A 126 8.18 14.31 6.89
N GLY A 127 6.95 14.55 6.47
CA GLY A 127 6.51 15.89 6.16
C GLY A 127 5.00 16.03 6.24
N PRO A 128 4.41 15.84 7.45
CA PRO A 128 2.97 15.90 7.63
C PRO A 128 2.48 17.30 7.95
N PRO A 129 1.44 17.77 7.24
CA PRO A 129 0.86 19.10 7.45
C PRO A 129 0.18 19.23 8.82
N GLY A 130 -0.38 18.13 9.30
CA GLY A 130 -1.05 18.15 10.58
C GLY A 130 -0.20 17.53 11.66
N ALA A 131 0.48 16.43 11.31
CA ALA A 131 1.38 15.72 12.22
C ALA A 131 0.61 14.97 13.29
N SER A 132 -0.67 14.79 13.05
CA SER A 132 -1.53 14.04 13.94
C SER A 132 -1.48 12.56 13.57
N GLY A 133 -0.95 12.27 12.40
CA GLY A 133 -0.82 10.91 11.94
C GLY A 133 -1.58 10.67 10.66
N GLU A 134 -1.44 11.62 9.73
CA GLU A 134 -2.03 11.50 8.41
C GLU A 134 -1.55 10.22 7.75
N GLN A 135 -2.41 9.21 7.73
CA GLN A 135 -2.05 7.90 7.22
C GLN A 135 -3.01 7.48 6.12
N CYS A 136 -2.89 6.23 5.71
CA CYS A 136 -3.71 5.69 4.65
C CYS A 136 -4.77 4.78 5.26
N LEU A 137 -4.32 3.63 5.72
CA LEU A 137 -5.18 2.66 6.41
C LEU A 137 -4.56 2.27 7.74
N ILE A 138 -3.46 2.93 8.08
CA ILE A 138 -2.64 2.56 9.23
C ILE A 138 -3.22 3.09 10.53
N MET A 139 -2.92 4.35 10.82
CA MET A 139 -3.32 5.00 12.07
C MET A 139 -3.11 4.10 13.28
C1 FAR B . -0.33 4.62 4.79
C2 FAR B . -0.25 3.11 4.55
C3 FAR B . 0.58 2.45 3.75
C5 FAR B . 0.49 0.95 3.68
C6 FAR B . -0.45 0.42 2.61
C7 FAR B . 0.06 0.69 1.21
C8 FAR B . 1.16 0.21 0.64
C9 FAR B . 1.55 0.57 -0.78
C11 FAR B . 0.91 -0.26 -1.86
C12 FAR B . -0.57 -0.48 -1.62
C13 FAR B . -1.55 -0.54 -2.51
C14 FAR B . -1.33 -0.36 -4.00
C15 FAR B . -2.97 -0.75 -2.11
C4 FAR B . 1.59 3.09 2.86
C10 FAR B . 2.04 -0.80 1.31
H11 FAR B . -0.83 4.80 5.72
H12A FAR B . 0.66 4.99 4.86
H2 FAR B . -0.98 2.55 5.11
H51 FAR B . 0.17 0.60 4.64
H52 FAR B . 1.49 0.57 3.47
H61 FAR B . -0.56 -0.65 2.75
H62 FAR B . -1.40 0.89 2.73
H7 FAR B . -0.58 1.36 0.65
H91 FAR B . 2.63 0.47 -0.85
H92 FAR B . 1.28 1.60 -0.93
H111 FAR B . 1.04 0.24 -2.81
H112 FAR B . 1.40 -1.22 -1.89
H12 FAR B . -0.82 -0.61 -0.57
H141 FAR B . -2.28 -0.31 -4.50
H142 FAR B . -0.77 0.55 -4.17
H143 FAR B . -0.77 -1.21 -4.37
H151 FAR B . -3.36 -1.63 -2.61
H152 FAR B . -3.03 -0.89 -1.04
H153 FAR B . -3.56 0.12 -2.39
H41 FAR B . 2.24 2.34 2.45
H42 FAR B . 2.17 3.81 3.42
H43 FAR B . 1.08 3.61 2.05
H101 FAR B . 2.95 -0.31 1.66
H102 FAR B . 2.30 -1.58 0.62
H103 FAR B . 1.52 -1.23 2.16
N GLY A 1 -35.44 21.08 7.91
CA GLY A 1 -34.67 20.07 7.17
C GLY A 1 -33.21 20.46 7.06
N MET A 2 -32.34 19.47 6.92
CA MET A 2 -30.92 19.72 6.79
C MET A 2 -30.49 19.64 5.34
N ASP A 3 -30.02 20.77 4.81
CA ASP A 3 -29.57 20.82 3.43
C ASP A 3 -28.06 20.71 3.37
N GLU A 4 -27.57 19.94 2.41
CA GLU A 4 -26.15 19.76 2.22
C GLU A 4 -25.64 20.72 1.15
N GLY A 5 -24.55 21.41 1.44
CA GLY A 5 -23.97 22.33 0.48
C GLY A 5 -23.34 21.59 -0.67
N ASP A 6 -22.13 21.08 -0.45
CA ASP A 6 -21.42 20.31 -1.46
C ASP A 6 -20.74 19.12 -0.83
N GLY A 7 -21.21 17.93 -1.16
CA GLY A 7 -20.56 16.72 -0.70
C GLY A 7 -19.38 16.38 -1.57
N GLU A 8 -19.45 16.79 -2.82
CA GLU A 8 -18.36 16.61 -3.76
C GLU A 8 -17.46 17.83 -3.76
N GLY A 9 -16.43 17.82 -4.60
CA GLY A 9 -15.51 18.93 -4.66
C GLY A 9 -14.41 18.80 -3.64
N ASN A 10 -14.62 19.38 -2.47
CA ASN A 10 -13.64 19.29 -1.39
C ASN A 10 -13.78 17.95 -0.67
N ILE A 11 -13.16 16.93 -1.22
CA ILE A 11 -13.20 15.60 -0.63
C ILE A 11 -11.82 15.25 -0.06
N LEU A 12 -10.94 16.24 -0.06
CA LEU A 12 -9.55 16.07 0.37
C LEU A 12 -9.45 15.40 1.74
N PRO A 13 -10.09 15.98 2.79
CA PRO A 13 -9.97 15.44 4.15
C PRO A 13 -10.74 14.13 4.31
N ILE A 14 -11.75 13.94 3.46
CA ILE A 14 -12.57 12.74 3.51
C ILE A 14 -11.87 11.58 2.83
N MET A 15 -10.84 11.88 2.05
CA MET A 15 -10.09 10.86 1.32
C MET A 15 -9.53 9.81 2.25
N GLN A 16 -9.33 10.18 3.51
CA GLN A 16 -8.79 9.27 4.52
C GLN A 16 -9.70 8.03 4.67
N SER A 17 -11.00 8.25 4.77
CA SER A 17 -11.95 7.16 4.93
C SER A 17 -12.09 6.39 3.62
N ILE A 18 -12.21 7.13 2.52
CA ILE A 18 -12.36 6.52 1.20
C ILE A 18 -11.16 5.64 0.87
N MET A 19 -9.96 6.18 1.06
CA MET A 19 -8.73 5.45 0.77
C MET A 19 -8.61 4.24 1.70
N GLN A 20 -9.01 4.41 2.95
CA GLN A 20 -8.95 3.34 3.92
C GLN A 20 -9.92 2.22 3.55
N ASN A 21 -11.11 2.60 3.12
CA ASN A 21 -12.12 1.63 2.71
C ASN A 21 -11.67 0.87 1.46
N LEU A 22 -11.16 1.60 0.49
CA LEU A 22 -10.70 1.01 -0.76
C LEU A 22 -9.48 0.12 -0.53
N LEU A 23 -8.71 0.43 0.48
CA LEU A 23 -7.48 -0.32 0.76
C LEU A 23 -7.64 -1.21 2.00
N SER A 24 -8.87 -1.44 2.40
CA SER A 24 -9.14 -2.38 3.49
C SER A 24 -8.72 -3.78 3.05
N LYS A 25 -8.56 -4.70 4.01
CA LYS A 25 -8.06 -6.05 3.72
C LYS A 25 -8.87 -6.72 2.61
N ASP A 26 -10.13 -6.31 2.49
CA ASP A 26 -11.02 -6.80 1.44
C ASP A 26 -10.39 -6.64 0.07
N VAL A 27 -10.09 -5.41 -0.31
CA VAL A 27 -9.50 -5.12 -1.61
C VAL A 27 -7.98 -5.17 -1.57
N LEU A 28 -7.41 -4.82 -0.43
CA LEU A 28 -5.96 -4.72 -0.28
C LEU A 28 -5.27 -6.02 -0.65
N TYR A 29 -5.82 -7.17 -0.22
CA TYR A 29 -5.18 -8.45 -0.52
C TYR A 29 -4.99 -8.66 -2.02
N PRO A 30 -6.07 -8.67 -2.84
CA PRO A 30 -5.94 -8.83 -4.29
C PRO A 30 -5.09 -7.74 -4.93
N SER A 31 -5.18 -6.52 -4.41
CA SER A 31 -4.42 -5.40 -4.95
C SER A 31 -2.92 -5.63 -4.75
N LEU A 32 -2.54 -6.06 -3.55
CA LEU A 32 -1.15 -6.35 -3.26
C LEU A 32 -0.70 -7.61 -3.99
N LYS A 33 -1.58 -8.60 -4.01
CA LYS A 33 -1.30 -9.87 -4.68
C LYS A 33 -1.04 -9.64 -6.16
N GLU A 34 -1.84 -8.79 -6.79
CA GLU A 34 -1.66 -8.48 -8.20
C GLU A 34 -0.29 -7.87 -8.44
N ILE A 35 0.05 -6.89 -7.63
CA ILE A 35 1.30 -6.16 -7.80
C ILE A 35 2.50 -7.01 -7.43
N THR A 36 2.35 -7.90 -6.46
CA THR A 36 3.45 -8.77 -6.07
C THR A 36 3.80 -9.76 -7.17
N GLU A 37 2.79 -10.26 -7.87
CA GLU A 37 3.01 -11.19 -8.97
C GLU A 37 3.57 -10.44 -10.19
N LYS A 38 3.31 -9.14 -10.25
CA LYS A 38 3.75 -8.31 -11.36
C LYS A 38 5.13 -7.70 -11.10
N TYR A 39 5.41 -7.45 -9.83
CA TYR A 39 6.64 -6.77 -9.43
C TYR A 39 7.91 -7.40 -10.01
N PRO A 40 8.09 -8.74 -9.91
CA PRO A 40 9.29 -9.40 -10.42
C PRO A 40 9.43 -9.24 -11.92
N GLU A 41 8.28 -9.26 -12.60
CA GLU A 41 8.23 -9.10 -14.04
C GLU A 41 8.62 -7.67 -14.46
N TRP A 42 8.05 -6.70 -13.77
CA TRP A 42 8.35 -5.30 -14.05
C TRP A 42 9.83 -5.03 -13.78
N LEU A 43 10.30 -5.50 -12.66
CA LEU A 43 11.70 -5.36 -12.28
C LEU A 43 12.63 -6.04 -13.27
N GLN A 44 12.25 -7.20 -13.75
CA GLN A 44 13.10 -7.97 -14.66
C GLN A 44 13.27 -7.25 -16.01
N SER A 45 12.19 -6.66 -16.50
CA SER A 45 12.21 -5.99 -17.78
C SER A 45 12.99 -4.68 -17.72
N HIS A 46 12.86 -3.98 -16.60
CA HIS A 46 13.54 -2.72 -16.36
C HIS A 46 14.86 -2.93 -15.63
N ARG A 47 15.19 -4.18 -15.37
CA ARG A 47 16.35 -4.50 -14.52
C ARG A 47 17.62 -3.88 -15.08
N GLU A 48 17.72 -3.84 -16.40
CA GLU A 48 18.90 -3.29 -17.07
C GLU A 48 18.92 -1.77 -16.98
N SER A 49 17.73 -1.19 -16.90
CA SER A 49 17.58 0.26 -16.83
C SER A 49 17.52 0.72 -15.37
N LEU A 50 17.42 -0.23 -14.46
CA LEU A 50 17.28 0.07 -13.05
C LEU A 50 18.62 0.01 -12.32
N PRO A 51 18.96 1.08 -11.59
CA PRO A 51 20.15 1.09 -10.74
C PRO A 51 20.02 0.11 -9.58
N PRO A 52 21.12 -0.58 -9.24
CA PRO A 52 21.14 -1.59 -8.18
C PRO A 52 20.57 -1.07 -6.86
N GLU A 53 20.86 0.19 -6.53
CA GLU A 53 20.41 0.76 -5.27
C GLU A 53 18.89 0.88 -5.23
N GLN A 54 18.32 1.30 -6.35
CA GLN A 54 16.87 1.43 -6.45
C GLN A 54 16.23 0.07 -6.61
N PHE A 55 16.90 -0.79 -7.38
CA PHE A 55 16.43 -2.14 -7.65
C PHE A 55 16.25 -2.92 -6.36
N GLU A 56 17.21 -2.75 -5.44
CA GLU A 56 17.14 -3.41 -4.15
C GLU A 56 15.86 -3.06 -3.41
N LYS A 57 15.60 -1.76 -3.25
CA LYS A 57 14.45 -1.30 -2.49
C LYS A 57 13.15 -1.85 -3.09
N TYR A 58 13.10 -1.92 -4.41
CA TYR A 58 11.93 -2.44 -5.10
C TYR A 58 11.76 -3.93 -4.80
N GLN A 59 12.87 -4.63 -4.66
CA GLN A 59 12.86 -6.04 -4.29
C GLN A 59 12.38 -6.20 -2.85
N GLU A 60 12.74 -5.24 -2.01
CA GLU A 60 12.37 -5.27 -0.60
C GLU A 60 10.86 -5.07 -0.47
N GLN A 61 10.35 -4.11 -1.21
CA GLN A 61 8.91 -3.85 -1.26
C GLN A 61 8.17 -5.08 -1.78
N HIS A 62 8.74 -5.70 -2.81
CA HIS A 62 8.16 -6.91 -3.39
C HIS A 62 8.10 -8.02 -2.36
N SER A 63 9.21 -8.21 -1.65
CA SER A 63 9.30 -9.24 -0.64
C SER A 63 8.29 -9.00 0.47
N VAL A 64 8.29 -7.78 0.99
CA VAL A 64 7.40 -7.42 2.07
C VAL A 64 5.93 -7.55 1.68
N MET A 65 5.57 -7.00 0.51
CA MET A 65 4.19 -7.09 0.02
C MET A 65 3.75 -8.53 -0.15
N CYS A 66 4.67 -9.40 -0.59
CA CYS A 66 4.37 -10.82 -0.73
C CYS A 66 3.99 -11.42 0.60
N LYS A 67 4.71 -11.04 1.64
CA LYS A 67 4.49 -11.59 2.97
C LYS A 67 3.08 -11.27 3.41
N ILE A 68 2.69 -10.03 3.16
CA ILE A 68 1.38 -9.53 3.55
C ILE A 68 0.26 -10.29 2.85
N CYS A 69 0.38 -10.44 1.53
CA CYS A 69 -0.66 -11.12 0.77
C CYS A 69 -0.75 -12.59 1.18
N GLU A 70 0.41 -13.20 1.43
CA GLU A 70 0.47 -14.58 1.88
C GLU A 70 -0.29 -14.75 3.20
N GLN A 71 -0.21 -13.75 4.07
CA GLN A 71 -0.83 -13.84 5.38
C GLN A 71 -2.35 -13.89 5.26
N PHE A 72 -2.90 -13.10 4.35
CA PHE A 72 -4.35 -12.98 4.23
C PHE A 72 -4.95 -14.20 3.55
N GLU A 73 -4.24 -14.75 2.57
CA GLU A 73 -4.68 -15.97 1.91
C GLU A 73 -4.47 -17.18 2.82
N ALA A 74 -3.60 -16.99 3.81
CA ALA A 74 -3.32 -18.04 4.79
C ALA A 74 -4.07 -17.76 6.08
N GLU A 75 -5.01 -16.83 6.01
CA GLU A 75 -5.78 -16.38 7.16
C GLU A 75 -7.04 -17.21 7.35
N THR A 76 -7.40 -17.45 8.60
CA THR A 76 -8.64 -18.08 8.93
C THR A 76 -9.36 -17.27 10.00
N PRO A 77 -10.67 -17.07 9.84
CA PRO A 77 -11.49 -16.39 10.83
C PRO A 77 -11.73 -17.27 12.05
N THR A 78 -11.39 -18.55 11.91
CA THR A 78 -11.66 -19.54 12.92
C THR A 78 -10.52 -19.62 13.94
N ASP A 79 -9.40 -18.98 13.63
CA ASP A 79 -8.29 -18.94 14.57
C ASP A 79 -8.55 -17.92 15.69
N SER A 80 -7.77 -18.02 16.75
CA SER A 80 -7.99 -17.24 17.96
C SER A 80 -7.76 -15.75 17.73
N GLU A 81 -8.29 -14.94 18.65
CA GLU A 81 -8.16 -13.50 18.59
C GLU A 81 -6.70 -13.08 18.54
N THR A 82 -5.86 -13.80 19.27
CA THR A 82 -4.44 -13.48 19.34
C THR A 82 -3.77 -13.79 18.01
N THR A 83 -4.36 -14.71 17.26
CA THR A 83 -3.86 -15.06 15.96
C THR A 83 -4.25 -13.99 14.95
N GLN A 84 -5.49 -13.53 15.10
CA GLN A 84 -5.99 -12.46 14.27
C GLN A 84 -5.17 -11.20 14.50
N LYS A 85 -4.83 -10.96 15.76
CA LYS A 85 -4.02 -9.82 16.15
C LYS A 85 -2.56 -9.99 15.74
N ALA A 86 -2.00 -11.17 15.99
CA ALA A 86 -0.58 -11.42 15.74
C ALA A 86 -0.24 -11.27 14.27
N ARG A 87 -1.11 -11.81 13.42
CA ARG A 87 -0.92 -11.73 11.98
C ARG A 87 -1.03 -10.28 11.55
N PHE A 88 -2.04 -9.60 12.09
CA PHE A 88 -2.28 -8.19 11.79
C PHE A 88 -1.09 -7.33 12.21
N GLU A 89 -0.60 -7.55 13.43
CA GLU A 89 0.55 -6.80 13.94
C GLU A 89 1.76 -6.99 13.05
N MET A 90 2.00 -8.24 12.65
CA MET A 90 3.13 -8.56 11.79
C MET A 90 2.96 -7.92 10.43
N VAL A 91 1.76 -8.00 9.87
CA VAL A 91 1.45 -7.38 8.58
C VAL A 91 1.61 -5.87 8.65
N LEU A 92 1.00 -5.27 9.67
CA LEU A 92 1.07 -3.83 9.88
C LEU A 92 2.52 -3.37 9.97
N ASP A 93 3.32 -4.12 10.70
CA ASP A 93 4.75 -3.82 10.85
C ASP A 93 5.44 -3.85 9.50
N LEU A 94 5.18 -4.90 8.74
CA LEU A 94 5.75 -5.05 7.40
C LEU A 94 5.34 -3.89 6.50
N MET A 95 4.07 -3.52 6.56
CA MET A 95 3.54 -2.40 5.79
C MET A 95 4.29 -1.11 6.12
N GLN A 96 4.64 -0.96 7.39
CA GLN A 96 5.40 0.21 7.84
C GLN A 96 6.81 0.20 7.29
N GLN A 97 7.40 -0.98 7.13
CA GLN A 97 8.74 -1.10 6.57
C GLN A 97 8.75 -0.82 5.08
N LEU A 98 7.79 -1.40 4.37
CA LEU A 98 7.76 -1.30 2.91
C LEU A 98 7.42 0.12 2.47
N GLN A 99 6.51 0.79 3.19
CA GLN A 99 6.19 2.19 2.89
C GLN A 99 7.45 3.03 3.02
N ASP A 100 8.28 2.68 4.01
CA ASP A 100 9.53 3.39 4.30
C ASP A 100 10.60 3.09 3.27
N LEU A 101 10.34 2.07 2.46
CA LEU A 101 11.26 1.67 1.40
C LEU A 101 10.90 2.35 0.09
N GLY A 102 9.73 2.95 0.04
CA GLY A 102 9.28 3.63 -1.14
C GLY A 102 8.03 3.00 -1.72
N HIS A 103 7.33 3.75 -2.55
CA HIS A 103 6.14 3.24 -3.19
C HIS A 103 6.50 2.46 -4.45
N PRO A 104 5.66 1.50 -4.85
CA PRO A 104 5.83 0.80 -6.12
C PRO A 104 5.68 1.76 -7.29
N PRO A 105 6.23 1.40 -8.47
CA PRO A 105 6.16 2.24 -9.67
C PRO A 105 4.72 2.51 -10.09
N LYS A 106 4.47 3.71 -10.62
CA LYS A 106 3.12 4.11 -11.00
C LYS A 106 2.52 3.17 -12.02
N GLU A 107 3.37 2.61 -12.89
CA GLU A 107 2.90 1.66 -13.90
C GLU A 107 2.35 0.40 -13.24
N LEU A 108 2.95 0.01 -12.11
CA LEU A 108 2.50 -1.14 -11.36
C LEU A 108 1.32 -0.81 -10.48
N ALA A 109 1.07 0.48 -10.28
CA ALA A 109 -0.05 0.92 -9.46
C ALA A 109 -1.13 1.53 -10.35
N GLY A 110 -0.93 1.39 -11.66
CA GLY A 110 -1.80 2.03 -12.64
C GLY A 110 -3.15 1.36 -12.80
N GLU A 111 -3.51 0.57 -11.83
CA GLU A 111 -4.82 -0.08 -11.83
C GLU A 111 -5.66 0.47 -10.69
N MET A 112 -5.16 1.53 -10.10
CA MET A 112 -5.83 2.20 -9.00
C MET A 112 -6.29 3.59 -9.44
N PRO A 113 -7.35 4.13 -8.83
CA PRO A 113 -7.87 5.46 -9.17
C PRO A 113 -6.87 6.57 -8.90
N PRO A 114 -6.38 7.25 -9.96
CA PRO A 114 -5.34 8.29 -9.86
C PRO A 114 -5.67 9.32 -8.78
N GLY A 115 -4.92 9.26 -7.68
CA GLY A 115 -5.15 10.16 -6.58
C GLY A 115 -4.81 9.53 -5.25
N LEU A 116 -5.19 8.27 -5.08
CA LEU A 116 -4.93 7.57 -3.83
C LEU A 116 -3.50 7.04 -3.77
N ASN A 117 -2.64 7.65 -4.59
CA ASN A 117 -1.25 7.23 -4.72
C ASN A 117 -0.49 7.39 -3.40
N PHE A 118 0.69 6.81 -3.36
CA PHE A 118 1.42 6.67 -2.11
C PHE A 118 2.79 7.36 -2.22
N ASP A 119 3.01 8.38 -1.41
CA ASP A 119 4.30 9.07 -1.39
C ASP A 119 5.03 8.77 -0.09
N LEU A 120 6.25 8.27 -0.20
CA LEU A 120 7.03 7.87 0.98
C LEU A 120 7.11 8.99 2.02
N ASP A 121 7.39 10.20 1.56
CA ASP A 121 7.47 11.34 2.45
C ASP A 121 6.18 11.51 3.25
N ALA A 122 5.05 11.40 2.57
CA ALA A 122 3.75 11.58 3.20
C ALA A 122 3.40 10.38 4.08
N LEU A 123 3.88 9.20 3.69
CA LEU A 123 3.63 7.97 4.45
C LEU A 123 4.46 7.99 5.72
N ASN A 124 5.68 8.48 5.58
CA ASN A 124 6.64 8.57 6.66
C ASN A 124 6.24 9.71 7.59
N LEU A 125 5.34 10.57 7.11
CA LEU A 125 4.92 11.76 7.82
C LEU A 125 6.09 12.72 7.98
N SER A 126 6.96 12.74 6.98
CA SER A 126 8.08 13.66 6.94
C SER A 126 7.58 15.06 6.63
N GLY A 127 6.46 15.12 5.91
CA GLY A 127 5.82 16.40 5.63
C GLY A 127 4.32 16.28 5.64
N PRO A 128 3.69 16.25 6.83
CA PRO A 128 2.24 16.15 6.96
C PRO A 128 1.58 17.53 6.97
N PRO A 129 0.46 17.68 6.25
CA PRO A 129 -0.29 18.93 6.20
C PRO A 129 -0.94 19.27 7.55
N GLY A 130 -1.50 18.25 8.19
CA GLY A 130 -2.16 18.46 9.46
C GLY A 130 -1.29 18.04 10.63
N ALA A 131 -0.50 16.98 10.41
CA ALA A 131 0.41 16.45 11.43
C ALA A 131 -0.35 15.94 12.65
N SER A 132 -0.64 14.65 12.63
CA SER A 132 -1.40 13.99 13.68
C SER A 132 -1.48 12.50 13.41
N GLY A 133 -0.46 11.99 12.72
CA GLY A 133 -0.47 10.60 12.32
C GLY A 133 -1.37 10.35 11.14
N GLU A 134 -1.33 11.27 10.17
CA GLU A 134 -2.13 11.15 8.96
C GLU A 134 -1.68 9.94 8.16
N GLN A 135 -2.55 8.95 8.07
CA GLN A 135 -2.19 7.70 7.43
C GLN A 135 -3.16 7.34 6.33
N CYS A 136 -3.01 6.13 5.81
CA CYS A 136 -3.78 5.64 4.69
C CYS A 136 -4.89 4.74 5.19
N LEU A 137 -4.48 3.55 5.64
CA LEU A 137 -5.37 2.59 6.25
C LEU A 137 -4.83 2.17 7.60
N ILE A 138 -3.75 2.82 8.00
CA ILE A 138 -3.02 2.46 9.20
C ILE A 138 -3.70 3.02 10.43
N MET A 139 -3.44 4.29 10.71
CA MET A 139 -3.97 4.97 11.90
C MET A 139 -3.74 4.13 13.16
C1 FAR B . -0.38 4.62 4.93
C2 FAR B . -0.28 3.12 4.67
C3 FAR B . 0.55 2.48 3.86
C5 FAR B . 0.50 0.99 3.76
C6 FAR B . -0.43 0.46 2.69
C7 FAR B . 0.11 0.72 1.28
C8 FAR B . 1.24 0.24 0.75
C9 FAR B . 1.65 0.59 -0.66
C11 FAR B . 1.05 -0.28 -1.73
C12 FAR B . -0.44 -0.51 -1.54
C13 FAR B . -1.39 -0.60 -2.45
C14 FAR B . -1.08 -0.47 -3.93
C15 FAR B . -2.83 -0.80 -2.10
C4 FAR B . 1.53 3.17 2.96
C10 FAR B . 2.12 -0.75 1.46
H11 FAR B . -0.91 4.79 5.84
H12A FAR B . 0.59 5.00 5.03
H2 FAR B . -1.00 2.55 5.22
H51 FAR B . 0.17 0.61 4.73
H52 FAR B . 1.50 0.64 3.57
H61 FAR B . -0.53 -0.60 2.82
H62 FAR B . -1.38 0.93 2.79
H7 FAR B . -0.52 1.37 0.70
H91 FAR B . 2.73 0.51 -0.71
H92 FAR B . 1.36 1.61 -0.85
H111 FAR B . 1.21 0.18 -2.69
H112 FAR B . 1.54 -1.24 -1.72
H12 FAR B . -0.72 -0.62 -0.49
H141 FAR B . -2.01 -0.46 -4.48
H142 FAR B . -0.55 0.45 -4.10
H143 FAR B . -0.49 -1.30 -4.25
H151 FAR B . -2.91 -1.06 -1.05
H152 FAR B . -3.38 0.11 -2.30
H153 FAR B . -3.23 -1.61 -2.71
H41 FAR B . 2.20 2.43 2.54
H42 FAR B . 2.10 3.89 3.53
H43 FAR B . 1.01 3.67 2.16
H101 FAR B . 2.42 -1.51 0.76
H102 FAR B . 1.57 -1.18 2.28
H103 FAR B . 3.00 -0.23 1.84
N GLY A 1 -23.61 22.65 -13.12
CA GLY A 1 -23.91 21.89 -11.87
C GLY A 1 -24.64 20.59 -12.15
N MET A 2 -25.51 20.59 -13.15
CA MET A 2 -26.20 19.37 -13.58
C MET A 2 -25.23 18.48 -14.34
N ASP A 3 -24.09 19.04 -14.68
CA ASP A 3 -23.04 18.35 -15.38
C ASP A 3 -21.98 17.85 -14.40
N GLU A 4 -21.26 16.82 -14.78
CA GLU A 4 -20.20 16.27 -13.93
C GLU A 4 -18.85 16.91 -14.27
N GLY A 5 -18.87 18.22 -14.48
CA GLY A 5 -17.65 18.93 -14.81
C GLY A 5 -16.73 19.09 -13.62
N ASP A 6 -17.26 19.61 -12.53
CA ASP A 6 -16.50 19.78 -11.30
C ASP A 6 -17.34 19.43 -10.08
N GLY A 7 -17.03 18.30 -9.47
CA GLY A 7 -17.69 17.91 -8.24
C GLY A 7 -16.69 17.65 -7.15
N GLU A 8 -15.44 17.97 -7.43
CA GLU A 8 -14.35 17.74 -6.51
C GLU A 8 -13.97 19.06 -5.84
N GLY A 9 -12.89 19.06 -5.07
CA GLY A 9 -12.44 20.29 -4.45
C GLY A 9 -11.99 20.10 -3.01
N ASN A 10 -12.94 19.88 -2.13
CA ASN A 10 -12.64 19.78 -0.70
C ASN A 10 -12.81 18.35 -0.20
N ILE A 11 -12.45 17.38 -1.05
CA ILE A 11 -12.52 15.99 -0.66
C ILE A 11 -11.26 15.59 0.11
N LEU A 12 -10.36 16.57 0.25
CA LEU A 12 -9.05 16.36 0.87
C LEU A 12 -9.16 15.61 2.22
N PRO A 13 -9.95 16.11 3.19
CA PRO A 13 -10.05 15.49 4.51
C PRO A 13 -10.84 14.18 4.48
N ILE A 14 -11.67 14.03 3.45
CA ILE A 14 -12.47 12.82 3.29
C ILE A 14 -11.63 11.70 2.68
N MET A 15 -10.52 12.09 2.05
CA MET A 15 -9.66 11.15 1.35
C MET A 15 -9.11 10.06 2.28
N GLN A 16 -8.91 10.39 3.55
CA GLN A 16 -8.39 9.41 4.49
C GLN A 16 -9.42 8.30 4.73
N SER A 17 -10.70 8.63 4.70
CA SER A 17 -11.76 7.64 4.80
C SER A 17 -11.85 6.82 3.52
N ILE A 18 -11.81 7.51 2.38
CA ILE A 18 -11.92 6.88 1.07
C ILE A 18 -10.76 5.92 0.82
N MET A 19 -9.55 6.44 1.03
CA MET A 19 -8.34 5.65 0.81
C MET A 19 -8.31 4.43 1.72
N GLN A 20 -8.78 4.61 2.95
CA GLN A 20 -8.80 3.52 3.91
C GLN A 20 -9.82 2.46 3.52
N ASN A 21 -10.96 2.90 3.01
CA ASN A 21 -12.03 1.97 2.61
C ASN A 21 -11.60 1.15 1.40
N LEU A 22 -11.07 1.84 0.39
CA LEU A 22 -10.65 1.18 -0.84
C LEU A 22 -9.46 0.27 -0.60
N LEU A 23 -8.68 0.57 0.43
CA LEU A 23 -7.48 -0.19 0.72
C LEU A 23 -7.67 -1.08 1.94
N SER A 24 -8.93 -1.30 2.32
CA SER A 24 -9.24 -2.24 3.39
C SER A 24 -8.80 -3.64 2.98
N LYS A 25 -8.63 -4.53 3.95
CA LYS A 25 -8.09 -5.87 3.71
C LYS A 25 -8.84 -6.61 2.62
N ASP A 26 -10.11 -6.28 2.45
CA ASP A 26 -10.94 -6.87 1.41
C ASP A 26 -10.36 -6.64 0.03
N VAL A 27 -10.10 -5.39 -0.32
CA VAL A 27 -9.58 -5.05 -1.64
C VAL A 27 -8.05 -5.05 -1.66
N LEU A 28 -7.47 -4.69 -0.53
CA LEU A 28 -6.02 -4.60 -0.40
C LEU A 28 -5.34 -5.92 -0.77
N TYR A 29 -5.90 -7.03 -0.30
CA TYR A 29 -5.32 -8.35 -0.53
C TYR A 29 -5.10 -8.63 -2.03
N PRO A 30 -6.16 -8.64 -2.87
CA PRO A 30 -6.01 -8.94 -4.30
C PRO A 30 -5.15 -7.91 -5.02
N SER A 31 -5.24 -6.65 -4.60
CA SER A 31 -4.46 -5.58 -5.21
C SER A 31 -2.97 -5.82 -4.95
N LEU A 32 -2.63 -6.17 -3.72
CA LEU A 32 -1.24 -6.42 -3.36
C LEU A 32 -0.75 -7.70 -4.03
N LYS A 33 -1.60 -8.71 -4.04
CA LYS A 33 -1.27 -9.99 -4.64
C LYS A 33 -1.01 -9.83 -6.13
N GLU A 34 -1.81 -9.02 -6.80
CA GLU A 34 -1.58 -8.74 -8.21
C GLU A 34 -0.25 -8.05 -8.41
N ILE A 35 0.01 -7.03 -7.60
CA ILE A 35 1.22 -6.22 -7.76
C ILE A 35 2.47 -7.03 -7.48
N THR A 36 2.38 -7.95 -6.54
CA THR A 36 3.51 -8.81 -6.22
C THR A 36 3.83 -9.74 -7.38
N GLU A 37 2.81 -10.23 -8.07
CA GLU A 37 3.03 -11.16 -9.16
C GLU A 37 3.54 -10.43 -10.41
N LYS A 38 3.23 -9.14 -10.53
CA LYS A 38 3.68 -8.36 -11.68
C LYS A 38 4.95 -7.55 -11.35
N TYR A 39 5.24 -7.41 -10.07
CA TYR A 39 6.43 -6.70 -9.62
C TYR A 39 7.72 -7.25 -10.24
N PRO A 40 7.99 -8.57 -10.15
CA PRO A 40 9.26 -9.14 -10.62
C PRO A 40 9.47 -8.94 -12.12
N GLU A 41 8.40 -9.05 -12.90
CA GLU A 41 8.51 -8.92 -14.34
C GLU A 41 8.84 -7.48 -14.74
N TRP A 42 8.22 -6.55 -14.03
CA TRP A 42 8.49 -5.14 -14.28
C TRP A 42 9.93 -4.82 -13.92
N LEU A 43 10.33 -5.30 -12.74
CA LEU A 43 11.69 -5.13 -12.24
C LEU A 43 12.71 -5.75 -13.17
N GLN A 44 12.44 -6.96 -13.63
CA GLN A 44 13.40 -7.67 -14.47
C GLN A 44 13.58 -6.96 -15.82
N SER A 45 12.51 -6.39 -16.30
CA SER A 45 12.54 -5.70 -17.59
C SER A 45 13.34 -4.40 -17.49
N HIS A 46 13.08 -3.63 -16.45
CA HIS A 46 13.73 -2.35 -16.23
C HIS A 46 15.00 -2.51 -15.41
N ARG A 47 15.33 -3.74 -15.09
CA ARG A 47 16.43 -4.05 -14.17
C ARG A 47 17.73 -3.41 -14.67
N GLU A 48 17.90 -3.34 -15.99
CA GLU A 48 19.09 -2.78 -16.58
C GLU A 48 19.10 -1.25 -16.45
N SER A 49 17.92 -0.68 -16.38
CA SER A 49 17.77 0.77 -16.26
C SER A 49 17.59 1.18 -14.80
N LEU A 50 17.40 0.19 -13.94
CA LEU A 50 17.15 0.43 -12.54
C LEU A 50 18.44 0.39 -11.73
N PRO A 51 18.68 1.45 -10.95
CA PRO A 51 19.83 1.54 -10.05
C PRO A 51 19.89 0.36 -9.09
N PRO A 52 21.10 -0.12 -8.74
CA PRO A 52 21.27 -1.25 -7.83
C PRO A 52 20.60 -1.00 -6.48
N GLU A 53 20.75 0.24 -5.98
CA GLU A 53 20.14 0.63 -4.72
C GLU A 53 18.62 0.68 -4.85
N GLN A 54 18.15 1.18 -5.98
CA GLN A 54 16.73 1.35 -6.19
C GLN A 54 16.04 0.01 -6.42
N PHE A 55 16.69 -0.83 -7.21
CA PHE A 55 16.18 -2.15 -7.55
C PHE A 55 15.98 -2.99 -6.30
N GLU A 56 16.93 -2.90 -5.38
CA GLU A 56 16.85 -3.63 -4.14
C GLU A 56 15.65 -3.23 -3.32
N LYS A 57 15.42 -1.92 -3.16
CA LYS A 57 14.29 -1.44 -2.38
C LYS A 57 12.99 -1.97 -2.97
N TYR A 58 12.94 -2.03 -4.30
CA TYR A 58 11.76 -2.53 -4.99
C TYR A 58 11.58 -4.02 -4.75
N GLN A 59 12.68 -4.74 -4.64
CA GLN A 59 12.65 -6.15 -4.31
C GLN A 59 12.14 -6.35 -2.90
N GLU A 60 12.51 -5.44 -2.02
CA GLU A 60 12.09 -5.50 -0.63
C GLU A 60 10.58 -5.30 -0.54
N GLN A 61 10.09 -4.32 -1.30
CA GLN A 61 8.66 -4.06 -1.38
C GLN A 61 7.93 -5.28 -1.94
N HIS A 62 8.52 -5.89 -2.97
CA HIS A 62 7.98 -7.10 -3.56
C HIS A 62 7.91 -8.23 -2.53
N SER A 63 9.02 -8.41 -1.81
CA SER A 63 9.10 -9.48 -0.82
C SER A 63 8.14 -9.23 0.33
N VAL A 64 8.16 -8.01 0.85
CA VAL A 64 7.32 -7.64 1.97
C VAL A 64 5.84 -7.74 1.62
N MET A 65 5.45 -7.19 0.47
CA MET A 65 4.07 -7.24 0.02
C MET A 65 3.59 -8.68 -0.15
N CYS A 66 4.48 -9.55 -0.62
CA CYS A 66 4.16 -10.97 -0.75
C CYS A 66 3.78 -11.57 0.59
N LYS A 67 4.56 -11.24 1.62
CA LYS A 67 4.35 -11.81 2.94
C LYS A 67 2.99 -11.41 3.49
N ILE A 68 2.61 -10.18 3.19
CA ILE A 68 1.32 -9.64 3.59
C ILE A 68 0.18 -10.41 2.94
N CYS A 69 0.31 -10.63 1.64
CA CYS A 69 -0.70 -11.39 0.89
C CYS A 69 -0.79 -12.82 1.43
N GLU A 70 0.38 -13.40 1.72
CA GLU A 70 0.45 -14.76 2.26
C GLU A 70 -0.36 -14.85 3.55
N GLN A 71 -0.33 -13.80 4.34
CA GLN A 71 -1.00 -13.82 5.62
C GLN A 71 -2.52 -13.87 5.46
N PHE A 72 -3.05 -13.09 4.52
CA PHE A 72 -4.48 -12.99 4.34
C PHE A 72 -5.02 -14.23 3.65
N GLU A 73 -4.27 -14.76 2.70
CA GLU A 73 -4.65 -15.98 2.00
C GLU A 73 -4.48 -17.20 2.91
N ALA A 74 -3.72 -17.03 3.98
CA ALA A 74 -3.50 -18.09 4.96
C ALA A 74 -4.25 -17.76 6.25
N GLU A 75 -5.19 -16.83 6.17
CA GLU A 75 -5.98 -16.38 7.30
C GLU A 75 -7.19 -17.27 7.50
N THR A 76 -7.52 -17.54 8.75
CA THR A 76 -8.65 -18.36 9.07
C THR A 76 -9.51 -17.70 10.15
N PRO A 77 -10.83 -17.77 10.02
CA PRO A 77 -11.75 -17.22 11.03
C PRO A 77 -11.80 -18.09 12.28
N THR A 78 -11.24 -19.29 12.16
CA THR A 78 -11.33 -20.29 13.23
C THR A 78 -10.18 -20.20 14.20
N ASP A 79 -9.14 -19.45 13.85
CA ASP A 79 -8.01 -19.25 14.76
C ASP A 79 -8.33 -18.23 15.84
N SER A 80 -7.53 -18.25 16.90
CA SER A 80 -7.76 -17.41 18.06
C SER A 80 -7.59 -15.93 17.72
N GLU A 81 -8.10 -15.06 18.59
CA GLU A 81 -7.99 -13.63 18.38
C GLU A 81 -6.54 -13.18 18.33
N THR A 82 -5.69 -13.86 19.09
CA THR A 82 -4.27 -13.54 19.12
C THR A 82 -3.62 -13.87 17.79
N THR A 83 -4.23 -14.80 17.06
CA THR A 83 -3.74 -15.16 15.75
C THR A 83 -4.12 -14.08 14.76
N GLN A 84 -5.34 -13.58 14.91
CA GLN A 84 -5.83 -12.49 14.10
C GLN A 84 -4.97 -11.25 14.35
N LYS A 85 -4.69 -11.02 15.62
CA LYS A 85 -3.91 -9.89 16.07
C LYS A 85 -2.42 -10.03 15.70
N ALA A 86 -1.86 -11.21 15.92
CA ALA A 86 -0.44 -11.44 15.64
C ALA A 86 -0.16 -11.30 14.16
N ARG A 87 -1.09 -11.76 13.35
CA ARG A 87 -0.98 -11.62 11.91
C ARG A 87 -1.07 -10.15 11.53
N PHE A 88 -2.04 -9.45 12.12
CA PHE A 88 -2.23 -8.03 11.88
C PHE A 88 -1.00 -7.24 12.26
N GLU A 89 -0.46 -7.49 13.44
CA GLU A 89 0.73 -6.79 13.92
C GLU A 89 1.89 -7.02 12.97
N MET A 90 2.10 -8.27 12.57
CA MET A 90 3.18 -8.63 11.68
C MET A 90 2.99 -7.97 10.31
N VAL A 91 1.76 -8.03 9.79
CA VAL A 91 1.44 -7.39 8.52
C VAL A 91 1.65 -5.89 8.60
N LEU A 92 1.15 -5.27 9.67
CA LEU A 92 1.30 -3.84 9.87
C LEU A 92 2.77 -3.47 9.95
N ASP A 93 3.55 -4.29 10.65
CA ASP A 93 4.99 -4.08 10.76
C ASP A 93 5.64 -4.13 9.38
N LEU A 94 5.25 -5.12 8.61
CA LEU A 94 5.71 -5.26 7.24
C LEU A 94 5.31 -4.05 6.40
N MET A 95 4.06 -3.63 6.53
CA MET A 95 3.55 -2.47 5.82
C MET A 95 4.33 -1.22 6.21
N GLN A 96 4.69 -1.13 7.49
CA GLN A 96 5.52 -0.03 8.00
C GLN A 96 6.85 0.03 7.28
N GLN A 97 7.48 -1.12 7.09
CA GLN A 97 8.79 -1.20 6.47
C GLN A 97 8.73 -0.88 4.99
N LEU A 98 7.77 -1.48 4.30
CA LEU A 98 7.69 -1.38 2.86
C LEU A 98 7.29 0.02 2.42
N GLN A 99 6.36 0.66 3.16
CA GLN A 99 5.99 2.04 2.86
C GLN A 99 7.20 2.95 3.02
N ASP A 100 8.04 2.60 3.99
CA ASP A 100 9.28 3.33 4.28
C ASP A 100 10.35 3.02 3.22
N LEU A 101 10.12 1.98 2.45
CA LEU A 101 11.06 1.54 1.43
C LEU A 101 10.72 2.16 0.09
N GLY A 102 9.52 2.68 -0.03
CA GLY A 102 9.10 3.33 -1.25
C GLY A 102 7.86 2.70 -1.84
N HIS A 103 7.19 3.45 -2.70
CA HIS A 103 5.99 2.96 -3.35
C HIS A 103 6.33 2.15 -4.60
N PRO A 104 5.44 1.24 -5.00
CA PRO A 104 5.57 0.54 -6.28
C PRO A 104 5.33 1.50 -7.44
N PRO A 105 5.81 1.17 -8.65
CA PRO A 105 5.70 2.05 -9.80
C PRO A 105 4.26 2.21 -10.26
N LYS A 106 3.94 3.36 -10.85
CA LYS A 106 2.59 3.67 -11.31
C LYS A 106 2.10 2.63 -12.33
N GLU A 107 3.02 2.09 -13.13
CA GLU A 107 2.68 1.07 -14.10
C GLU A 107 2.15 -0.18 -13.39
N LEU A 108 2.69 -0.44 -12.21
CA LEU A 108 2.28 -1.57 -11.41
C LEU A 108 1.10 -1.21 -10.51
N ALA A 109 0.83 0.07 -10.38
CA ALA A 109 -0.27 0.54 -9.56
C ALA A 109 -1.39 1.05 -10.44
N GLY A 110 -1.30 0.74 -11.73
CA GLY A 110 -2.22 1.28 -12.72
C GLY A 110 -3.65 0.81 -12.58
N GLU A 111 -3.94 0.06 -11.53
CA GLU A 111 -5.28 -0.40 -11.24
C GLU A 111 -5.92 0.50 -10.20
N MET A 112 -5.10 1.30 -9.54
CA MET A 112 -5.56 2.15 -8.45
C MET A 112 -6.18 3.43 -9.00
N PRO A 113 -7.18 3.99 -8.31
CA PRO A 113 -7.81 5.24 -8.70
C PRO A 113 -6.85 6.42 -8.59
N PRO A 114 -6.49 7.03 -9.74
CA PRO A 114 -5.52 8.13 -9.79
C PRO A 114 -5.80 9.21 -8.76
N GLY A 115 -4.93 9.29 -7.75
CA GLY A 115 -5.09 10.27 -6.71
C GLY A 115 -4.59 9.77 -5.37
N LEU A 116 -4.93 8.53 -5.05
CA LEU A 116 -4.59 7.95 -3.75
C LEU A 116 -3.14 7.45 -3.73
N ASN A 117 -2.27 8.10 -4.50
CA ASN A 117 -0.88 7.67 -4.67
C ASN A 117 -0.15 7.60 -3.33
N PHE A 118 0.98 6.91 -3.33
CA PHE A 118 1.69 6.63 -2.11
C PHE A 118 3.08 7.25 -2.14
N ASP A 119 3.19 8.46 -1.64
CA ASP A 119 4.46 9.19 -1.64
C ASP A 119 5.19 8.96 -0.33
N LEU A 120 6.45 8.52 -0.43
CA LEU A 120 7.22 8.12 0.75
C LEU A 120 7.26 9.22 1.79
N ASP A 121 7.54 10.44 1.36
CA ASP A 121 7.60 11.57 2.29
C ASP A 121 6.30 11.72 3.05
N ALA A 122 5.19 11.62 2.33
CA ALA A 122 3.86 11.79 2.92
C ALA A 122 3.50 10.59 3.80
N LEU A 123 4.06 9.44 3.48
CA LEU A 123 3.84 8.24 4.26
C LEU A 123 4.71 8.27 5.51
N ASN A 124 5.86 8.90 5.36
CA ASN A 124 6.86 8.97 6.42
C ASN A 124 6.49 10.02 7.45
N LEU A 125 5.85 11.09 6.98
CA LEU A 125 5.54 12.25 7.81
C LEU A 125 6.84 12.92 8.26
N SER A 126 7.79 12.97 7.33
CA SER A 126 9.12 13.49 7.60
C SER A 126 9.08 14.90 8.20
N GLY A 127 8.27 15.77 7.62
CA GLY A 127 8.21 17.14 8.07
C GLY A 127 6.91 17.81 7.72
N PRO A 128 5.83 17.51 8.45
CA PRO A 128 4.52 18.11 8.23
C PRO A 128 4.40 19.47 8.92
N PRO A 129 3.54 20.36 8.42
CA PRO A 129 3.29 21.68 9.04
C PRO A 129 2.68 21.55 10.43
N GLY A 130 2.16 20.38 10.73
CA GLY A 130 1.59 20.12 12.03
C GLY A 130 0.59 18.99 11.99
N ALA A 131 1.05 17.82 11.58
CA ALA A 131 0.17 16.68 11.43
C ALA A 131 0.44 15.64 12.52
N SER A 132 -0.62 15.16 13.14
CA SER A 132 -0.51 14.18 14.20
C SER A 132 -0.19 12.80 13.63
N GLY A 133 -0.76 12.50 12.48
CA GLY A 133 -0.50 11.22 11.85
C GLY A 133 -1.36 11.00 10.62
N GLU A 134 -1.13 11.80 9.58
CA GLU A 134 -1.82 11.62 8.31
C GLU A 134 -1.36 10.34 7.64
N GLN A 135 -2.19 9.31 7.69
CA GLN A 135 -1.84 8.02 7.12
C GLN A 135 -2.86 7.60 6.06
N CYS A 136 -2.83 6.33 5.70
CA CYS A 136 -3.61 5.83 4.59
C CYS A 136 -4.74 4.94 5.10
N LEU A 137 -4.35 3.75 5.55
CA LEU A 137 -5.29 2.80 6.13
C LEU A 137 -4.79 2.36 7.50
N ILE A 138 -3.75 3.05 7.96
CA ILE A 138 -3.08 2.68 9.20
C ILE A 138 -3.80 3.28 10.39
N MET A 139 -3.65 4.58 10.59
CA MET A 139 -4.28 5.26 11.69
C MET A 139 -5.05 6.47 11.18
C1 FAR B . -0.30 4.71 4.90
C2 FAR B . -0.18 3.21 4.62
C3 FAR B . 0.64 2.60 3.80
C5 FAR B . 0.60 1.11 3.68
C6 FAR B . -0.34 0.57 2.63
C7 FAR B . 0.18 0.81 1.21
C8 FAR B . 1.27 0.29 0.66
C9 FAR B . 1.68 0.62 -0.75
C11 FAR B . 1.02 -0.23 -1.83
C12 FAR B . -0.47 -0.41 -1.61
C13 FAR B . -1.43 -0.45 -2.52
C14 FAR B . -1.17 -0.27 -3.99
C15 FAR B . -2.87 -0.63 -2.13
C4 FAR B . 1.59 3.31 2.87
C10 FAR B . 2.13 -0.72 1.36
H11 FAR B . -0.89 4.86 5.79
H12A FAR B . 0.66 5.09 5.08
H2 FAR B . -0.88 2.63 5.20
H51 FAR B . 0.31 0.71 4.65
H52 FAR B . 1.60 0.76 3.46
H61 FAR B . -0.47 -0.49 2.78
H62 FAR B . -1.29 1.06 2.73
H7 FAR B . -0.44 1.47 0.64
H91 FAR B . 2.75 0.50 -0.83
H92 FAR B . 1.42 1.64 -0.94
H111 FAR B . 1.19 0.24 -2.78
H112 FAR B . 1.49 -1.21 -1.83
H12 FAR B . -0.73 -0.55 -0.57
H141 FAR B . -0.57 -1.09 -4.35
H142 FAR B . -2.11 -0.26 -4.51
H143 FAR B . -0.66 0.66 -4.16
H151 FAR B . -3.40 0.30 -2.30
H152 FAR B . -3.31 -1.41 -2.73
H153 FAR B . -2.93 -0.90 -1.09
H41 FAR B . 2.22 3.97 3.45
H42 FAR B . 1.03 3.88 2.15
H43 FAR B . 2.20 2.58 2.36
H101 FAR B . 3.07 -0.26 1.65
H102 FAR B . 2.33 -1.55 0.70
H103 FAR B . 1.63 -1.08 2.24
N GLY A 1 -26.60 11.84 -16.59
CA GLY A 1 -27.05 13.15 -16.07
C GLY A 1 -26.01 13.78 -15.17
N MET A 2 -26.44 14.27 -14.02
CA MET A 2 -25.51 14.79 -13.02
C MET A 2 -24.87 13.63 -12.29
N ASP A 3 -23.87 13.02 -12.91
CA ASP A 3 -23.23 11.84 -12.35
C ASP A 3 -21.76 12.10 -12.14
N GLU A 4 -21.19 11.41 -11.15
CA GLU A 4 -19.76 11.45 -10.87
C GLU A 4 -19.29 12.85 -10.51
N GLY A 5 -19.42 13.20 -9.24
CA GLY A 5 -19.00 14.50 -8.76
C GLY A 5 -17.64 14.43 -8.08
N ASP A 6 -16.90 13.37 -8.39
CA ASP A 6 -15.59 13.17 -7.81
C ASP A 6 -14.63 14.25 -8.27
N GLY A 7 -14.04 14.96 -7.32
CA GLY A 7 -13.12 16.03 -7.65
C GLY A 7 -13.76 17.39 -7.42
N GLU A 8 -15.04 17.41 -7.13
CA GLU A 8 -15.75 18.65 -6.85
C GLU A 8 -15.54 19.07 -5.40
N GLY A 9 -15.04 20.28 -5.21
CA GLY A 9 -14.82 20.79 -3.88
C GLY A 9 -13.47 20.39 -3.34
N ASN A 10 -13.40 20.18 -2.04
CA ASN A 10 -12.18 19.74 -1.39
C ASN A 10 -12.41 18.42 -0.67
N ILE A 11 -12.19 17.32 -1.39
CA ILE A 11 -12.36 15.99 -0.83
C ILE A 11 -11.08 15.53 -0.16
N LEU A 12 -10.10 16.43 -0.15
CA LEU A 12 -8.77 16.16 0.39
C LEU A 12 -8.82 15.49 1.76
N PRO A 13 -9.52 16.09 2.76
CA PRO A 13 -9.58 15.54 4.11
C PRO A 13 -10.46 14.30 4.20
N ILE A 14 -11.37 14.16 3.24
CA ILE A 14 -12.24 13.00 3.18
C ILE A 14 -11.51 11.82 2.56
N MET A 15 -10.42 12.12 1.85
CA MET A 15 -9.67 11.10 1.11
C MET A 15 -9.14 10.01 2.02
N GLN A 16 -8.77 10.37 3.25
CA GLN A 16 -8.26 9.39 4.19
C GLN A 16 -9.30 8.31 4.50
N SER A 17 -10.58 8.70 4.53
CA SER A 17 -11.66 7.77 4.78
C SER A 17 -11.88 6.88 3.56
N ILE A 18 -11.91 7.51 2.39
CA ILE A 18 -12.12 6.80 1.14
C ILE A 18 -10.96 5.84 0.88
N MET A 19 -9.75 6.35 1.07
CA MET A 19 -8.53 5.59 0.86
C MET A 19 -8.51 4.37 1.77
N GLN A 20 -8.95 4.55 3.00
CA GLN A 20 -8.97 3.46 3.97
C GLN A 20 -9.98 2.38 3.57
N ASN A 21 -11.11 2.79 3.00
CA ASN A 21 -12.11 1.83 2.55
C ASN A 21 -11.61 1.05 1.34
N LEU A 22 -11.09 1.77 0.36
CA LEU A 22 -10.63 1.15 -0.88
C LEU A 22 -9.42 0.26 -0.64
N LEU A 23 -8.67 0.55 0.43
CA LEU A 23 -7.46 -0.19 0.72
C LEU A 23 -7.67 -1.11 1.91
N SER A 24 -8.92 -1.36 2.26
CA SER A 24 -9.24 -2.29 3.33
C SER A 24 -8.76 -3.69 2.97
N LYS A 25 -8.61 -4.56 3.96
CA LYS A 25 -8.06 -5.90 3.75
C LYS A 25 -8.81 -6.65 2.65
N ASP A 26 -10.09 -6.30 2.48
CA ASP A 26 -10.92 -6.89 1.43
C ASP A 26 -10.29 -6.70 0.06
N VAL A 27 -10.02 -5.45 -0.32
CA VAL A 27 -9.44 -5.15 -1.63
C VAL A 27 -7.91 -5.22 -1.58
N LEU A 28 -7.36 -4.87 -0.44
CA LEU A 28 -5.91 -4.79 -0.27
C LEU A 28 -5.24 -6.12 -0.63
N TYR A 29 -5.81 -7.23 -0.15
CA TYR A 29 -5.23 -8.54 -0.40
C TYR A 29 -5.03 -8.83 -1.90
N PRO A 30 -6.11 -8.82 -2.73
CA PRO A 30 -5.99 -9.08 -4.17
C PRO A 30 -5.11 -8.05 -4.89
N SER A 31 -5.24 -6.79 -4.50
CA SER A 31 -4.45 -5.73 -5.13
C SER A 31 -2.96 -5.93 -4.87
N LEU A 32 -2.62 -6.27 -3.63
CA LEU A 32 -1.23 -6.51 -3.28
C LEU A 32 -0.74 -7.78 -3.95
N LYS A 33 -1.59 -8.80 -3.97
CA LYS A 33 -1.26 -10.07 -4.60
C LYS A 33 -1.04 -9.88 -6.10
N GLU A 34 -1.86 -9.05 -6.72
CA GLU A 34 -1.71 -8.73 -8.13
C GLU A 34 -0.37 -8.05 -8.39
N ILE A 35 -0.07 -7.04 -7.60
CA ILE A 35 1.13 -6.24 -7.80
C ILE A 35 2.39 -7.04 -7.49
N THR A 36 2.33 -7.90 -6.49
CA THR A 36 3.47 -8.71 -6.14
C THR A 36 3.86 -9.66 -7.26
N GLU A 37 2.87 -10.23 -7.93
CA GLU A 37 3.13 -11.16 -9.02
C GLU A 37 3.60 -10.42 -10.25
N LYS A 38 3.30 -9.14 -10.31
CA LYS A 38 3.69 -8.30 -11.44
C LYS A 38 5.03 -7.62 -11.20
N TYR A 39 5.33 -7.39 -9.92
CA TYR A 39 6.56 -6.70 -9.52
C TYR A 39 7.82 -7.28 -10.16
N PRO A 40 8.05 -8.62 -10.09
CA PRO A 40 9.27 -9.23 -10.63
C PRO A 40 9.40 -8.99 -12.15
N GLU A 41 8.25 -8.98 -12.82
CA GLU A 41 8.22 -8.73 -14.26
C GLU A 41 8.68 -7.31 -14.57
N TRP A 42 8.15 -6.36 -13.82
CA TRP A 42 8.46 -4.97 -14.03
C TRP A 42 9.93 -4.70 -13.69
N LEU A 43 10.36 -5.24 -12.56
CA LEU A 43 11.74 -5.12 -12.13
C LEU A 43 12.72 -5.75 -13.11
N GLN A 44 12.38 -6.94 -13.59
CA GLN A 44 13.27 -7.66 -14.52
C GLN A 44 13.47 -6.89 -15.82
N SER A 45 12.39 -6.31 -16.31
CA SER A 45 12.43 -5.59 -17.58
C SER A 45 13.26 -4.33 -17.46
N HIS A 46 13.04 -3.57 -16.40
CA HIS A 46 13.70 -2.29 -16.17
C HIS A 46 14.98 -2.47 -15.36
N ARG A 47 15.31 -3.71 -15.04
CA ARG A 47 16.43 -3.99 -14.14
C ARG A 47 17.72 -3.37 -14.69
N GLU A 48 17.85 -3.36 -16.00
CA GLU A 48 19.05 -2.84 -16.66
C GLU A 48 19.10 -1.32 -16.55
N SER A 49 17.93 -0.72 -16.45
CA SER A 49 17.82 0.73 -16.36
C SER A 49 17.64 1.18 -14.91
N LEU A 50 17.43 0.22 -14.03
CA LEU A 50 17.20 0.51 -12.62
C LEU A 50 18.51 0.50 -11.84
N PRO A 51 18.78 1.59 -11.10
CA PRO A 51 19.94 1.67 -10.23
C PRO A 51 19.86 0.64 -9.11
N PRO A 52 21.02 0.08 -8.71
CA PRO A 52 21.08 -0.95 -7.68
C PRO A 52 20.36 -0.54 -6.39
N GLU A 53 20.54 0.71 -5.99
CA GLU A 53 19.97 1.19 -4.74
C GLU A 53 18.44 1.18 -4.81
N GLN A 54 17.91 1.60 -5.95
CA GLN A 54 16.47 1.65 -6.12
C GLN A 54 15.90 0.25 -6.33
N PHE A 55 16.65 -0.56 -7.08
CA PHE A 55 16.27 -1.93 -7.41
C PHE A 55 16.12 -2.76 -6.15
N GLU A 56 17.10 -2.63 -5.25
CA GLU A 56 17.08 -3.35 -3.99
C GLU A 56 15.80 -3.08 -3.21
N LYS A 57 15.48 -1.80 -3.02
CA LYS A 57 14.30 -1.39 -2.26
C LYS A 57 13.05 -1.99 -2.90
N TYR A 58 13.01 -1.99 -4.22
CA TYR A 58 11.84 -2.49 -4.95
C TYR A 58 11.68 -3.99 -4.75
N GLN A 59 12.80 -4.70 -4.65
CA GLN A 59 12.78 -6.13 -4.38
C GLN A 59 12.22 -6.41 -3.00
N GLU A 60 12.57 -5.53 -2.06
CA GLU A 60 12.11 -5.69 -0.69
C GLU A 60 10.61 -5.44 -0.59
N GLN A 61 10.14 -4.44 -1.32
CA GLN A 61 8.71 -4.16 -1.37
C GLN A 61 7.95 -5.35 -1.94
N HIS A 62 8.52 -5.97 -2.98
CA HIS A 62 7.95 -7.18 -3.55
C HIS A 62 7.91 -8.28 -2.50
N SER A 63 9.02 -8.47 -1.80
CA SER A 63 9.13 -9.51 -0.79
C SER A 63 8.15 -9.25 0.36
N VAL A 64 8.17 -8.03 0.86
CA VAL A 64 7.30 -7.65 1.98
C VAL A 64 5.82 -7.75 1.63
N MET A 65 5.44 -7.19 0.48
CA MET A 65 4.05 -7.24 0.04
C MET A 65 3.56 -8.67 -0.11
N CYS A 66 4.44 -9.55 -0.58
CA CYS A 66 4.13 -10.98 -0.70
C CYS A 66 3.79 -11.58 0.65
N LYS A 67 4.58 -11.22 1.67
CA LYS A 67 4.39 -11.76 3.01
C LYS A 67 3.02 -11.42 3.53
N ILE A 68 2.62 -10.18 3.27
CA ILE A 68 1.32 -9.68 3.67
C ILE A 68 0.20 -10.48 3.03
N CYS A 69 0.33 -10.72 1.72
CA CYS A 69 -0.66 -11.51 0.99
C CYS A 69 -0.70 -12.94 1.52
N GLU A 70 0.49 -13.49 1.80
CA GLU A 70 0.61 -14.84 2.32
C GLU A 70 -0.18 -15.00 3.60
N GLN A 71 -0.20 -13.96 4.42
CA GLN A 71 -0.88 -14.03 5.69
C GLN A 71 -2.39 -14.11 5.51
N PHE A 72 -2.93 -13.31 4.60
CA PHE A 72 -4.37 -13.23 4.42
C PHE A 72 -4.91 -14.43 3.65
N GLU A 73 -4.12 -14.95 2.72
CA GLU A 73 -4.48 -16.17 2.01
C GLU A 73 -4.36 -17.38 2.93
N ALA A 74 -3.60 -17.20 4.00
CA ALA A 74 -3.38 -18.26 4.98
C ALA A 74 -4.20 -18.00 6.23
N GLU A 75 -5.15 -17.09 6.15
CA GLU A 75 -6.00 -16.75 7.27
C GLU A 75 -7.28 -17.56 7.26
N THR A 76 -7.71 -17.94 8.45
CA THR A 76 -8.94 -18.70 8.63
C THR A 76 -9.84 -18.00 9.63
N PRO A 77 -11.16 -18.16 9.49
CA PRO A 77 -12.12 -17.64 10.47
C PRO A 77 -12.02 -18.39 11.79
N THR A 78 -11.28 -19.50 11.76
CA THR A 78 -11.14 -20.37 12.92
C THR A 78 -9.90 -20.00 13.72
N ASP A 79 -9.06 -19.12 13.17
CA ASP A 79 -7.92 -18.59 13.90
C ASP A 79 -8.37 -17.84 15.16
N SER A 80 -7.57 -17.93 16.21
CA SER A 80 -7.89 -17.28 17.47
C SER A 80 -7.75 -15.76 17.36
N GLU A 81 -8.32 -15.05 18.33
CA GLU A 81 -8.23 -13.60 18.38
C GLU A 81 -6.77 -13.16 18.50
N THR A 82 -5.97 -13.96 19.18
CA THR A 82 -4.56 -13.65 19.35
C THR A 82 -3.84 -13.85 18.01
N THR A 83 -4.40 -14.73 17.19
CA THR A 83 -3.87 -14.99 15.87
C THR A 83 -4.21 -13.83 14.95
N GLN A 84 -5.43 -13.33 15.11
CA GLN A 84 -5.88 -12.17 14.36
C GLN A 84 -5.00 -10.97 14.67
N LYS A 85 -4.69 -10.80 15.94
CA LYS A 85 -3.85 -9.69 16.38
C LYS A 85 -2.40 -9.90 15.93
N ALA A 86 -1.89 -11.12 16.13
CA ALA A 86 -0.51 -11.44 15.81
C ALA A 86 -0.24 -11.31 14.32
N ARG A 87 -1.25 -11.64 13.52
CA ARG A 87 -1.17 -11.51 12.09
C ARG A 87 -1.22 -10.03 11.71
N PHE A 88 -2.14 -9.31 12.34
CA PHE A 88 -2.31 -7.89 12.09
C PHE A 88 -1.03 -7.12 12.44
N GLU A 89 -0.47 -7.39 13.61
CA GLU A 89 0.73 -6.70 14.06
C GLU A 89 1.89 -6.96 13.11
N MET A 90 2.08 -8.22 12.75
CA MET A 90 3.18 -8.60 11.86
C MET A 90 3.00 -7.99 10.48
N VAL A 91 1.78 -8.06 9.96
CA VAL A 91 1.46 -7.49 8.66
C VAL A 91 1.64 -5.97 8.67
N LEU A 92 1.09 -5.33 9.68
CA LEU A 92 1.19 -3.89 9.83
C LEU A 92 2.65 -3.46 9.92
N ASP A 93 3.44 -4.22 10.66
CA ASP A 93 4.87 -3.96 10.80
C ASP A 93 5.55 -4.02 9.44
N LEU A 94 5.21 -5.06 8.68
CA LEU A 94 5.74 -5.23 7.33
C LEU A 94 5.34 -4.06 6.44
N MET A 95 4.08 -3.66 6.55
CA MET A 95 3.56 -2.52 5.79
C MET A 95 4.33 -1.25 6.12
N GLN A 96 4.69 -1.11 7.38
CA GLN A 96 5.48 0.02 7.85
C GLN A 96 6.86 0.03 7.21
N GLN A 97 7.47 -1.13 7.06
CA GLN A 97 8.81 -1.24 6.49
C GLN A 97 8.79 -0.97 5.00
N LEU A 98 7.81 -1.54 4.32
CA LEU A 98 7.76 -1.43 2.87
C LEU A 98 7.42 -0.01 2.42
N GLN A 99 6.53 0.67 3.15
CA GLN A 99 6.24 2.06 2.85
C GLN A 99 7.50 2.91 3.07
N ASP A 100 8.30 2.51 4.06
CA ASP A 100 9.56 3.18 4.39
C ASP A 100 10.64 2.83 3.36
N LEU A 101 10.38 1.78 2.58
CA LEU A 101 11.30 1.33 1.55
C LEU A 101 10.97 1.97 0.20
N GLY A 102 9.76 2.48 0.08
CA GLY A 102 9.33 3.13 -1.13
C GLY A 102 8.02 2.59 -1.65
N HIS A 103 7.36 3.38 -2.47
CA HIS A 103 6.09 2.97 -3.06
C HIS A 103 6.35 2.22 -4.37
N PRO A 104 5.41 1.34 -4.76
CA PRO A 104 5.50 0.66 -6.05
C PRO A 104 5.26 1.64 -7.20
N PRO A 105 5.75 1.34 -8.41
CA PRO A 105 5.59 2.20 -9.57
C PRO A 105 4.11 2.37 -9.96
N LYS A 106 3.78 3.52 -10.54
CA LYS A 106 2.41 3.80 -10.96
C LYS A 106 1.95 2.78 -11.98
N GLU A 107 2.90 2.27 -12.75
CA GLU A 107 2.62 1.27 -13.79
C GLU A 107 2.07 0.01 -13.14
N LEU A 108 2.60 -0.31 -11.96
CA LEU A 108 2.17 -1.47 -11.20
C LEU A 108 1.00 -1.14 -10.29
N ALA A 109 0.71 0.15 -10.16
CA ALA A 109 -0.38 0.60 -9.32
C ALA A 109 -1.53 1.06 -10.20
N GLY A 110 -1.44 0.70 -11.47
CA GLY A 110 -2.40 1.12 -12.48
C GLY A 110 -3.86 0.99 -12.07
N GLU A 111 -4.20 -0.04 -11.29
CA GLU A 111 -5.57 -0.28 -10.87
C GLU A 111 -6.02 0.68 -9.77
N MET A 112 -5.09 1.49 -9.29
CA MET A 112 -5.40 2.44 -8.23
C MET A 112 -5.89 3.74 -8.82
N PRO A 113 -6.96 4.29 -8.25
CA PRO A 113 -7.52 5.59 -8.62
C PRO A 113 -6.45 6.69 -8.67
N PRO A 114 -6.53 7.60 -9.64
CA PRO A 114 -5.61 8.74 -9.72
C PRO A 114 -5.90 9.78 -8.64
N GLY A 115 -5.31 9.56 -7.47
CA GLY A 115 -5.53 10.46 -6.36
C GLY A 115 -4.99 9.91 -5.06
N LEU A 116 -5.37 8.67 -4.73
CA LEU A 116 -4.97 8.06 -3.47
C LEU A 116 -3.57 7.46 -3.57
N ASN A 117 -2.74 8.06 -4.42
CA ASN A 117 -1.42 7.53 -4.70
C ASN A 117 -0.53 7.58 -3.47
N PHE A 118 0.57 6.86 -3.54
CA PHE A 118 1.43 6.65 -2.38
C PHE A 118 2.79 7.29 -2.62
N ASP A 119 3.09 8.32 -1.85
CA ASP A 119 4.38 9.00 -1.96
C ASP A 119 5.24 8.67 -0.75
N LEU A 120 6.48 8.28 -0.98
CA LEU A 120 7.35 7.80 0.10
C LEU A 120 7.52 8.86 1.18
N ASP A 121 7.77 10.09 0.77
CA ASP A 121 7.94 11.19 1.73
C ASP A 121 6.68 11.37 2.57
N ALA A 122 5.53 11.29 1.90
CA ALA A 122 4.25 11.47 2.56
C ALA A 122 3.94 10.30 3.49
N LEU A 123 4.40 9.13 3.11
CA LEU A 123 4.21 7.92 3.91
C LEU A 123 5.15 7.95 5.10
N ASN A 124 6.36 8.42 4.84
CA ASN A 124 7.41 8.46 5.84
C ASN A 124 7.14 9.61 6.82
N LEU A 125 6.25 10.51 6.41
CA LEU A 125 5.89 11.68 7.21
C LEU A 125 7.08 12.61 7.38
N SER A 126 7.96 12.62 6.40
CA SER A 126 9.10 13.52 6.39
C SER A 126 8.62 14.94 6.08
N GLY A 127 7.64 15.04 5.20
CA GLY A 127 7.02 16.31 4.90
C GLY A 127 5.51 16.20 4.83
N PRO A 128 4.85 16.05 5.99
CA PRO A 128 3.41 15.86 6.06
C PRO A 128 2.64 17.18 6.00
N PRO A 129 1.50 17.20 5.30
CA PRO A 129 0.65 18.39 5.19
C PRO A 129 0.25 18.95 6.56
N GLY A 130 -0.19 18.08 7.44
CA GLY A 130 -0.60 18.51 8.77
C GLY A 130 0.29 17.95 9.86
N ALA A 131 0.99 16.85 9.55
CA ALA A 131 1.93 16.22 10.48
C ALA A 131 1.20 15.60 11.67
N SER A 132 -0.11 15.52 11.54
CA SER A 132 -0.95 14.95 12.59
C SER A 132 -0.98 13.44 12.45
N GLY A 133 -1.13 12.98 11.22
CA GLY A 133 -1.17 11.56 10.95
C GLY A 133 -1.88 11.26 9.66
N GLU A 134 -1.56 12.03 8.62
CA GLU A 134 -2.11 11.82 7.30
C GLU A 134 -1.65 10.46 6.76
N GLN A 135 -2.50 9.46 6.91
CA GLN A 135 -2.15 8.11 6.54
C GLN A 135 -3.14 7.54 5.55
N CYS A 136 -3.03 6.25 5.30
CA CYS A 136 -3.83 5.59 4.29
C CYS A 136 -4.88 4.72 4.97
N LEU A 137 -4.42 3.62 5.55
CA LEU A 137 -5.28 2.70 6.28
C LEU A 137 -4.70 2.47 7.66
N ILE A 138 -3.66 3.22 7.97
CA ILE A 138 -2.87 3.02 9.17
C ILE A 138 -3.40 3.83 10.35
N MET A 139 -3.15 5.14 10.33
CA MET A 139 -3.59 6.01 11.42
C MET A 139 -4.96 6.58 11.12
C1 FAR B . -0.41 4.67 4.48
C2 FAR B . -0.28 3.16 4.36
C3 FAR B . 0.57 2.47 3.62
C5 FAR B . 0.54 0.97 3.65
C6 FAR B . -0.39 0.35 2.62
C7 FAR B . 0.07 0.59 1.20
C8 FAR B . 1.20 0.14 0.65
C9 FAR B . 1.56 0.49 -0.79
C11 FAR B . 0.86 -0.34 -1.84
C12 FAR B . -0.62 -0.53 -1.54
C13 FAR B . -1.64 -0.52 -2.37
C14 FAR B . -1.50 -0.27 -3.86
C15 FAR B . -3.04 -0.70 -1.88
C4 FAR B . 1.59 3.08 2.69
C10 FAR B . 2.12 -0.80 1.34
H11 FAR B . -0.90 4.92 5.41
H12A FAR B . 0.56 5.08 4.52
H2 FAR B . -0.99 2.63 4.98
H51 FAR B . 0.22 0.67 4.64
H52 FAR B . 1.53 0.60 3.48
H61 FAR B . -0.44 -0.72 2.80
H62 FAR B . -1.38 0.77 2.75
H7 FAR B . -0.61 1.20 0.63
H91 FAR B . 2.62 0.36 -0.90
H92 FAR B . 1.31 1.52 -0.95
H111 FAR B . 0.96 0.16 -2.79
H112 FAR B . 1.33 -1.31 -1.89
H12 FAR B . -0.80 -0.71 -0.49
H141 FAR B . -1.40 0.79 -4.03
H142 FAR B . -0.62 -0.78 -4.22
H143 FAR B . -2.38 -0.64 -4.36
H151 FAR B . -3.02 -1.16 -0.90
H152 FAR B . -3.52 0.26 -1.82
H153 FAR B . -3.58 -1.34 -2.56
H41 FAR B . 1.08 3.53 1.85
H42 FAR B . 2.27 2.32 2.34
H43 FAR B . 2.14 3.85 3.22
H101 FAR B . 2.40 -1.59 0.66
H102 FAR B . 1.62 -1.22 2.20
H103 FAR B . 3.01 -0.27 1.65
N GLY A 1 -33.03 19.66 -13.36
CA GLY A 1 -33.82 18.61 -12.67
C GLY A 1 -32.97 17.43 -12.29
N MET A 2 -32.72 16.55 -13.26
CA MET A 2 -31.87 15.40 -13.03
C MET A 2 -30.41 15.78 -13.26
N ASP A 3 -29.99 16.85 -12.60
CA ASP A 3 -28.65 17.39 -12.75
C ASP A 3 -27.63 16.42 -12.17
N GLU A 4 -26.77 15.88 -13.02
CA GLU A 4 -25.75 14.95 -12.55
C GLU A 4 -24.58 15.72 -11.96
N GLY A 5 -24.36 15.53 -10.68
CA GLY A 5 -23.31 16.22 -9.98
C GLY A 5 -23.42 16.04 -8.50
N ASP A 6 -22.96 14.89 -8.01
CA ASP A 6 -23.04 14.57 -6.59
C ASP A 6 -21.67 14.15 -6.09
N GLY A 7 -21.51 14.14 -4.77
CA GLY A 7 -20.22 13.83 -4.18
C GLY A 7 -19.27 14.99 -4.34
N GLU A 8 -19.76 16.19 -4.08
CA GLU A 8 -18.95 17.39 -4.25
C GLU A 8 -18.47 17.91 -2.89
N GLY A 9 -17.91 19.11 -2.89
CA GLY A 9 -17.43 19.69 -1.66
C GLY A 9 -16.00 19.33 -1.39
N ASN A 10 -15.57 19.55 -0.15
CA ASN A 10 -14.21 19.20 0.23
C ASN A 10 -14.20 17.82 0.89
N ILE A 11 -14.00 16.80 0.07
CA ILE A 11 -13.95 15.43 0.55
C ILE A 11 -12.53 15.07 0.94
N LEU A 12 -11.64 16.04 0.75
CA LEU A 12 -10.21 15.89 1.05
C LEU A 12 -9.98 15.24 2.43
N PRO A 13 -10.55 15.80 3.51
CA PRO A 13 -10.34 15.27 4.86
C PRO A 13 -11.05 13.94 5.07
N ILE A 14 -12.08 13.69 4.27
CA ILE A 14 -12.82 12.43 4.32
C ILE A 14 -12.06 11.35 3.55
N MET A 15 -11.18 11.78 2.65
CA MET A 15 -10.47 10.86 1.76
C MET A 15 -9.64 9.85 2.54
N GLN A 16 -9.17 10.23 3.72
CA GLN A 16 -8.39 9.30 4.54
C GLN A 16 -9.26 8.13 5.02
N SER A 17 -10.54 8.41 5.28
CA SER A 17 -11.48 7.35 5.63
C SER A 17 -11.81 6.50 4.40
N ILE A 18 -11.97 7.17 3.27
CA ILE A 18 -12.26 6.48 2.01
C ILE A 18 -11.09 5.60 1.58
N MET A 19 -9.89 6.16 1.65
CA MET A 19 -8.67 5.43 1.30
C MET A 19 -8.49 4.24 2.23
N GLN A 20 -8.94 4.40 3.46
CA GLN A 20 -8.87 3.33 4.45
C GLN A 20 -9.79 2.19 4.06
N ASN A 21 -11.00 2.52 3.62
CA ASN A 21 -11.97 1.53 3.19
C ASN A 21 -11.53 0.87 1.89
N LEU A 22 -11.14 1.69 0.92
CA LEU A 22 -10.75 1.19 -0.40
C LEU A 22 -9.49 0.32 -0.31
N LEU A 23 -8.68 0.54 0.71
CA LEU A 23 -7.46 -0.23 0.88
C LEU A 23 -7.58 -1.20 2.06
N SER A 24 -8.80 -1.45 2.49
CA SER A 24 -9.03 -2.46 3.53
C SER A 24 -8.65 -3.84 2.98
N LYS A 25 -8.51 -4.84 3.86
CA LYS A 25 -8.04 -6.17 3.48
C LYS A 25 -8.86 -6.74 2.32
N ASP A 26 -10.11 -6.29 2.21
CA ASP A 26 -11.00 -6.72 1.15
C ASP A 26 -10.38 -6.47 -0.22
N VAL A 27 -10.05 -5.22 -0.54
CA VAL A 27 -9.45 -4.88 -1.82
C VAL A 27 -7.91 -4.98 -1.77
N LEU A 28 -7.34 -4.68 -0.62
CA LEU A 28 -5.88 -4.64 -0.47
C LEU A 28 -5.23 -5.96 -0.87
N TYR A 29 -5.78 -7.07 -0.40
CA TYR A 29 -5.20 -8.38 -0.66
C TYR A 29 -5.01 -8.65 -2.16
N PRO A 30 -6.08 -8.64 -2.98
CA PRO A 30 -5.96 -8.89 -4.42
C PRO A 30 -5.07 -7.88 -5.13
N SER A 31 -5.14 -6.63 -4.71
CA SER A 31 -4.32 -5.58 -5.32
C SER A 31 -2.84 -5.81 -5.04
N LEU A 32 -2.52 -6.15 -3.80
CA LEU A 32 -1.13 -6.40 -3.43
C LEU A 32 -0.64 -7.69 -4.08
N LYS A 33 -1.49 -8.69 -4.11
CA LYS A 33 -1.17 -9.97 -4.73
C LYS A 33 -0.94 -9.79 -6.24
N GLU A 34 -1.75 -8.94 -6.85
CA GLU A 34 -1.60 -8.63 -8.26
C GLU A 34 -0.24 -8.03 -8.54
N ILE A 35 0.12 -7.04 -7.74
CA ILE A 35 1.34 -6.28 -7.95
C ILE A 35 2.57 -7.12 -7.63
N THR A 36 2.47 -8.00 -6.64
CA THR A 36 3.58 -8.85 -6.27
C THR A 36 3.94 -9.81 -7.38
N GLU A 37 2.94 -10.33 -8.07
CA GLU A 37 3.17 -11.23 -9.19
C GLU A 37 3.71 -10.47 -10.39
N LYS A 38 3.41 -9.18 -10.44
CA LYS A 38 3.82 -8.34 -11.57
C LYS A 38 5.18 -7.70 -11.32
N TYR A 39 5.49 -7.49 -10.04
CA TYR A 39 6.73 -6.82 -9.64
C TYR A 39 7.96 -7.45 -10.30
N PRO A 40 8.13 -8.80 -10.23
CA PRO A 40 9.25 -9.49 -10.88
C PRO A 40 9.38 -9.12 -12.35
N GLU A 41 8.25 -9.14 -13.05
CA GLU A 41 8.21 -8.85 -14.48
C GLU A 41 8.67 -7.41 -14.76
N TRP A 42 8.13 -6.48 -13.99
CA TRP A 42 8.47 -5.08 -14.17
C TRP A 42 9.94 -4.85 -13.86
N LEU A 43 10.38 -5.39 -12.73
CA LEU A 43 11.76 -5.28 -12.30
C LEU A 43 12.71 -5.92 -13.29
N GLN A 44 12.37 -7.11 -13.78
CA GLN A 44 13.22 -7.84 -14.72
C GLN A 44 13.40 -7.05 -16.02
N SER A 45 12.34 -6.38 -16.43
CA SER A 45 12.34 -5.63 -17.68
C SER A 45 13.17 -4.36 -17.54
N HIS A 46 12.99 -3.67 -16.42
CA HIS A 46 13.68 -2.42 -16.14
C HIS A 46 14.97 -2.63 -15.39
N ARG A 47 15.31 -3.89 -15.15
CA ARG A 47 16.44 -4.24 -14.29
C ARG A 47 17.72 -3.61 -14.81
N GLU A 48 17.85 -3.56 -16.12
CA GLU A 48 19.06 -3.02 -16.76
C GLU A 48 19.13 -1.50 -16.59
N SER A 49 17.97 -0.88 -16.45
CA SER A 49 17.89 0.57 -16.32
C SER A 49 17.73 0.99 -14.86
N LEU A 50 17.51 0.02 -14.00
CA LEU A 50 17.23 0.30 -12.59
C LEU A 50 18.50 0.34 -11.76
N PRO A 51 18.68 1.44 -11.00
CA PRO A 51 19.80 1.60 -10.07
C PRO A 51 19.86 0.44 -9.08
N PRO A 52 21.07 -0.01 -8.72
CA PRO A 52 21.24 -1.11 -7.76
C PRO A 52 20.60 -0.80 -6.43
N GLU A 53 20.80 0.44 -5.97
CA GLU A 53 20.22 0.89 -4.71
C GLU A 53 18.70 0.86 -4.78
N GLN A 54 18.17 1.25 -5.92
CA GLN A 54 16.72 1.32 -6.10
C GLN A 54 16.11 -0.06 -6.27
N PHE A 55 16.79 -0.89 -7.06
CA PHE A 55 16.31 -2.23 -7.38
C PHE A 55 16.15 -3.07 -6.13
N GLU A 56 17.14 -2.97 -5.24
CA GLU A 56 17.09 -3.71 -3.99
C GLU A 56 15.84 -3.35 -3.19
N LYS A 57 15.59 -2.06 -3.02
CA LYS A 57 14.43 -1.59 -2.26
C LYS A 57 13.14 -2.12 -2.88
N TYR A 58 13.11 -2.18 -4.20
CA TYR A 58 11.93 -2.66 -4.91
C TYR A 58 11.73 -4.15 -4.63
N GLN A 59 12.82 -4.89 -4.50
CA GLN A 59 12.75 -6.29 -4.14
C GLN A 59 12.27 -6.43 -2.70
N GLU A 60 12.64 -5.47 -1.86
CA GLU A 60 12.22 -5.48 -0.46
C GLU A 60 10.71 -5.30 -0.40
N GLN A 61 10.21 -4.35 -1.18
CA GLN A 61 8.78 -4.11 -1.29
C GLN A 61 8.08 -5.34 -1.85
N HIS A 62 8.69 -5.95 -2.86
CA HIS A 62 8.19 -7.16 -3.48
C HIS A 62 8.09 -8.29 -2.45
N SER A 63 9.13 -8.44 -1.64
CA SER A 63 9.15 -9.47 -0.62
C SER A 63 8.11 -9.17 0.45
N VAL A 64 8.12 -7.94 0.94
CA VAL A 64 7.21 -7.55 2.01
C VAL A 64 5.75 -7.65 1.59
N MET A 65 5.41 -7.13 0.43
CA MET A 65 4.05 -7.21 -0.09
C MET A 65 3.59 -8.65 -0.22
N CYS A 66 4.51 -9.53 -0.64
CA CYS A 66 4.21 -10.96 -0.72
C CYS A 66 3.85 -11.52 0.64
N LYS A 67 4.64 -11.15 1.65
CA LYS A 67 4.44 -11.66 3.00
C LYS A 67 3.07 -11.29 3.52
N ILE A 68 2.68 -10.05 3.22
CA ILE A 68 1.38 -9.54 3.59
C ILE A 68 0.26 -10.36 2.95
N CYS A 69 0.39 -10.60 1.66
CA CYS A 69 -0.59 -11.40 0.93
C CYS A 69 -0.62 -12.82 1.49
N GLU A 70 0.56 -13.35 1.81
CA GLU A 70 0.69 -14.69 2.37
C GLU A 70 -0.15 -14.83 3.62
N GLN A 71 -0.15 -13.78 4.44
CA GLN A 71 -0.84 -13.84 5.72
C GLN A 71 -2.34 -13.97 5.52
N PHE A 72 -2.88 -13.21 4.58
CA PHE A 72 -4.32 -13.17 4.36
C PHE A 72 -4.79 -14.42 3.63
N GLU A 73 -3.99 -14.90 2.68
CA GLU A 73 -4.29 -16.13 1.95
C GLU A 73 -4.08 -17.36 2.83
N ALA A 74 -3.31 -17.17 3.91
CA ALA A 74 -3.04 -18.25 4.85
C ALA A 74 -3.87 -18.07 6.11
N GLU A 75 -4.78 -17.12 6.05
CA GLU A 75 -5.66 -16.84 7.17
C GLU A 75 -6.79 -17.86 7.21
N THR A 76 -7.20 -18.22 8.40
CA THR A 76 -8.28 -19.17 8.59
C THR A 76 -9.39 -18.56 9.44
N PRO A 77 -10.65 -18.92 9.17
CA PRO A 77 -11.79 -18.49 9.98
C PRO A 77 -11.70 -19.03 11.40
N THR A 78 -10.78 -19.97 11.61
CA THR A 78 -10.61 -20.59 12.90
C THR A 78 -9.53 -19.87 13.72
N ASP A 79 -8.82 -18.95 13.08
CA ASP A 79 -7.83 -18.13 13.77
C ASP A 79 -8.49 -17.30 14.86
N SER A 80 -7.87 -17.28 16.03
CA SER A 80 -8.42 -16.62 17.20
C SER A 80 -8.24 -15.11 17.12
N GLU A 81 -8.89 -14.40 18.05
CA GLU A 81 -8.83 -12.94 18.11
C GLU A 81 -7.39 -12.46 18.25
N THR A 82 -6.58 -13.22 18.99
CA THR A 82 -5.19 -12.87 19.20
C THR A 82 -4.41 -13.03 17.91
N THR A 83 -4.91 -13.89 17.05
CA THR A 83 -4.29 -14.14 15.76
C THR A 83 -4.63 -12.99 14.82
N GLN A 84 -5.86 -12.52 14.95
CA GLN A 84 -6.33 -11.39 14.15
C GLN A 84 -5.49 -10.17 14.46
N LYS A 85 -5.19 -9.99 15.75
CA LYS A 85 -4.35 -8.89 16.19
C LYS A 85 -2.91 -9.12 15.77
N ALA A 86 -2.41 -10.34 15.99
CA ALA A 86 -1.01 -10.66 15.73
C ALA A 86 -0.69 -10.56 14.25
N ARG A 87 -1.57 -11.11 13.43
CA ARG A 87 -1.42 -11.05 11.99
C ARG A 87 -1.44 -9.60 11.53
N PHE A 88 -2.35 -8.83 12.11
CA PHE A 88 -2.45 -7.41 11.82
C PHE A 88 -1.15 -6.70 12.18
N GLU A 89 -0.63 -6.98 13.36
CA GLU A 89 0.60 -6.35 13.84
C GLU A 89 1.77 -6.69 12.94
N MET A 90 1.91 -7.98 12.63
CA MET A 90 3.02 -8.45 11.79
C MET A 90 2.91 -7.86 10.39
N VAL A 91 1.71 -7.88 9.84
CA VAL A 91 1.45 -7.32 8.52
C VAL A 91 1.72 -5.82 8.52
N LEU A 92 1.19 -5.12 9.51
CA LEU A 92 1.38 -3.69 9.64
C LEU A 92 2.86 -3.35 9.79
N ASP A 93 3.59 -4.18 10.53
CA ASP A 93 5.03 -3.98 10.73
C ASP A 93 5.75 -4.02 9.39
N LEU A 94 5.38 -4.99 8.57
CA LEU A 94 5.95 -5.13 7.25
C LEU A 94 5.53 -3.95 6.36
N MET A 95 4.26 -3.57 6.45
CA MET A 95 3.72 -2.43 5.70
C MET A 95 4.47 -1.16 6.05
N GLN A 96 4.83 -1.02 7.33
CA GLN A 96 5.61 0.12 7.81
C GLN A 96 6.95 0.19 7.09
N GLN A 97 7.58 -0.96 6.92
CA GLN A 97 8.89 -1.04 6.30
C GLN A 97 8.81 -0.74 4.81
N LEU A 98 7.86 -1.36 4.15
CA LEU A 98 7.76 -1.26 2.70
C LEU A 98 7.37 0.15 2.28
N GLN A 99 6.47 0.80 3.02
CA GLN A 99 6.12 2.19 2.72
C GLN A 99 7.35 3.07 2.90
N ASP A 100 8.17 2.73 3.89
CA ASP A 100 9.42 3.44 4.17
C ASP A 100 10.50 3.07 3.15
N LEU A 101 10.24 2.03 2.38
CA LEU A 101 11.17 1.55 1.37
C LEU A 101 10.88 2.17 0.01
N GLY A 102 9.68 2.66 -0.15
CA GLY A 102 9.29 3.30 -1.39
C GLY A 102 8.04 2.71 -1.97
N HIS A 103 7.39 3.46 -2.84
CA HIS A 103 6.16 3.00 -3.46
C HIS A 103 6.45 2.24 -4.75
N PRO A 104 5.57 1.30 -5.11
CA PRO A 104 5.64 0.63 -6.41
C PRO A 104 5.31 1.61 -7.53
N PRO A 105 5.73 1.31 -8.76
CA PRO A 105 5.52 2.22 -9.89
C PRO A 105 4.06 2.35 -10.27
N LYS A 106 3.71 3.47 -10.89
CA LYS A 106 2.35 3.75 -11.31
C LYS A 106 1.84 2.67 -12.26
N GLU A 107 2.75 2.13 -13.07
CA GLU A 107 2.42 1.08 -14.02
C GLU A 107 1.96 -0.19 -13.30
N LEU A 108 2.55 -0.45 -12.15
CA LEU A 108 2.20 -1.61 -11.35
C LEU A 108 1.01 -1.31 -10.45
N ALA A 109 0.73 -0.02 -10.27
CA ALA A 109 -0.35 0.41 -9.41
C ALA A 109 -1.52 0.90 -10.25
N GLY A 110 -1.46 0.60 -11.55
CA GLY A 110 -2.43 1.09 -12.51
C GLY A 110 -3.84 0.56 -12.33
N GLU A 111 -4.12 -0.09 -11.20
CA GLU A 111 -5.46 -0.53 -10.88
C GLU A 111 -6.05 0.32 -9.78
N MET A 112 -5.27 1.28 -9.32
CA MET A 112 -5.68 2.16 -8.23
C MET A 112 -6.39 3.39 -8.79
N PRO A 113 -7.37 3.93 -8.04
CA PRO A 113 -8.08 5.16 -8.43
C PRO A 113 -7.15 6.37 -8.40
N PRO A 114 -7.15 7.18 -9.47
CA PRO A 114 -6.26 8.34 -9.59
C PRO A 114 -6.42 9.32 -8.43
N GLY A 115 -5.45 9.33 -7.52
CA GLY A 115 -5.47 10.28 -6.43
C GLY A 115 -4.87 9.73 -5.15
N LEU A 116 -5.23 8.51 -4.79
CA LEU A 116 -4.83 7.93 -3.52
C LEU A 116 -3.39 7.37 -3.58
N ASN A 117 -2.57 7.98 -4.44
CA ASN A 117 -1.22 7.50 -4.70
C ASN A 117 -0.38 7.50 -3.42
N PHE A 118 0.75 6.82 -3.49
CA PHE A 118 1.57 6.59 -2.31
C PHE A 118 2.94 7.22 -2.49
N ASP A 119 3.16 8.36 -1.84
CA ASP A 119 4.44 9.06 -1.94
C ASP A 119 5.25 8.86 -0.68
N LEU A 120 6.49 8.41 -0.82
CA LEU A 120 7.31 8.06 0.34
C LEU A 120 7.45 9.21 1.32
N ASP A 121 7.71 10.40 0.81
CA ASP A 121 7.84 11.57 1.69
C ASP A 121 6.54 11.82 2.44
N ALA A 122 5.43 11.70 1.74
CA ALA A 122 4.11 11.90 2.34
C ALA A 122 3.80 10.77 3.33
N LEU A 123 4.46 9.65 3.14
CA LEU A 123 4.28 8.48 4.00
C LEU A 123 5.30 8.49 5.13
N ASN A 124 6.25 9.39 5.06
CA ASN A 124 7.32 9.48 6.03
C ASN A 124 6.91 10.39 7.18
N LEU A 125 6.97 9.89 8.40
CA LEU A 125 6.56 10.66 9.56
C LEU A 125 7.75 11.39 10.17
N SER A 126 8.89 11.22 9.56
CA SER A 126 10.11 11.88 10.01
C SER A 126 10.23 13.24 9.33
N GLY A 127 9.15 13.99 9.36
CA GLY A 127 9.08 15.26 8.68
C GLY A 127 8.21 16.22 9.46
N PRO A 128 6.94 15.87 9.70
CA PRO A 128 6.06 16.62 10.59
C PRO A 128 6.67 16.85 11.97
N PRO A 129 6.18 17.84 12.72
CA PRO A 129 6.74 18.20 14.04
C PRO A 129 6.37 17.22 15.15
N GLY A 130 6.09 15.97 14.80
CA GLY A 130 5.76 14.97 15.78
C GLY A 130 4.43 14.33 15.49
N ALA A 131 4.01 14.39 14.23
CA ALA A 131 2.71 13.90 13.83
C ALA A 131 2.79 12.46 13.38
N SER A 132 1.67 11.75 13.50
CA SER A 132 1.58 10.37 13.05
C SER A 132 0.17 10.05 12.58
N GLY A 133 -0.59 11.09 12.28
CA GLY A 133 -1.95 10.92 11.84
C GLY A 133 -2.07 10.88 10.34
N GLU A 134 -0.97 11.21 9.66
CA GLU A 134 -0.89 11.12 8.22
C GLU A 134 -0.81 9.65 7.81
N GLN A 135 -1.97 9.00 7.78
CA GLN A 135 -2.03 7.58 7.50
C GLN A 135 -2.87 7.31 6.27
N CYS A 136 -2.91 6.05 5.87
CA CYS A 136 -3.64 5.63 4.68
C CYS A 136 -4.78 4.70 5.08
N LEU A 137 -4.40 3.50 5.50
CA LEU A 137 -5.35 2.51 6.00
C LEU A 137 -4.90 2.06 7.38
N ILE A 138 -3.84 2.70 7.85
CA ILE A 138 -3.17 2.31 9.07
C ILE A 138 -3.91 2.85 10.30
N MET A 139 -3.77 4.16 10.53
CA MET A 139 -4.43 4.84 11.64
C MET A 139 -3.99 4.26 12.99
C1 FAR B . -0.27 4.69 4.95
C2 FAR B . -0.09 3.20 4.61
C3 FAR B . 0.72 2.65 3.73
C5 FAR B . 0.74 1.16 3.56
C6 FAR B . -0.22 0.61 2.53
C7 FAR B . 0.23 0.87 1.10
C8 FAR B . 1.32 0.38 0.50
C9 FAR B . 1.66 0.71 -0.92
C11 FAR B . 0.99 -0.16 -1.97
C12 FAR B . -0.49 -0.39 -1.69
C13 FAR B . -1.48 -0.48 -2.56
C14 FAR B . -1.28 -0.36 -4.05
C15 FAR B . -2.89 -0.69 -2.13
C4 FAR B . 1.60 3.43 2.78
C10 FAR B . 2.22 -0.62 1.17
H11 FAR B . -0.86 4.78 5.84
H12A FAR B . 0.68 5.10 5.12
H2 FAR B . -0.74 2.56 5.19
H51 FAR B . 0.53 0.73 4.53
H52 FAR B . 1.74 0.88 3.28
H61 FAR B . -0.32 -0.46 2.69
H62 FAR B . -1.18 1.08 2.68
H7 FAR B . -0.43 1.52 0.56
H91 FAR B . 2.74 0.62 -1.03
H92 FAR B . 1.38 1.72 -1.10
H111 FAR B . 1.11 0.31 -2.93
H112 FAR B . 1.49 -1.12 -1.99
H12 FAR B . -0.70 -0.52 -0.64
H141 FAR B . -0.78 0.58 -4.27
H142 FAR B . -0.67 -1.18 -4.40
H143 FAR B . -2.24 -0.38 -4.55
H151 FAR B . -3.30 -1.57 -2.62
H152 FAR B . -2.92 -0.82 -1.06
H153 FAR B . -3.49 0.17 -2.40
H41 FAR B . 2.21 2.74 2.20
H42 FAR B . 2.25 4.08 3.35
H43 FAR B . 0.99 4.01 2.11
H101 FAR B . 1.73 -1.03 2.04
H102 FAR B . 3.14 -0.13 1.47
H103 FAR B . 2.45 -1.42 0.47
N GLY A 1 -35.94 20.39 -9.46
CA GLY A 1 -36.65 19.53 -8.48
C GLY A 1 -35.92 19.46 -7.16
N MET A 2 -35.48 18.26 -6.79
CA MET A 2 -34.77 18.07 -5.54
C MET A 2 -33.27 18.23 -5.77
N ASP A 3 -32.56 18.61 -4.73
CA ASP A 3 -31.13 18.85 -4.84
C ASP A 3 -30.41 18.27 -3.63
N GLU A 4 -29.16 17.89 -3.81
CA GLU A 4 -28.39 17.24 -2.75
C GLU A 4 -27.42 18.23 -2.09
N GLY A 5 -27.42 19.46 -2.57
CA GLY A 5 -26.52 20.46 -2.02
C GLY A 5 -25.11 20.28 -2.55
N ASP A 6 -24.16 20.08 -1.66
CA ASP A 6 -22.78 19.86 -2.04
C ASP A 6 -22.19 18.77 -1.16
N GLY A 7 -21.35 17.93 -1.74
CA GLY A 7 -20.68 16.90 -0.98
C GLY A 7 -19.34 16.53 -1.58
N GLU A 8 -18.72 17.49 -2.25
CA GLU A 8 -17.48 17.24 -2.98
C GLU A 8 -16.66 18.51 -3.07
N GLY A 9 -15.34 18.36 -3.23
CA GLY A 9 -14.47 19.50 -3.28
C GLY A 9 -13.76 19.71 -1.96
N ASN A 10 -14.37 19.23 -0.90
CA ASN A 10 -13.80 19.32 0.44
C ASN A 10 -13.57 17.93 1.00
N ILE A 11 -13.41 16.96 0.10
CA ILE A 11 -13.21 15.57 0.49
C ILE A 11 -11.72 15.31 0.71
N LEU A 12 -10.91 16.34 0.50
CA LEU A 12 -9.45 16.25 0.64
C LEU A 12 -9.06 15.57 1.97
N PRO A 13 -9.51 16.11 3.13
CA PRO A 13 -9.17 15.53 4.42
C PRO A 13 -9.93 14.23 4.70
N ILE A 14 -11.06 14.09 4.03
CA ILE A 14 -11.90 12.91 4.20
C ILE A 14 -11.34 11.73 3.41
N MET A 15 -10.41 12.03 2.50
CA MET A 15 -9.81 11.00 1.65
C MET A 15 -9.15 9.92 2.50
N GLN A 16 -8.74 10.27 3.71
CA GLN A 16 -8.17 9.30 4.65
C GLN A 16 -9.17 8.17 4.92
N SER A 17 -10.45 8.52 5.01
CA SER A 17 -11.51 7.55 5.26
C SER A 17 -11.74 6.70 4.01
N ILE A 18 -11.82 7.38 2.87
CA ILE A 18 -12.01 6.71 1.59
C ILE A 18 -10.86 5.76 1.30
N MET A 19 -9.64 6.27 1.44
CA MET A 19 -8.44 5.49 1.19
C MET A 19 -8.37 4.30 2.13
N GLN A 20 -8.88 4.49 3.34
CA GLN A 20 -8.92 3.43 4.33
C GLN A 20 -9.86 2.30 3.87
N ASN A 21 -11.04 2.69 3.40
CA ASN A 21 -12.03 1.71 2.95
C ASN A 21 -11.57 1.02 1.66
N LEU A 22 -11.13 1.81 0.70
CA LEU A 22 -10.72 1.30 -0.60
C LEU A 22 -9.50 0.39 -0.48
N LEU A 23 -8.71 0.60 0.56
CA LEU A 23 -7.51 -0.19 0.78
C LEU A 23 -7.68 -1.13 1.97
N SER A 24 -8.92 -1.36 2.38
CA SER A 24 -9.21 -2.34 3.41
C SER A 24 -8.78 -3.74 2.94
N LYS A 25 -8.69 -4.68 3.87
CA LYS A 25 -8.15 -6.02 3.59
C LYS A 25 -8.89 -6.67 2.41
N ASP A 26 -10.15 -6.28 2.23
CA ASP A 26 -10.97 -6.80 1.14
C ASP A 26 -10.31 -6.56 -0.21
N VAL A 27 -10.02 -5.30 -0.53
CA VAL A 27 -9.42 -4.94 -1.81
C VAL A 27 -7.90 -5.00 -1.74
N LEU A 28 -7.35 -4.69 -0.58
CA LEU A 28 -5.90 -4.60 -0.40
C LEU A 28 -5.19 -5.88 -0.82
N TYR A 29 -5.74 -7.04 -0.43
CA TYR A 29 -5.10 -8.31 -0.75
C TYR A 29 -4.93 -8.50 -2.27
N PRO A 30 -6.02 -8.51 -3.07
CA PRO A 30 -5.92 -8.67 -4.53
C PRO A 30 -5.02 -7.63 -5.17
N SER A 31 -5.10 -6.38 -4.71
CA SER A 31 -4.26 -5.33 -5.25
C SER A 31 -2.79 -5.62 -4.98
N LEU A 32 -2.46 -6.05 -3.76
CA LEU A 32 -1.10 -6.37 -3.41
C LEU A 32 -0.65 -7.63 -4.15
N LYS A 33 -1.53 -8.61 -4.20
CA LYS A 33 -1.28 -9.89 -4.86
C LYS A 33 -0.98 -9.68 -6.34
N GLU A 34 -1.79 -8.85 -6.99
CA GLU A 34 -1.61 -8.55 -8.40
C GLU A 34 -0.28 -7.85 -8.64
N ILE A 35 0.04 -6.89 -7.80
CA ILE A 35 1.26 -6.12 -7.97
C ILE A 35 2.49 -6.98 -7.68
N THR A 36 2.38 -7.88 -6.73
CA THR A 36 3.48 -8.76 -6.40
C THR A 36 3.79 -9.72 -7.55
N GLU A 37 2.76 -10.20 -8.23
CA GLU A 37 2.96 -11.08 -9.38
C GLU A 37 3.53 -10.30 -10.57
N LYS A 38 3.28 -9.00 -10.58
CA LYS A 38 3.74 -8.12 -11.67
C LYS A 38 5.11 -7.53 -11.37
N TYR A 39 5.39 -7.34 -10.09
CA TYR A 39 6.61 -6.67 -9.65
C TYR A 39 7.89 -7.27 -10.28
N PRO A 40 8.09 -8.61 -10.23
CA PRO A 40 9.33 -9.22 -10.72
C PRO A 40 9.55 -8.98 -12.20
N GLU A 41 8.48 -9.03 -12.99
CA GLU A 41 8.60 -8.85 -14.43
C GLU A 41 8.94 -7.39 -14.76
N TRP A 42 8.32 -6.48 -14.02
CA TRP A 42 8.57 -5.07 -14.22
C TRP A 42 10.03 -4.75 -13.87
N LEU A 43 10.44 -5.24 -12.72
CA LEU A 43 11.82 -5.08 -12.25
C LEU A 43 12.80 -5.73 -13.20
N GLN A 44 12.49 -6.93 -13.66
CA GLN A 44 13.38 -7.68 -14.54
C GLN A 44 13.60 -6.92 -15.85
N SER A 45 12.53 -6.36 -16.37
CA SER A 45 12.56 -5.67 -17.65
C SER A 45 13.37 -4.38 -17.55
N HIS A 46 13.13 -3.61 -16.49
CA HIS A 46 13.80 -2.33 -16.29
C HIS A 46 15.07 -2.49 -15.49
N ARG A 47 15.39 -3.72 -15.15
CA ARG A 47 16.51 -4.01 -14.24
C ARG A 47 17.81 -3.43 -14.77
N GLU A 48 17.96 -3.42 -16.09
CA GLU A 48 19.17 -2.91 -16.73
C GLU A 48 19.21 -1.38 -16.65
N SER A 49 18.04 -0.78 -16.54
CA SER A 49 17.93 0.66 -16.45
C SER A 49 17.76 1.11 -14.99
N LEU A 50 17.57 0.14 -14.11
CA LEU A 50 17.34 0.41 -12.70
C LEU A 50 18.64 0.33 -11.91
N PRO A 51 18.95 1.39 -11.14
CA PRO A 51 20.12 1.40 -10.28
C PRO A 51 20.02 0.34 -9.20
N PRO A 52 21.14 -0.33 -8.88
CA PRO A 52 21.19 -1.43 -7.90
C PRO A 52 20.55 -1.04 -6.56
N GLU A 53 20.79 0.18 -6.12
CA GLU A 53 20.28 0.63 -4.83
C GLU A 53 18.76 0.78 -4.84
N GLN A 54 18.24 1.27 -5.96
CA GLN A 54 16.80 1.41 -6.11
C GLN A 54 16.16 0.04 -6.35
N PHE A 55 16.86 -0.77 -7.12
CA PHE A 55 16.43 -2.11 -7.48
C PHE A 55 16.24 -2.96 -6.23
N GLU A 56 17.18 -2.85 -5.31
CA GLU A 56 17.12 -3.59 -4.06
C GLU A 56 15.86 -3.24 -3.26
N LYS A 57 15.61 -1.95 -3.07
CA LYS A 57 14.46 -1.51 -2.29
C LYS A 57 13.17 -2.05 -2.91
N TYR A 58 13.14 -2.07 -4.23
CA TYR A 58 11.97 -2.54 -4.96
C TYR A 58 11.78 -4.04 -4.76
N GLN A 59 12.88 -4.77 -4.67
CA GLN A 59 12.83 -6.21 -4.40
C GLN A 59 12.31 -6.45 -3.00
N GLU A 60 12.69 -5.57 -2.07
CA GLU A 60 12.26 -5.68 -0.69
C GLU A 60 10.76 -5.51 -0.60
N GLN A 61 10.24 -4.55 -1.36
CA GLN A 61 8.81 -4.30 -1.42
C GLN A 61 8.08 -5.50 -2.00
N HIS A 62 8.66 -6.09 -3.04
CA HIS A 62 8.12 -7.30 -3.66
C HIS A 62 8.04 -8.42 -2.63
N SER A 63 9.11 -8.57 -1.86
CA SER A 63 9.18 -9.62 -0.86
C SER A 63 8.18 -9.34 0.27
N VAL A 64 8.20 -8.12 0.79
CA VAL A 64 7.33 -7.75 1.90
C VAL A 64 5.85 -7.84 1.52
N MET A 65 5.49 -7.28 0.36
CA MET A 65 4.11 -7.33 -0.11
C MET A 65 3.64 -8.77 -0.29
N CYS A 66 4.53 -9.64 -0.73
CA CYS A 66 4.22 -11.06 -0.85
C CYS A 66 3.88 -11.65 0.50
N LYS A 67 4.66 -11.29 1.52
CA LYS A 67 4.46 -11.84 2.86
C LYS A 67 3.07 -11.50 3.36
N ILE A 68 2.67 -10.26 3.12
CA ILE A 68 1.36 -9.77 3.51
C ILE A 68 0.25 -10.57 2.83
N CYS A 69 0.41 -10.79 1.53
CA CYS A 69 -0.55 -11.58 0.77
C CYS A 69 -0.63 -12.99 1.33
N GLU A 70 0.54 -13.58 1.59
CA GLU A 70 0.63 -14.93 2.16
C GLU A 70 -0.13 -15.02 3.47
N GLN A 71 -0.10 -13.94 4.25
CA GLN A 71 -0.76 -13.94 5.54
C GLN A 71 -2.27 -14.03 5.40
N PHE A 72 -2.83 -13.24 4.46
CA PHE A 72 -4.26 -13.14 4.31
C PHE A 72 -4.86 -14.36 3.61
N GLU A 73 -4.12 -14.90 2.65
CA GLU A 73 -4.56 -16.11 1.95
C GLU A 73 -4.41 -17.33 2.86
N ALA A 74 -3.61 -17.18 3.90
CA ALA A 74 -3.39 -18.24 4.87
C ALA A 74 -4.09 -17.89 6.18
N GLU A 75 -5.01 -16.94 6.08
CA GLU A 75 -5.75 -16.43 7.23
C GLU A 75 -7.10 -17.11 7.33
N THR A 76 -7.53 -17.40 8.55
CA THR A 76 -8.83 -18.01 8.78
C THR A 76 -9.59 -17.25 9.85
N PRO A 77 -10.92 -17.22 9.75
CA PRO A 77 -11.78 -16.60 10.77
C PRO A 77 -11.84 -17.47 12.02
N THR A 78 -11.34 -18.69 11.92
CA THR A 78 -11.43 -19.66 12.99
C THR A 78 -10.23 -19.58 13.92
N ASP A 79 -9.20 -18.84 13.50
CA ASP A 79 -8.05 -18.57 14.35
C ASP A 79 -8.47 -17.76 15.58
N SER A 80 -7.67 -17.84 16.62
CA SER A 80 -7.95 -17.13 17.86
C SER A 80 -7.83 -15.62 17.70
N GLU A 81 -8.42 -14.88 18.64
CA GLU A 81 -8.36 -13.43 18.62
C GLU A 81 -6.91 -12.93 18.65
N THR A 82 -6.06 -13.67 19.36
CA THR A 82 -4.66 -13.31 19.48
C THR A 82 -3.96 -13.47 18.13
N THR A 83 -4.52 -14.36 17.32
CA THR A 83 -3.96 -14.63 16.01
C THR A 83 -4.34 -13.51 15.05
N GLN A 84 -5.60 -13.09 15.14
CA GLN A 84 -6.10 -11.99 14.33
C GLN A 84 -5.30 -10.74 14.62
N LYS A 85 -5.00 -10.55 15.90
CA LYS A 85 -4.21 -9.40 16.35
C LYS A 85 -2.75 -9.53 15.93
N ALA A 86 -2.18 -10.71 16.13
CA ALA A 86 -0.75 -10.91 15.93
C ALA A 86 -0.38 -10.85 14.45
N ARG A 87 -1.18 -11.51 13.62
CA ARG A 87 -0.94 -11.52 12.19
C ARG A 87 -1.11 -10.12 11.63
N PHE A 88 -2.11 -9.40 12.14
CA PHE A 88 -2.34 -8.02 11.74
C PHE A 88 -1.13 -7.16 12.08
N GLU A 89 -0.63 -7.28 13.29
CA GLU A 89 0.52 -6.49 13.72
C GLU A 89 1.76 -6.84 12.93
N MET A 90 1.94 -8.13 12.65
CA MET A 90 3.06 -8.58 11.84
C MET A 90 2.97 -8.01 10.43
N VAL A 91 1.77 -8.04 9.88
CA VAL A 91 1.50 -7.45 8.57
C VAL A 91 1.71 -5.94 8.61
N LEU A 92 1.15 -5.30 9.62
CA LEU A 92 1.28 -3.87 9.81
C LEU A 92 2.74 -3.47 9.91
N ASP A 93 3.53 -4.24 10.66
CA ASP A 93 4.96 -4.00 10.79
C ASP A 93 5.65 -4.07 9.44
N LEU A 94 5.31 -5.11 8.68
CA LEU A 94 5.82 -5.28 7.34
C LEU A 94 5.41 -4.09 6.44
N MET A 95 4.16 -3.68 6.55
CA MET A 95 3.64 -2.53 5.80
C MET A 95 4.43 -1.28 6.15
N GLN A 96 4.79 -1.13 7.42
CA GLN A 96 5.59 0.00 7.88
C GLN A 96 6.95 0.01 7.19
N GLN A 97 7.54 -1.18 7.02
CA GLN A 97 8.84 -1.31 6.41
C GLN A 97 8.80 -1.01 4.92
N LEU A 98 7.82 -1.62 4.25
CA LEU A 98 7.76 -1.54 2.80
C LEU A 98 7.40 -0.12 2.34
N GLN A 99 6.52 0.55 3.07
CA GLN A 99 6.22 1.94 2.75
C GLN A 99 7.48 2.79 2.89
N ASP A 100 8.30 2.45 3.89
CA ASP A 100 9.56 3.13 4.16
C ASP A 100 10.62 2.75 3.13
N LEU A 101 10.34 1.69 2.39
CA LEU A 101 11.24 1.23 1.35
C LEU A 101 10.93 1.89 0.01
N GLY A 102 9.73 2.45 -0.08
CA GLY A 102 9.32 3.14 -1.27
C GLY A 102 8.00 2.62 -1.80
N HIS A 103 7.32 3.44 -2.58
CA HIS A 103 6.06 3.05 -3.18
C HIS A 103 6.32 2.32 -4.50
N PRO A 104 5.41 1.42 -4.89
CA PRO A 104 5.50 0.74 -6.18
C PRO A 104 5.26 1.71 -7.33
N PRO A 105 5.76 1.37 -8.52
CA PRO A 105 5.60 2.20 -9.72
C PRO A 105 4.12 2.38 -10.10
N LYS A 106 3.80 3.52 -10.68
CA LYS A 106 2.42 3.82 -11.09
C LYS A 106 1.92 2.79 -12.10
N GLU A 107 2.82 2.27 -12.91
CA GLU A 107 2.48 1.25 -13.89
C GLU A 107 1.99 -0.01 -13.20
N LEU A 108 2.57 -0.29 -12.04
CA LEU A 108 2.21 -1.46 -11.26
C LEU A 108 1.00 -1.19 -10.38
N ALA A 109 0.70 0.08 -10.16
CA ALA A 109 -0.42 0.46 -9.32
C ALA A 109 -1.59 0.93 -10.17
N GLY A 110 -1.46 0.68 -11.47
CA GLY A 110 -2.42 1.18 -12.44
C GLY A 110 -3.78 0.51 -12.39
N GLU A 111 -4.06 -0.22 -11.32
CA GLU A 111 -5.38 -0.82 -11.14
C GLU A 111 -6.20 0.04 -10.19
N MET A 112 -5.53 1.00 -9.58
CA MET A 112 -6.13 1.82 -8.54
C MET A 112 -6.75 3.07 -9.14
N PRO A 113 -7.74 3.66 -8.44
CA PRO A 113 -8.37 4.92 -8.87
C PRO A 113 -7.37 6.07 -8.83
N PRO A 114 -6.97 6.59 -10.01
CA PRO A 114 -5.88 7.58 -10.13
C PRO A 114 -6.04 8.76 -9.18
N GLY A 115 -5.16 8.80 -8.17
CA GLY A 115 -5.20 9.88 -7.22
C GLY A 115 -4.74 9.45 -5.84
N LEU A 116 -5.16 8.26 -5.42
CA LEU A 116 -4.86 7.77 -4.07
C LEU A 116 -3.41 7.25 -3.96
N ASN A 117 -2.51 7.89 -4.73
CA ASN A 117 -1.12 7.48 -4.81
C ASN A 117 -0.42 7.52 -3.45
N PHE A 118 0.77 6.93 -3.40
CA PHE A 118 1.49 6.76 -2.15
C PHE A 118 2.83 7.48 -2.20
N ASP A 119 2.86 8.71 -1.74
CA ASP A 119 4.08 9.51 -1.72
C ASP A 119 4.82 9.24 -0.41
N LEU A 120 6.06 8.77 -0.51
CA LEU A 120 6.83 8.34 0.67
C LEU A 120 6.89 9.43 1.73
N ASP A 121 7.16 10.66 1.31
CA ASP A 121 7.23 11.78 2.25
C ASP A 121 5.90 11.99 2.95
N ALA A 122 4.82 11.87 2.18
CA ALA A 122 3.48 12.04 2.75
C ALA A 122 3.11 10.88 3.66
N LEU A 123 3.67 9.72 3.36
CA LEU A 123 3.46 8.54 4.19
C LEU A 123 4.29 8.66 5.47
N ASN A 124 5.47 9.21 5.28
CA ASN A 124 6.47 9.34 6.34
C ASN A 124 6.05 10.40 7.34
N LEU A 125 6.26 10.15 8.61
CA LEU A 125 5.89 11.09 9.66
C LEU A 125 7.12 11.75 10.26
N SER A 126 8.24 11.67 9.55
CA SER A 126 9.45 12.36 9.97
C SER A 126 9.29 13.86 9.73
N GLY A 127 8.54 14.22 8.70
CA GLY A 127 8.26 15.60 8.42
C GLY A 127 6.84 15.79 7.91
N PRO A 128 5.84 15.61 8.78
CA PRO A 128 4.44 15.68 8.40
C PRO A 128 3.89 17.09 8.46
N PRO A 129 2.93 17.42 7.59
CA PRO A 129 2.30 18.74 7.55
C PRO A 129 1.52 19.06 8.82
N GLY A 130 0.95 18.03 9.44
CA GLY A 130 0.21 18.23 10.67
C GLY A 130 0.75 17.41 11.82
N ALA A 131 1.32 16.24 11.50
CA ALA A 131 1.96 15.37 12.48
C ALA A 131 0.93 14.72 13.40
N SER A 132 -0.32 14.79 13.00
CA SER A 132 -1.41 14.16 13.73
C SER A 132 -1.40 12.66 13.47
N GLY A 133 -0.68 12.27 12.43
CA GLY A 133 -0.63 10.87 12.04
C GLY A 133 -1.34 10.67 10.73
N GLU A 134 -1.13 11.59 9.81
CA GLU A 134 -1.69 11.52 8.48
C GLU A 134 -1.18 10.28 7.76
N GLN A 135 -2.01 9.25 7.72
CA GLN A 135 -1.62 7.97 7.14
C GLN A 135 -2.62 7.55 6.06
N CYS A 136 -2.64 6.27 5.73
CA CYS A 136 -3.45 5.77 4.64
C CYS A 136 -4.54 4.85 5.18
N LEU A 137 -4.14 3.66 5.60
CA LEU A 137 -5.04 2.71 6.25
C LEU A 137 -4.45 2.27 7.58
N ILE A 138 -3.37 2.93 7.97
CA ILE A 138 -2.61 2.55 9.15
C ILE A 138 -3.35 2.94 10.41
N MET A 139 -3.29 4.21 10.75
CA MET A 139 -3.97 4.73 11.92
C MET A 139 -5.47 4.77 11.67
C1 FAR B . -0.12 4.69 4.83
C2 FAR B . -0.02 3.19 4.60
C3 FAR B . 0.78 2.54 3.77
C5 FAR B . 0.71 1.04 3.69
C6 FAR B . -0.25 0.51 2.65
C7 FAR B . 0.26 0.72 1.24
C8 FAR B . 1.37 0.22 0.69
C9 FAR B . 1.77 0.52 -0.72
C11 FAR B . 1.11 -0.36 -1.77
C12 FAR B . -0.39 -0.53 -1.55
C13 FAR B . -1.34 -0.55 -2.46
C14 FAR B . -1.07 -0.37 -3.92
C15 FAR B . -2.78 -0.70 -2.09
C4 FAR B . 1.72 3.21 2.82
C10 FAR B . 2.26 -0.75 1.41
H11 FAR B . -0.66 4.87 5.74
H12A FAR B . 0.86 5.07 4.95
H2 FAR B . -0.74 2.62 5.18
H51 FAR B . 0.41 0.67 4.66
H52 FAR B . 1.69 0.67 3.48
H61 FAR B . -0.39 -0.55 2.82
H62 FAR B . -1.19 1.02 2.76
H7 FAR B . -0.38 1.36 0.65
H91 FAR B . 2.84 0.41 -0.80
H92 FAR B . 1.49 1.54 -0.94
H111 FAR B . 1.29 0.08 -2.74
H112 FAR B . 1.57 -1.33 -1.74
H12 FAR B . -0.65 -0.66 -0.51
H141 FAR B . -0.49 -1.22 -4.28
H142 FAR B . -2.00 -0.32 -4.46
H143 FAR B . -0.51 0.54 -4.09
H151 FAR B . -3.29 0.26 -2.21
H152 FAR B . -3.24 -1.44 -2.73
H153 FAR B . -2.86 -1.01 -1.05
H41 FAR B . 2.56 2.56 2.63
H42 FAR B . 2.06 4.14 3.24
H43 FAR B . 1.21 3.40 1.89
H101 FAR B . 2.46 -1.59 0.77
H102 FAR B . 1.75 -1.09 2.31
H103 FAR B . 3.18 -0.25 1.69
N GLY A 1 -33.45 10.76 -10.76
CA GLY A 1 -33.65 10.91 -9.30
C GLY A 1 -32.43 10.48 -8.52
N MET A 2 -32.49 10.64 -7.20
CA MET A 2 -31.37 10.30 -6.31
C MET A 2 -30.18 11.20 -6.59
N ASP A 3 -29.02 10.84 -6.05
CA ASP A 3 -27.81 11.61 -6.27
C ASP A 3 -27.22 11.32 -7.63
N GLU A 4 -27.41 12.24 -8.56
CA GLU A 4 -26.89 12.10 -9.91
C GLU A 4 -25.73 13.07 -10.13
N GLY A 5 -25.14 13.51 -9.03
CA GLY A 5 -24.01 14.41 -9.11
C GLY A 5 -23.36 14.60 -7.75
N ASP A 6 -22.05 14.81 -7.77
CA ASP A 6 -21.30 15.03 -6.53
C ASP A 6 -20.96 16.52 -6.37
N GLY A 7 -20.71 16.93 -5.13
CA GLY A 7 -20.44 18.33 -4.86
C GLY A 7 -19.01 18.70 -5.11
N GLU A 8 -18.09 17.86 -4.63
CA GLU A 8 -16.65 18.10 -4.76
C GLU A 8 -16.27 19.42 -4.09
N GLY A 9 -16.26 19.40 -2.76
CA GLY A 9 -15.90 20.59 -2.02
C GLY A 9 -14.55 20.42 -1.34
N ASN A 10 -14.56 19.85 -0.15
CA ASN A 10 -13.34 19.54 0.57
C ASN A 10 -13.33 18.08 1.00
N ILE A 11 -13.05 17.20 0.05
CA ILE A 11 -12.99 15.77 0.32
C ILE A 11 -11.59 15.40 0.78
N LEU A 12 -10.68 16.35 0.64
CA LEU A 12 -9.27 16.17 0.97
C LEU A 12 -9.07 15.47 2.33
N PRO A 13 -9.65 16.01 3.42
CA PRO A 13 -9.46 15.42 4.75
C PRO A 13 -10.20 14.10 4.91
N ILE A 14 -11.30 13.94 4.17
CA ILE A 14 -12.12 12.74 4.26
C ILE A 14 -11.52 11.61 3.44
N MET A 15 -10.58 11.96 2.56
CA MET A 15 -9.92 10.99 1.69
C MET A 15 -9.27 9.88 2.51
N GLN A 16 -8.93 10.19 3.76
CA GLN A 16 -8.37 9.20 4.67
C GLN A 16 -9.33 8.02 4.83
N SER A 17 -10.61 8.31 4.99
CA SER A 17 -11.61 7.27 5.22
C SER A 17 -11.85 6.48 3.94
N ILE A 18 -11.93 7.20 2.82
CA ILE A 18 -12.10 6.56 1.52
C ILE A 18 -10.92 5.64 1.23
N MET A 19 -9.72 6.17 1.40
CA MET A 19 -8.50 5.42 1.15
C MET A 19 -8.40 4.24 2.13
N GLN A 20 -8.87 4.46 3.35
CA GLN A 20 -8.85 3.44 4.37
C GLN A 20 -9.79 2.29 4.02
N ASN A 21 -10.98 2.62 3.54
CA ASN A 21 -11.96 1.61 3.17
C ASN A 21 -11.52 0.86 1.92
N LEU A 22 -11.10 1.61 0.90
CA LEU A 22 -10.71 1.02 -0.37
C LEU A 22 -9.46 0.16 -0.24
N LEU A 23 -8.64 0.45 0.75
CA LEU A 23 -7.42 -0.31 0.96
C LEU A 23 -7.54 -1.22 2.18
N SER A 24 -8.76 -1.45 2.61
CA SER A 24 -9.04 -2.41 3.67
C SER A 24 -8.57 -3.80 3.21
N LYS A 25 -8.45 -4.74 4.16
CA LYS A 25 -7.95 -6.08 3.85
C LYS A 25 -8.74 -6.71 2.72
N ASP A 26 -9.99 -6.28 2.59
CA ASP A 26 -10.89 -6.74 1.54
C ASP A 26 -10.25 -6.59 0.16
N VAL A 27 -9.95 -5.35 -0.21
CA VAL A 27 -9.38 -5.05 -1.52
C VAL A 27 -7.85 -5.13 -1.49
N LEU A 28 -7.27 -4.79 -0.35
CA LEU A 28 -5.82 -4.71 -0.21
C LEU A 28 -5.13 -6.00 -0.63
N TYR A 29 -5.63 -7.14 -0.15
CA TYR A 29 -4.98 -8.41 -0.45
C TYR A 29 -4.87 -8.66 -1.96
N PRO A 30 -6.00 -8.73 -2.72
CA PRO A 30 -5.96 -8.97 -4.16
C PRO A 30 -5.13 -7.93 -4.90
N SER A 31 -5.15 -6.68 -4.42
CA SER A 31 -4.39 -5.62 -5.05
C SER A 31 -2.88 -5.86 -4.86
N LEU A 32 -2.50 -6.24 -3.64
CA LEU A 32 -1.10 -6.50 -3.34
C LEU A 32 -0.65 -7.78 -4.03
N LYS A 33 -1.52 -8.79 -4.02
CA LYS A 33 -1.26 -10.06 -4.66
C LYS A 33 -1.05 -9.87 -6.16
N GLU A 34 -1.84 -8.99 -6.75
CA GLU A 34 -1.69 -8.66 -8.17
C GLU A 34 -0.34 -8.03 -8.45
N ILE A 35 0.01 -7.05 -7.65
CA ILE A 35 1.22 -6.27 -7.86
C ILE A 35 2.47 -7.09 -7.57
N THR A 36 2.38 -8.00 -6.60
CA THR A 36 3.51 -8.85 -6.27
C THR A 36 3.88 -9.78 -7.42
N GLU A 37 2.87 -10.29 -8.13
CA GLU A 37 3.11 -11.15 -9.27
C GLU A 37 3.63 -10.34 -10.46
N LYS A 38 3.34 -9.05 -10.45
CA LYS A 38 3.72 -8.17 -11.55
C LYS A 38 5.06 -7.50 -11.28
N TYR A 39 5.36 -7.29 -10.01
CA TYR A 39 6.59 -6.61 -9.61
C TYR A 39 7.84 -7.17 -10.28
N PRO A 40 8.06 -8.50 -10.24
CA PRO A 40 9.26 -9.10 -10.83
C PRO A 40 9.37 -8.88 -12.34
N GLU A 41 8.23 -8.90 -13.03
CA GLU A 41 8.25 -8.74 -14.48
C GLU A 41 8.66 -7.30 -14.84
N TRP A 42 8.12 -6.36 -14.09
CA TRP A 42 8.43 -4.95 -14.31
C TRP A 42 9.90 -4.69 -14.00
N LEU A 43 10.32 -5.18 -12.85
CA LEU A 43 11.69 -5.04 -12.38
C LEU A 43 12.68 -5.72 -13.32
N GLN A 44 12.37 -6.91 -13.77
CA GLN A 44 13.29 -7.68 -14.62
C GLN A 44 13.50 -6.98 -15.97
N SER A 45 12.43 -6.40 -16.48
CA SER A 45 12.47 -5.73 -17.77
C SER A 45 13.31 -4.46 -17.66
N HIS A 46 13.09 -3.70 -16.59
CA HIS A 46 13.78 -2.44 -16.37
C HIS A 46 15.05 -2.63 -15.59
N ARG A 47 15.36 -3.88 -15.29
CA ARG A 47 16.48 -4.22 -14.42
C ARG A 47 17.78 -3.63 -14.95
N GLU A 48 17.93 -3.62 -16.26
CA GLU A 48 19.15 -3.10 -16.90
C GLU A 48 19.22 -1.59 -16.76
N SER A 49 18.06 -0.96 -16.66
CA SER A 49 17.99 0.49 -16.55
C SER A 49 17.83 0.92 -15.08
N LEU A 50 17.56 -0.05 -14.21
CA LEU A 50 17.35 0.23 -12.80
C LEU A 50 18.65 0.10 -12.01
N PRO A 51 18.99 1.15 -11.26
CA PRO A 51 20.17 1.16 -10.39
C PRO A 51 20.08 0.09 -9.31
N PRO A 52 21.21 -0.56 -8.99
CA PRO A 52 21.26 -1.62 -7.98
C PRO A 52 20.61 -1.20 -6.66
N GLU A 53 20.85 0.04 -6.25
CA GLU A 53 20.31 0.52 -4.97
C GLU A 53 18.79 0.57 -5.00
N GLN A 54 18.26 1.02 -6.13
CA GLN A 54 16.82 1.16 -6.28
C GLN A 54 16.17 -0.20 -6.49
N PHE A 55 16.83 -1.04 -7.27
CA PHE A 55 16.34 -2.36 -7.62
C PHE A 55 16.16 -3.20 -6.36
N GLU A 56 17.14 -3.13 -5.47
CA GLU A 56 17.09 -3.87 -4.22
C GLU A 56 15.87 -3.48 -3.41
N LYS A 57 15.65 -2.18 -3.22
CA LYS A 57 14.52 -1.69 -2.43
C LYS A 57 13.21 -2.17 -3.04
N TYR A 58 13.16 -2.19 -4.36
CA TYR A 58 11.96 -2.62 -5.06
C TYR A 58 11.73 -4.11 -4.86
N GLN A 59 12.81 -4.87 -4.77
CA GLN A 59 12.72 -6.29 -4.46
C GLN A 59 12.27 -6.48 -3.02
N GLU A 60 12.68 -5.57 -2.14
CA GLU A 60 12.29 -5.63 -0.74
C GLU A 60 10.80 -5.43 -0.61
N GLN A 61 10.29 -4.45 -1.33
CA GLN A 61 8.86 -4.17 -1.37
C GLN A 61 8.12 -5.37 -1.94
N HIS A 62 8.69 -5.97 -2.98
CA HIS A 62 8.14 -7.17 -3.59
C HIS A 62 8.06 -8.31 -2.57
N SER A 63 9.14 -8.48 -1.81
CA SER A 63 9.20 -9.53 -0.81
C SER A 63 8.26 -9.25 0.35
N VAL A 64 8.29 -8.02 0.86
CA VAL A 64 7.44 -7.64 1.97
C VAL A 64 5.96 -7.74 1.61
N MET A 65 5.60 -7.21 0.45
CA MET A 65 4.22 -7.29 -0.03
C MET A 65 3.77 -8.74 -0.17
N CYS A 66 4.70 -9.60 -0.60
CA CYS A 66 4.42 -11.03 -0.72
C CYS A 66 4.09 -11.63 0.64
N LYS A 67 4.87 -11.25 1.67
CA LYS A 67 4.66 -11.79 3.00
C LYS A 67 3.26 -11.45 3.47
N ILE A 68 2.87 -10.22 3.23
CA ILE A 68 1.55 -9.73 3.60
C ILE A 68 0.45 -10.54 2.92
N CYS A 69 0.62 -10.77 1.62
CA CYS A 69 -0.34 -11.57 0.87
C CYS A 69 -0.41 -12.98 1.44
N GLU A 70 0.76 -13.57 1.71
CA GLU A 70 0.84 -14.91 2.26
C GLU A 70 0.08 -15.00 3.58
N GLN A 71 0.12 -13.93 4.36
CA GLN A 71 -0.52 -13.93 5.66
C GLN A 71 -2.04 -14.05 5.51
N PHE A 72 -2.60 -13.26 4.60
CA PHE A 72 -4.05 -13.17 4.46
C PHE A 72 -4.62 -14.38 3.75
N GLU A 73 -3.91 -14.89 2.76
CA GLU A 73 -4.33 -16.09 2.06
C GLU A 73 -4.16 -17.32 2.94
N ALA A 74 -3.37 -17.16 4.00
CA ALA A 74 -3.15 -18.23 4.96
C ALA A 74 -3.90 -17.92 6.25
N GLU A 75 -4.81 -16.96 6.20
CA GLU A 75 -5.60 -16.58 7.36
C GLU A 75 -6.94 -17.29 7.34
N THR A 76 -7.44 -17.63 8.52
CA THR A 76 -8.71 -18.31 8.63
C THR A 76 -9.62 -17.61 9.64
N PRO A 77 -10.94 -17.65 9.41
CA PRO A 77 -11.92 -17.12 10.36
C PRO A 77 -11.98 -17.97 11.63
N THR A 78 -11.35 -19.15 11.56
CA THR A 78 -11.36 -20.08 12.67
C THR A 78 -10.23 -19.80 13.64
N ASP A 79 -9.31 -18.94 13.23
CA ASP A 79 -8.22 -18.49 14.11
C ASP A 79 -8.76 -17.64 15.25
N SER A 80 -8.05 -17.66 16.37
CA SER A 80 -8.45 -16.94 17.57
C SER A 80 -8.25 -15.44 17.42
N GLU A 81 -8.84 -14.69 18.34
CA GLU A 81 -8.75 -13.23 18.36
C GLU A 81 -7.29 -12.76 18.38
N THR A 82 -6.46 -13.47 19.14
CA THR A 82 -5.05 -13.12 19.28
C THR A 82 -4.32 -13.34 17.97
N THR A 83 -4.86 -14.23 17.16
CA THR A 83 -4.28 -14.54 15.86
C THR A 83 -4.62 -13.45 14.87
N GLN A 84 -5.87 -13.00 14.95
CA GLN A 84 -6.34 -11.92 14.11
C GLN A 84 -5.51 -10.66 14.36
N LYS A 85 -5.21 -10.44 15.64
CA LYS A 85 -4.40 -9.31 16.06
C LYS A 85 -2.94 -9.51 15.68
N ALA A 86 -2.41 -10.70 15.96
CA ALA A 86 -0.99 -10.98 15.78
C ALA A 86 -0.59 -10.91 14.31
N ARG A 87 -1.41 -11.50 13.45
CA ARG A 87 -1.15 -11.49 12.03
C ARG A 87 -1.18 -10.07 11.52
N PHE A 88 -2.20 -9.33 11.98
CA PHE A 88 -2.35 -7.93 11.62
C PHE A 88 -1.15 -7.10 12.05
N GLU A 89 -0.71 -7.29 13.29
CA GLU A 89 0.43 -6.55 13.81
C GLU A 89 1.69 -6.83 12.99
N MET A 90 1.89 -8.08 12.64
CA MET A 90 3.05 -8.47 11.85
C MET A 90 2.94 -7.91 10.44
N VAL A 91 1.75 -8.01 9.85
CA VAL A 91 1.49 -7.44 8.53
C VAL A 91 1.69 -5.93 8.54
N LEU A 92 1.11 -5.27 9.54
CA LEU A 92 1.23 -3.84 9.69
C LEU A 92 2.69 -3.42 9.81
N ASP A 93 3.46 -4.18 10.56
CA ASP A 93 4.89 -3.90 10.72
C ASP A 93 5.60 -4.00 9.39
N LEU A 94 5.25 -5.03 8.63
CA LEU A 94 5.77 -5.21 7.28
C LEU A 94 5.39 -4.04 6.37
N MET A 95 4.12 -3.64 6.45
CA MET A 95 3.61 -2.51 5.68
C MET A 95 4.37 -1.24 6.02
N GLN A 96 4.73 -1.08 7.29
CA GLN A 96 5.52 0.06 7.73
C GLN A 96 6.91 0.03 7.11
N GLN A 97 7.48 -1.16 6.94
CA GLN A 97 8.81 -1.31 6.37
C GLN A 97 8.79 -0.99 4.89
N LEU A 98 7.83 -1.56 4.18
CA LEU A 98 7.80 -1.47 2.73
C LEU A 98 7.46 -0.05 2.28
N GLN A 99 6.57 0.62 3.01
CA GLN A 99 6.25 2.02 2.70
C GLN A 99 7.52 2.86 2.83
N ASP A 100 8.34 2.52 3.83
CA ASP A 100 9.58 3.24 4.10
C ASP A 100 10.65 2.89 3.07
N LEU A 101 10.41 1.84 2.32
CA LEU A 101 11.34 1.38 1.29
C LEU A 101 11.05 2.04 -0.04
N GLY A 102 9.86 2.59 -0.17
CA GLY A 102 9.46 3.25 -1.39
C GLY A 102 8.14 2.72 -1.90
N HIS A 103 7.46 3.52 -2.70
CA HIS A 103 6.19 3.10 -3.27
C HIS A 103 6.42 2.41 -4.60
N PRO A 104 5.52 1.47 -4.97
CA PRO A 104 5.60 0.80 -6.27
C PRO A 104 5.38 1.78 -7.42
N PRO A 105 5.93 1.46 -8.61
CA PRO A 105 5.82 2.32 -9.79
C PRO A 105 4.38 2.49 -10.25
N LYS A 106 4.10 3.63 -10.89
CA LYS A 106 2.77 3.96 -11.41
C LYS A 106 2.21 2.84 -12.28
N GLU A 107 3.07 2.26 -13.11
CA GLU A 107 2.64 1.22 -14.05
C GLU A 107 2.12 0.00 -13.30
N LEU A 108 2.65 -0.22 -12.11
CA LEU A 108 2.25 -1.35 -11.29
C LEU A 108 1.08 -1.01 -10.40
N ALA A 109 0.82 0.27 -10.20
CA ALA A 109 -0.29 0.70 -9.37
C ALA A 109 -1.40 1.27 -10.25
N GLY A 110 -1.26 1.07 -11.55
CA GLY A 110 -2.16 1.67 -12.52
C GLY A 110 -3.54 1.04 -12.56
N GLU A 111 -3.86 0.25 -11.55
CA GLU A 111 -5.18 -0.33 -11.43
C GLU A 111 -5.88 0.25 -10.22
N MET A 112 -5.24 1.23 -9.61
CA MET A 112 -5.78 1.92 -8.46
C MET A 112 -6.46 3.21 -8.92
N PRO A 113 -7.53 3.62 -8.22
CA PRO A 113 -8.22 4.89 -8.51
C PRO A 113 -7.26 6.07 -8.55
N PRO A 114 -7.21 6.80 -9.68
CA PRO A 114 -6.28 7.91 -9.87
C PRO A 114 -6.42 8.98 -8.78
N GLY A 115 -5.51 8.96 -7.81
CA GLY A 115 -5.53 9.94 -6.77
C GLY A 115 -4.96 9.44 -5.45
N LEU A 116 -5.34 8.23 -5.05
CA LEU A 116 -4.95 7.69 -3.75
C LEU A 116 -3.48 7.24 -3.73
N ASN A 117 -2.63 7.92 -4.49
CA ASN A 117 -1.22 7.55 -4.64
C ASN A 117 -0.48 7.53 -3.32
N PHE A 118 0.68 6.89 -3.32
CA PHE A 118 1.43 6.66 -2.11
C PHE A 118 2.79 7.35 -2.19
N ASP A 119 2.88 8.53 -1.59
CA ASP A 119 4.13 9.29 -1.62
C ASP A 119 4.84 9.16 -0.27
N LEU A 120 6.09 8.71 -0.31
CA LEU A 120 6.83 8.40 0.92
C LEU A 120 6.95 9.61 1.83
N ASP A 121 7.21 10.77 1.27
CA ASP A 121 7.31 11.99 2.05
C ASP A 121 5.99 12.25 2.80
N ALA A 122 4.89 12.10 2.09
CA ALA A 122 3.56 12.29 2.69
C ALA A 122 3.23 11.16 3.67
N LEU A 123 3.87 10.02 3.47
CA LEU A 123 3.68 8.87 4.35
C LEU A 123 4.51 9.03 5.62
N ASN A 124 5.67 9.66 5.47
CA ASN A 124 6.59 9.88 6.57
C ASN A 124 6.01 10.91 7.53
N LEU A 125 6.08 10.62 8.82
CA LEU A 125 5.54 11.53 9.82
C LEU A 125 6.66 12.30 10.53
N SER A 126 7.79 12.43 9.88
CA SER A 126 8.88 13.24 10.41
C SER A 126 8.52 14.72 10.32
N GLY A 127 7.86 15.09 9.25
CA GLY A 127 7.40 16.45 9.06
C GLY A 127 6.04 16.50 8.38
N PRO A 128 4.98 16.11 9.10
CA PRO A 128 3.64 15.99 8.54
C PRO A 128 2.92 17.33 8.48
N PRO A 129 2.02 17.50 7.49
CA PRO A 129 1.22 18.72 7.33
C PRO A 129 0.29 18.96 8.51
N GLY A 130 -0.33 17.89 8.99
CA GLY A 130 -1.25 18.01 10.11
C GLY A 130 -0.60 17.52 11.40
N ALA A 131 0.23 16.49 11.29
CA ALA A 131 0.98 15.96 12.43
C ALA A 131 0.04 15.27 13.41
N SER A 132 -1.12 14.90 12.91
CA SER A 132 -2.09 14.16 13.69
C SER A 132 -1.87 12.66 13.48
N GLY A 133 -1.35 12.34 12.30
CA GLY A 133 -1.11 10.95 11.94
C GLY A 133 -1.70 10.64 10.60
N GLU A 134 -1.51 11.56 9.66
CA GLU A 134 -2.01 11.43 8.31
C GLU A 134 -1.50 10.14 7.67
N GLN A 135 -2.37 9.16 7.54
CA GLN A 135 -1.99 7.86 7.03
C GLN A 135 -2.92 7.43 5.92
N CYS A 136 -2.83 6.17 5.54
CA CYS A 136 -3.63 5.62 4.46
C CYS A 136 -4.71 4.74 5.05
N LEU A 137 -4.29 3.59 5.55
CA LEU A 137 -5.17 2.64 6.21
C LEU A 137 -4.60 2.28 7.57
N ILE A 138 -3.54 2.97 7.94
CA ILE A 138 -2.76 2.64 9.12
C ILE A 138 -3.40 3.22 10.39
N MET A 139 -3.17 4.50 10.63
CA MET A 139 -3.66 5.15 11.84
C MET A 139 -5.08 5.66 11.62
C1 FAR B . -0.24 4.60 4.66
C2 FAR B . -0.12 3.10 4.44
C3 FAR B . 0.71 2.45 3.64
C5 FAR B . 0.66 0.96 3.56
C6 FAR B . -0.28 0.40 2.53
C7 FAR B . 0.19 0.65 1.11
C8 FAR B . 1.29 0.17 0.53
C9 FAR B . 1.66 0.51 -0.88
C11 FAR B . 1.00 -0.35 -1.94
C12 FAR B . -0.48 -0.56 -1.69
C13 FAR B . -1.47 -0.56 -2.57
C14 FAR B . -1.26 -0.31 -4.04
C15 FAR B . -2.88 -0.78 -2.15
C4 FAR B . 1.68 3.13 2.72
C10 FAR B . 2.20 -0.80 1.23
H11 FAR B . -0.76 4.78 5.58
H12A FAR B . 0.72 5.00 4.76
H2 FAR B . -0.82 2.52 5.03
H51 FAR B . 0.37 0.59 4.54
H52 FAR B . 1.66 0.60 3.34
H61 FAR B . -0.38 -0.67 2.69
H62 FAR B . -1.25 0.85 2.66
H7 FAR B . -0.47 1.30 0.55
H91 FAR B . 2.73 0.43 -0.97
H92 FAR B . 1.37 1.54 -1.06
H111 FAR B . 1.14 0.11 -2.90
H112 FAR B . 1.50 -1.32 -1.95
H12 FAR B . -0.71 -0.75 -0.65
H141 FAR B . -0.61 -1.06 -4.45
H142 FAR B . -2.21 -0.34 -4.55
H143 FAR B . -0.81 0.67 -4.18
H151 FAR B . -3.39 0.17 -2.11
H152 FAR B . -3.38 -1.41 -2.86
H153 FAR B . -2.91 -1.24 -1.18
H41 FAR B . 2.05 4.03 3.18
H42 FAR B . 1.19 3.38 1.78
H43 FAR B . 2.51 2.47 2.52
H101 FAR B . 3.10 -0.30 1.54
H102 FAR B . 2.45 -1.60 0.53
H103 FAR B . 1.69 -1.22 2.08
N GLY A 1 -30.31 10.64 4.42
CA GLY A 1 -31.17 10.38 3.25
C GLY A 1 -30.37 10.29 1.97
N MET A 2 -30.95 10.76 0.87
CA MET A 2 -30.26 10.73 -0.41
C MET A 2 -29.45 12.00 -0.60
N ASP A 3 -28.13 11.89 -0.38
CA ASP A 3 -27.22 13.02 -0.48
C ASP A 3 -27.46 14.04 0.62
N GLU A 4 -26.55 14.08 1.58
CA GLU A 4 -26.63 15.01 2.69
C GLU A 4 -25.92 16.31 2.33
N GLY A 5 -25.32 16.33 1.15
CA GLY A 5 -24.55 17.48 0.72
C GLY A 5 -23.06 17.22 0.83
N ASP A 6 -22.73 16.04 1.35
CA ASP A 6 -21.34 15.65 1.54
C ASP A 6 -20.96 14.58 0.51
N GLY A 7 -19.68 14.47 0.22
CA GLY A 7 -19.22 13.46 -0.72
C GLY A 7 -18.70 14.06 -2.00
N GLU A 8 -18.87 15.37 -2.16
CA GLU A 8 -18.37 16.07 -3.33
C GLU A 8 -17.93 17.48 -2.92
N GLY A 9 -17.08 18.09 -3.74
CA GLY A 9 -16.56 19.39 -3.41
C GLY A 9 -15.32 19.29 -2.56
N ASN A 10 -15.51 19.09 -1.28
CA ASN A 10 -14.39 18.88 -0.37
C ASN A 10 -14.31 17.41 0.00
N ILE A 11 -13.77 16.61 -0.91
CA ILE A 11 -13.57 15.20 -0.65
C ILE A 11 -12.23 14.99 0.02
N LEU A 12 -11.41 16.04 -0.02
CA LEU A 12 -10.07 16.02 0.56
C LEU A 12 -10.08 15.41 1.97
N PRO A 13 -10.91 15.93 2.91
CA PRO A 13 -10.94 15.42 4.28
C PRO A 13 -11.56 14.03 4.37
N ILE A 14 -12.44 13.72 3.42
CA ILE A 14 -13.13 12.43 3.41
C ILE A 14 -12.23 11.35 2.83
N MET A 15 -11.19 11.77 2.12
CA MET A 15 -10.25 10.84 1.49
C MET A 15 -9.61 9.93 2.52
N GLN A 16 -9.56 10.38 3.76
CA GLN A 16 -9.03 9.57 4.86
C GLN A 16 -9.85 8.29 4.99
N SER A 17 -11.17 8.43 4.92
CA SER A 17 -12.10 7.33 5.04
C SER A 17 -12.07 6.47 3.78
N ILE A 18 -12.11 7.14 2.63
CA ILE A 18 -12.15 6.46 1.34
C ILE A 18 -10.89 5.62 1.12
N MET A 19 -9.73 6.23 1.31
CA MET A 19 -8.47 5.55 1.10
C MET A 19 -8.31 4.40 2.10
N GLN A 20 -8.80 4.61 3.31
CA GLN A 20 -8.75 3.58 4.33
C GLN A 20 -9.64 2.40 3.97
N ASN A 21 -10.86 2.70 3.53
CA ASN A 21 -11.83 1.67 3.20
C ASN A 21 -11.43 0.90 1.95
N LEU A 22 -11.05 1.64 0.91
CA LEU A 22 -10.68 1.03 -0.36
C LEU A 22 -9.41 0.19 -0.23
N LEU A 23 -8.58 0.52 0.75
CA LEU A 23 -7.34 -0.20 0.95
C LEU A 23 -7.42 -1.10 2.18
N SER A 24 -8.64 -1.34 2.64
CA SER A 24 -8.86 -2.28 3.73
C SER A 24 -8.48 -3.68 3.25
N LYS A 25 -8.33 -4.62 4.19
CA LYS A 25 -7.86 -5.97 3.87
C LYS A 25 -8.71 -6.63 2.79
N ASP A 26 -9.96 -6.18 2.69
CA ASP A 26 -10.89 -6.64 1.66
C ASP A 26 -10.26 -6.52 0.28
N VAL A 27 -9.99 -5.29 -0.15
CA VAL A 27 -9.45 -5.03 -1.48
C VAL A 27 -7.93 -5.07 -1.47
N LEU A 28 -7.33 -4.70 -0.34
CA LEU A 28 -5.88 -4.61 -0.22
C LEU A 28 -5.20 -5.91 -0.62
N TYR A 29 -5.72 -7.04 -0.17
CA TYR A 29 -5.09 -8.33 -0.46
C TYR A 29 -4.97 -8.57 -1.97
N PRO A 30 -6.09 -8.60 -2.74
CA PRO A 30 -6.02 -8.80 -4.19
C PRO A 30 -5.16 -7.77 -4.90
N SER A 31 -5.20 -6.54 -4.42
CA SER A 31 -4.41 -5.46 -5.02
C SER A 31 -2.92 -5.72 -4.83
N LEU A 32 -2.54 -6.12 -3.61
CA LEU A 32 -1.14 -6.42 -3.31
C LEU A 32 -0.70 -7.68 -4.02
N LYS A 33 -1.58 -8.68 -4.06
CA LYS A 33 -1.31 -9.94 -4.72
C LYS A 33 -1.03 -9.73 -6.21
N GLU A 34 -1.83 -8.89 -6.85
CA GLU A 34 -1.65 -8.60 -8.26
C GLU A 34 -0.29 -7.97 -8.51
N ILE A 35 0.06 -6.99 -7.68
CA ILE A 35 1.29 -6.25 -7.85
C ILE A 35 2.52 -7.11 -7.51
N THR A 36 2.39 -8.00 -6.55
CA THR A 36 3.50 -8.86 -6.18
C THR A 36 3.84 -9.82 -7.30
N GLU A 37 2.83 -10.33 -7.99
CA GLU A 37 3.06 -11.24 -9.11
C GLU A 37 3.62 -10.48 -10.31
N LYS A 38 3.41 -9.17 -10.34
CA LYS A 38 3.85 -8.32 -11.44
C LYS A 38 5.22 -7.71 -11.17
N TYR A 39 5.50 -7.47 -9.90
CA TYR A 39 6.73 -6.80 -9.49
C TYR A 39 7.99 -7.43 -10.11
N PRO A 40 8.16 -8.78 -10.05
CA PRO A 40 9.36 -9.42 -10.57
C PRO A 40 9.55 -9.23 -12.07
N GLU A 41 8.45 -9.30 -12.82
CA GLU A 41 8.52 -9.16 -14.27
C GLU A 41 8.87 -7.71 -14.64
N TRP A 42 8.27 -6.77 -13.93
CA TRP A 42 8.50 -5.36 -14.18
C TRP A 42 9.95 -5.02 -13.87
N LEU A 43 10.40 -5.47 -12.70
CA LEU A 43 11.77 -5.26 -12.26
C LEU A 43 12.77 -5.90 -13.21
N GLN A 44 12.47 -7.09 -13.68
CA GLN A 44 13.39 -7.81 -14.57
C GLN A 44 13.56 -7.07 -15.90
N SER A 45 12.47 -6.49 -16.37
CA SER A 45 12.47 -5.81 -17.66
C SER A 45 13.25 -4.51 -17.58
N HIS A 46 13.06 -3.77 -16.49
CA HIS A 46 13.73 -2.50 -16.28
C HIS A 46 15.02 -2.70 -15.52
N ARG A 47 15.35 -3.94 -15.24
CA ARG A 47 16.48 -4.28 -14.36
C ARG A 47 17.77 -3.65 -14.87
N GLU A 48 17.92 -3.60 -16.19
CA GLU A 48 19.13 -3.07 -16.81
C GLU A 48 19.18 -1.54 -16.69
N SER A 49 18.01 -0.94 -16.59
CA SER A 49 17.90 0.51 -16.49
C SER A 49 17.71 0.96 -15.03
N LEU A 50 17.49 0.00 -14.15
CA LEU A 50 17.22 0.30 -12.75
C LEU A 50 18.51 0.30 -11.94
N PRO A 51 18.74 1.39 -11.20
CA PRO A 51 19.86 1.51 -10.26
C PRO A 51 19.87 0.36 -9.28
N PRO A 52 21.06 -0.18 -8.94
CA PRO A 52 21.18 -1.31 -8.02
C PRO A 52 20.56 -0.99 -6.67
N GLU A 53 20.74 0.24 -6.22
CA GLU A 53 20.17 0.69 -4.95
C GLU A 53 18.65 0.75 -5.03
N GLN A 54 18.15 1.22 -6.16
CA GLN A 54 16.72 1.36 -6.35
C GLN A 54 16.05 0.01 -6.54
N PHE A 55 16.72 -0.84 -7.30
CA PHE A 55 16.22 -2.18 -7.61
C PHE A 55 16.04 -2.98 -6.33
N GLU A 56 16.99 -2.83 -5.42
CA GLU A 56 16.93 -3.53 -4.14
C GLU A 56 15.68 -3.14 -3.37
N LYS A 57 15.43 -1.85 -3.21
CA LYS A 57 14.28 -1.37 -2.45
C LYS A 57 12.99 -1.94 -3.02
N TYR A 58 12.95 -2.04 -4.35
CA TYR A 58 11.78 -2.58 -5.03
C TYR A 58 11.64 -4.08 -4.74
N GLN A 59 12.75 -4.77 -4.61
CA GLN A 59 12.74 -6.18 -4.23
C GLN A 59 12.28 -6.33 -2.79
N GLU A 60 12.65 -5.36 -1.96
CA GLU A 60 12.27 -5.37 -0.56
C GLU A 60 10.77 -5.21 -0.43
N GLN A 61 10.22 -4.27 -1.19
CA GLN A 61 8.78 -4.05 -1.25
C GLN A 61 8.09 -5.28 -1.79
N HIS A 62 8.68 -5.89 -2.82
CA HIS A 62 8.16 -7.10 -3.43
C HIS A 62 8.08 -8.22 -2.39
N SER A 63 9.16 -8.39 -1.64
CA SER A 63 9.21 -9.46 -0.64
C SER A 63 8.22 -9.18 0.47
N VAL A 64 8.22 -7.96 0.98
CA VAL A 64 7.33 -7.59 2.08
C VAL A 64 5.86 -7.72 1.67
N MET A 65 5.51 -7.19 0.51
CA MET A 65 4.14 -7.28 0.00
C MET A 65 3.72 -8.74 -0.16
N CYS A 66 4.65 -9.59 -0.58
CA CYS A 66 4.39 -11.01 -0.72
C CYS A 66 4.03 -11.64 0.61
N LYS A 67 4.76 -11.28 1.65
CA LYS A 67 4.53 -11.83 2.98
C LYS A 67 3.12 -11.52 3.44
N ILE A 68 2.71 -10.29 3.19
CA ILE A 68 1.39 -9.81 3.54
C ILE A 68 0.30 -10.61 2.83
N CYS A 69 0.47 -10.80 1.53
CA CYS A 69 -0.47 -11.59 0.74
C CYS A 69 -0.54 -13.02 1.28
N GLU A 70 0.62 -13.59 1.55
CA GLU A 70 0.73 -14.93 2.10
C GLU A 70 -0.06 -15.06 3.39
N GLN A 71 -0.06 -14.01 4.19
CA GLN A 71 -0.73 -14.04 5.47
C GLN A 71 -2.25 -14.15 5.28
N PHE A 72 -2.79 -13.38 4.35
CA PHE A 72 -4.23 -13.28 4.19
C PHE A 72 -4.80 -14.51 3.50
N GLU A 73 -4.05 -15.05 2.55
CA GLU A 73 -4.44 -16.29 1.88
C GLU A 73 -4.25 -17.49 2.81
N ALA A 74 -3.46 -17.28 3.85
CA ALA A 74 -3.23 -18.31 4.86
C ALA A 74 -4.00 -17.98 6.13
N GLU A 75 -4.96 -17.06 5.99
CA GLU A 75 -5.76 -16.58 7.11
C GLU A 75 -7.03 -17.39 7.25
N THR A 76 -7.44 -17.62 8.50
CA THR A 76 -8.70 -18.27 8.77
C THR A 76 -9.49 -17.50 9.82
N PRO A 77 -10.79 -17.35 9.60
CA PRO A 77 -11.69 -16.69 10.57
C PRO A 77 -11.93 -17.59 11.78
N THR A 78 -11.54 -18.86 11.65
CA THR A 78 -11.79 -19.84 12.67
C THR A 78 -10.66 -19.89 13.69
N ASP A 79 -9.55 -19.21 13.39
CA ASP A 79 -8.45 -19.12 14.35
C ASP A 79 -8.77 -18.12 15.44
N SER A 80 -8.03 -18.17 16.53
CA SER A 80 -8.33 -17.41 17.72
C SER A 80 -8.00 -15.92 17.55
N GLU A 81 -8.46 -15.11 18.49
CA GLU A 81 -8.30 -13.65 18.41
C GLU A 81 -6.83 -13.26 18.36
N THR A 82 -5.99 -13.99 19.09
CA THR A 82 -4.58 -13.68 19.15
C THR A 82 -3.92 -13.98 17.81
N THR A 83 -4.52 -14.89 17.07
CA THR A 83 -4.01 -15.24 15.76
C THR A 83 -4.35 -14.14 14.77
N GLN A 84 -5.59 -13.66 14.90
CA GLN A 84 -6.06 -12.56 14.07
C GLN A 84 -5.19 -11.33 14.31
N LYS A 85 -4.93 -11.08 15.58
CA LYS A 85 -4.14 -9.93 16.00
C LYS A 85 -2.66 -10.09 15.64
N ALA A 86 -2.11 -11.26 15.92
CA ALA A 86 -0.68 -11.50 15.70
C ALA A 86 -0.31 -11.34 14.23
N ARG A 87 -1.17 -11.85 13.37
CA ARG A 87 -1.00 -11.73 11.94
C ARG A 87 -1.15 -10.27 11.54
N PHE A 88 -2.15 -9.62 12.10
CA PHE A 88 -2.43 -8.22 11.82
C PHE A 88 -1.24 -7.33 12.21
N GLU A 89 -0.72 -7.55 13.41
CA GLU A 89 0.42 -6.77 13.90
C GLU A 89 1.64 -7.00 13.01
N MET A 90 1.87 -8.26 12.66
CA MET A 90 2.99 -8.62 11.82
C MET A 90 2.87 -8.00 10.45
N VAL A 91 1.67 -8.04 9.89
CA VAL A 91 1.40 -7.43 8.59
C VAL A 91 1.55 -5.92 8.66
N LEU A 92 0.97 -5.31 9.68
CA LEU A 92 1.07 -3.87 9.88
C LEU A 92 2.53 -3.45 10.01
N ASP A 93 3.29 -4.25 10.75
CA ASP A 93 4.72 -4.02 10.92
C ASP A 93 5.45 -4.06 9.58
N LEU A 94 5.12 -5.07 8.79
CA LEU A 94 5.68 -5.22 7.45
C LEU A 94 5.29 -4.04 6.57
N MET A 95 4.02 -3.65 6.63
CA MET A 95 3.50 -2.53 5.85
C MET A 95 4.27 -1.26 6.17
N GLN A 96 4.62 -1.08 7.44
CA GLN A 96 5.39 0.07 7.87
C GLN A 96 6.77 0.09 7.21
N GLN A 97 7.37 -1.08 7.08
CA GLN A 97 8.70 -1.20 6.51
C GLN A 97 8.68 -0.92 5.02
N LEU A 98 7.71 -1.50 4.33
CA LEU A 98 7.65 -1.40 2.88
C LEU A 98 7.28 0.02 2.44
N GLN A 99 6.37 0.66 3.17
CA GLN A 99 6.02 2.05 2.86
C GLN A 99 7.25 2.94 3.03
N ASP A 100 8.09 2.58 4.00
CA ASP A 100 9.33 3.31 4.29
C ASP A 100 10.39 3.04 3.22
N LEU A 101 10.16 2.00 2.43
CA LEU A 101 11.10 1.61 1.38
C LEU A 101 10.76 2.29 0.06
N GLY A 102 9.59 2.90 0.00
CA GLY A 102 9.17 3.61 -1.18
C GLY A 102 7.91 3.03 -1.77
N HIS A 103 7.25 3.80 -2.62
CA HIS A 103 6.02 3.34 -3.25
C HIS A 103 6.34 2.55 -4.52
N PRO A 104 5.45 1.62 -4.90
CA PRO A 104 5.57 0.89 -6.15
C PRO A 104 5.35 1.83 -7.35
N PRO A 105 5.90 1.48 -8.52
CA PRO A 105 5.77 2.30 -9.73
C PRO A 105 4.30 2.49 -10.12
N LYS A 106 3.99 3.65 -10.69
CA LYS A 106 2.62 3.97 -11.10
C LYS A 106 2.10 2.96 -12.10
N GLU A 107 3.00 2.44 -12.93
CA GLU A 107 2.65 1.43 -13.92
C GLU A 107 2.14 0.16 -13.25
N LEU A 108 2.72 -0.14 -12.10
CA LEU A 108 2.34 -1.31 -11.32
C LEU A 108 1.14 -1.01 -10.44
N ALA A 109 0.85 0.25 -10.25
CA ALA A 109 -0.28 0.68 -9.45
C ALA A 109 -1.39 1.19 -10.34
N GLY A 110 -1.26 0.91 -11.63
CA GLY A 110 -2.17 1.43 -12.64
C GLY A 110 -3.59 0.89 -12.53
N GLU A 111 -3.88 0.14 -11.48
CA GLU A 111 -5.24 -0.32 -11.24
C GLU A 111 -5.86 0.48 -10.10
N MET A 112 -5.05 1.33 -9.48
CA MET A 112 -5.51 2.14 -8.38
C MET A 112 -6.08 3.44 -8.91
N PRO A 113 -7.19 3.89 -8.32
CA PRO A 113 -7.83 5.17 -8.68
C PRO A 113 -6.83 6.32 -8.72
N PRO A 114 -6.85 7.14 -9.77
CA PRO A 114 -5.98 8.32 -9.86
C PRO A 114 -6.28 9.32 -8.74
N GLY A 115 -5.54 9.24 -7.66
CA GLY A 115 -5.73 10.14 -6.55
C GLY A 115 -5.16 9.61 -5.25
N LEU A 116 -5.51 8.37 -4.90
CA LEU A 116 -5.09 7.79 -3.63
C LEU A 116 -3.65 7.26 -3.71
N ASN A 117 -2.81 7.95 -4.48
CA ASN A 117 -1.45 7.50 -4.73
C ASN A 117 -0.59 7.59 -3.48
N PHE A 118 0.55 6.92 -3.51
CA PHE A 118 1.38 6.76 -2.33
C PHE A 118 2.74 7.41 -2.55
N ASP A 119 3.16 8.22 -1.60
CA ASP A 119 4.47 8.89 -1.68
C ASP A 119 5.21 8.73 -0.37
N LEU A 120 6.48 8.30 -0.46
CA LEU A 120 7.25 7.97 0.73
C LEU A 120 7.32 9.12 1.71
N ASP A 121 7.58 10.32 1.22
CA ASP A 121 7.70 11.48 2.10
C ASP A 121 6.40 11.71 2.86
N ALA A 122 5.28 11.58 2.15
CA ALA A 122 3.97 11.80 2.75
C ALA A 122 3.64 10.69 3.74
N LEU A 123 4.09 9.49 3.43
CA LEU A 123 3.87 8.34 4.28
C LEU A 123 4.78 8.41 5.51
N ASN A 124 5.92 9.04 5.31
CA ASN A 124 6.95 9.14 6.32
C ASN A 124 6.63 10.24 7.32
N LEU A 125 5.97 11.29 6.83
CA LEU A 125 5.70 12.48 7.64
C LEU A 125 7.01 13.10 8.10
N SER A 126 7.96 13.15 7.15
CA SER A 126 9.31 13.63 7.43
C SER A 126 9.28 14.98 8.14
N GLY A 127 8.52 15.92 7.60
CA GLY A 127 8.44 17.24 8.19
C GLY A 127 7.40 18.11 7.51
N PRO A 128 6.10 17.82 7.74
CA PRO A 128 5.01 18.58 7.15
C PRO A 128 4.85 19.95 7.81
N PRO A 129 4.18 20.89 7.12
CA PRO A 129 3.88 22.23 7.66
C PRO A 129 2.98 22.18 8.91
N GLY A 130 2.41 21.01 9.18
CA GLY A 130 1.61 20.85 10.37
C GLY A 130 0.53 19.81 10.20
N ALA A 131 0.92 18.61 9.81
CA ALA A 131 -0.02 17.52 9.60
C ALA A 131 -0.22 16.74 10.90
N SER A 132 -1.42 16.21 11.08
CA SER A 132 -1.72 15.38 12.23
C SER A 132 -1.42 13.92 11.90
N GLY A 133 -1.28 13.64 10.61
CA GLY A 133 -0.99 12.30 10.16
C GLY A 133 -1.54 12.02 8.78
N GLU A 134 -0.83 12.49 7.75
CA GLU A 134 -1.24 12.23 6.36
C GLU A 134 -0.91 10.79 5.99
N GLN A 135 -1.71 9.86 6.47
CA GLN A 135 -1.50 8.46 6.24
C GLN A 135 -2.55 7.91 5.27
N CYS A 136 -2.75 6.59 5.27
CA CYS A 136 -3.63 5.95 4.32
C CYS A 136 -4.65 5.08 5.05
N LEU A 137 -4.18 3.95 5.55
CA LEU A 137 -5.02 3.02 6.30
C LEU A 137 -4.39 2.71 7.65
N ILE A 138 -3.32 3.42 7.97
CA ILE A 138 -2.57 3.20 9.19
C ILE A 138 -3.17 3.98 10.35
N MET A 139 -2.93 5.27 10.36
CA MET A 139 -3.43 6.16 11.39
C MET A 139 -4.35 7.20 10.78
C1 FAR B . -0.41 4.75 4.56
C2 FAR B . -0.32 3.24 4.40
C3 FAR B . 0.52 2.55 3.65
C5 FAR B . 0.45 1.05 3.63
C6 FAR B . -0.47 0.47 2.57
C7 FAR B . 0.06 0.71 1.17
C8 FAR B . 1.19 0.22 0.64
C9 FAR B . 1.60 0.54 -0.79
C11 FAR B . 0.93 -0.30 -1.85
C12 FAR B . -0.57 -0.46 -1.61
C13 FAR B . -1.54 -0.48 -2.49
C14 FAR B . -1.33 -0.30 -3.97
C15 FAR B . -2.97 -0.64 -2.07
C4 FAR B . 1.57 3.17 2.76
C10 FAR B . 2.09 -0.72 1.36
H11 FAR B . -1.00 4.98 5.43
H12A FAR B . 0.56 5.12 4.70
H2 FAR B . -1.07 2.71 4.97
H51 FAR B . 0.11 0.73 4.61
H52 FAR B . 1.44 0.67 3.47
H61 FAR B . -0.56 -0.59 2.74
H62 FAR B . -1.44 0.93 2.67
H7 FAR B . -0.59 1.34 0.57
H91 FAR B . 2.67 0.41 -0.85
H92 FAR B . 1.36 1.58 -0.97
H111 FAR B . 1.08 0.17 -2.81
H112 FAR B . 1.39 -1.27 -1.86
H12 FAR B . -0.80 -0.60 -0.56
H141 FAR B . -0.78 -1.14 -4.36
H142 FAR B . -2.27 -0.22 -4.47
H143 FAR B . -0.76 0.61 -4.15
H151 FAR B . -3.47 0.32 -2.13
H152 FAR B . -3.46 -1.34 -2.74
H153 FAR B . -3.00 -1.01 -1.06
H41 FAR B . 2.15 3.87 3.33
H42 FAR B . 1.07 3.69 1.95
H43 FAR B . 2.20 2.40 2.36
H101 FAR B . 1.58 -1.09 2.25
H102 FAR B . 2.99 -0.20 1.66
H103 FAR B . 2.33 -1.55 0.72
N GLY A 1 -8.73 16.73 -18.03
CA GLY A 1 -7.60 15.80 -18.20
C GLY A 1 -7.32 15.01 -16.94
N MET A 2 -6.18 15.26 -16.32
CA MET A 2 -5.80 14.59 -15.09
C MET A 2 -6.22 15.43 -13.89
N ASP A 3 -6.82 16.57 -14.18
CA ASP A 3 -7.27 17.50 -13.15
C ASP A 3 -8.55 16.99 -12.51
N GLU A 4 -8.78 17.41 -11.27
CA GLU A 4 -9.98 17.03 -10.55
C GLU A 4 -11.19 17.79 -11.08
N GLY A 5 -12.06 17.09 -11.80
CA GLY A 5 -13.23 17.71 -12.35
C GLY A 5 -14.23 18.08 -11.28
N ASP A 6 -14.48 17.16 -10.36
CA ASP A 6 -15.41 17.38 -9.27
C ASP A 6 -14.87 16.82 -7.97
N GLY A 7 -14.32 17.69 -7.15
CA GLY A 7 -13.77 17.26 -5.88
C GLY A 7 -13.80 18.37 -4.84
N GLU A 8 -14.97 18.97 -4.66
CA GLU A 8 -15.13 20.05 -3.71
C GLU A 8 -15.71 19.54 -2.39
N GLY A 9 -15.59 20.35 -1.35
CA GLY A 9 -16.10 19.97 -0.05
C GLY A 9 -15.01 19.57 0.90
N ASN A 10 -13.78 19.99 0.60
CA ASN A 10 -12.61 19.66 1.42
C ASN A 10 -12.49 18.17 1.63
N ILE A 11 -12.40 17.44 0.53
CA ILE A 11 -12.30 15.98 0.59
C ILE A 11 -10.88 15.57 0.93
N LEU A 12 -9.96 16.53 0.84
CA LEU A 12 -8.53 16.27 1.06
C LEU A 12 -8.28 15.46 2.33
N PRO A 13 -8.73 15.94 3.51
CA PRO A 13 -8.50 15.21 4.76
C PRO A 13 -9.35 13.96 4.88
N ILE A 14 -10.49 13.97 4.19
CA ILE A 14 -11.42 12.85 4.25
C ILE A 14 -10.94 11.71 3.34
N MET A 15 -10.01 12.02 2.46
CA MET A 15 -9.46 11.04 1.54
C MET A 15 -8.84 9.87 2.31
N GLN A 16 -8.42 10.14 3.54
CA GLN A 16 -7.87 9.11 4.40
C GLN A 16 -8.91 8.02 4.66
N SER A 17 -10.15 8.42 4.85
CA SER A 17 -11.24 7.50 5.12
C SER A 17 -11.59 6.70 3.88
N ILE A 18 -11.69 7.41 2.76
CA ILE A 18 -11.95 6.79 1.47
C ILE A 18 -10.84 5.79 1.13
N MET A 19 -9.61 6.25 1.26
CA MET A 19 -8.43 5.43 1.00
C MET A 19 -8.38 4.24 1.94
N GLN A 20 -8.83 4.45 3.18
CA GLN A 20 -8.85 3.40 4.18
C GLN A 20 -9.86 2.32 3.81
N ASN A 21 -11.02 2.73 3.30
CA ASN A 21 -12.05 1.79 2.89
C ASN A 21 -11.62 1.03 1.63
N LEU A 22 -11.15 1.79 0.64
CA LEU A 22 -10.76 1.20 -0.64
C LEU A 22 -9.56 0.28 -0.50
N LEU A 23 -8.73 0.54 0.49
CA LEU A 23 -7.53 -0.26 0.71
C LEU A 23 -7.68 -1.16 1.92
N SER A 24 -8.92 -1.36 2.35
CA SER A 24 -9.21 -2.33 3.41
C SER A 24 -8.71 -3.71 2.99
N LYS A 25 -8.53 -4.61 3.95
CA LYS A 25 -7.98 -5.94 3.69
C LYS A 25 -8.77 -6.65 2.59
N ASP A 26 -10.04 -6.27 2.48
CA ASP A 26 -10.94 -6.82 1.48
C ASP A 26 -10.39 -6.62 0.07
N VAL A 27 -10.09 -5.38 -0.28
CA VAL A 27 -9.55 -5.06 -1.60
C VAL A 27 -8.02 -5.12 -1.60
N LEU A 28 -7.41 -4.78 -0.47
CA LEU A 28 -5.97 -4.71 -0.35
C LEU A 28 -5.29 -6.02 -0.75
N TYR A 29 -5.81 -7.14 -0.24
CA TYR A 29 -5.21 -8.45 -0.51
C TYR A 29 -5.05 -8.72 -2.03
N PRO A 30 -6.14 -8.71 -2.82
CA PRO A 30 -6.04 -8.96 -4.26
C PRO A 30 -5.18 -7.93 -4.99
N SER A 31 -5.26 -6.69 -4.54
CA SER A 31 -4.49 -5.61 -5.16
C SER A 31 -3.00 -5.83 -4.94
N LEU A 32 -2.62 -6.20 -3.73
CA LEU A 32 -1.22 -6.46 -3.40
C LEU A 32 -0.75 -7.73 -4.11
N LYS A 33 -1.61 -8.74 -4.11
CA LYS A 33 -1.32 -10.00 -4.78
C LYS A 33 -1.07 -9.80 -6.27
N GLU A 34 -1.90 -8.95 -6.88
CA GLU A 34 -1.75 -8.63 -8.28
C GLU A 34 -0.40 -7.99 -8.56
N ILE A 35 -0.06 -7.01 -7.74
CA ILE A 35 1.15 -6.25 -7.94
C ILE A 35 2.39 -7.07 -7.62
N THR A 36 2.29 -7.96 -6.66
CA THR A 36 3.41 -8.83 -6.32
C THR A 36 3.74 -9.79 -7.46
N GLU A 37 2.71 -10.30 -8.13
CA GLU A 37 2.90 -11.17 -9.28
C GLU A 37 3.55 -10.39 -10.44
N LYS A 38 3.23 -9.11 -10.51
CA LYS A 38 3.68 -8.27 -11.62
C LYS A 38 5.02 -7.61 -11.34
N TYR A 39 5.31 -7.43 -10.05
CA TYR A 39 6.52 -6.74 -9.61
C TYR A 39 7.80 -7.30 -10.27
N PRO A 40 8.03 -8.63 -10.23
CA PRO A 40 9.25 -9.22 -10.81
C PRO A 40 9.36 -8.96 -12.31
N GLU A 41 8.22 -8.96 -12.99
CA GLU A 41 8.18 -8.68 -14.43
C GLU A 41 8.65 -7.27 -14.72
N TRP A 42 8.15 -6.33 -13.95
CA TRP A 42 8.50 -4.94 -14.12
C TRP A 42 9.98 -4.74 -13.82
N LEU A 43 10.40 -5.28 -12.69
CA LEU A 43 11.78 -5.18 -12.24
C LEU A 43 12.75 -5.81 -13.22
N GLN A 44 12.41 -6.99 -13.72
CA GLN A 44 13.30 -7.71 -14.63
C GLN A 44 13.51 -6.91 -15.92
N SER A 45 12.45 -6.30 -16.39
CA SER A 45 12.47 -5.58 -17.65
C SER A 45 13.26 -4.29 -17.54
N HIS A 46 13.08 -3.56 -16.43
CA HIS A 46 13.76 -2.31 -16.20
C HIS A 46 15.06 -2.52 -15.43
N ARG A 47 15.36 -3.78 -15.14
CA ARG A 47 16.50 -4.11 -14.26
C ARG A 47 17.79 -3.52 -14.79
N GLU A 48 17.91 -3.47 -16.12
CA GLU A 48 19.12 -2.94 -16.76
C GLU A 48 19.21 -1.43 -16.59
N SER A 49 18.05 -0.80 -16.45
CA SER A 49 17.97 0.64 -16.30
C SER A 49 17.84 1.03 -14.83
N LEU A 50 17.63 0.04 -13.98
CA LEU A 50 17.42 0.26 -12.57
C LEU A 50 18.72 0.16 -11.79
N PRO A 51 19.04 1.20 -11.01
CA PRO A 51 20.21 1.21 -10.14
C PRO A 51 20.10 0.15 -9.05
N PRO A 52 21.22 -0.47 -8.67
CA PRO A 52 21.26 -1.54 -7.66
C PRO A 52 20.55 -1.14 -6.37
N GLU A 53 20.73 0.11 -5.96
CA GLU A 53 20.15 0.59 -4.70
C GLU A 53 18.63 0.64 -4.79
N GLN A 54 18.13 1.11 -5.93
CA GLN A 54 16.70 1.23 -6.13
C GLN A 54 16.08 -0.15 -6.37
N PHE A 55 16.80 -0.97 -7.13
CA PHE A 55 16.37 -2.31 -7.47
C PHE A 55 16.16 -3.13 -6.21
N GLU A 56 17.10 -3.01 -5.29
CA GLU A 56 17.02 -3.72 -4.02
C GLU A 56 15.76 -3.33 -3.24
N LYS A 57 15.53 -2.04 -3.08
CA LYS A 57 14.36 -1.57 -2.31
C LYS A 57 13.08 -2.12 -2.93
N TYR A 58 13.04 -2.18 -4.24
CA TYR A 58 11.88 -2.69 -4.95
C TYR A 58 11.71 -4.18 -4.71
N GLN A 59 12.83 -4.89 -4.58
CA GLN A 59 12.81 -6.30 -4.24
C GLN A 59 12.31 -6.49 -2.82
N GLU A 60 12.65 -5.54 -1.95
CA GLU A 60 12.21 -5.59 -0.57
C GLU A 60 10.71 -5.41 -0.50
N GLN A 61 10.21 -4.45 -1.26
CA GLN A 61 8.78 -4.20 -1.34
C GLN A 61 8.06 -5.41 -1.92
N HIS A 62 8.66 -6.01 -2.95
CA HIS A 62 8.12 -7.22 -3.56
C HIS A 62 8.01 -8.34 -2.52
N SER A 63 9.07 -8.54 -1.75
CA SER A 63 9.10 -9.60 -0.77
C SER A 63 8.10 -9.30 0.35
N VAL A 64 8.13 -8.08 0.85
CA VAL A 64 7.26 -7.68 1.95
C VAL A 64 5.79 -7.75 1.56
N MET A 65 5.44 -7.20 0.40
CA MET A 65 4.05 -7.24 -0.08
C MET A 65 3.57 -8.67 -0.23
N CYS A 66 4.45 -9.56 -0.68
CA CYS A 66 4.12 -10.97 -0.81
C CYS A 66 3.76 -11.57 0.54
N LYS A 67 4.52 -11.22 1.56
CA LYS A 67 4.29 -11.76 2.89
C LYS A 67 2.91 -11.38 3.39
N ILE A 68 2.55 -10.14 3.16
CA ILE A 68 1.25 -9.61 3.54
C ILE A 68 0.14 -10.41 2.88
N CYS A 69 0.28 -10.65 1.59
CA CYS A 69 -0.67 -11.46 0.85
C CYS A 69 -0.68 -12.88 1.39
N GLU A 70 0.51 -13.42 1.66
CA GLU A 70 0.65 -14.77 2.20
C GLU A 70 -0.11 -14.93 3.50
N GLN A 71 -0.09 -13.89 4.34
CA GLN A 71 -0.72 -13.96 5.63
C GLN A 71 -2.24 -14.02 5.50
N PHE A 72 -2.79 -13.23 4.61
CA PHE A 72 -4.24 -13.16 4.44
C PHE A 72 -4.77 -14.39 3.72
N GLU A 73 -4.02 -14.87 2.73
CA GLU A 73 -4.40 -16.09 2.01
C GLU A 73 -4.22 -17.31 2.91
N ALA A 74 -3.43 -17.14 3.96
CA ALA A 74 -3.17 -18.22 4.91
C ALA A 74 -3.95 -17.95 6.20
N GLU A 75 -4.89 -17.02 6.13
CA GLU A 75 -5.73 -16.68 7.26
C GLU A 75 -6.97 -17.57 7.29
N THR A 76 -7.39 -17.95 8.48
CA THR A 76 -8.56 -18.79 8.64
C THR A 76 -9.57 -18.12 9.57
N PRO A 77 -10.86 -18.42 9.40
CA PRO A 77 -11.91 -17.95 10.29
C PRO A 77 -11.80 -18.59 11.68
N THR A 78 -10.97 -19.62 11.78
CA THR A 78 -10.83 -20.36 13.03
C THR A 78 -9.64 -19.87 13.86
N ASP A 79 -8.82 -19.00 13.27
CA ASP A 79 -7.71 -18.40 13.99
C ASP A 79 -8.22 -17.54 15.15
N SER A 80 -7.51 -17.60 16.27
CA SER A 80 -7.94 -16.92 17.48
C SER A 80 -7.73 -15.41 17.39
N GLU A 81 -8.29 -14.68 18.35
CA GLU A 81 -8.18 -13.23 18.39
C GLU A 81 -6.73 -12.78 18.50
N THR A 82 -5.92 -13.56 19.23
CA THR A 82 -4.52 -13.25 19.40
C THR A 82 -3.79 -13.44 18.07
N THR A 83 -4.36 -14.29 17.24
CA THR A 83 -3.83 -14.57 15.93
C THR A 83 -4.17 -13.43 14.98
N GLN A 84 -5.42 -12.99 15.07
CA GLN A 84 -5.88 -11.86 14.27
C GLN A 84 -5.05 -10.63 14.59
N LYS A 85 -4.80 -10.47 15.88
CA LYS A 85 -4.01 -9.36 16.38
C LYS A 85 -2.52 -9.50 15.99
N ALA A 86 -1.98 -10.69 16.20
CA ALA A 86 -0.59 -10.95 15.85
C ALA A 86 -0.35 -10.77 14.36
N ARG A 87 -1.29 -11.27 13.56
CA ARG A 87 -1.21 -11.17 12.11
C ARG A 87 -1.27 -9.71 11.71
N PHE A 88 -2.20 -8.98 12.30
CA PHE A 88 -2.37 -7.57 12.02
C PHE A 88 -1.11 -6.79 12.37
N GLU A 89 -0.55 -7.03 13.54
CA GLU A 89 0.66 -6.35 13.98
C GLU A 89 1.83 -6.66 13.05
N MET A 90 1.98 -7.94 12.72
CA MET A 90 3.07 -8.39 11.87
C MET A 90 2.92 -7.84 10.45
N VAL A 91 1.71 -7.91 9.92
CA VAL A 91 1.42 -7.38 8.59
C VAL A 91 1.62 -5.86 8.57
N LEU A 92 1.08 -5.19 9.58
CA LEU A 92 1.22 -3.74 9.67
C LEU A 92 2.69 -3.35 9.77
N ASP A 93 3.47 -4.13 10.50
CA ASP A 93 4.91 -3.86 10.63
C ASP A 93 5.58 -4.00 9.27
N LEU A 94 5.19 -5.02 8.54
CA LEU A 94 5.66 -5.22 7.18
C LEU A 94 5.26 -4.04 6.29
N MET A 95 4.01 -3.61 6.42
CA MET A 95 3.50 -2.46 5.68
C MET A 95 4.29 -1.21 6.05
N GLN A 96 4.64 -1.08 7.33
CA GLN A 96 5.45 0.03 7.82
C GLN A 96 6.82 0.06 7.14
N GLN A 97 7.43 -1.11 6.98
CA GLN A 97 8.75 -1.23 6.40
C GLN A 97 8.73 -0.92 4.91
N LEU A 98 7.78 -1.52 4.21
CA LEU A 98 7.72 -1.43 2.77
C LEU A 98 7.34 -0.01 2.32
N GLN A 99 6.42 0.63 3.04
CA GLN A 99 6.07 2.01 2.73
C GLN A 99 7.29 2.90 2.89
N ASP A 100 8.11 2.58 3.89
CA ASP A 100 9.34 3.30 4.17
C ASP A 100 10.43 2.96 3.15
N LEU A 101 10.20 1.90 2.39
CA LEU A 101 11.16 1.44 1.39
C LEU A 101 10.88 2.09 0.04
N GLY A 102 9.68 2.60 -0.11
CA GLY A 102 9.31 3.27 -1.33
C GLY A 102 8.01 2.76 -1.87
N HIS A 103 7.35 3.55 -2.69
CA HIS A 103 6.11 3.16 -3.32
C HIS A 103 6.38 2.34 -4.58
N PRO A 104 5.47 1.43 -4.94
CA PRO A 104 5.57 0.69 -6.18
C PRO A 104 5.44 1.62 -7.38
N PRO A 105 5.96 1.20 -8.55
CA PRO A 105 5.88 1.99 -9.78
C PRO A 105 4.44 2.24 -10.20
N LYS A 106 4.18 3.41 -10.76
CA LYS A 106 2.83 3.79 -11.18
C LYS A 106 2.26 2.80 -12.19
N GLU A 107 3.12 2.24 -13.04
CA GLU A 107 2.69 1.28 -14.04
C GLU A 107 2.16 0.02 -13.36
N LEU A 108 2.69 -0.28 -12.18
CA LEU A 108 2.25 -1.42 -11.39
C LEU A 108 1.07 -1.06 -10.52
N ALA A 109 0.82 0.23 -10.36
CA ALA A 109 -0.28 0.70 -9.54
C ALA A 109 -1.37 1.26 -10.45
N GLY A 110 -1.24 1.00 -11.75
CA GLY A 110 -2.12 1.56 -12.75
C GLY A 110 -3.56 1.09 -12.66
N GLU A 111 -3.87 0.27 -11.67
CA GLU A 111 -5.23 -0.21 -11.46
C GLU A 111 -5.83 0.42 -10.21
N MET A 112 -5.08 1.36 -9.65
CA MET A 112 -5.53 2.13 -8.51
C MET A 112 -6.22 3.40 -8.99
N PRO A 113 -7.25 3.85 -8.25
CA PRO A 113 -7.95 5.10 -8.53
C PRO A 113 -7.00 6.30 -8.62
N PRO A 114 -7.40 7.36 -9.32
CA PRO A 114 -6.59 8.56 -9.44
C PRO A 114 -6.69 9.46 -8.21
N GLY A 115 -5.71 9.37 -7.31
CA GLY A 115 -5.68 10.27 -6.17
C GLY A 115 -5.08 9.64 -4.94
N LEU A 116 -5.43 8.38 -4.67
CA LEU A 116 -4.97 7.70 -3.47
C LEU A 116 -3.55 7.16 -3.63
N ASN A 117 -2.71 7.95 -4.30
CA ASN A 117 -1.35 7.55 -4.61
C ASN A 117 -0.52 7.46 -3.34
N PHE A 118 0.60 6.76 -3.42
CA PHE A 118 1.40 6.48 -2.24
C PHE A 118 2.74 7.19 -2.36
N ASP A 119 2.85 8.34 -1.71
CA ASP A 119 4.08 9.11 -1.74
C ASP A 119 4.88 8.90 -0.47
N LEU A 120 6.11 8.41 -0.62
CA LEU A 120 6.93 8.02 0.53
C LEU A 120 7.10 9.16 1.52
N ASP A 121 7.38 10.35 1.03
CA ASP A 121 7.53 11.51 1.90
C ASP A 121 6.23 11.77 2.68
N ALA A 122 5.11 11.67 1.99
CA ALA A 122 3.80 11.88 2.62
C ALA A 122 3.47 10.73 3.57
N LEU A 123 4.10 9.60 3.35
CA LEU A 123 3.92 8.44 4.21
C LEU A 123 4.82 8.55 5.43
N ASN A 124 5.96 9.19 5.22
CA ASN A 124 6.97 9.34 6.24
C ASN A 124 6.60 10.45 7.22
N LEU A 125 6.39 10.09 8.47
CA LEU A 125 6.01 11.06 9.49
C LEU A 125 7.24 11.56 10.24
N SER A 126 8.28 11.88 9.49
CA SER A 126 9.55 12.32 10.06
C SER A 126 9.40 13.69 10.74
N GLY A 127 8.60 14.57 10.16
CA GLY A 127 8.43 15.89 10.72
C GLY A 127 7.13 16.53 10.28
N PRO A 128 5.98 16.05 10.79
CA PRO A 128 4.68 16.63 10.46
C PRO A 128 4.42 17.92 11.23
N PRO A 129 3.64 18.85 10.63
CA PRO A 129 3.26 20.11 11.30
C PRO A 129 2.39 19.87 12.54
N GLY A 130 1.85 18.67 12.65
CA GLY A 130 1.02 18.31 13.77
C GLY A 130 0.14 17.12 13.45
N ALA A 131 0.77 16.01 13.10
CA ALA A 131 0.05 14.84 12.65
C ALA A 131 0.33 13.63 13.53
N SER A 132 -0.73 13.05 14.06
CA SER A 132 -0.61 11.83 14.83
C SER A 132 -0.85 10.62 13.94
N GLY A 133 -1.49 10.86 12.81
CA GLY A 133 -1.78 9.80 11.86
C GLY A 133 -1.53 10.23 10.43
N GLU A 134 -2.56 10.82 9.82
CA GLU A 134 -2.49 11.26 8.42
C GLU A 134 -2.04 10.10 7.53
N GLN A 135 -2.56 8.91 7.83
CA GLN A 135 -2.14 7.71 7.16
C GLN A 135 -3.11 7.32 6.05
N CYS A 136 -2.93 6.12 5.53
CA CYS A 136 -3.66 5.65 4.37
C CYS A 136 -4.81 4.76 4.82
N LEU A 137 -4.47 3.60 5.35
CA LEU A 137 -5.44 2.67 5.91
C LEU A 137 -5.03 2.30 7.32
N ILE A 138 -3.99 2.97 7.79
CA ILE A 138 -3.36 2.62 9.05
C ILE A 138 -3.99 3.38 10.22
N MET A 139 -3.75 4.68 10.27
CA MET A 139 -4.31 5.50 11.34
C MET A 139 -5.56 6.20 10.84
C1 FAR B . -0.30 4.57 4.77
C2 FAR B . -0.17 3.08 4.48
C3 FAR B . 0.64 2.47 3.64
C5 FAR B . 0.63 0.97 3.53
C6 FAR B . -0.33 0.40 2.49
C7 FAR B . 0.16 0.64 1.07
C8 FAR B . 1.22 0.09 0.49
C9 FAR B . 1.60 0.42 -0.93
C11 FAR B . 0.92 -0.41 -2.00
C12 FAR B . -0.56 -0.62 -1.74
C13 FAR B . -1.56 -0.67 -2.60
C14 FAR B . -1.35 -0.47 -4.09
C15 FAR B . -2.98 -0.88 -2.19
C4 FAR B . 1.56 3.19 2.68
C10 FAR B . 2.06 -0.95 1.16
H11 FAR B . -0.87 4.72 5.65
H12A FAR B . 0.66 4.96 4.93
H2 FAR B . -0.84 2.48 5.08
H51 FAR B . 0.36 0.57 4.50
H52 FAR B . 1.62 0.64 3.28
H61 FAR B . -0.44 -0.65 2.66
H62 FAR B . -1.29 0.89 2.61
H7 FAR B . -0.46 1.32 0.51
H91 FAR B . 2.68 0.29 -1.03
H92 FAR B . 1.36 1.46 -1.11
H111 FAR B . 1.04 0.09 -2.95
H112 FAR B . 1.40 -1.38 -2.04
H12 FAR B . -0.79 -0.75 -0.69
H141 FAR B . -0.84 0.46 -4.27
H142 FAR B . -0.75 -1.28 -4.48
H143 FAR B . -2.31 -0.47 -4.58
H151 FAR B . -3.01 -1.10 -1.12
H152 FAR B . -3.54 0.02 -2.38
H153 FAR B . -3.40 -1.70 -2.73
H41 FAR B . 0.98 3.70 1.93
H42 FAR B . 2.22 2.47 2.20
H43 FAR B . 2.15 3.91 3.23
H101 FAR B . 1.49 -1.42 1.94
H102 FAR B . 2.94 -0.49 1.58
H103 FAR B . 2.35 -1.70 0.42
N GLY A 1 -10.11 20.56 -6.52
CA GLY A 1 -10.49 21.88 -5.96
C GLY A 1 -11.40 22.62 -6.91
N MET A 2 -11.14 23.90 -7.12
CA MET A 2 -11.88 24.66 -8.11
C MET A 2 -11.19 24.56 -9.45
N ASP A 3 -11.19 23.35 -9.99
CA ASP A 3 -10.51 23.07 -11.25
C ASP A 3 -11.42 23.39 -12.42
N GLU A 4 -10.96 23.08 -13.62
CA GLU A 4 -11.72 23.40 -14.82
C GLU A 4 -12.74 22.31 -15.13
N GLY A 5 -12.51 21.15 -14.55
CA GLY A 5 -13.42 20.04 -14.72
C GLY A 5 -13.85 19.46 -13.39
N ASP A 6 -14.90 18.66 -13.39
CA ASP A 6 -15.39 18.06 -12.16
C ASP A 6 -14.68 16.75 -11.87
N GLY A 7 -14.23 16.59 -10.64
CA GLY A 7 -13.55 15.37 -10.24
C GLY A 7 -13.04 15.44 -8.82
N GLU A 8 -12.13 16.38 -8.57
CA GLU A 8 -11.56 16.56 -7.25
C GLU A 8 -12.32 17.63 -6.49
N GLY A 9 -13.08 17.22 -5.49
CA GLY A 9 -13.81 18.16 -4.68
C GLY A 9 -13.19 18.32 -3.31
N ASN A 10 -13.98 18.81 -2.36
CA ASN A 10 -13.51 19.03 -0.99
C ASN A 10 -13.51 17.73 -0.19
N ILE A 11 -13.25 16.63 -0.89
CA ILE A 11 -13.27 15.32 -0.29
C ILE A 11 -11.91 14.99 0.31
N LEU A 12 -10.98 15.95 0.18
CA LEU A 12 -9.60 15.80 0.63
C LEU A 12 -9.50 15.20 2.04
N PRO A 13 -10.16 15.81 3.05
CA PRO A 13 -10.06 15.35 4.43
C PRO A 13 -10.80 14.03 4.65
N ILE A 14 -11.82 13.78 3.83
CA ILE A 14 -12.62 12.58 3.94
C ILE A 14 -11.91 11.40 3.29
N MET A 15 -10.90 11.70 2.47
CA MET A 15 -10.16 10.68 1.73
C MET A 15 -9.53 9.67 2.66
N GLN A 16 -9.30 10.06 3.91
CA GLN A 16 -8.71 9.16 4.90
C GLN A 16 -9.56 7.90 5.07
N SER A 17 -10.86 8.08 5.30
CA SER A 17 -11.77 6.96 5.49
C SER A 17 -12.03 6.24 4.18
N ILE A 18 -12.15 7.01 3.10
CA ILE A 18 -12.40 6.46 1.78
C ILE A 18 -11.22 5.58 1.33
N MET A 19 -10.02 6.11 1.47
CA MET A 19 -8.81 5.37 1.11
C MET A 19 -8.67 4.15 2.00
N GLN A 20 -9.13 4.27 3.23
CA GLN A 20 -9.16 3.17 4.17
C GLN A 20 -10.11 2.08 3.69
N ASN A 21 -11.26 2.48 3.17
CA ASN A 21 -12.25 1.53 2.66
C ASN A 21 -11.75 0.86 1.38
N LEU A 22 -11.26 1.67 0.46
CA LEU A 22 -10.80 1.17 -0.83
C LEU A 22 -9.57 0.29 -0.68
N LEU A 23 -8.77 0.56 0.34
CA LEU A 23 -7.56 -0.21 0.57
C LEU A 23 -7.71 -1.13 1.78
N SER A 24 -8.95 -1.37 2.19
CA SER A 24 -9.22 -2.29 3.28
C SER A 24 -8.78 -3.70 2.88
N LYS A 25 -8.68 -4.60 3.85
CA LYS A 25 -8.15 -5.95 3.62
C LYS A 25 -8.89 -6.64 2.47
N ASP A 26 -10.14 -6.28 2.30
CA ASP A 26 -10.97 -6.82 1.22
C ASP A 26 -10.30 -6.62 -0.14
N VAL A 27 -10.03 -5.38 -0.51
CA VAL A 27 -9.43 -5.06 -1.79
C VAL A 27 -7.91 -5.14 -1.73
N LEU A 28 -7.35 -4.81 -0.58
CA LEU A 28 -5.90 -4.77 -0.40
C LEU A 28 -5.24 -6.11 -0.75
N TYR A 29 -5.83 -7.21 -0.29
CA TYR A 29 -5.27 -8.55 -0.52
C TYR A 29 -5.04 -8.81 -2.02
N PRO A 30 -6.09 -8.77 -2.87
CA PRO A 30 -5.93 -9.05 -4.31
C PRO A 30 -5.05 -8.02 -5.00
N SER A 31 -5.15 -6.76 -4.58
CA SER A 31 -4.36 -5.70 -5.19
C SER A 31 -2.87 -5.92 -4.95
N LEU A 32 -2.52 -6.29 -3.73
CA LEU A 32 -1.13 -6.55 -3.39
C LEU A 32 -0.64 -7.81 -4.09
N LYS A 33 -1.50 -8.82 -4.16
CA LYS A 33 -1.17 -10.07 -4.83
C LYS A 33 -0.93 -9.85 -6.32
N GLU A 34 -1.75 -8.99 -6.93
CA GLU A 34 -1.58 -8.67 -8.34
C GLU A 34 -0.24 -8.00 -8.59
N ILE A 35 0.08 -7.02 -7.77
CA ILE A 35 1.27 -6.22 -7.95
C ILE A 35 2.52 -7.02 -7.63
N THR A 36 2.43 -7.94 -6.69
CA THR A 36 3.57 -8.78 -6.34
C THR A 36 3.94 -9.70 -7.49
N GLU A 37 2.95 -10.24 -8.18
CA GLU A 37 3.21 -11.12 -9.31
C GLU A 37 3.71 -10.33 -10.52
N LYS A 38 3.42 -9.04 -10.53
CA LYS A 38 3.82 -8.16 -11.63
C LYS A 38 5.17 -7.52 -11.34
N TYR A 39 5.47 -7.33 -10.07
CA TYR A 39 6.70 -6.71 -9.63
C TYR A 39 7.94 -7.29 -10.34
N PRO A 40 8.13 -8.63 -10.34
CA PRO A 40 9.30 -9.25 -10.98
C PRO A 40 9.37 -8.96 -12.48
N GLU A 41 8.21 -8.85 -13.11
CA GLU A 41 8.14 -8.57 -14.54
C GLU A 41 8.62 -7.15 -14.84
N TRP A 42 8.11 -6.20 -14.07
CA TRP A 42 8.48 -4.81 -14.25
C TRP A 42 9.95 -4.62 -13.96
N LEU A 43 10.37 -5.17 -12.83
CA LEU A 43 11.76 -5.09 -12.38
C LEU A 43 12.71 -5.71 -13.39
N GLN A 44 12.39 -6.91 -13.87
CA GLN A 44 13.29 -7.61 -14.79
C GLN A 44 13.45 -6.83 -16.09
N SER A 45 12.38 -6.16 -16.48
CA SER A 45 12.36 -5.39 -17.71
C SER A 45 13.25 -4.15 -17.59
N HIS A 46 13.08 -3.42 -16.50
CA HIS A 46 13.80 -2.19 -16.26
C HIS A 46 15.09 -2.43 -15.49
N ARG A 47 15.37 -3.69 -15.20
CA ARG A 47 16.46 -4.05 -14.30
C ARG A 47 17.79 -3.49 -14.81
N GLU A 48 17.95 -3.50 -16.13
CA GLU A 48 19.18 -3.02 -16.76
C GLU A 48 19.26 -1.51 -16.71
N SER A 49 18.10 -0.89 -16.56
CA SER A 49 18.01 0.56 -16.47
C SER A 49 17.89 1.00 -15.01
N LEU A 50 17.66 0.05 -14.12
CA LEU A 50 17.44 0.32 -12.72
C LEU A 50 18.74 0.26 -11.94
N PRO A 51 19.06 1.33 -11.21
CA PRO A 51 20.22 1.35 -10.33
C PRO A 51 20.09 0.32 -9.22
N PRO A 52 21.15 -0.45 -8.97
CA PRO A 52 21.18 -1.49 -7.94
C PRO A 52 20.54 -1.03 -6.62
N GLU A 53 20.80 0.21 -6.22
CA GLU A 53 20.30 0.72 -4.95
C GLU A 53 18.77 0.80 -4.97
N GLN A 54 18.25 1.25 -6.10
CA GLN A 54 16.81 1.41 -6.27
C GLN A 54 16.16 0.05 -6.42
N PHE A 55 16.85 -0.82 -7.16
CA PHE A 55 16.38 -2.17 -7.42
C PHE A 55 16.24 -2.95 -6.13
N GLU A 56 17.20 -2.78 -5.23
CA GLU A 56 17.16 -3.44 -3.93
C GLU A 56 15.89 -3.12 -3.17
N LYS A 57 15.58 -1.83 -3.06
CA LYS A 57 14.40 -1.38 -2.34
C LYS A 57 13.15 -2.02 -2.95
N TYR A 58 13.12 -2.11 -4.27
CA TYR A 58 11.97 -2.69 -4.97
C TYR A 58 11.84 -4.17 -4.68
N GLN A 59 12.98 -4.85 -4.53
CA GLN A 59 12.99 -6.26 -4.16
C GLN A 59 12.38 -6.46 -2.79
N GLU A 60 12.67 -5.53 -1.88
CA GLU A 60 12.17 -5.61 -0.53
C GLU A 60 10.67 -5.37 -0.49
N GLN A 61 10.22 -4.38 -1.26
CA GLN A 61 8.80 -4.09 -1.37
C GLN A 61 8.06 -5.28 -1.98
N HIS A 62 8.66 -5.90 -2.98
CA HIS A 62 8.10 -7.11 -3.58
C HIS A 62 8.00 -8.22 -2.54
N SER A 63 9.09 -8.41 -1.80
CA SER A 63 9.14 -9.46 -0.79
C SER A 63 8.13 -9.21 0.31
N VAL A 64 8.13 -7.99 0.83
CA VAL A 64 7.25 -7.63 1.93
C VAL A 64 5.78 -7.73 1.53
N MET A 65 5.41 -7.17 0.38
CA MET A 65 4.03 -7.25 -0.10
C MET A 65 3.57 -8.69 -0.27
N CYS A 66 4.48 -9.56 -0.71
CA CYS A 66 4.19 -10.98 -0.84
C CYS A 66 3.83 -11.59 0.51
N LYS A 67 4.56 -11.20 1.52
CA LYS A 67 4.35 -11.75 2.86
C LYS A 67 2.96 -11.42 3.35
N ILE A 68 2.57 -10.18 3.12
CA ILE A 68 1.28 -9.67 3.53
C ILE A 68 0.13 -10.43 2.87
N CYS A 69 0.21 -10.58 1.56
CA CYS A 69 -0.86 -11.24 0.82
C CYS A 69 -0.95 -12.71 1.23
N GLU A 70 0.20 -13.34 1.46
CA GLU A 70 0.26 -14.72 1.93
C GLU A 70 -0.41 -14.89 3.28
N GLN A 71 -0.29 -13.88 4.13
CA GLN A 71 -0.85 -13.96 5.49
C GLN A 71 -2.37 -14.00 5.44
N PHE A 72 -2.95 -13.15 4.61
CA PHE A 72 -4.39 -13.12 4.45
C PHE A 72 -4.85 -14.36 3.67
N GLU A 73 -3.99 -14.79 2.76
CA GLU A 73 -4.17 -16.02 2.02
C GLU A 73 -4.10 -17.23 2.96
N ALA A 74 -3.47 -17.03 4.11
CA ALA A 74 -3.29 -18.09 5.08
C ALA A 74 -4.08 -17.80 6.35
N GLU A 75 -5.03 -16.88 6.25
CA GLU A 75 -5.86 -16.48 7.38
C GLU A 75 -7.11 -17.33 7.45
N THR A 76 -7.53 -17.65 8.67
CA THR A 76 -8.74 -18.41 8.89
C THR A 76 -9.59 -17.72 9.93
N PRO A 77 -10.92 -17.84 9.82
CA PRO A 77 -11.84 -17.30 10.81
C PRO A 77 -11.78 -18.08 12.11
N THR A 78 -11.14 -19.25 12.06
CA THR A 78 -11.13 -20.16 13.19
C THR A 78 -9.93 -19.87 14.11
N ASP A 79 -9.01 -19.04 13.64
CA ASP A 79 -7.91 -18.59 14.46
C ASP A 79 -8.42 -17.73 15.62
N SER A 80 -7.68 -17.72 16.72
CA SER A 80 -8.08 -17.00 17.90
C SER A 80 -7.85 -15.49 17.76
N GLU A 81 -8.40 -14.72 18.69
CA GLU A 81 -8.32 -13.27 18.63
C GLU A 81 -6.87 -12.79 18.69
N THR A 82 -6.04 -13.51 19.44
CA THR A 82 -4.64 -13.16 19.56
C THR A 82 -3.92 -13.43 18.25
N THR A 83 -4.49 -14.36 17.48
CA THR A 83 -3.94 -14.70 16.18
C THR A 83 -4.31 -13.61 15.18
N GLN A 84 -5.55 -13.19 15.26
CA GLN A 84 -6.04 -12.09 14.40
C GLN A 84 -5.21 -10.85 14.67
N LYS A 85 -4.91 -10.64 15.94
CA LYS A 85 -4.11 -9.51 16.38
C LYS A 85 -2.66 -9.66 15.94
N ALA A 86 -2.12 -10.86 16.12
CA ALA A 86 -0.72 -11.13 15.80
C ALA A 86 -0.47 -11.00 14.31
N ARG A 87 -1.40 -11.53 13.52
CA ARG A 87 -1.32 -11.44 12.06
C ARG A 87 -1.40 -9.98 11.65
N PHE A 88 -2.33 -9.26 12.24
CA PHE A 88 -2.50 -7.84 11.98
C PHE A 88 -1.23 -7.07 12.31
N GLU A 89 -0.66 -7.34 13.47
CA GLU A 89 0.55 -6.66 13.92
C GLU A 89 1.71 -6.94 12.98
N MET A 90 1.89 -8.22 12.65
CA MET A 90 2.99 -8.63 11.79
C MET A 90 2.84 -8.03 10.39
N VAL A 91 1.62 -8.09 9.86
CA VAL A 91 1.32 -7.50 8.56
C VAL A 91 1.53 -5.99 8.58
N LEU A 92 0.97 -5.33 9.59
CA LEU A 92 1.09 -3.90 9.74
C LEU A 92 2.55 -3.49 9.85
N ASP A 93 3.33 -4.27 10.59
CA ASP A 93 4.76 -4.03 10.75
C ASP A 93 5.46 -4.11 9.39
N LEU A 94 5.11 -5.15 8.64
CA LEU A 94 5.65 -5.33 7.28
C LEU A 94 5.26 -4.14 6.40
N MET A 95 4.00 -3.75 6.49
CA MET A 95 3.49 -2.60 5.74
C MET A 95 4.28 -1.34 6.10
N GLN A 96 4.60 -1.19 7.39
CA GLN A 96 5.38 -0.05 7.86
C GLN A 96 6.74 0.00 7.19
N GLN A 97 7.37 -1.16 7.05
CA GLN A 97 8.70 -1.26 6.47
C GLN A 97 8.69 -0.96 4.98
N LEU A 98 7.73 -1.55 4.28
CA LEU A 98 7.68 -1.44 2.83
C LEU A 98 7.32 -0.02 2.41
N GLN A 99 6.40 0.61 3.14
CA GLN A 99 6.05 2.00 2.85
C GLN A 99 7.26 2.91 3.14
N ASP A 100 8.05 2.53 4.14
CA ASP A 100 9.28 3.24 4.48
C ASP A 100 10.37 2.97 3.44
N LEU A 101 10.17 1.92 2.65
CA LEU A 101 11.12 1.53 1.62
C LEU A 101 10.79 2.20 0.30
N GLY A 102 9.55 2.66 0.16
CA GLY A 102 9.14 3.32 -1.05
C GLY A 102 7.89 2.71 -1.64
N HIS A 103 7.20 3.48 -2.48
CA HIS A 103 5.97 3.00 -3.11
C HIS A 103 6.28 2.25 -4.40
N PRO A 104 5.41 1.32 -4.79
CA PRO A 104 5.54 0.62 -6.05
C PRO A 104 5.29 1.58 -7.22
N PRO A 105 5.85 1.28 -8.41
CA PRO A 105 5.70 2.12 -9.59
C PRO A 105 4.25 2.31 -9.99
N LYS A 106 3.92 3.49 -10.53
CA LYS A 106 2.55 3.80 -10.94
C LYS A 106 2.08 2.81 -12.00
N GLU A 107 3.02 2.33 -12.81
CA GLU A 107 2.72 1.34 -13.83
C GLU A 107 2.20 0.05 -13.19
N LEU A 108 2.76 -0.27 -12.04
CA LEU A 108 2.36 -1.45 -11.29
C LEU A 108 1.16 -1.16 -10.40
N ALA A 109 0.86 0.11 -10.22
CA ALA A 109 -0.27 0.52 -9.40
C ALA A 109 -1.40 1.02 -10.29
N GLY A 110 -1.26 0.74 -11.58
CA GLY A 110 -2.17 1.26 -12.59
C GLY A 110 -3.63 0.86 -12.44
N GLU A 111 -3.94 0.04 -11.44
CA GLU A 111 -5.32 -0.34 -11.19
C GLU A 111 -5.92 0.49 -10.06
N MET A 112 -5.11 1.39 -9.53
CA MET A 112 -5.56 2.30 -8.48
C MET A 112 -5.99 3.62 -9.11
N PRO A 113 -6.94 4.33 -8.49
CA PRO A 113 -7.50 5.56 -9.06
C PRO A 113 -6.59 6.75 -8.78
N PRO A 114 -6.13 7.44 -9.84
CA PRO A 114 -5.22 8.57 -9.73
C PRO A 114 -5.63 9.55 -8.63
N GLY A 115 -4.91 9.51 -7.52
CA GLY A 115 -5.25 10.34 -6.40
C GLY A 115 -4.87 9.69 -5.08
N LEU A 116 -5.18 8.40 -4.92
CA LEU A 116 -4.87 7.71 -3.68
C LEU A 116 -3.39 7.29 -3.64
N ASN A 117 -2.60 7.89 -4.51
CA ASN A 117 -1.20 7.52 -4.70
C ASN A 117 -0.41 7.57 -3.40
N PHE A 118 0.73 6.91 -3.41
CA PHE A 118 1.48 6.67 -2.20
C PHE A 118 2.82 7.38 -2.26
N ASP A 119 2.87 8.60 -1.74
CA ASP A 119 4.09 9.40 -1.78
C ASP A 119 4.96 9.07 -0.57
N LEU A 120 6.15 8.56 -0.83
CA LEU A 120 7.04 8.09 0.23
C LEU A 120 7.30 9.15 1.29
N ASP A 121 7.57 10.37 0.86
CA ASP A 121 7.79 11.48 1.80
C ASP A 121 6.58 11.67 2.70
N ALA A 122 5.40 11.64 2.09
CA ALA A 122 4.16 11.84 2.85
C ALA A 122 3.89 10.66 3.78
N LEU A 123 4.36 9.48 3.38
CA LEU A 123 4.22 8.28 4.19
C LEU A 123 5.24 8.29 5.31
N ASN A 124 6.41 8.83 4.99
CA ASN A 124 7.52 8.92 5.92
C ASN A 124 7.23 9.97 6.98
N LEU A 125 6.24 10.82 6.69
CA LEU A 125 5.87 11.93 7.56
C LEU A 125 7.02 12.90 7.70
N SER A 126 7.88 12.93 6.68
CA SER A 126 9.00 13.86 6.65
C SER A 126 8.50 15.22 6.18
N GLY A 127 7.46 15.19 5.35
CA GLY A 127 6.82 16.41 4.90
C GLY A 127 5.30 16.31 4.94
N PRO A 128 4.71 16.20 6.15
CA PRO A 128 3.28 16.08 6.30
C PRO A 128 2.59 17.44 6.48
N PRO A 129 1.46 17.65 5.78
CA PRO A 129 0.72 18.91 5.86
C PRO A 129 0.20 19.20 7.26
N GLY A 130 -0.28 18.18 7.94
CA GLY A 130 -0.78 18.35 9.29
C GLY A 130 0.21 17.89 10.33
N ALA A 131 0.93 16.80 10.02
CA ALA A 131 1.94 16.23 10.90
C ALA A 131 1.29 15.62 12.13
N SER A 132 -0.02 15.43 12.05
CA SER A 132 -0.79 14.86 13.15
C SER A 132 -0.77 13.34 13.07
N GLY A 133 -0.24 12.83 11.97
CA GLY A 133 -0.20 11.39 11.77
C GLY A 133 -1.14 10.96 10.67
N GLU A 134 -1.16 11.73 9.60
CA GLU A 134 -1.97 11.43 8.44
C GLU A 134 -1.42 10.18 7.75
N GLN A 135 -2.25 9.15 7.68
CA GLN A 135 -1.84 7.88 7.10
C GLN A 135 -2.83 7.48 6.01
N CYS A 136 -2.80 6.21 5.63
CA CYS A 136 -3.61 5.72 4.53
C CYS A 136 -4.70 4.81 5.08
N LEU A 137 -4.29 3.62 5.48
CA LEU A 137 -5.17 2.67 6.14
C LEU A 137 -4.56 2.24 7.46
N ILE A 138 -3.49 2.92 7.83
CA ILE A 138 -2.73 2.57 9.03
C ILE A 138 -3.46 3.02 10.28
N MET A 139 -3.35 4.30 10.58
CA MET A 139 -3.99 4.87 11.75
C MET A 139 -5.30 5.53 11.36
C1 FAR B . -0.25 4.72 4.68
C2 FAR B . -0.15 3.21 4.44
C3 FAR B . 0.65 2.57 3.60
C5 FAR B . 0.60 1.08 3.51
C6 FAR B . -0.38 0.53 2.48
C7 FAR B . 0.12 0.74 1.06
C8 FAR B . 1.21 0.22 0.51
C9 FAR B . 1.60 0.52 -0.92
C11 FAR B . 0.95 -0.38 -1.95
C12 FAR B . -0.54 -0.57 -1.72
C13 FAR B . -1.51 -0.53 -2.62
C14 FAR B . -1.29 -0.28 -4.08
C15 FAR B . -2.95 -0.73 -2.23
C4 FAR B . 1.58 3.26 2.64
C10 FAR B . 2.10 -0.76 1.22
H11 FAR B . -0.78 4.89 5.60
H12A FAR B . 0.72 5.11 4.78
H2 FAR B . -0.83 2.64 5.05
H51 FAR B . 0.31 0.71 4.49
H52 FAR B . 1.58 0.72 3.27
H61 FAR B . -0.52 -0.52 2.66
H62 FAR B . -1.31 1.04 2.60
H7 FAR B . -0.53 1.38 0.48
H91 FAR B . 2.67 0.43 -1.00
H92 FAR B . 1.30 1.53 -1.13
H111 FAR B . 1.11 0.04 -2.93
H112 FAR B . 1.43 -1.35 -1.91
H12 FAR B . -0.79 -0.75 -0.69
H141 FAR B . -2.22 -0.30 -4.60
H142 FAR B . -0.82 0.69 -4.22
H143 FAR B . -0.64 -1.05 -4.48
H151 FAR B . -3.40 -1.47 -2.85
H152 FAR B . -3.00 -1.04 -1.19
H153 FAR B . -3.47 0.22 -2.34
H41 FAR B . 1.01 3.85 1.94
H42 FAR B . 2.15 2.52 2.09
H43 FAR B . 2.25 3.90 3.18
H101 FAR B . 1.56 -1.16 2.08
H102 FAR B . 2.99 -0.26 1.55
H103 FAR B . 2.36 -1.56 0.55
N GLY A 1 -18.38 26.57 -17.68
CA GLY A 1 -19.74 26.72 -18.26
C GLY A 1 -20.81 26.76 -17.20
N MET A 2 -22.03 26.41 -17.58
CA MET A 2 -23.15 26.41 -16.63
C MET A 2 -23.17 25.11 -15.83
N ASP A 3 -22.74 25.21 -14.57
CA ASP A 3 -22.70 24.07 -13.65
C ASP A 3 -21.65 23.05 -14.08
N GLU A 4 -20.54 23.00 -13.36
CA GLU A 4 -19.43 22.11 -13.69
C GLU A 4 -19.60 20.75 -13.01
N GLY A 5 -20.82 20.46 -12.56
CA GLY A 5 -21.07 19.21 -11.88
C GLY A 5 -21.06 19.39 -10.37
N ASP A 6 -21.19 18.29 -9.65
CA ASP A 6 -21.21 18.34 -8.19
C ASP A 6 -20.19 17.39 -7.61
N GLY A 7 -19.49 17.84 -6.57
CA GLY A 7 -18.53 16.98 -5.92
C GLY A 7 -17.34 17.76 -5.39
N GLU A 8 -17.59 18.97 -4.92
CA GLU A 8 -16.52 19.81 -4.41
C GLU A 8 -16.41 19.70 -2.90
N GLY A 9 -15.55 20.52 -2.31
CA GLY A 9 -15.30 20.46 -0.89
C GLY A 9 -13.84 20.17 -0.60
N ASN A 10 -13.38 20.47 0.59
CA ASN A 10 -12.01 20.18 0.97
C ASN A 10 -11.91 18.73 1.42
N ILE A 11 -11.64 17.84 0.47
CA ILE A 11 -11.68 16.41 0.72
C ILE A 11 -10.31 15.89 1.14
N LEU A 12 -9.32 16.78 1.17
CA LEU A 12 -7.94 16.40 1.49
C LEU A 12 -7.86 15.56 2.76
N PRO A 13 -8.37 16.07 3.92
CA PRO A 13 -8.28 15.33 5.18
C PRO A 13 -9.26 14.16 5.24
N ILE A 14 -10.26 14.20 4.38
CA ILE A 14 -11.26 13.16 4.30
C ILE A 14 -10.72 11.97 3.50
N MET A 15 -9.70 12.24 2.68
CA MET A 15 -9.15 11.23 1.77
C MET A 15 -8.63 10.02 2.53
N GLN A 16 -8.07 10.24 3.71
CA GLN A 16 -7.55 9.13 4.51
C GLN A 16 -8.67 8.18 4.94
N SER A 17 -9.87 8.70 5.12
CA SER A 17 -11.01 7.88 5.50
C SER A 17 -11.47 7.03 4.32
N ILE A 18 -11.56 7.67 3.16
CA ILE A 18 -11.94 7.00 1.92
C ILE A 18 -10.88 5.96 1.54
N MET A 19 -9.62 6.38 1.68
CA MET A 19 -8.48 5.52 1.36
C MET A 19 -8.45 4.32 2.30
N GLN A 20 -8.90 4.54 3.53
CA GLN A 20 -9.03 3.48 4.53
C GLN A 20 -9.99 2.40 4.03
N ASN A 21 -11.11 2.83 3.49
CA ASN A 21 -12.12 1.91 3.00
C ASN A 21 -11.63 1.16 1.76
N LEU A 22 -11.10 1.92 0.81
CA LEU A 22 -10.66 1.36 -0.47
C LEU A 22 -9.49 0.39 -0.28
N LEU A 23 -8.66 0.65 0.71
CA LEU A 23 -7.45 -0.16 0.90
C LEU A 23 -7.57 -1.06 2.14
N SER A 24 -8.80 -1.25 2.61
CA SER A 24 -9.04 -2.21 3.69
C SER A 24 -8.60 -3.60 3.25
N LYS A 25 -8.39 -4.51 4.22
CA LYS A 25 -7.87 -5.85 3.92
C LYS A 25 -8.71 -6.55 2.85
N ASP A 26 -9.97 -6.16 2.77
CA ASP A 26 -10.90 -6.75 1.82
C ASP A 26 -10.40 -6.57 0.39
N VAL A 27 -10.11 -5.34 0.00
CA VAL A 27 -9.61 -5.06 -1.33
C VAL A 27 -8.08 -5.10 -1.38
N LEU A 28 -7.46 -4.73 -0.26
CA LEU A 28 -6.01 -4.62 -0.18
C LEU A 28 -5.32 -5.91 -0.59
N TYR A 29 -5.81 -7.05 -0.11
CA TYR A 29 -5.16 -8.33 -0.40
C TYR A 29 -5.03 -8.57 -1.91
N PRO A 30 -6.15 -8.62 -2.68
CA PRO A 30 -6.07 -8.82 -4.13
C PRO A 30 -5.25 -7.74 -4.83
N SER A 31 -5.34 -6.50 -4.35
CA SER A 31 -4.60 -5.40 -4.94
C SER A 31 -3.09 -5.60 -4.77
N LEU A 32 -2.69 -6.02 -3.58
CA LEU A 32 -1.29 -6.29 -3.31
C LEU A 32 -0.84 -7.55 -4.03
N LYS A 33 -1.70 -8.56 -4.02
CA LYS A 33 -1.41 -9.84 -4.68
C LYS A 33 -1.19 -9.65 -6.17
N GLU A 34 -1.99 -8.78 -6.78
CA GLU A 34 -1.84 -8.47 -8.19
C GLU A 34 -0.47 -7.87 -8.47
N ILE A 35 -0.10 -6.90 -7.65
CA ILE A 35 1.15 -6.19 -7.83
C ILE A 35 2.35 -7.07 -7.48
N THR A 36 2.19 -7.95 -6.50
CA THR A 36 3.27 -8.83 -6.12
C THR A 36 3.62 -9.81 -7.23
N GLU A 37 2.61 -10.30 -7.94
CA GLU A 37 2.85 -11.19 -9.07
C GLU A 37 3.47 -10.43 -10.24
N LYS A 38 3.23 -9.13 -10.29
CA LYS A 38 3.68 -8.28 -11.38
C LYS A 38 5.03 -7.65 -11.08
N TYR A 39 5.31 -7.44 -9.81
CA TYR A 39 6.53 -6.76 -9.38
C TYR A 39 7.80 -7.39 -9.99
N PRO A 40 7.99 -8.73 -9.92
CA PRO A 40 9.20 -9.37 -10.43
C PRO A 40 9.37 -9.19 -11.94
N GLU A 41 8.26 -9.24 -12.69
CA GLU A 41 8.33 -9.10 -14.14
C GLU A 41 8.72 -7.67 -14.51
N TRP A 42 8.16 -6.72 -13.79
CA TRP A 42 8.45 -5.31 -14.04
C TRP A 42 9.92 -5.03 -13.74
N LEU A 43 10.34 -5.49 -12.58
CA LEU A 43 11.72 -5.34 -12.15
C LEU A 43 12.68 -6.05 -13.09
N GLN A 44 12.31 -7.25 -13.51
CA GLN A 44 13.16 -8.03 -14.40
C GLN A 44 13.35 -7.34 -15.74
N SER A 45 12.28 -6.72 -16.20
CA SER A 45 12.27 -6.03 -17.48
C SER A 45 13.15 -4.80 -17.44
N HIS A 46 12.98 -4.01 -16.38
CA HIS A 46 13.68 -2.75 -16.21
C HIS A 46 14.98 -2.95 -15.45
N ARG A 47 15.28 -4.19 -15.11
CA ARG A 47 16.42 -4.51 -14.23
C ARG A 47 17.71 -3.94 -14.79
N GLU A 48 17.83 -3.95 -16.11
CA GLU A 48 19.05 -3.48 -16.78
C GLU A 48 19.12 -1.96 -16.79
N SER A 49 17.95 -1.34 -16.68
CA SER A 49 17.86 0.12 -16.68
C SER A 49 17.74 0.67 -15.25
N LEU A 50 17.50 -0.23 -14.30
CA LEU A 50 17.28 0.16 -12.91
C LEU A 50 18.58 0.18 -12.12
N PRO A 51 18.85 1.30 -11.43
CA PRO A 51 20.00 1.41 -10.54
C PRO A 51 19.90 0.41 -9.39
N PRO A 52 21.04 -0.18 -9.00
CA PRO A 52 21.08 -1.20 -7.95
C PRO A 52 20.42 -0.73 -6.66
N GLU A 53 20.63 0.53 -6.30
CA GLU A 53 20.09 1.06 -5.05
C GLU A 53 18.56 1.07 -5.08
N GLN A 54 18.02 1.47 -6.22
CA GLN A 54 16.57 1.54 -6.38
C GLN A 54 15.99 0.14 -6.53
N PHE A 55 16.71 -0.69 -7.26
CA PHE A 55 16.30 -2.06 -7.55
C PHE A 55 16.13 -2.84 -6.26
N GLU A 56 17.10 -2.69 -5.35
CA GLU A 56 17.04 -3.38 -4.07
C GLU A 56 15.78 -3.03 -3.31
N LYS A 57 15.51 -1.73 -3.14
CA LYS A 57 14.35 -1.28 -2.39
C LYS A 57 13.07 -1.86 -2.97
N TYR A 58 13.03 -1.94 -4.30
CA TYR A 58 11.85 -2.47 -4.99
C TYR A 58 11.70 -3.97 -4.72
N GLN A 59 12.82 -4.66 -4.59
CA GLN A 59 12.82 -6.07 -4.25
C GLN A 59 12.33 -6.28 -2.83
N GLU A 60 12.68 -5.33 -1.96
CA GLU A 60 12.28 -5.39 -0.57
C GLU A 60 10.78 -5.22 -0.45
N GLN A 61 10.26 -4.25 -1.18
CA GLN A 61 8.82 -3.99 -1.22
C GLN A 61 8.07 -5.20 -1.75
N HIS A 62 8.62 -5.82 -2.80
CA HIS A 62 8.02 -7.01 -3.38
C HIS A 62 7.94 -8.14 -2.36
N SER A 63 9.06 -8.37 -1.68
CA SER A 63 9.14 -9.45 -0.70
C SER A 63 8.15 -9.19 0.44
N VAL A 64 8.18 -7.96 0.96
CA VAL A 64 7.32 -7.59 2.06
C VAL A 64 5.84 -7.68 1.68
N MET A 65 5.47 -7.13 0.52
CA MET A 65 4.09 -7.20 0.04
C MET A 65 3.62 -8.63 -0.11
N CYS A 66 4.52 -9.51 -0.56
CA CYS A 66 4.21 -10.92 -0.69
C CYS A 66 3.86 -11.53 0.65
N LYS A 67 4.68 -11.25 1.66
CA LYS A 67 4.49 -11.83 2.98
C LYS A 67 3.12 -11.47 3.52
N ILE A 68 2.72 -10.23 3.27
CA ILE A 68 1.42 -9.73 3.64
C ILE A 68 0.31 -10.53 2.98
N CYS A 69 0.44 -10.73 1.68
CA CYS A 69 -0.54 -11.49 0.91
C CYS A 69 -0.59 -12.93 1.40
N GLU A 70 0.59 -13.51 1.63
CA GLU A 70 0.71 -14.87 2.11
C GLU A 70 -0.06 -15.05 3.42
N GLN A 71 -0.04 -14.03 4.26
CA GLN A 71 -0.69 -14.10 5.56
C GLN A 71 -2.20 -14.21 5.40
N PHE A 72 -2.77 -13.42 4.51
CA PHE A 72 -4.21 -13.33 4.37
C PHE A 72 -4.79 -14.53 3.63
N GLU A 73 -4.04 -15.03 2.65
CA GLU A 73 -4.44 -16.24 1.95
C GLU A 73 -4.23 -17.47 2.84
N ALA A 74 -3.41 -17.30 3.86
CA ALA A 74 -3.16 -18.34 4.84
C ALA A 74 -3.91 -18.03 6.13
N GLU A 75 -4.83 -17.08 6.04
CA GLU A 75 -5.63 -16.64 7.17
C GLU A 75 -6.89 -17.48 7.27
N THR A 76 -7.32 -17.73 8.50
CA THR A 76 -8.51 -18.47 8.75
C THR A 76 -9.40 -17.70 9.73
N PRO A 77 -10.72 -17.79 9.59
CA PRO A 77 -11.64 -17.21 10.57
C PRO A 77 -11.68 -18.05 11.85
N THR A 78 -11.13 -19.25 11.76
CA THR A 78 -11.26 -20.23 12.81
C THR A 78 -10.09 -20.20 13.79
N ASP A 79 -9.02 -19.47 13.47
CA ASP A 79 -7.91 -19.33 14.41
C ASP A 79 -8.28 -18.41 15.55
N SER A 80 -7.49 -18.47 16.62
CA SER A 80 -7.74 -17.70 17.81
C SER A 80 -7.62 -16.21 17.51
N GLU A 81 -8.26 -15.39 18.32
CA GLU A 81 -8.22 -13.96 18.10
C GLU A 81 -6.79 -13.44 18.19
N THR A 82 -5.99 -14.09 19.03
CA THR A 82 -4.60 -13.73 19.19
C THR A 82 -3.85 -13.95 17.88
N THR A 83 -4.35 -14.89 17.10
CA THR A 83 -3.78 -15.20 15.80
C THR A 83 -4.21 -14.15 14.79
N GLN A 84 -5.49 -13.81 14.85
CA GLN A 84 -6.05 -12.73 14.04
C GLN A 84 -5.26 -11.44 14.26
N LYS A 85 -4.99 -11.16 15.53
CA LYS A 85 -4.26 -9.97 15.94
C LYS A 85 -2.78 -10.07 15.57
N ALA A 86 -2.19 -11.23 15.85
CA ALA A 86 -0.76 -11.43 15.61
C ALA A 86 -0.45 -11.32 14.12
N ARG A 87 -1.38 -11.78 13.31
CA ARG A 87 -1.25 -11.67 11.86
C ARG A 87 -1.34 -10.21 11.46
N PHE A 88 -2.33 -9.52 12.03
CA PHE A 88 -2.54 -8.11 11.75
C PHE A 88 -1.34 -7.26 12.16
N GLU A 89 -0.83 -7.50 13.36
CA GLU A 89 0.31 -6.74 13.86
C GLU A 89 1.54 -6.98 13.01
N MET A 90 1.77 -8.23 12.64
CA MET A 90 2.91 -8.58 11.81
C MET A 90 2.77 -8.00 10.41
N VAL A 91 1.58 -8.10 9.83
CA VAL A 91 1.30 -7.53 8.52
C VAL A 91 1.47 -6.02 8.54
N LEU A 92 0.86 -5.38 9.53
CA LEU A 92 0.93 -3.94 9.68
C LEU A 92 2.38 -3.49 9.83
N ASP A 93 3.16 -4.25 10.58
CA ASP A 93 4.59 -3.96 10.76
C ASP A 93 5.31 -4.05 9.42
N LEU A 94 5.03 -5.10 8.67
CA LEU A 94 5.59 -5.27 7.33
C LEU A 94 5.21 -4.09 6.43
N MET A 95 3.94 -3.70 6.49
CA MET A 95 3.45 -2.56 5.73
C MET A 95 4.22 -1.30 6.09
N GLN A 96 4.54 -1.16 7.37
CA GLN A 96 5.32 -0.04 7.87
C GLN A 96 6.74 -0.04 7.27
N GLN A 97 7.30 -1.23 7.05
CA GLN A 97 8.63 -1.36 6.48
C GLN A 97 8.64 -0.95 5.03
N LEU A 98 7.69 -1.50 4.29
CA LEU A 98 7.66 -1.38 2.85
C LEU A 98 7.30 0.05 2.42
N GLN A 99 6.37 0.68 3.15
CA GLN A 99 6.04 2.08 2.85
C GLN A 99 7.26 2.95 3.06
N ASP A 100 8.07 2.59 4.06
CA ASP A 100 9.30 3.31 4.38
C ASP A 100 10.39 3.02 3.34
N LEU A 101 10.19 1.96 2.57
CA LEU A 101 11.13 1.58 1.54
C LEU A 101 10.80 2.26 0.23
N GLY A 102 9.62 2.86 0.18
CA GLY A 102 9.18 3.56 -0.99
C GLY A 102 7.93 2.95 -1.57
N HIS A 103 7.23 3.73 -2.38
CA HIS A 103 6.02 3.24 -3.02
C HIS A 103 6.38 2.48 -4.28
N PRO A 104 5.54 1.51 -4.68
CA PRO A 104 5.71 0.80 -5.93
C PRO A 104 5.59 1.75 -7.12
N PRO A 105 6.20 1.41 -8.26
CA PRO A 105 6.18 2.27 -9.45
C PRO A 105 4.76 2.56 -9.90
N LYS A 106 4.52 3.78 -10.40
CA LYS A 106 3.19 4.21 -10.83
C LYS A 106 2.62 3.27 -11.88
N GLU A 107 3.50 2.72 -12.72
CA GLU A 107 3.08 1.79 -13.75
C GLU A 107 2.47 0.54 -13.14
N LEU A 108 3.02 0.13 -12.00
CA LEU A 108 2.54 -1.04 -11.29
C LEU A 108 1.33 -0.72 -10.42
N ALA A 109 1.08 0.57 -10.20
CA ALA A 109 -0.07 0.98 -9.43
C ALA A 109 -1.11 1.60 -10.35
N GLY A 110 -0.88 1.43 -11.65
CA GLY A 110 -1.72 2.04 -12.67
C GLY A 110 -3.06 1.35 -12.82
N GLU A 111 -3.40 0.50 -11.88
CA GLU A 111 -4.67 -0.20 -11.88
C GLU A 111 -5.52 0.28 -10.71
N MET A 112 -5.00 1.26 -10.01
CA MET A 112 -5.70 1.87 -8.89
C MET A 112 -6.34 3.17 -9.35
N PRO A 113 -7.45 3.60 -8.72
CA PRO A 113 -8.16 4.82 -9.10
C PRO A 113 -7.28 6.06 -8.95
N PRO A 114 -6.92 6.70 -10.08
CA PRO A 114 -5.99 7.84 -10.09
C PRO A 114 -6.31 8.88 -9.02
N GLY A 115 -5.47 8.94 -8.01
CA GLY A 115 -5.67 9.88 -6.92
C GLY A 115 -5.19 9.33 -5.59
N LEU A 116 -5.54 8.08 -5.32
CA LEU A 116 -5.19 7.47 -4.04
C LEU A 116 -3.73 7.02 -4.02
N ASN A 117 -2.91 7.63 -4.88
CA ASN A 117 -1.51 7.27 -5.04
C ASN A 117 -0.73 7.41 -3.73
N PHE A 118 0.43 6.78 -3.69
CA PHE A 118 1.20 6.68 -2.47
C PHE A 118 2.52 7.41 -2.65
N ASP A 119 2.75 8.44 -1.85
CA ASP A 119 3.99 9.21 -1.91
C ASP A 119 4.79 9.00 -0.63
N LEU A 120 6.04 8.56 -0.77
CA LEU A 120 6.86 8.22 0.39
C LEU A 120 7.03 9.42 1.32
N ASP A 121 7.30 10.57 0.74
CA ASP A 121 7.44 11.79 1.53
C ASP A 121 6.18 12.06 2.35
N ALA A 122 5.03 11.95 1.70
CA ALA A 122 3.76 12.19 2.36
C ALA A 122 3.46 11.12 3.41
N LEU A 123 4.10 9.98 3.24
CA LEU A 123 3.95 8.88 4.18
C LEU A 123 4.90 9.05 5.36
N ASN A 124 6.03 9.70 5.08
CA ASN A 124 7.07 9.92 6.06
C ASN A 124 6.66 10.99 7.07
N LEU A 125 6.38 10.58 8.29
CA LEU A 125 5.89 11.50 9.31
C LEU A 125 6.92 11.72 10.41
N SER A 126 8.18 11.67 10.04
CA SER A 126 9.26 11.95 10.98
C SER A 126 9.14 13.39 11.50
N GLY A 127 8.88 14.32 10.59
CA GLY A 127 8.71 15.70 10.97
C GLY A 127 7.72 16.43 10.08
N PRO A 128 6.41 16.20 10.28
CA PRO A 128 5.36 16.87 9.50
C PRO A 128 5.08 18.28 10.01
N PRO A 129 4.37 19.10 9.21
CA PRO A 129 4.02 20.48 9.59
C PRO A 129 3.08 20.53 10.80
N GLY A 130 2.48 19.39 11.11
CA GLY A 130 1.58 19.31 12.24
C GLY A 130 0.52 18.26 12.02
N ALA A 131 0.96 17.10 11.59
CA ALA A 131 0.05 16.03 11.21
C ALA A 131 -0.07 15.00 12.32
N SER A 132 -1.29 14.63 12.66
CA SER A 132 -1.52 13.60 13.66
C SER A 132 -1.06 12.24 13.13
N GLY A 133 -1.33 12.01 11.85
CA GLY A 133 -0.93 10.77 11.22
C GLY A 133 -1.58 10.59 9.87
N GLU A 134 -1.37 11.56 8.98
CA GLU A 134 -1.90 11.48 7.63
C GLU A 134 -1.27 10.31 6.89
N GLN A 135 -1.97 9.20 6.86
CA GLN A 135 -1.47 8.00 6.24
C GLN A 135 -2.39 7.58 5.09
N CYS A 136 -2.88 6.36 5.15
CA CYS A 136 -3.68 5.81 4.08
C CYS A 136 -4.80 4.96 4.66
N LEU A 137 -4.42 3.81 5.19
CA LEU A 137 -5.35 2.90 5.83
C LEU A 137 -4.87 2.58 7.23
N ILE A 138 -3.87 3.33 7.66
CA ILE A 138 -3.21 3.08 8.92
C ILE A 138 -3.91 3.81 10.08
N MET A 139 -3.69 5.11 10.18
CA MET A 139 -4.22 5.89 11.29
C MET A 139 -4.83 7.19 10.78
C1 FAR B . -0.44 4.66 4.43
C2 FAR B . -0.31 3.16 4.27
C3 FAR B . 0.56 2.49 3.52
C5 FAR B . 0.54 0.98 3.50
C6 FAR B . -0.38 0.39 2.44
C7 FAR B . 0.11 0.64 1.04
C8 FAR B . 1.23 0.18 0.49
C9 FAR B . 1.63 0.51 -0.93
C11 FAR B . 0.94 -0.31 -2.00
C12 FAR B . -0.55 -0.52 -1.73
C13 FAR B . -1.54 -0.58 -2.59
C14 FAR B . -1.35 -0.40 -4.08
C15 FAR B . -2.96 -0.79 -2.15
C4 FAR B . 1.57 3.15 2.62
C10 FAR B . 2.15 -0.77 1.20
H11 FAR B . -1.10 4.87 5.28
H12A FAR B . 0.50 5.07 4.63
H2 FAR B . -1.04 2.59 4.85
H51 FAR B . 0.22 0.65 4.48
H52 FAR B . 1.54 0.64 3.31
H61 FAR B . -0.45 -0.68 2.62
H62 FAR B . -1.36 0.81 2.55
H7 FAR B . -0.55 1.25 0.45
H91 FAR B . 2.69 0.40 -1.02
H92 FAR B . 1.38 1.55 -1.11
H111 FAR B . 1.05 0.18 -2.95
H112 FAR B . 1.42 -1.28 -2.05
H12 FAR B . -0.76 -0.67 -0.67
H141 FAR B . -2.29 -0.54 -4.57
H142 FAR B . -0.99 0.61 -4.27
H143 FAR B . -0.64 -1.11 -4.44
H151 FAR B . -3.55 0.06 -2.46
H152 FAR B . -3.34 -1.69 -2.60
H153 FAR B . -2.98 -0.88 -1.07
H41 FAR B . 2.38 3.54 3.21
H42 FAR B . 1.10 3.96 2.09
H43 FAR B . 1.95 2.43 1.92
H101 FAR B . 2.39 -1.59 0.54
H102 FAR B . 1.65 -1.14 2.08
H103 FAR B . 3.05 -0.25 1.49
N GLY A 1 -17.91 23.87 -17.59
CA GLY A 1 -16.90 24.94 -17.81
C GLY A 1 -15.59 24.38 -18.33
N MET A 2 -14.92 23.60 -17.50
CA MET A 2 -13.66 22.98 -17.89
C MET A 2 -13.49 21.66 -17.15
N ASP A 3 -12.91 20.68 -17.82
CA ASP A 3 -12.64 19.39 -17.21
C ASP A 3 -11.24 19.38 -16.62
N GLU A 4 -11.06 18.57 -15.58
CA GLU A 4 -9.78 18.45 -14.88
C GLU A 4 -9.49 19.70 -14.05
N GLY A 5 -8.81 19.52 -12.94
CA GLY A 5 -8.51 20.62 -12.05
C GLY A 5 -9.48 20.70 -10.90
N ASP A 6 -10.45 19.81 -10.89
CA ASP A 6 -11.44 19.77 -9.82
C ASP A 6 -11.84 18.32 -9.54
N GLY A 7 -12.51 18.13 -8.43
CA GLY A 7 -12.93 16.81 -8.04
C GLY A 7 -12.94 16.65 -6.54
N GLU A 8 -11.75 16.64 -5.95
CA GLU A 8 -11.61 16.60 -4.51
C GLU A 8 -11.52 18.02 -3.96
N GLY A 9 -12.66 18.62 -3.71
CA GLY A 9 -12.69 19.97 -3.19
C GLY A 9 -12.75 19.98 -1.69
N ASN A 10 -13.88 19.56 -1.13
CA ASN A 10 -14.05 19.51 0.30
C ASN A 10 -14.12 18.08 0.80
N ILE A 11 -13.59 17.18 -0.02
CA ILE A 11 -13.59 15.76 0.30
C ILE A 11 -12.29 15.40 1.02
N LEU A 12 -11.48 16.42 1.30
CA LEU A 12 -10.15 16.24 1.89
C LEU A 12 -10.19 15.32 3.12
N PRO A 13 -11.01 15.63 4.14
CA PRO A 13 -11.04 14.84 5.37
C PRO A 13 -11.72 13.49 5.17
N ILE A 14 -12.56 13.40 4.16
CA ILE A 14 -13.26 12.17 3.86
C ILE A 14 -12.36 11.20 3.09
N MET A 15 -11.32 11.73 2.47
CA MET A 15 -10.44 10.93 1.62
C MET A 15 -9.79 9.79 2.39
N GLN A 16 -9.46 10.04 3.67
CA GLN A 16 -8.86 9.02 4.51
C GLN A 16 -9.82 7.86 4.74
N SER A 17 -11.11 8.17 4.84
CA SER A 17 -12.13 7.16 5.06
C SER A 17 -12.31 6.33 3.79
N ILE A 18 -12.37 7.01 2.66
CA ILE A 18 -12.49 6.36 1.36
C ILE A 18 -11.27 5.47 1.11
N MET A 19 -10.10 6.05 1.30
CA MET A 19 -8.84 5.34 1.07
C MET A 19 -8.74 4.12 1.99
N GLN A 20 -9.17 4.29 3.23
CA GLN A 20 -9.12 3.20 4.20
C GLN A 20 -10.10 2.09 3.82
N ASN A 21 -11.28 2.46 3.34
CA ASN A 21 -12.28 1.49 2.95
C ASN A 21 -11.83 0.72 1.72
N LEU A 22 -11.25 1.43 0.76
CA LEU A 22 -10.81 0.84 -0.49
C LEU A 22 -9.53 0.02 -0.31
N LEU A 23 -8.74 0.37 0.70
CA LEU A 23 -7.49 -0.32 0.94
C LEU A 23 -7.57 -1.21 2.19
N SER A 24 -8.78 -1.49 2.61
CA SER A 24 -9.01 -2.39 3.74
C SER A 24 -8.49 -3.79 3.39
N LYS A 25 -8.29 -4.63 4.40
CA LYS A 25 -7.73 -5.98 4.19
C LYS A 25 -8.54 -6.75 3.15
N ASP A 26 -9.82 -6.41 3.02
CA ASP A 26 -10.69 -7.05 2.05
C ASP A 26 -10.19 -6.83 0.62
N VAL A 27 -9.92 -5.58 0.26
CA VAL A 27 -9.47 -5.26 -1.09
C VAL A 27 -7.95 -5.20 -1.18
N LEU A 28 -7.31 -4.78 -0.10
CA LEU A 28 -5.86 -4.63 -0.06
C LEU A 28 -5.15 -5.94 -0.40
N TYR A 29 -5.67 -7.04 0.15
CA TYR A 29 -5.08 -8.35 -0.06
C TYR A 29 -4.90 -8.68 -1.55
N PRO A 30 -5.99 -8.69 -2.38
CA PRO A 30 -5.85 -8.97 -3.82
C PRO A 30 -5.07 -7.87 -4.54
N SER A 31 -5.19 -6.63 -4.09
CA SER A 31 -4.49 -5.53 -4.72
C SER A 31 -2.99 -5.70 -4.60
N LEU A 32 -2.54 -6.10 -3.42
CA LEU A 32 -1.12 -6.34 -3.18
C LEU A 32 -0.68 -7.60 -3.91
N LYS A 33 -1.53 -8.62 -3.90
CA LYS A 33 -1.22 -9.89 -4.54
C LYS A 33 -1.04 -9.71 -6.05
N GLU A 34 -1.86 -8.86 -6.65
CA GLU A 34 -1.73 -8.55 -8.06
C GLU A 34 -0.38 -7.92 -8.35
N ILE A 35 -0.02 -6.93 -7.55
CA ILE A 35 1.21 -6.18 -7.77
C ILE A 35 2.44 -7.00 -7.47
N THR A 36 2.34 -7.87 -6.47
CA THR A 36 3.47 -8.72 -6.10
C THR A 36 3.84 -9.69 -7.21
N GLU A 37 2.86 -10.21 -7.90
CA GLU A 37 3.12 -11.12 -9.01
C GLU A 37 3.60 -10.36 -10.25
N LYS A 38 3.31 -9.06 -10.28
CA LYS A 38 3.72 -8.21 -11.39
C LYS A 38 5.09 -7.62 -11.15
N TYR A 39 5.40 -7.40 -9.87
CA TYR A 39 6.67 -6.78 -9.48
C TYR A 39 7.90 -7.47 -10.06
N PRO A 40 8.03 -8.82 -9.99
CA PRO A 40 9.22 -9.52 -10.47
C PRO A 40 9.43 -9.36 -11.97
N GLU A 41 8.34 -9.45 -12.72
CA GLU A 41 8.41 -9.35 -14.18
C GLU A 41 8.77 -7.91 -14.57
N TRP A 42 8.21 -6.96 -13.83
CA TRP A 42 8.48 -5.56 -14.07
C TRP A 42 9.94 -5.23 -13.73
N LEU A 43 10.38 -5.74 -12.59
CA LEU A 43 11.75 -5.57 -12.17
C LEU A 43 12.72 -6.20 -13.16
N GLN A 44 12.39 -7.38 -13.64
CA GLN A 44 13.26 -8.11 -14.56
C GLN A 44 13.41 -7.38 -15.89
N SER A 45 12.33 -6.80 -16.36
CA SER A 45 12.35 -6.09 -17.63
C SER A 45 13.20 -4.83 -17.55
N HIS A 46 13.00 -4.08 -16.49
CA HIS A 46 13.70 -2.82 -16.26
C HIS A 46 14.99 -3.04 -15.49
N ARG A 47 15.29 -4.30 -15.20
CA ARG A 47 16.41 -4.66 -14.32
C ARG A 47 17.72 -4.08 -14.85
N GLU A 48 17.82 -3.96 -16.17
CA GLU A 48 19.04 -3.48 -16.80
C GLU A 48 19.12 -1.98 -16.68
N SER A 49 17.94 -1.41 -16.63
CA SER A 49 17.76 0.02 -16.67
C SER A 49 17.55 0.61 -15.28
N LEU A 50 17.38 -0.26 -14.30
CA LEU A 50 17.16 0.15 -12.92
C LEU A 50 18.46 0.25 -12.16
N PRO A 51 18.70 1.41 -11.51
CA PRO A 51 19.85 1.60 -10.63
C PRO A 51 19.81 0.63 -9.46
N PRO A 52 20.97 0.07 -9.10
CA PRO A 52 21.07 -0.93 -8.03
C PRO A 52 20.41 -0.48 -6.74
N GLU A 53 20.58 0.80 -6.39
CA GLU A 53 20.04 1.34 -5.15
C GLU A 53 18.51 1.32 -5.18
N GLN A 54 17.95 1.67 -6.33
CA GLN A 54 16.51 1.71 -6.50
C GLN A 54 15.96 0.29 -6.62
N PHE A 55 16.69 -0.55 -7.36
CA PHE A 55 16.31 -1.91 -7.64
C PHE A 55 16.16 -2.70 -6.34
N GLU A 56 17.11 -2.52 -5.44
CA GLU A 56 17.08 -3.21 -4.15
C GLU A 56 15.82 -2.88 -3.37
N LYS A 57 15.52 -1.59 -3.25
CA LYS A 57 14.34 -1.14 -2.50
C LYS A 57 13.07 -1.78 -3.09
N TYR A 58 13.03 -1.86 -4.41
CA TYR A 58 11.87 -2.43 -5.09
C TYR A 58 11.76 -3.92 -4.82
N GLN A 59 12.89 -4.59 -4.68
CA GLN A 59 12.92 -6.00 -4.33
C GLN A 59 12.35 -6.21 -2.94
N GLU A 60 12.66 -5.29 -2.04
CA GLU A 60 12.20 -5.40 -0.66
C GLU A 60 10.71 -5.15 -0.58
N GLN A 61 10.24 -4.17 -1.34
CA GLN A 61 8.81 -3.89 -1.42
C GLN A 61 8.09 -5.10 -1.97
N HIS A 62 8.67 -5.72 -2.99
CA HIS A 62 8.13 -6.95 -3.56
C HIS A 62 8.10 -8.05 -2.51
N SER A 63 9.21 -8.21 -1.80
CA SER A 63 9.33 -9.24 -0.79
C SER A 63 8.33 -9.03 0.34
N VAL A 64 8.33 -7.81 0.87
CA VAL A 64 7.44 -7.48 1.98
C VAL A 64 5.97 -7.59 1.59
N MET A 65 5.60 -7.03 0.44
CA MET A 65 4.23 -7.11 -0.04
C MET A 65 3.79 -8.57 -0.20
N CYS A 66 4.70 -9.42 -0.65
CA CYS A 66 4.43 -10.85 -0.77
C CYS A 66 4.09 -11.46 0.57
N LYS A 67 4.85 -11.09 1.60
CA LYS A 67 4.65 -11.62 2.93
C LYS A 67 3.25 -11.32 3.41
N ILE A 68 2.84 -10.09 3.17
CA ILE A 68 1.52 -9.61 3.55
C ILE A 68 0.43 -10.43 2.87
N CYS A 69 0.57 -10.63 1.57
CA CYS A 69 -0.39 -11.42 0.81
C CYS A 69 -0.45 -12.84 1.36
N GLU A 70 0.73 -13.41 1.61
CA GLU A 70 0.83 -14.76 2.15
C GLU A 70 0.06 -14.90 3.45
N GLN A 71 0.08 -13.85 4.26
CA GLN A 71 -0.56 -13.91 5.56
C GLN A 71 -2.08 -13.97 5.41
N PHE A 72 -2.63 -13.18 4.50
CA PHE A 72 -4.08 -13.11 4.34
C PHE A 72 -4.62 -14.33 3.59
N GLU A 73 -3.84 -14.83 2.62
CA GLU A 73 -4.23 -16.03 1.90
C GLU A 73 -4.06 -17.27 2.80
N ALA A 74 -3.29 -17.11 3.85
CA ALA A 74 -3.04 -18.19 4.80
C ALA A 74 -3.82 -17.92 6.08
N GLU A 75 -4.78 -17.00 6.00
CA GLU A 75 -5.59 -16.62 7.14
C GLU A 75 -6.91 -17.39 7.12
N THR A 76 -7.39 -17.74 8.30
CA THR A 76 -8.66 -18.44 8.40
C THR A 76 -9.55 -17.74 9.43
N PRO A 77 -10.85 -17.65 9.15
CA PRO A 77 -11.82 -17.07 10.08
C PRO A 77 -11.98 -17.92 11.32
N THR A 78 -11.45 -19.14 11.25
CA THR A 78 -11.57 -20.08 12.34
C THR A 78 -10.43 -19.90 13.35
N ASP A 79 -9.44 -19.08 12.97
CA ASP A 79 -8.37 -18.71 13.89
C ASP A 79 -8.91 -17.87 15.05
N SER A 80 -8.18 -17.87 16.15
CA SER A 80 -8.59 -17.16 17.35
C SER A 80 -8.29 -15.67 17.26
N GLU A 81 -8.82 -14.90 18.20
CA GLU A 81 -8.69 -13.44 18.20
C GLU A 81 -7.23 -13.00 18.22
N THR A 82 -6.39 -13.72 18.97
CA THR A 82 -4.99 -13.36 19.07
C THR A 82 -4.29 -13.57 17.74
N THR A 83 -4.83 -14.47 16.94
CA THR A 83 -4.28 -14.74 15.62
C THR A 83 -4.66 -13.63 14.65
N GLN A 84 -5.91 -13.20 14.77
CA GLN A 84 -6.42 -12.10 13.95
C GLN A 84 -5.61 -10.85 14.22
N LYS A 85 -5.33 -10.62 15.50
CA LYS A 85 -4.54 -9.48 15.92
C LYS A 85 -3.07 -9.65 15.53
N ALA A 86 -2.53 -10.84 15.80
CA ALA A 86 -1.11 -11.12 15.56
C ALA A 86 -0.75 -10.97 14.10
N ARG A 87 -1.59 -11.52 13.23
CA ARG A 87 -1.38 -11.43 11.80
C ARG A 87 -1.39 -9.97 11.38
N PHE A 88 -2.37 -9.23 11.90
CA PHE A 88 -2.50 -7.81 11.61
C PHE A 88 -1.25 -7.05 12.07
N GLU A 89 -0.80 -7.33 13.28
CA GLU A 89 0.36 -6.64 13.84
C GLU A 89 1.60 -6.86 12.98
N MET A 90 1.86 -8.11 12.63
CA MET A 90 3.03 -8.46 11.84
C MET A 90 2.92 -7.89 10.43
N VAL A 91 1.73 -7.98 9.85
CA VAL A 91 1.47 -7.39 8.54
C VAL A 91 1.67 -5.88 8.57
N LEU A 92 1.11 -5.25 9.59
CA LEU A 92 1.22 -3.82 9.77
C LEU A 92 2.69 -3.41 9.91
N ASP A 93 3.45 -4.19 10.65
CA ASP A 93 4.89 -3.92 10.82
C ASP A 93 5.61 -4.00 9.48
N LEU A 94 5.27 -5.02 8.71
CA LEU A 94 5.81 -5.19 7.37
C LEU A 94 5.40 -4.03 6.46
N MET A 95 4.14 -3.65 6.54
CA MET A 95 3.61 -2.53 5.77
C MET A 95 4.38 -1.25 6.07
N GLN A 96 4.71 -1.06 7.34
CA GLN A 96 5.45 0.11 7.79
C GLN A 96 6.83 0.16 7.14
N GLN A 97 7.46 -1.01 6.99
CA GLN A 97 8.79 -1.09 6.41
C GLN A 97 8.75 -0.81 4.91
N LEU A 98 7.78 -1.40 4.23
CA LEU A 98 7.70 -1.30 2.78
C LEU A 98 7.30 0.12 2.36
N GLN A 99 6.38 0.74 3.09
CA GLN A 99 6.00 2.12 2.81
C GLN A 99 7.19 3.03 3.03
N ASP A 100 8.03 2.67 4.00
CA ASP A 100 9.27 3.39 4.31
C ASP A 100 10.35 3.12 3.27
N LEU A 101 10.15 2.10 2.45
CA LEU A 101 11.11 1.72 1.42
C LEU A 101 10.81 2.40 0.11
N GLY A 102 9.61 2.93 -0.01
CA GLY A 102 9.22 3.62 -1.22
C GLY A 102 7.99 3.03 -1.86
N HIS A 103 7.35 3.81 -2.72
CA HIS A 103 6.15 3.35 -3.40
C HIS A 103 6.50 2.55 -4.64
N PRO A 104 5.62 1.62 -5.03
CA PRO A 104 5.74 0.92 -6.30
C PRO A 104 5.52 1.87 -7.47
N PRO A 105 5.94 1.50 -8.69
CA PRO A 105 5.82 2.38 -9.85
C PRO A 105 4.36 2.52 -10.28
N LYS A 106 4.04 3.66 -10.89
CA LYS A 106 2.68 3.98 -11.31
C LYS A 106 2.12 2.92 -12.27
N GLU A 107 2.99 2.35 -13.08
CA GLU A 107 2.59 1.32 -14.02
C GLU A 107 2.06 0.09 -13.28
N LEU A 108 2.65 -0.19 -12.12
CA LEU A 108 2.24 -1.31 -11.30
C LEU A 108 1.07 -0.96 -10.40
N ALA A 109 0.79 0.34 -10.27
CA ALA A 109 -0.31 0.80 -9.45
C ALA A 109 -1.43 1.33 -10.33
N GLY A 110 -1.32 1.06 -11.63
CA GLY A 110 -2.24 1.63 -12.61
C GLY A 110 -3.63 1.04 -12.56
N GLU A 111 -3.91 0.23 -11.55
CA GLU A 111 -5.21 -0.35 -11.36
C GLU A 111 -5.88 0.26 -10.14
N MET A 112 -5.20 1.25 -9.59
CA MET A 112 -5.69 2.00 -8.44
C MET A 112 -6.29 3.31 -8.92
N PRO A 113 -7.31 3.83 -8.23
CA PRO A 113 -7.93 5.09 -8.60
C PRO A 113 -6.94 6.26 -8.56
N PRO A 114 -6.78 6.99 -9.67
CA PRO A 114 -5.77 8.05 -9.77
C PRO A 114 -5.97 9.14 -8.71
N GLY A 115 -5.19 9.05 -7.64
CA GLY A 115 -5.30 10.02 -6.57
C GLY A 115 -4.76 9.50 -5.25
N LEU A 116 -5.12 8.27 -4.90
CA LEU A 116 -4.72 7.69 -3.61
C LEU A 116 -3.25 7.23 -3.63
N ASN A 117 -2.43 7.91 -4.44
CA ASN A 117 -1.03 7.52 -4.63
C ASN A 117 -0.26 7.56 -3.32
N PHE A 118 0.90 6.95 -3.31
CA PHE A 118 1.66 6.74 -2.10
C PHE A 118 3.02 7.44 -2.18
N ASP A 119 3.15 8.56 -1.51
CA ASP A 119 4.39 9.34 -1.53
C ASP A 119 5.26 8.99 -0.34
N LEU A 120 6.50 8.57 -0.60
CA LEU A 120 7.37 8.06 0.45
C LEU A 120 7.63 9.10 1.52
N ASP A 121 7.93 10.32 1.12
CA ASP A 121 8.20 11.39 2.07
C ASP A 121 6.99 11.66 2.96
N ALA A 122 5.81 11.64 2.35
CA ALA A 122 4.58 11.88 3.08
C ALA A 122 4.27 10.70 4.01
N LEU A 123 4.66 9.52 3.59
CA LEU A 123 4.45 8.31 4.39
C LEU A 123 5.50 8.22 5.48
N ASN A 124 6.66 8.77 5.18
CA ASN A 124 7.79 8.81 6.11
C ASN A 124 7.50 9.83 7.21
N LEU A 125 6.58 10.74 6.90
CA LEU A 125 6.24 11.85 7.78
C LEU A 125 7.44 12.78 7.95
N SER A 126 8.35 12.72 6.99
CA SER A 126 9.52 13.59 6.98
C SER A 126 9.15 14.91 6.32
N GLY A 127 8.14 14.88 5.47
CA GLY A 127 7.63 16.09 4.86
C GLY A 127 6.12 16.10 4.81
N PRO A 128 5.45 16.12 5.97
CA PRO A 128 4.00 16.09 6.07
C PRO A 128 3.37 17.48 6.17
N PRO A 129 2.23 17.70 5.52
CA PRO A 129 1.49 18.96 5.60
C PRO A 129 0.90 19.17 6.99
N GLY A 130 0.39 18.11 7.58
CA GLY A 130 -0.18 18.20 8.92
C GLY A 130 0.85 17.91 9.98
N ALA A 131 1.65 16.88 9.75
CA ALA A 131 2.75 16.50 10.63
C ALA A 131 2.23 15.94 11.95
N SER A 132 0.95 15.64 12.00
CA SER A 132 0.34 15.08 13.18
C SER A 132 0.36 13.55 13.11
N GLY A 133 0.43 13.02 11.89
CA GLY A 133 0.44 11.59 11.71
C GLY A 133 -0.57 11.14 10.69
N GLU A 134 -0.65 11.88 9.58
CA GLU A 134 -1.57 11.58 8.51
C GLU A 134 -1.23 10.24 7.87
N GLN A 135 -2.09 9.25 8.07
CA GLN A 135 -1.84 7.93 7.55
C GLN A 135 -2.80 7.59 6.41
N CYS A 136 -2.78 6.34 6.00
CA CYS A 136 -3.57 5.89 4.86
C CYS A 136 -4.68 4.97 5.36
N LEU A 137 -4.27 3.76 5.75
CA LEU A 137 -5.18 2.79 6.36
C LEU A 137 -4.60 2.33 7.69
N ILE A 138 -3.54 3.01 8.10
CA ILE A 138 -2.78 2.63 9.27
C ILE A 138 -3.56 2.97 10.55
N MET A 139 -3.51 4.24 10.91
CA MET A 139 -4.22 4.72 12.09
C MET A 139 -5.03 5.96 11.73
C1 FAR B . -0.20 4.90 4.99
C2 FAR B . -0.10 3.41 4.72
C3 FAR B . 0.66 2.78 3.84
C5 FAR B . 0.63 1.29 3.74
C6 FAR B . -0.33 0.74 2.68
C7 FAR B . 0.16 0.96 1.27
C8 FAR B . 1.27 0.45 0.71
C9 FAR B . 1.65 0.76 -0.71
C11 FAR B . 1.01 -0.14 -1.76
C12 FAR B . -0.48 -0.33 -1.54
C13 FAR B . -1.44 -0.38 -2.44
C14 FAR B . -1.20 -0.23 -3.91
C15 FAR B . -2.87 -0.56 -2.05
C4 FAR B . 1.54 3.48 2.84
C10 FAR B . 2.17 -0.51 1.42
H11 FAR B . -0.73 5.06 5.92
H12A FAR B . 0.77 5.28 5.10
H2 FAR B . -0.75 2.82 5.35
H51 FAR B . 0.34 0.89 4.71
H52 FAR B . 1.62 0.94 3.50
H61 FAR B . -0.46 -0.33 2.86
H62 FAR B . -1.27 1.23 2.80
H7 FAR B . -0.48 1.61 0.70
H91 FAR B . 2.72 0.68 -0.80
H92 FAR B . 1.36 1.77 -0.92
H111 FAR B . 1.17 0.30 -2.74
H112 FAR B . 1.49 -1.10 -1.73
H12 FAR B . -0.74 -0.44 -0.49
H141 FAR B . -0.67 0.70 -4.10
H142 FAR B . -0.59 -1.06 -4.27
H143 FAR B . -2.14 -0.23 -4.44
H151 FAR B . -3.42 0.35 -2.24
H152 FAR B . -3.30 -1.37 -2.63
H153 FAR B . -2.93 -0.82 -0.99
H41 FAR B . 2.16 2.76 2.33
H42 FAR B . 2.17 4.20 3.34
H43 FAR B . 0.92 4.01 2.11
H101 FAR B . 1.69 -0.85 2.32
H102 FAR B . 3.10 -0.02 1.67
H103 FAR B . 2.37 -1.35 0.78
N GLY A 1 -27.10 20.78 -16.16
CA GLY A 1 -27.08 19.36 -15.77
C GLY A 1 -25.92 19.05 -14.85
N MET A 2 -26.17 18.20 -13.85
CA MET A 2 -25.15 17.81 -12.88
C MET A 2 -24.66 19.03 -12.09
N ASP A 3 -25.47 20.08 -12.07
CA ASP A 3 -25.11 21.32 -11.40
C ASP A 3 -25.04 21.12 -9.90
N GLU A 4 -23.95 21.60 -9.32
CA GLU A 4 -23.69 21.47 -7.88
C GLU A 4 -23.44 20.02 -7.51
N GLY A 5 -23.25 19.18 -8.52
CA GLY A 5 -22.97 17.77 -8.30
C GLY A 5 -21.54 17.43 -8.63
N ASP A 6 -20.98 18.15 -9.59
CA ASP A 6 -19.59 17.96 -9.97
C ASP A 6 -18.77 19.13 -9.46
N GLY A 7 -17.45 19.01 -9.49
CA GLY A 7 -16.61 20.09 -9.01
C GLY A 7 -15.71 19.66 -7.87
N GLU A 8 -15.82 18.37 -7.51
CA GLU A 8 -14.98 17.76 -6.49
C GLU A 8 -15.23 18.35 -5.11
N GLY A 9 -14.56 19.45 -4.84
CA GLY A 9 -14.66 20.08 -3.53
C GLY A 9 -13.46 19.77 -2.67
N ASN A 10 -13.47 20.23 -1.43
CA ASN A 10 -12.38 19.94 -0.51
C ASN A 10 -12.57 18.56 0.11
N ILE A 11 -12.13 17.55 -0.64
CA ILE A 11 -12.22 16.17 -0.18
C ILE A 11 -10.87 15.70 0.33
N LEU A 12 -9.87 16.59 0.21
CA LEU A 12 -8.48 16.28 0.59
C LEU A 12 -8.40 15.59 1.95
N PRO A 13 -8.99 16.18 3.02
CA PRO A 13 -8.92 15.60 4.35
C PRO A 13 -9.80 14.37 4.49
N ILE A 14 -10.87 14.32 3.71
CA ILE A 14 -11.81 13.20 3.76
C ILE A 14 -11.22 11.98 3.04
N MET A 15 -10.18 12.22 2.23
CA MET A 15 -9.53 11.16 1.48
C MET A 15 -9.01 10.07 2.42
N GLN A 16 -8.75 10.45 3.66
CA GLN A 16 -8.21 9.52 4.65
C GLN A 16 -9.16 8.34 4.83
N SER A 17 -10.45 8.63 4.97
CA SER A 17 -11.46 7.60 5.16
C SER A 17 -11.74 6.85 3.85
N ILE A 18 -11.85 7.59 2.75
CA ILE A 18 -12.11 6.97 1.45
C ILE A 18 -10.98 6.01 1.06
N MET A 19 -9.76 6.51 1.16
CA MET A 19 -8.57 5.72 0.83
C MET A 19 -8.49 4.50 1.76
N GLN A 20 -8.95 4.68 2.98
CA GLN A 20 -8.97 3.62 3.97
C GLN A 20 -9.90 2.50 3.55
N ASN A 21 -11.10 2.87 3.10
CA ASN A 21 -12.10 1.88 2.69
C ASN A 21 -11.67 1.16 1.42
N LEU A 22 -11.18 1.92 0.46
CA LEU A 22 -10.76 1.36 -0.82
C LEU A 22 -9.56 0.43 -0.65
N LEU A 23 -8.78 0.67 0.39
CA LEU A 23 -7.58 -0.12 0.63
C LEU A 23 -7.74 -1.07 1.81
N SER A 24 -8.98 -1.30 2.23
CA SER A 24 -9.26 -2.24 3.30
C SER A 24 -8.80 -3.64 2.90
N LYS A 25 -8.66 -4.54 3.87
CA LYS A 25 -8.11 -5.88 3.63
C LYS A 25 -8.85 -6.60 2.50
N ASP A 26 -10.12 -6.26 2.34
CA ASP A 26 -10.95 -6.88 1.31
C ASP A 26 -10.39 -6.63 -0.09
N VAL A 27 -10.12 -5.36 -0.41
CA VAL A 27 -9.59 -5.01 -1.72
C VAL A 27 -8.06 -5.06 -1.73
N LEU A 28 -7.47 -4.72 -0.59
CA LEU A 28 -6.01 -4.62 -0.47
C LEU A 28 -5.31 -5.90 -0.89
N TYR A 29 -5.83 -7.06 -0.43
CA TYR A 29 -5.16 -8.34 -0.71
C TYR A 29 -5.00 -8.59 -2.22
N PRO A 30 -6.10 -8.63 -3.02
CA PRO A 30 -6.00 -8.88 -4.47
C PRO A 30 -5.16 -7.85 -5.20
N SER A 31 -5.22 -6.61 -4.75
CA SER A 31 -4.43 -5.54 -5.36
C SER A 31 -2.95 -5.75 -5.09
N LEU A 32 -2.63 -6.10 -3.84
CA LEU A 32 -1.23 -6.35 -3.48
C LEU A 32 -0.74 -7.62 -4.16
N LYS A 33 -1.59 -8.63 -4.19
CA LYS A 33 -1.27 -9.89 -4.85
C LYS A 33 -0.98 -9.68 -6.33
N GLU A 34 -1.79 -8.85 -6.97
CA GLU A 34 -1.60 -8.54 -8.38
C GLU A 34 -0.24 -7.89 -8.61
N ILE A 35 0.08 -6.91 -7.79
CA ILE A 35 1.31 -6.15 -7.94
C ILE A 35 2.52 -7.00 -7.58
N THR A 36 2.36 -7.88 -6.60
CA THR A 36 3.45 -8.77 -6.23
C THR A 36 3.75 -9.76 -7.35
N GLU A 37 2.71 -10.25 -8.01
CA GLU A 37 2.89 -11.18 -9.12
C GLU A 37 3.52 -10.46 -10.32
N LYS A 38 3.33 -9.14 -10.39
CA LYS A 38 3.82 -8.34 -11.52
C LYS A 38 5.20 -7.76 -11.24
N TYR A 39 5.46 -7.48 -9.97
CA TYR A 39 6.69 -6.80 -9.56
C TYR A 39 7.97 -7.44 -10.15
N PRO A 40 8.15 -8.78 -10.05
CA PRO A 40 9.37 -9.44 -10.54
C PRO A 40 9.54 -9.26 -12.05
N GLU A 41 8.43 -9.21 -12.77
CA GLU A 41 8.46 -9.01 -14.21
C GLU A 41 8.91 -7.58 -14.53
N TRP A 42 8.32 -6.62 -13.83
CA TRP A 42 8.63 -5.22 -14.06
C TRP A 42 10.09 -4.95 -13.73
N LEU A 43 10.51 -5.45 -12.57
CA LEU A 43 11.89 -5.30 -12.12
C LEU A 43 12.88 -5.94 -13.07
N GLN A 44 12.60 -7.16 -13.51
CA GLN A 44 13.53 -7.88 -14.40
C GLN A 44 13.65 -7.16 -15.75
N SER A 45 12.56 -6.54 -16.16
CA SER A 45 12.51 -5.85 -17.44
C SER A 45 13.32 -4.56 -17.39
N HIS A 46 13.10 -3.78 -16.33
CA HIS A 46 13.75 -2.49 -16.15
C HIS A 46 15.05 -2.62 -15.36
N ARG A 47 15.40 -3.85 -15.03
CA ARG A 47 16.53 -4.13 -14.15
C ARG A 47 17.81 -3.48 -14.67
N GLU A 48 17.96 -3.41 -15.98
CA GLU A 48 19.16 -2.86 -16.59
C GLU A 48 19.15 -1.33 -16.52
N SER A 49 17.94 -0.77 -16.45
CA SER A 49 17.77 0.67 -16.38
C SER A 49 17.57 1.13 -14.93
N LEU A 50 17.42 0.18 -14.04
CA LEU A 50 17.20 0.44 -12.63
C LEU A 50 18.51 0.46 -11.86
N PRO A 51 18.76 1.55 -11.12
CA PRO A 51 19.91 1.64 -10.23
C PRO A 51 19.86 0.55 -9.17
N PRO A 52 21.00 -0.08 -8.86
CA PRO A 52 21.09 -1.19 -7.92
C PRO A 52 20.45 -0.88 -6.58
N GLU A 53 20.63 0.35 -6.10
CA GLU A 53 20.10 0.75 -4.81
C GLU A 53 18.57 0.85 -4.85
N GLN A 54 18.06 1.33 -5.96
CA GLN A 54 16.61 1.46 -6.13
C GLN A 54 15.99 0.09 -6.34
N PHE A 55 16.69 -0.72 -7.11
CA PHE A 55 16.28 -2.07 -7.44
C PHE A 55 16.07 -2.89 -6.17
N GLU A 56 17.01 -2.76 -5.24
CA GLU A 56 16.93 -3.49 -3.98
C GLU A 56 15.68 -3.12 -3.19
N LYS A 57 15.41 -1.83 -3.04
CA LYS A 57 14.24 -1.38 -2.28
C LYS A 57 12.97 -1.95 -2.88
N TYR A 58 12.93 -2.02 -4.21
CA TYR A 58 11.77 -2.53 -4.92
C TYR A 58 11.61 -4.03 -4.68
N GLN A 59 12.73 -4.73 -4.58
CA GLN A 59 12.73 -6.15 -4.27
C GLN A 59 12.17 -6.38 -2.87
N GLU A 60 12.51 -5.47 -1.95
CA GLU A 60 12.05 -5.58 -0.58
C GLU A 60 10.56 -5.35 -0.50
N GLN A 61 10.08 -4.38 -1.28
CA GLN A 61 8.65 -4.11 -1.36
C GLN A 61 7.92 -5.32 -1.93
N HIS A 62 8.49 -5.93 -2.95
CA HIS A 62 7.93 -7.15 -3.52
C HIS A 62 7.89 -8.25 -2.48
N SER A 63 9.01 -8.40 -1.75
CA SER A 63 9.12 -9.42 -0.74
C SER A 63 8.11 -9.19 0.38
N VAL A 64 8.10 -7.97 0.89
CA VAL A 64 7.22 -7.61 1.99
C VAL A 64 5.74 -7.70 1.59
N MET A 65 5.38 -7.13 0.45
CA MET A 65 4.01 -7.18 -0.04
C MET A 65 3.55 -8.62 -0.23
N CYS A 66 4.45 -9.48 -0.69
CA CYS A 66 4.13 -10.89 -0.83
C CYS A 66 3.78 -11.51 0.51
N LYS A 67 4.58 -11.19 1.53
CA LYS A 67 4.38 -11.76 2.86
C LYS A 67 3.00 -11.39 3.38
N ILE A 68 2.61 -10.15 3.14
CA ILE A 68 1.31 -9.64 3.54
C ILE A 68 0.19 -10.44 2.87
N CYS A 69 0.31 -10.64 1.58
CA CYS A 69 -0.67 -11.41 0.82
C CYS A 69 -0.74 -12.84 1.35
N GLU A 70 0.44 -13.42 1.60
CA GLU A 70 0.55 -14.79 2.11
C GLU A 70 -0.23 -14.93 3.42
N GLN A 71 -0.20 -13.90 4.24
CA GLN A 71 -0.83 -13.97 5.54
C GLN A 71 -2.35 -14.02 5.40
N PHE A 72 -2.90 -13.21 4.49
CA PHE A 72 -4.35 -13.10 4.36
C PHE A 72 -4.93 -14.30 3.62
N GLU A 73 -4.20 -14.83 2.65
CA GLU A 73 -4.63 -16.03 1.95
C GLU A 73 -4.48 -17.25 2.85
N ALA A 74 -3.68 -17.07 3.89
CA ALA A 74 -3.46 -18.12 4.88
C ALA A 74 -4.15 -17.75 6.20
N GLU A 75 -5.08 -16.81 6.12
CA GLU A 75 -5.82 -16.34 7.28
C GLU A 75 -7.16 -17.05 7.38
N THR A 76 -7.58 -17.36 8.60
CA THR A 76 -8.87 -17.97 8.83
C THR A 76 -9.60 -17.24 9.95
N PRO A 77 -10.93 -17.21 9.89
CA PRO A 77 -11.76 -16.63 10.96
C PRO A 77 -11.75 -17.52 12.20
N THR A 78 -11.26 -18.74 12.04
CA THR A 78 -11.35 -19.74 13.08
C THR A 78 -10.10 -19.77 13.95
N ASP A 79 -9.06 -19.04 13.53
CA ASP A 79 -7.87 -18.84 14.37
C ASP A 79 -8.25 -18.06 15.62
N SER A 80 -7.41 -18.14 16.64
CA SER A 80 -7.66 -17.44 17.89
C SER A 80 -7.54 -15.93 17.70
N GLU A 81 -8.10 -15.16 18.63
CA GLU A 81 -8.05 -13.71 18.56
C GLU A 81 -6.61 -13.22 18.60
N THR A 82 -5.76 -13.94 19.32
CA THR A 82 -4.35 -13.58 19.43
C THR A 82 -3.65 -13.81 18.09
N THR A 83 -4.20 -14.72 17.31
CA THR A 83 -3.68 -15.03 16.01
C THR A 83 -4.03 -13.90 15.04
N GLN A 84 -5.28 -13.44 15.17
CA GLN A 84 -5.77 -12.33 14.36
C GLN A 84 -4.90 -11.10 14.62
N LYS A 85 -4.61 -10.86 15.89
CA LYS A 85 -3.81 -9.72 16.29
C LYS A 85 -2.35 -9.88 15.87
N ALA A 86 -1.80 -11.06 16.10
CA ALA A 86 -0.38 -11.30 15.85
C ALA A 86 -0.07 -11.25 14.37
N ARG A 87 -0.95 -11.80 13.55
CA ARG A 87 -0.80 -11.78 12.11
C ARG A 87 -0.98 -10.36 11.60
N PHE A 88 -1.99 -9.67 12.12
CA PHE A 88 -2.24 -8.28 11.77
C PHE A 88 -1.05 -7.41 12.12
N GLU A 89 -0.52 -7.56 13.33
CA GLU A 89 0.61 -6.77 13.78
C GLU A 89 1.84 -7.03 12.93
N MET A 90 2.07 -8.29 12.60
CA MET A 90 3.20 -8.66 11.77
C MET A 90 3.05 -8.08 10.37
N VAL A 91 1.83 -8.14 9.84
CA VAL A 91 1.52 -7.55 8.54
C VAL A 91 1.70 -6.04 8.58
N LEU A 92 1.13 -5.41 9.59
CA LEU A 92 1.22 -3.98 9.76
C LEU A 92 2.68 -3.55 9.90
N ASP A 93 3.45 -4.31 10.65
CA ASP A 93 4.87 -4.05 10.82
C ASP A 93 5.59 -4.11 9.48
N LEU A 94 5.23 -5.12 8.69
CA LEU A 94 5.75 -5.26 7.34
C LEU A 94 5.34 -4.07 6.47
N MET A 95 4.08 -3.69 6.57
CA MET A 95 3.55 -2.55 5.81
C MET A 95 4.30 -1.28 6.16
N GLN A 96 4.63 -1.11 7.44
CA GLN A 96 5.38 0.05 7.90
C GLN A 96 6.75 0.11 7.24
N GLN A 97 7.38 -1.04 7.07
CA GLN A 97 8.70 -1.12 6.49
C GLN A 97 8.67 -0.84 4.99
N LEU A 98 7.73 -1.48 4.30
CA LEU A 98 7.67 -1.41 2.85
C LEU A 98 7.28 0.00 2.40
N GLN A 99 6.35 0.63 3.12
CA GLN A 99 5.98 2.00 2.79
C GLN A 99 7.17 2.94 2.99
N ASP A 100 7.99 2.61 3.99
CA ASP A 100 9.22 3.36 4.26
C ASP A 100 10.31 3.04 3.22
N LEU A 101 10.09 1.99 2.45
CA LEU A 101 11.04 1.57 1.43
C LEU A 101 10.70 2.19 0.07
N GLY A 102 9.49 2.68 -0.06
CA GLY A 102 9.06 3.32 -1.27
C GLY A 102 7.77 2.73 -1.82
N HIS A 103 7.09 3.50 -2.65
CA HIS A 103 5.85 3.03 -3.26
C HIS A 103 6.14 2.28 -4.55
N PRO A 104 5.27 1.36 -4.94
CA PRO A 104 5.38 0.68 -6.23
C PRO A 104 5.15 1.65 -7.38
N PRO A 105 5.75 1.38 -8.55
CA PRO A 105 5.61 2.26 -9.73
C PRO A 105 4.15 2.40 -10.16
N LYS A 106 3.81 3.55 -10.71
CA LYS A 106 2.44 3.83 -11.15
C LYS A 106 1.99 2.83 -12.19
N GLU A 107 2.91 2.35 -13.01
CA GLU A 107 2.60 1.34 -14.02
C GLU A 107 2.13 0.06 -13.37
N LEU A 108 2.74 -0.28 -12.24
CA LEU A 108 2.36 -1.47 -11.48
C LEU A 108 1.15 -1.19 -10.60
N ALA A 109 0.83 0.07 -10.42
CA ALA A 109 -0.30 0.48 -9.61
C ALA A 109 -1.43 0.94 -10.51
N GLY A 110 -1.30 0.63 -11.78
CA GLY A 110 -2.24 1.07 -12.82
C GLY A 110 -3.71 0.76 -12.53
N GLU A 111 -3.99 -0.14 -11.60
CA GLU A 111 -5.37 -0.47 -11.26
C GLU A 111 -5.92 0.46 -10.18
N MET A 112 -5.03 1.24 -9.57
CA MET A 112 -5.42 2.15 -8.51
C MET A 112 -5.94 3.44 -9.11
N PRO A 113 -7.05 3.97 -8.57
CA PRO A 113 -7.63 5.22 -9.04
C PRO A 113 -6.67 6.39 -8.86
N PRO A 114 -6.40 7.15 -9.93
CA PRO A 114 -5.45 8.27 -9.89
C PRO A 114 -5.85 9.33 -8.85
N GLY A 115 -5.17 9.30 -7.71
CA GLY A 115 -5.49 10.23 -6.64
C GLY A 115 -5.08 9.69 -5.28
N LEU A 116 -5.44 8.45 -5.00
CA LEU A 116 -5.13 7.85 -3.70
C LEU A 116 -3.69 7.33 -3.67
N ASN A 117 -2.83 7.98 -4.46
CA ASN A 117 -1.46 7.54 -4.66
C ASN A 117 -0.64 7.58 -3.37
N PHE A 118 0.51 6.94 -3.43
CA PHE A 118 1.36 6.77 -2.26
C PHE A 118 2.70 7.46 -2.49
N ASP A 119 3.08 8.34 -1.57
CA ASP A 119 4.34 9.07 -1.69
C ASP A 119 5.16 8.92 -0.43
N LEU A 120 6.41 8.49 -0.58
CA LEU A 120 7.24 8.06 0.54
C LEU A 120 7.32 9.10 1.64
N ASP A 121 7.58 10.35 1.27
CA ASP A 121 7.72 11.40 2.29
C ASP A 121 6.43 11.60 3.05
N ALA A 122 5.32 11.50 2.34
CA ALA A 122 4.01 11.67 2.95
C ALA A 122 3.66 10.46 3.82
N LEU A 123 4.23 9.31 3.47
CA LEU A 123 4.04 8.09 4.25
C LEU A 123 4.99 8.07 5.43
N ASN A 124 6.12 8.72 5.24
CA ASN A 124 7.16 8.82 6.24
C ASN A 124 6.77 9.81 7.32
N LEU A 125 5.88 10.73 6.96
CA LEU A 125 5.44 11.81 7.83
C LEU A 125 6.60 12.75 8.13
N SER A 126 7.56 12.81 7.20
CA SER A 126 8.74 13.65 7.36
C SER A 126 8.37 15.11 7.16
N GLY A 127 7.36 15.36 6.33
CA GLY A 127 6.90 16.72 6.10
C GLY A 127 5.41 16.76 5.80
N PRO A 128 4.56 16.47 6.80
CA PRO A 128 3.12 16.51 6.66
C PRO A 128 2.52 17.85 7.08
N PRO A 129 1.39 18.26 6.47
CA PRO A 129 0.70 19.49 6.82
C PRO A 129 0.20 19.49 8.26
N GLY A 130 -0.30 18.35 8.71
CA GLY A 130 -0.83 18.25 10.06
C GLY A 130 0.15 17.62 11.01
N ALA A 131 0.71 16.49 10.59
CA ALA A 131 1.74 15.77 11.35
C ALA A 131 1.16 15.12 12.60
N SER A 132 -0.16 15.04 12.64
CA SER A 132 -0.85 14.39 13.74
C SER A 132 -0.72 12.88 13.63
N GLY A 133 -0.41 12.44 12.42
CA GLY A 133 -0.30 11.01 12.15
C GLY A 133 -1.20 10.60 11.02
N GLU A 134 -1.37 11.50 10.06
CA GLU A 134 -2.19 11.23 8.89
C GLU A 134 -1.61 10.05 8.12
N GLN A 135 -2.42 9.00 7.99
CA GLN A 135 -1.98 7.78 7.34
C GLN A 135 -2.94 7.40 6.22
N CYS A 136 -2.84 6.16 5.75
CA CYS A 136 -3.63 5.70 4.63
C CYS A 136 -4.72 4.75 5.14
N LEU A 137 -4.28 3.56 5.55
CA LEU A 137 -5.17 2.59 6.17
C LEU A 137 -4.58 2.16 7.51
N ILE A 138 -3.53 2.85 7.90
CA ILE A 138 -2.78 2.51 9.10
C ILE A 138 -3.51 3.02 10.35
N MET A 139 -3.39 4.32 10.57
CA MET A 139 -4.03 4.97 11.72
C MET A 139 -5.35 5.58 11.29
C1 FAR B . -0.25 4.72 4.79
C2 FAR B . -0.13 3.22 4.52
C3 FAR B . 0.65 2.60 3.65
C5 FAR B . 0.62 1.11 3.54
C6 FAR B . -0.34 0.56 2.50
C7 FAR B . 0.17 0.80 1.08
C8 FAR B . 1.26 0.29 0.52
C9 FAR B . 1.64 0.61 -0.90
C11 FAR B . 0.99 -0.25 -1.96
C12 FAR B . -0.50 -0.45 -1.72
C13 FAR B . -1.47 -0.47 -2.62
C14 FAR B . -1.24 -0.27 -4.09
C15 FAR B . -2.91 -0.67 -2.22
C4 FAR B . 1.56 3.32 2.68
C10 FAR B . 2.16 -0.69 1.22
H11 FAR B . -0.78 4.87 5.72
H12A FAR B . 0.72 5.10 4.91
H2 FAR B . -0.79 2.62 5.13
H51 FAR B . 0.33 0.71 4.51
H52 FAR B . 1.60 0.77 3.30
H61 FAR B . -0.46 -0.49 2.65
H62 FAR B . -1.29 1.05 2.61
H7 FAR B . -0.48 1.44 0.50
H91 FAR B . 2.72 0.53 -0.98
H92 FAR B . 1.36 1.64 -1.10
H111 FAR B . 1.14 0.21 -2.92
H112 FAR B . 1.48 -1.22 -1.95
H12 FAR B . -0.73 -0.62 -0.67
H141 FAR B . -0.61 0.60 -4.24
H142 FAR B . -0.75 -1.14 -4.50
H143 FAR B . -2.19 -0.12 -4.58
H151 FAR B . -3.47 0.23 -2.42
H152 FAR B . -3.32 -1.49 -2.78
H153 FAR B . -2.96 -0.89 -1.16
H41 FAR B . 0.96 3.98 2.06
H42 FAR B . 2.04 2.59 2.04
H43 FAR B . 2.29 3.89 3.22
H101 FAR B . 1.67 -1.04 2.11
H102 FAR B . 3.08 -0.20 1.48
H103 FAR B . 2.36 -1.52 0.56
N GLY A 1 -27.54 17.84 -16.12
CA GLY A 1 -26.36 18.51 -15.52
C GLY A 1 -25.07 18.00 -16.11
N MET A 2 -24.10 17.72 -15.26
CA MET A 2 -22.83 17.18 -15.70
C MET A 2 -22.22 16.28 -14.64
N ASP A 3 -21.97 15.04 -15.00
CA ASP A 3 -21.31 14.09 -14.11
C ASP A 3 -19.81 14.27 -14.21
N GLU A 4 -19.14 14.38 -13.06
CA GLU A 4 -17.69 14.59 -12.99
C GLU A 4 -17.33 16.00 -13.48
N GLY A 5 -16.94 16.85 -12.53
CA GLY A 5 -16.64 18.22 -12.85
C GLY A 5 -17.57 19.17 -12.14
N ASP A 6 -18.77 19.33 -12.70
CA ASP A 6 -19.79 20.15 -12.08
C ASP A 6 -20.27 19.50 -10.79
N GLY A 7 -20.09 20.19 -9.68
CA GLY A 7 -20.53 19.65 -8.42
C GLY A 7 -19.36 19.09 -7.62
N GLU A 8 -18.22 18.93 -8.27
CA GLU A 8 -17.03 18.43 -7.61
C GLU A 8 -16.29 19.57 -6.93
N GLY A 9 -15.67 19.28 -5.80
CA GLY A 9 -14.94 20.30 -5.08
C GLY A 9 -13.71 19.74 -4.40
N ASN A 10 -13.55 20.08 -3.13
CA ASN A 10 -12.41 19.66 -2.35
C ASN A 10 -12.63 18.29 -1.72
N ILE A 11 -12.22 17.25 -2.44
CA ILE A 11 -12.36 15.89 -1.93
C ILE A 11 -11.07 15.47 -1.25
N LEU A 12 -10.05 16.32 -1.39
CA LEU A 12 -8.73 16.08 -0.82
C LEU A 12 -8.80 15.59 0.63
N PRO A 13 -9.48 16.33 1.54
CA PRO A 13 -9.52 15.96 2.95
C PRO A 13 -10.37 14.72 3.20
N ILE A 14 -11.36 14.49 2.34
CA ILE A 14 -12.26 13.36 2.49
C ILE A 14 -11.61 12.09 1.97
N MET A 15 -10.55 12.26 1.20
CA MET A 15 -9.83 11.13 0.61
C MET A 15 -9.34 10.16 1.69
N GLN A 16 -9.15 10.67 2.90
CA GLN A 16 -8.69 9.85 4.02
C GLN A 16 -9.67 8.71 4.27
N SER A 17 -10.96 9.03 4.26
CA SER A 17 -12.01 8.07 4.51
C SER A 17 -12.15 7.10 3.35
N ILE A 18 -12.16 7.66 2.13
CA ILE A 18 -12.29 6.88 0.91
C ILE A 18 -11.12 5.91 0.77
N MET A 19 -9.91 6.44 0.93
CA MET A 19 -8.69 5.65 0.80
C MET A 19 -8.67 4.54 1.83
N GLN A 20 -9.17 4.82 3.02
CA GLN A 20 -9.26 3.84 4.10
C GLN A 20 -10.18 2.69 3.70
N ASN A 21 -11.33 3.03 3.14
CA ASN A 21 -12.32 2.02 2.76
C ASN A 21 -11.82 1.19 1.59
N LEU A 22 -11.27 1.86 0.59
CA LEU A 22 -10.81 1.20 -0.63
C LEU A 22 -9.61 0.29 -0.36
N LEU A 23 -8.80 0.65 0.62
CA LEU A 23 -7.59 -0.09 0.89
C LEU A 23 -7.75 -1.01 2.10
N SER A 24 -8.99 -1.26 2.48
CA SER A 24 -9.27 -2.23 3.54
C SER A 24 -8.82 -3.62 3.10
N LYS A 25 -8.66 -4.54 4.06
CA LYS A 25 -8.13 -5.88 3.78
C LYS A 25 -8.90 -6.57 2.66
N ASP A 26 -10.16 -6.19 2.51
CA ASP A 26 -11.01 -6.75 1.47
C ASP A 26 -10.41 -6.53 0.09
N VAL A 27 -10.13 -5.28 -0.25
CA VAL A 27 -9.58 -4.94 -1.56
C VAL A 27 -8.06 -4.96 -1.55
N LEU A 28 -7.47 -4.62 -0.41
CA LEU A 28 -6.02 -4.54 -0.27
C LEU A 28 -5.34 -5.85 -0.65
N TYR A 29 -5.90 -6.97 -0.19
CA TYR A 29 -5.32 -8.28 -0.44
C TYR A 29 -5.11 -8.56 -1.93
N PRO A 30 -6.17 -8.55 -2.76
CA PRO A 30 -6.03 -8.81 -4.21
C PRO A 30 -5.15 -7.78 -4.90
N SER A 31 -5.23 -6.53 -4.44
CA SER A 31 -4.44 -5.46 -5.03
C SER A 31 -2.95 -5.70 -4.80
N LEU A 32 -2.61 -6.09 -3.57
CA LEU A 32 -1.21 -6.37 -3.23
C LEU A 32 -0.76 -7.64 -3.92
N LYS A 33 -1.63 -8.65 -3.96
CA LYS A 33 -1.32 -9.92 -4.60
C LYS A 33 -1.06 -9.72 -6.09
N GLU A 34 -1.88 -8.89 -6.72
CA GLU A 34 -1.69 -8.58 -8.14
C GLU A 34 -0.34 -7.97 -8.39
N ILE A 35 0.01 -6.98 -7.57
CA ILE A 35 1.24 -6.22 -7.74
C ILE A 35 2.46 -7.07 -7.43
N THR A 36 2.35 -7.97 -6.49
CA THR A 36 3.46 -8.83 -6.13
C THR A 36 3.81 -9.79 -7.26
N GLU A 37 2.80 -10.31 -7.95
CA GLU A 37 3.04 -11.23 -9.06
C GLU A 37 3.70 -10.51 -10.23
N LYS A 38 3.34 -9.24 -10.43
CA LYS A 38 3.83 -8.49 -11.58
C LYS A 38 5.04 -7.63 -11.25
N TYR A 39 5.30 -7.44 -9.95
CA TYR A 39 6.43 -6.64 -9.50
C TYR A 39 7.76 -7.12 -10.12
N PRO A 40 8.11 -8.42 -10.00
CA PRO A 40 9.38 -8.92 -10.54
C PRO A 40 9.46 -8.79 -12.06
N GLU A 41 8.32 -8.81 -12.72
CA GLU A 41 8.26 -8.63 -14.16
C GLU A 41 8.69 -7.22 -14.55
N TRP A 42 8.15 -6.25 -13.84
CA TRP A 42 8.48 -4.87 -14.09
C TRP A 42 9.96 -4.64 -13.81
N LEU A 43 10.39 -5.13 -12.65
CA LEU A 43 11.77 -5.02 -12.23
C LEU A 43 12.72 -5.70 -13.20
N GLN A 44 12.36 -6.89 -13.66
CA GLN A 44 13.20 -7.65 -14.59
C GLN A 44 13.40 -6.87 -15.90
N SER A 45 12.32 -6.25 -16.35
CA SER A 45 12.33 -5.53 -17.61
C SER A 45 13.19 -4.27 -17.52
N HIS A 46 12.99 -3.51 -16.45
CA HIS A 46 13.70 -2.24 -16.25
C HIS A 46 14.99 -2.45 -15.48
N ARG A 47 15.29 -3.70 -15.17
CA ARG A 47 16.42 -4.02 -14.30
C ARG A 47 17.71 -3.41 -14.84
N GLU A 48 17.83 -3.40 -16.16
CA GLU A 48 19.03 -2.90 -16.83
C GLU A 48 19.12 -1.38 -16.73
N SER A 49 17.96 -0.75 -16.57
CA SER A 49 17.89 0.70 -16.45
C SER A 49 17.78 1.13 -14.99
N LEU A 50 17.54 0.16 -14.13
CA LEU A 50 17.33 0.44 -12.71
C LEU A 50 18.64 0.35 -11.93
N PRO A 51 18.94 1.42 -11.17
CA PRO A 51 20.10 1.46 -10.29
C PRO A 51 19.97 0.44 -9.17
N PRO A 52 21.09 -0.18 -8.77
CA PRO A 52 21.11 -1.22 -7.74
C PRO A 52 20.43 -0.77 -6.44
N GLU A 53 20.64 0.49 -6.06
CA GLU A 53 20.10 1.00 -4.80
C GLU A 53 18.58 1.08 -4.86
N GLN A 54 18.06 1.52 -6.00
CA GLN A 54 16.62 1.62 -6.17
C GLN A 54 16.02 0.24 -6.37
N PHE A 55 16.73 -0.59 -7.11
CA PHE A 55 16.31 -1.95 -7.44
C PHE A 55 16.12 -2.76 -6.16
N GLU A 56 17.06 -2.62 -5.23
CA GLU A 56 16.98 -3.33 -3.97
C GLU A 56 15.68 -3.02 -3.23
N LYS A 57 15.40 -1.73 -3.06
CA LYS A 57 14.22 -1.30 -2.31
C LYS A 57 12.96 -1.88 -2.92
N TYR A 58 12.93 -1.94 -4.24
CA TYR A 58 11.77 -2.45 -4.96
C TYR A 58 11.63 -3.96 -4.74
N GLN A 59 12.75 -4.65 -4.61
CA GLN A 59 12.74 -6.07 -4.30
C GLN A 59 12.24 -6.28 -2.89
N GLU A 60 12.58 -5.34 -2.01
CA GLU A 60 12.18 -5.42 -0.60
C GLU A 60 10.67 -5.25 -0.49
N GLN A 61 10.14 -4.27 -1.22
CA GLN A 61 8.71 -4.03 -1.28
C GLN A 61 8.00 -5.25 -1.84
N HIS A 62 8.60 -5.84 -2.87
CA HIS A 62 8.07 -7.06 -3.49
C HIS A 62 7.98 -8.19 -2.46
N SER A 63 9.06 -8.38 -1.72
CA SER A 63 9.13 -9.45 -0.75
C SER A 63 8.15 -9.18 0.39
N VAL A 64 8.18 -7.96 0.91
CA VAL A 64 7.32 -7.60 2.04
C VAL A 64 5.84 -7.71 1.67
N MET A 65 5.46 -7.16 0.52
CA MET A 65 4.08 -7.23 0.06
C MET A 65 3.62 -8.67 -0.11
N CYS A 66 4.53 -9.54 -0.57
CA CYS A 66 4.22 -10.95 -0.72
C CYS A 66 3.87 -11.58 0.61
N LYS A 67 4.63 -11.22 1.64
CA LYS A 67 4.44 -11.80 2.96
C LYS A 67 3.08 -11.43 3.52
N ILE A 68 2.70 -10.18 3.28
CA ILE A 68 1.40 -9.67 3.67
C ILE A 68 0.29 -10.46 3.01
N CYS A 69 0.42 -10.67 1.71
CA CYS A 69 -0.54 -11.45 0.94
C CYS A 69 -0.59 -12.88 1.48
N GLU A 70 0.59 -13.43 1.79
CA GLU A 70 0.70 -14.77 2.32
C GLU A 70 -0.11 -14.93 3.59
N GLN A 71 -0.11 -13.90 4.42
CA GLN A 71 -0.78 -13.97 5.71
C GLN A 71 -2.28 -14.05 5.53
N PHE A 72 -2.81 -13.25 4.60
CA PHE A 72 -4.24 -13.20 4.37
C PHE A 72 -4.73 -14.41 3.59
N GLU A 73 -3.94 -14.88 2.62
CA GLU A 73 -4.28 -16.07 1.86
C GLU A 73 -4.18 -17.31 2.74
N ALA A 74 -3.46 -17.15 3.85
CA ALA A 74 -3.27 -18.23 4.80
C ALA A 74 -4.03 -17.92 6.09
N GLU A 75 -4.97 -16.99 6.01
CA GLU A 75 -5.79 -16.61 7.15
C GLU A 75 -7.06 -17.46 7.20
N THR A 76 -7.48 -17.79 8.41
CA THR A 76 -8.70 -18.53 8.61
C THR A 76 -9.55 -17.83 9.66
N PRO A 77 -10.88 -17.95 9.56
CA PRO A 77 -11.80 -17.43 10.58
C PRO A 77 -11.74 -18.26 11.85
N THR A 78 -11.10 -19.42 11.75
CA THR A 78 -11.06 -20.37 12.85
C THR A 78 -9.84 -20.16 13.73
N ASP A 79 -8.91 -19.31 13.28
CA ASP A 79 -7.80 -18.88 14.11
C ASP A 79 -8.32 -18.10 15.32
N SER A 80 -7.59 -18.15 16.43
CA SER A 80 -7.97 -17.46 17.65
C SER A 80 -7.81 -15.95 17.52
N GLU A 81 -8.35 -15.21 18.48
CA GLU A 81 -8.26 -13.76 18.47
C GLU A 81 -6.81 -13.29 18.58
N THR A 82 -6.00 -14.05 19.30
CA THR A 82 -4.58 -13.72 19.46
C THR A 82 -3.87 -13.86 18.12
N THR A 83 -4.44 -14.70 17.27
CA THR A 83 -3.91 -14.93 15.94
C THR A 83 -4.26 -13.76 15.05
N GLN A 84 -5.48 -13.27 15.22
CA GLN A 84 -5.97 -12.14 14.44
C GLN A 84 -5.14 -10.91 14.78
N LYS A 85 -4.82 -10.76 16.05
CA LYS A 85 -4.00 -9.66 16.52
C LYS A 85 -2.55 -9.83 16.05
N ALA A 86 -2.02 -11.04 16.21
CA ALA A 86 -0.62 -11.32 15.86
C ALA A 86 -0.40 -11.14 14.37
N ARG A 87 -1.34 -11.62 13.57
CA ARG A 87 -1.28 -11.48 12.13
C ARG A 87 -1.33 -10.01 11.75
N PHE A 88 -2.25 -9.29 12.37
CA PHE A 88 -2.40 -7.86 12.11
C PHE A 88 -1.13 -7.10 12.46
N GLU A 89 -0.57 -7.38 13.63
CA GLU A 89 0.64 -6.71 14.08
C GLU A 89 1.79 -6.96 13.12
N MET A 90 1.97 -8.22 12.74
CA MET A 90 3.06 -8.60 11.86
C MET A 90 2.89 -7.99 10.47
N VAL A 91 1.66 -8.04 9.96
CA VAL A 91 1.35 -7.46 8.65
C VAL A 91 1.55 -5.95 8.68
N LEU A 92 1.01 -5.30 9.72
CA LEU A 92 1.13 -3.87 9.88
C LEU A 92 2.60 -3.47 9.98
N ASP A 93 3.39 -4.26 10.70
CA ASP A 93 4.81 -4.00 10.84
C ASP A 93 5.51 -4.08 9.49
N LEU A 94 5.18 -5.12 8.74
CA LEU A 94 5.70 -5.27 7.38
C LEU A 94 5.29 -4.08 6.51
N MET A 95 4.03 -3.69 6.62
CA MET A 95 3.52 -2.54 5.87
C MET A 95 4.31 -1.28 6.22
N GLN A 96 4.65 -1.13 7.50
CA GLN A 96 5.43 0.01 7.97
C GLN A 96 6.79 0.05 7.29
N GLN A 97 7.40 -1.11 7.12
CA GLN A 97 8.73 -1.22 6.53
C GLN A 97 8.67 -0.92 5.03
N LEU A 98 7.69 -1.51 4.36
CA LEU A 98 7.62 -1.40 2.91
C LEU A 98 7.23 0.02 2.49
N GLN A 99 6.33 0.65 3.24
CA GLN A 99 5.97 2.05 2.95
C GLN A 99 7.20 2.94 3.15
N ASP A 100 8.04 2.57 4.12
CA ASP A 100 9.29 3.28 4.38
C ASP A 100 10.33 2.96 3.29
N LEU A 101 10.10 1.89 2.56
CA LEU A 101 11.02 1.44 1.53
C LEU A 101 10.70 2.07 0.18
N GLY A 102 9.49 2.57 0.04
CA GLY A 102 9.11 3.24 -1.19
C GLY A 102 7.82 2.68 -1.76
N HIS A 103 7.19 3.47 -2.60
CA HIS A 103 5.97 3.05 -3.27
C HIS A 103 6.30 2.25 -4.52
N PRO A 104 5.39 1.37 -4.96
CA PRO A 104 5.53 0.65 -6.22
C PRO A 104 5.35 1.62 -7.40
N PRO A 105 5.88 1.27 -8.58
CA PRO A 105 5.77 2.11 -9.77
C PRO A 105 4.32 2.32 -10.20
N LYS A 106 4.02 3.48 -10.77
CA LYS A 106 2.66 3.82 -11.19
C LYS A 106 2.14 2.81 -12.21
N GLU A 107 3.04 2.28 -13.03
CA GLU A 107 2.69 1.29 -14.03
C GLU A 107 2.17 0.01 -13.36
N LEU A 108 2.69 -0.25 -12.17
CA LEU A 108 2.25 -1.40 -11.40
C LEU A 108 1.07 -1.04 -10.51
N ALA A 109 0.79 0.25 -10.40
CA ALA A 109 -0.32 0.71 -9.58
C ALA A 109 -1.45 1.20 -10.47
N GLY A 110 -1.33 0.91 -11.77
CA GLY A 110 -2.26 1.42 -12.77
C GLY A 110 -3.67 0.89 -12.64
N GLU A 111 -3.93 0.12 -11.60
CA GLU A 111 -5.27 -0.38 -11.33
C GLU A 111 -5.92 0.41 -10.21
N MET A 112 -5.14 1.29 -9.62
CA MET A 112 -5.59 2.11 -8.51
C MET A 112 -6.21 3.40 -9.03
N PRO A 113 -7.23 3.93 -8.35
CA PRO A 113 -7.84 5.21 -8.72
C PRO A 113 -6.87 6.37 -8.52
N PRO A 114 -6.48 7.05 -9.60
CA PRO A 114 -5.48 8.12 -9.55
C PRO A 114 -5.80 9.18 -8.51
N GLY A 115 -5.04 9.17 -7.43
CA GLY A 115 -5.27 10.11 -6.37
C GLY A 115 -4.87 9.55 -5.02
N LEU A 116 -5.25 8.29 -4.76
CA LEU A 116 -4.95 7.67 -3.48
C LEU A 116 -3.53 7.12 -3.49
N ASN A 117 -2.76 7.54 -4.48
CA ASN A 117 -1.41 7.03 -4.69
C ASN A 117 -0.50 7.33 -3.52
N PHE A 118 0.66 6.69 -3.53
CA PHE A 118 1.52 6.67 -2.38
C PHE A 118 2.88 7.26 -2.71
N ASP A 119 3.26 8.30 -1.98
CA ASP A 119 4.59 8.90 -2.14
C ASP A 119 5.42 8.59 -0.91
N LEU A 120 6.65 8.14 -1.13
CA LEU A 120 7.50 7.68 -0.03
C LEU A 120 7.67 8.74 1.03
N ASP A 121 7.91 9.97 0.61
CA ASP A 121 8.06 11.09 1.54
C ASP A 121 6.79 11.25 2.38
N ALA A 122 5.64 11.19 1.72
CA ALA A 122 4.36 11.37 2.40
C ALA A 122 4.08 10.22 3.35
N LEU A 123 4.70 9.09 3.07
CA LEU A 123 4.54 7.89 3.91
C LEU A 123 5.56 7.91 5.03
N ASN A 124 6.67 8.58 4.79
CA ASN A 124 7.78 8.62 5.72
C ASN A 124 7.45 9.49 6.92
N LEU A 125 6.67 10.54 6.67
CA LEU A 125 6.24 11.46 7.72
C LEU A 125 7.43 12.18 8.34
N SER A 126 8.45 12.44 7.53
CA SER A 126 9.65 13.13 8.00
C SER A 126 9.40 14.64 8.06
N GLY A 127 8.47 15.12 7.24
CA GLY A 127 8.12 16.53 7.27
C GLY A 127 6.95 16.86 6.36
N PRO A 128 5.75 16.31 6.64
CA PRO A 128 4.54 16.61 5.88
C PRO A 128 3.86 17.88 6.39
N PRO A 129 2.91 18.43 5.62
CA PRO A 129 2.14 19.63 6.02
C PRO A 129 1.38 19.42 7.33
N GLY A 130 0.88 18.21 7.54
CA GLY A 130 0.16 17.91 8.76
C GLY A 130 1.09 17.38 9.83
N ALA A 131 1.84 16.33 9.47
CA ALA A 131 2.89 15.75 10.29
C ALA A 131 2.34 14.81 11.34
N SER A 132 2.60 13.52 11.12
CA SER A 132 2.21 12.46 12.05
C SER A 132 0.69 12.35 12.18
N GLY A 133 -0.02 12.83 11.17
CA GLY A 133 -1.46 12.77 11.20
C GLY A 133 -2.03 12.16 9.94
N GLU A 134 -1.35 12.38 8.83
CA GLU A 134 -1.79 11.87 7.54
C GLU A 134 -1.45 10.40 7.38
N GLN A 135 -2.46 9.56 7.47
CA GLN A 135 -2.28 8.12 7.36
C GLN A 135 -2.96 7.61 6.10
N CYS A 136 -3.05 6.29 5.98
CA CYS A 136 -3.75 5.69 4.86
C CYS A 136 -4.80 4.72 5.41
N LEU A 137 -4.33 3.56 5.83
CA LEU A 137 -5.19 2.56 6.48
C LEU A 137 -4.56 2.12 7.79
N ILE A 138 -3.48 2.80 8.17
CA ILE A 138 -2.69 2.43 9.32
C ILE A 138 -3.44 2.76 10.61
N MET A 139 -3.36 4.01 11.02
CA MET A 139 -4.04 4.47 12.22
C MET A 139 -5.03 5.56 11.86
C1 FAR B . -0.31 4.81 5.06
C2 FAR B . -0.18 3.31 4.78
C3 FAR B . 0.61 2.71 3.89
C5 FAR B . 0.59 1.22 3.78
C6 FAR B . -0.38 0.67 2.75
C7 FAR B . 0.09 0.89 1.33
C8 FAR B . 1.19 0.37 0.77
C9 FAR B . 1.56 0.67 -0.67
C11 FAR B . 0.91 -0.23 -1.70
C12 FAR B . -0.58 -0.40 -1.49
C13 FAR B . -1.54 -0.47 -2.40
C14 FAR B . -1.27 -0.35 -3.88
C15 FAR B . -2.97 -0.64 -2.02
C4 FAR B . 1.51 3.43 2.93
C10 FAR B . 2.09 -0.61 1.46
H11 FAR B . -0.84 4.94 5.99
H12A FAR B . 0.66 5.21 5.16
H2 FAR B . -0.84 2.71 5.37
H51 FAR B . 0.33 0.82 4.76
H52 FAR B . 1.58 0.88 3.52
H61 FAR B . -0.52 -0.38 2.93
H62 FAR B . -1.32 1.18 2.88
H7 FAR B . -0.55 1.53 0.76
H91 FAR B . 2.63 0.60 -0.75
H92 FAR B . 1.26 1.69 -0.88
H111 FAR B . 1.08 0.21 -2.68
H112 FAR B . 1.39 -1.19 -1.67
H12 FAR B . -0.84 -0.51 -0.45
H141 FAR B . -2.20 -0.35 -4.41
H142 FAR B . -0.73 0.56 -4.09
H143 FAR B . -0.68 -1.20 -4.21
H151 FAR B . -3.36 -1.53 -2.50
H152 FAR B . -3.05 -0.73 -0.96
H153 FAR B . -3.53 0.22 -2.36
H41 FAR B . 2.29 3.95 3.47
H42 FAR B . 0.92 4.14 2.36
H43 FAR B . 1.95 2.72 2.25
H101 FAR B . 1.61 -0.94 2.37
H102 FAR B . 3.02 -0.11 1.71
H103 FAR B . 2.27 -1.44 0.83
N GLY A 1 -17.80 29.09 -14.27
CA GLY A 1 -17.18 30.06 -15.21
C GLY A 1 -16.50 29.37 -16.36
N MET A 2 -17.26 28.56 -17.10
CA MET A 2 -16.73 27.80 -18.24
C MET A 2 -15.60 26.89 -17.79
N ASP A 3 -15.79 26.29 -16.63
CA ASP A 3 -14.80 25.40 -16.05
C ASP A 3 -14.78 24.06 -16.78
N GLU A 4 -13.60 23.51 -16.96
CA GLU A 4 -13.45 22.23 -17.63
C GLU A 4 -13.28 21.13 -16.58
N GLY A 5 -14.07 20.08 -16.72
CA GLY A 5 -14.02 18.99 -15.76
C GLY A 5 -14.93 19.23 -14.58
N ASP A 6 -16.15 19.68 -14.86
CA ASP A 6 -17.14 19.92 -13.81
C ASP A 6 -17.63 18.60 -13.23
N GLY A 7 -18.15 18.66 -12.03
CA GLY A 7 -18.60 17.47 -11.35
C GLY A 7 -17.70 17.10 -10.19
N GLU A 8 -16.54 17.73 -10.16
CA GLU A 8 -15.58 17.51 -9.09
C GLU A 8 -15.80 18.54 -7.97
N GLY A 9 -15.89 18.07 -6.75
CA GLY A 9 -16.02 18.96 -5.62
C GLY A 9 -14.75 19.04 -4.82
N ASN A 10 -14.82 18.69 -3.55
CA ASN A 10 -13.64 18.63 -2.70
C ASN A 10 -13.51 17.26 -2.06
N ILE A 11 -12.85 16.37 -2.77
CA ILE A 11 -12.73 14.98 -2.34
C ILE A 11 -11.48 14.79 -1.49
N LEU A 12 -10.65 15.83 -1.46
CA LEU A 12 -9.35 15.78 -0.78
C LEU A 12 -9.48 15.20 0.64
N PRO A 13 -10.34 15.77 1.52
CA PRO A 13 -10.45 15.30 2.90
C PRO A 13 -11.20 13.97 3.00
N ILE A 14 -11.98 13.68 1.97
CA ILE A 14 -12.74 12.44 1.91
C ILE A 14 -11.84 11.29 1.45
N MET A 15 -10.72 11.64 0.83
CA MET A 15 -9.81 10.64 0.25
C MET A 15 -9.29 9.68 1.30
N GLN A 16 -9.05 10.16 2.51
CA GLN A 16 -8.57 9.30 3.59
C GLN A 16 -9.62 8.24 3.95
N SER A 17 -10.90 8.59 3.83
CA SER A 17 -11.99 7.67 4.11
C SER A 17 -12.09 6.63 2.99
N ILE A 18 -12.03 7.10 1.76
CA ILE A 18 -12.06 6.24 0.58
C ILE A 18 -10.87 5.30 0.58
N MET A 19 -9.71 5.86 0.87
CA MET A 19 -8.47 5.10 0.91
C MET A 19 -8.56 4.01 1.97
N GLN A 20 -9.11 4.35 3.12
CA GLN A 20 -9.30 3.39 4.20
C GLN A 20 -10.22 2.25 3.76
N ASN A 21 -11.33 2.60 3.13
CA ASN A 21 -12.33 1.62 2.73
C ASN A 21 -11.81 0.71 1.62
N LEU A 22 -11.20 1.32 0.62
CA LEU A 22 -10.73 0.59 -0.55
C LEU A 22 -9.50 -0.24 -0.24
N LEU A 23 -8.65 0.24 0.66
CA LEU A 23 -7.42 -0.46 0.98
C LEU A 23 -7.57 -1.30 2.23
N SER A 24 -8.81 -1.55 2.63
CA SER A 24 -9.08 -2.46 3.72
C SER A 24 -8.67 -3.87 3.31
N LYS A 25 -8.47 -4.76 4.28
CA LYS A 25 -7.93 -6.10 4.02
C LYS A 25 -8.74 -6.85 2.95
N ASP A 26 -10.01 -6.50 2.83
CA ASP A 26 -10.89 -7.13 1.85
C ASP A 26 -10.37 -6.92 0.43
N VAL A 27 -10.06 -5.68 0.06
CA VAL A 27 -9.58 -5.36 -1.27
C VAL A 27 -8.05 -5.33 -1.31
N LEU A 28 -7.44 -4.93 -0.20
CA LEU A 28 -5.99 -4.80 -0.11
C LEU A 28 -5.28 -6.09 -0.53
N TYR A 29 -5.79 -7.23 -0.06
CA TYR A 29 -5.14 -8.51 -0.35
C TYR A 29 -4.98 -8.75 -1.86
N PRO A 30 -6.07 -8.77 -2.66
CA PRO A 30 -5.96 -8.96 -4.11
C PRO A 30 -5.15 -7.87 -4.80
N SER A 31 -5.27 -6.65 -4.29
CA SER A 31 -4.54 -5.52 -4.88
C SER A 31 -3.03 -5.72 -4.72
N LEU A 32 -2.62 -6.14 -3.53
CA LEU A 32 -1.21 -6.39 -3.27
C LEU A 32 -0.75 -7.63 -4.02
N LYS A 33 -1.59 -8.65 -4.02
CA LYS A 33 -1.27 -9.92 -4.67
C LYS A 33 -1.07 -9.72 -6.17
N GLU A 34 -1.89 -8.87 -6.76
CA GLU A 34 -1.75 -8.56 -8.18
C GLU A 34 -0.41 -7.92 -8.47
N ILE A 35 -0.06 -6.94 -7.66
CA ILE A 35 1.15 -6.16 -7.87
C ILE A 35 2.40 -6.99 -7.59
N THR A 36 2.31 -7.89 -6.62
CA THR A 36 3.44 -8.74 -6.29
C THR A 36 3.78 -9.69 -7.44
N GLU A 37 2.75 -10.19 -8.11
CA GLU A 37 2.96 -11.07 -9.25
C GLU A 37 3.55 -10.29 -10.44
N LYS A 38 3.26 -8.99 -10.46
CA LYS A 38 3.66 -8.14 -11.58
C LYS A 38 5.00 -7.46 -11.33
N TYR A 39 5.30 -7.23 -10.06
CA TYR A 39 6.53 -6.53 -9.66
C TYR A 39 7.79 -7.10 -10.36
N PRO A 40 8.03 -8.42 -10.32
CA PRO A 40 9.23 -9.01 -10.93
C PRO A 40 9.30 -8.75 -12.43
N GLU A 41 8.14 -8.76 -13.09
CA GLU A 41 8.07 -8.50 -14.52
C GLU A 41 8.54 -7.09 -14.84
N TRP A 42 8.03 -6.14 -14.08
CA TRP A 42 8.38 -4.74 -14.28
C TRP A 42 9.87 -4.53 -13.97
N LEU A 43 10.28 -5.06 -12.84
CA LEU A 43 11.66 -4.95 -12.38
C LEU A 43 12.64 -5.56 -13.35
N GLN A 44 12.31 -6.74 -13.86
CA GLN A 44 13.22 -7.44 -14.77
C GLN A 44 13.40 -6.67 -16.08
N SER A 45 12.34 -5.99 -16.49
CA SER A 45 12.34 -5.24 -17.74
C SER A 45 13.18 -3.97 -17.58
N HIS A 46 13.00 -3.29 -16.46
CA HIS A 46 13.69 -2.04 -16.17
C HIS A 46 14.97 -2.28 -15.41
N ARG A 47 15.29 -3.53 -15.17
CA ARG A 47 16.40 -3.90 -14.29
C ARG A 47 17.70 -3.27 -14.76
N GLU A 48 17.90 -3.22 -16.07
CA GLU A 48 19.14 -2.68 -16.63
C GLU A 48 19.17 -1.16 -16.52
N SER A 49 17.97 -0.58 -16.45
CA SER A 49 17.83 0.85 -16.34
C SER A 49 17.68 1.28 -14.88
N LEU A 50 17.54 0.29 -14.02
CA LEU A 50 17.31 0.54 -12.61
C LEU A 50 18.62 0.56 -11.82
N PRO A 51 18.83 1.63 -11.05
CA PRO A 51 19.97 1.74 -10.15
C PRO A 51 20.01 0.58 -9.16
N PRO A 52 21.21 0.13 -8.76
CA PRO A 52 21.35 -0.99 -7.84
C PRO A 52 20.62 -0.74 -6.53
N GLU A 53 20.78 0.48 -6.02
CA GLU A 53 20.13 0.88 -4.77
C GLU A 53 18.62 0.90 -4.91
N GLN A 54 18.15 1.38 -6.06
CA GLN A 54 16.72 1.51 -6.28
C GLN A 54 16.09 0.15 -6.51
N PHE A 55 16.80 -0.69 -7.24
CA PHE A 55 16.33 -2.02 -7.59
C PHE A 55 16.11 -2.84 -6.32
N GLU A 56 17.06 -2.73 -5.40
CA GLU A 56 16.98 -3.45 -4.14
C GLU A 56 15.72 -3.07 -3.35
N LYS A 57 15.48 -1.77 -3.19
CA LYS A 57 14.33 -1.30 -2.42
C LYS A 57 13.04 -1.85 -3.02
N TYR A 58 12.99 -1.91 -4.34
CA TYR A 58 11.81 -2.39 -5.05
C TYR A 58 11.64 -3.89 -4.83
N GLN A 59 12.74 -4.61 -4.71
CA GLN A 59 12.70 -6.03 -4.41
C GLN A 59 12.21 -6.25 -2.99
N GLU A 60 12.61 -5.36 -2.09
CA GLU A 60 12.20 -5.47 -0.70
C GLU A 60 10.70 -5.29 -0.59
N GLN A 61 10.19 -4.31 -1.30
CA GLN A 61 8.75 -4.06 -1.36
C GLN A 61 8.03 -5.27 -1.92
N HIS A 62 8.60 -5.86 -2.96
CA HIS A 62 8.05 -7.06 -3.59
C HIS A 62 7.98 -8.20 -2.58
N SER A 63 9.08 -8.42 -1.88
CA SER A 63 9.16 -9.51 -0.91
C SER A 63 8.21 -9.28 0.25
N VAL A 64 8.22 -8.06 0.79
CA VAL A 64 7.37 -7.72 1.92
C VAL A 64 5.89 -7.83 1.55
N MET A 65 5.51 -7.26 0.40
CA MET A 65 4.12 -7.32 -0.06
C MET A 65 3.66 -8.76 -0.23
N CYS A 66 4.54 -9.63 -0.68
CA CYS A 66 4.24 -11.05 -0.83
C CYS A 66 3.91 -11.69 0.50
N LYS A 67 4.66 -11.32 1.53
CA LYS A 67 4.49 -11.90 2.86
C LYS A 67 3.12 -11.56 3.40
N ILE A 68 2.74 -10.31 3.19
CA ILE A 68 1.44 -9.81 3.61
C ILE A 68 0.32 -10.61 2.98
N CYS A 69 0.44 -10.84 1.68
CA CYS A 69 -0.56 -11.61 0.95
C CYS A 69 -0.64 -13.03 1.50
N GLU A 70 0.52 -13.62 1.79
CA GLU A 70 0.59 -14.98 2.34
C GLU A 70 -0.21 -15.09 3.62
N GLN A 71 -0.17 -14.03 4.43
CA GLN A 71 -0.80 -14.05 5.72
C GLN A 71 -2.32 -14.09 5.59
N PHE A 72 -2.86 -13.34 4.65
CA PHE A 72 -4.31 -13.21 4.49
C PHE A 72 -4.88 -14.45 3.83
N GLU A 73 -4.16 -15.01 2.87
CA GLU A 73 -4.56 -16.24 2.21
C GLU A 73 -4.37 -17.43 3.15
N ALA A 74 -3.56 -17.22 4.18
CA ALA A 74 -3.31 -18.25 5.18
C ALA A 74 -4.12 -17.96 6.45
N GLU A 75 -5.05 -17.01 6.35
CA GLU A 75 -5.88 -16.63 7.47
C GLU A 75 -7.13 -17.50 7.51
N THR A 76 -7.60 -17.80 8.71
CA THR A 76 -8.84 -18.52 8.88
C THR A 76 -9.76 -17.74 9.81
N PRO A 77 -11.07 -17.74 9.51
CA PRO A 77 -12.08 -17.13 10.39
C PRO A 77 -12.19 -17.86 11.72
N THR A 78 -11.56 -19.03 11.76
CA THR A 78 -11.60 -19.88 12.94
C THR A 78 -10.45 -19.56 13.90
N ASP A 79 -9.51 -18.74 13.43
CA ASP A 79 -8.39 -18.29 14.25
C ASP A 79 -8.86 -17.48 15.45
N SER A 80 -8.07 -17.52 16.51
CA SER A 80 -8.39 -16.81 17.74
C SER A 80 -8.08 -15.32 17.61
N GLU A 81 -8.54 -14.54 18.58
CA GLU A 81 -8.36 -13.09 18.56
C GLU A 81 -6.88 -12.72 18.59
N THR A 82 -6.07 -13.49 19.29
CA THR A 82 -4.65 -13.22 19.38
C THR A 82 -4.00 -13.47 18.04
N THR A 83 -4.59 -14.38 17.28
CA THR A 83 -4.10 -14.69 15.96
C THR A 83 -4.44 -13.55 15.01
N GLN A 84 -5.66 -13.04 15.17
CA GLN A 84 -6.11 -11.90 14.40
C GLN A 84 -5.23 -10.69 14.69
N LYS A 85 -4.91 -10.49 15.96
CA LYS A 85 -4.08 -9.37 16.38
C LYS A 85 -2.62 -9.57 15.96
N ALA A 86 -2.10 -10.77 16.19
CA ALA A 86 -0.68 -11.04 15.97
C ALA A 86 -0.32 -10.97 14.50
N ARG A 87 -1.16 -11.57 13.66
CA ARG A 87 -0.95 -11.55 12.23
C ARG A 87 -1.09 -10.13 11.70
N PHE A 88 -2.09 -9.42 12.22
CA PHE A 88 -2.30 -8.03 11.87
C PHE A 88 -1.08 -7.19 12.24
N GLU A 89 -0.58 -7.38 13.46
CA GLU A 89 0.58 -6.64 13.93
C GLU A 89 1.81 -6.96 13.07
N MET A 90 1.98 -8.23 12.73
CA MET A 90 3.11 -8.64 11.90
C MET A 90 2.98 -8.06 10.50
N VAL A 91 1.78 -8.12 9.93
CA VAL A 91 1.51 -7.55 8.63
C VAL A 91 1.72 -6.04 8.65
N LEU A 92 1.16 -5.39 9.65
CA LEU A 92 1.28 -3.95 9.81
C LEU A 92 2.75 -3.54 9.94
N ASP A 93 3.52 -4.34 10.68
CA ASP A 93 4.94 -4.07 10.83
C ASP A 93 5.65 -4.15 9.48
N LEU A 94 5.30 -5.18 8.71
CA LEU A 94 5.82 -5.35 7.36
C LEU A 94 5.41 -4.20 6.46
N MET A 95 4.15 -3.81 6.55
CA MET A 95 3.63 -2.69 5.77
C MET A 95 4.41 -1.42 6.07
N GLN A 96 4.73 -1.22 7.35
CA GLN A 96 5.48 -0.06 7.78
C GLN A 96 6.87 -0.04 7.16
N GLN A 97 7.48 -1.21 7.00
CA GLN A 97 8.81 -1.32 6.43
C GLN A 97 8.77 -1.01 4.94
N LEU A 98 7.81 -1.60 4.26
CA LEU A 98 7.73 -1.47 2.80
C LEU A 98 7.32 -0.06 2.39
N GLN A 99 6.40 0.56 3.14
CA GLN A 99 6.03 1.95 2.84
C GLN A 99 7.23 2.86 3.06
N ASP A 100 8.06 2.51 4.04
CA ASP A 100 9.30 3.23 4.31
C ASP A 100 10.38 2.93 3.27
N LEU A 101 10.13 1.89 2.48
CA LEU A 101 11.08 1.48 1.44
C LEU A 101 10.76 2.14 0.11
N GLY A 102 9.56 2.69 0.01
CA GLY A 102 9.16 3.38 -1.20
C GLY A 102 7.88 2.80 -1.78
N HIS A 103 7.24 3.57 -2.64
CA HIS A 103 6.02 3.14 -3.29
C HIS A 103 6.33 2.36 -4.56
N PRO A 104 5.42 1.46 -4.98
CA PRO A 104 5.54 0.77 -6.26
C PRO A 104 5.35 1.74 -7.43
N PRO A 105 5.87 1.40 -8.61
CA PRO A 105 5.76 2.25 -9.81
C PRO A 105 4.31 2.46 -10.23
N LYS A 106 4.02 3.61 -10.84
CA LYS A 106 2.67 3.96 -11.27
C LYS A 106 2.13 2.91 -12.24
N GLU A 107 3.02 2.34 -13.05
CA GLU A 107 2.65 1.33 -14.01
C GLU A 107 2.08 0.11 -13.30
N LEU A 108 2.63 -0.18 -12.13
CA LEU A 108 2.17 -1.31 -11.34
C LEU A 108 1.01 -0.92 -10.45
N ALA A 109 0.74 0.37 -10.34
CA ALA A 109 -0.37 0.86 -9.55
C ALA A 109 -1.49 1.35 -10.46
N GLY A 110 -1.35 1.06 -11.76
CA GLY A 110 -2.27 1.55 -12.77
C GLY A 110 -3.61 0.84 -12.75
N GLU A 111 -3.90 0.17 -11.66
CA GLU A 111 -5.19 -0.47 -11.47
C GLU A 111 -5.88 0.12 -10.26
N MET A 112 -5.26 1.15 -9.71
CA MET A 112 -5.78 1.84 -8.54
C MET A 112 -6.45 3.14 -8.98
N PRO A 113 -7.45 3.63 -8.23
CA PRO A 113 -8.13 4.89 -8.55
C PRO A 113 -7.20 6.10 -8.40
N PRO A 114 -6.85 6.75 -9.53
CA PRO A 114 -5.89 7.86 -9.55
C PRO A 114 -6.15 8.90 -8.48
N GLY A 115 -5.25 8.98 -7.52
CA GLY A 115 -5.37 9.95 -6.46
C GLY A 115 -4.90 9.41 -5.13
N LEU A 116 -5.24 8.15 -4.85
CA LEU A 116 -4.86 7.53 -3.57
C LEU A 116 -3.39 7.09 -3.57
N ASN A 117 -2.59 7.78 -4.40
CA ASN A 117 -1.19 7.42 -4.60
C ASN A 117 -0.40 7.49 -3.30
N PHE A 118 0.76 6.85 -3.31
CA PHE A 118 1.56 6.68 -2.11
C PHE A 118 2.91 7.38 -2.28
N ASP A 119 3.10 8.50 -1.61
CA ASP A 119 4.38 9.21 -1.67
C ASP A 119 5.22 8.87 -0.46
N LEU A 120 6.48 8.49 -0.70
CA LEU A 120 7.35 8.00 0.36
C LEU A 120 7.58 9.06 1.42
N ASP A 121 7.88 10.27 1.00
CA ASP A 121 8.11 11.36 1.93
C ASP A 121 6.87 11.62 2.79
N ALA A 122 5.72 11.60 2.15
CA ALA A 122 4.46 11.83 2.85
C ALA A 122 4.18 10.71 3.85
N LEU A 123 4.72 9.54 3.55
CA LEU A 123 4.55 8.38 4.42
C LEU A 123 5.65 8.33 5.46
N ASN A 124 6.72 9.07 5.20
CA ASN A 124 7.89 9.09 6.06
C ASN A 124 7.66 9.97 7.27
N LEU A 125 7.62 9.35 8.44
CA LEU A 125 7.37 10.10 9.67
C LEU A 125 8.57 9.98 10.62
N SER A 126 9.75 9.86 10.03
CA SER A 126 10.98 9.75 10.82
C SER A 126 11.28 11.05 11.56
N GLY A 127 10.96 12.17 10.93
CA GLY A 127 11.20 13.46 11.55
C GLY A 127 10.23 14.52 11.07
N PRO A 128 8.96 14.43 11.49
CA PRO A 128 7.94 15.39 11.12
C PRO A 128 7.84 16.55 12.11
N PRO A 129 7.14 17.64 11.76
CA PRO A 129 6.93 18.80 12.64
C PRO A 129 5.79 18.54 13.64
N GLY A 130 5.25 17.35 13.59
CA GLY A 130 4.13 17.00 14.44
C GLY A 130 3.11 16.16 13.70
N ALA A 131 3.58 15.00 13.22
CA ALA A 131 2.75 14.07 12.46
C ALA A 131 1.37 13.91 13.07
N SER A 132 0.37 14.43 12.37
CA SER A 132 -1.01 14.33 12.79
C SER A 132 -1.70 13.17 12.10
N GLY A 133 -1.18 12.81 10.93
CA GLY A 133 -1.76 11.72 10.18
C GLY A 133 -1.13 11.56 8.81
N GLU A 134 -1.84 11.99 7.78
CA GLU A 134 -1.40 11.84 6.40
C GLU A 134 -1.20 10.37 6.04
N GLN A 135 -1.87 9.52 6.79
CA GLN A 135 -1.74 8.08 6.60
C GLN A 135 -2.74 7.61 5.54
N CYS A 136 -2.86 6.30 5.42
CA CYS A 136 -3.65 5.71 4.36
C CYS A 136 -4.75 4.82 4.95
N LEU A 137 -4.33 3.68 5.46
CA LEU A 137 -5.23 2.74 6.13
C LEU A 137 -4.69 2.42 7.52
N ILE A 138 -3.64 3.13 7.89
CA ILE A 138 -2.91 2.85 9.13
C ILE A 138 -3.73 3.31 10.33
N MET A 139 -3.63 4.59 10.64
CA MET A 139 -4.29 5.16 11.80
C MET A 139 -5.11 6.37 11.38
C1 FAR B . -0.33 4.67 4.71
C2 FAR B . -0.20 3.17 4.54
C3 FAR B . 0.62 2.51 3.73
C5 FAR B . 0.59 1.00 3.70
C6 FAR B . -0.31 0.40 2.64
C7 FAR B . 0.21 0.62 1.23
C8 FAR B . 1.32 0.15 0.70
C9 FAR B . 1.71 0.46 -0.73
C11 FAR B . 1.05 -0.41 -1.77
C12 FAR B . -0.45 -0.58 -1.55
C13 FAR B . -1.42 -0.55 -2.43
C14 FAR B . -1.19 -0.30 -3.90
C15 FAR B . -2.86 -0.72 -2.03
C4 FAR B . 1.56 3.18 2.77
C10 FAR B . 2.23 -0.78 1.43
H11 FAR B . -0.92 4.88 5.58
H12A FAR B . 0.63 5.08 4.86
H2 FAR B . -0.88 2.60 5.15
H51 FAR B . 0.28 0.67 4.68
H52 FAR B . 1.60 0.67 3.52
H61 FAR B . -0.39 -0.66 2.83
H62 FAR B . -1.29 0.84 2.73
H7 FAR B . -0.46 1.23 0.63
H91 FAR B . 2.79 0.33 -0.80
H92 FAR B . 1.47 1.48 -0.92
H111 FAR B . 1.21 0.05 -2.74
H112 FAR B . 1.51 -1.38 -1.77
H12 FAR B . -0.69 -0.75 -0.51
H141 FAR B . -2.14 -0.34 -4.43
H142 FAR B . -0.74 0.67 -4.04
H143 FAR B . -0.54 -1.07 -4.30
H151 FAR B . -3.31 -1.47 -2.65
H152 FAR B . -2.89 -1.02 -0.99
H153 FAR B . -3.38 0.22 -2.15
H41 FAR B . 1.77 2.51 1.95
H42 FAR B . 2.48 3.42 3.28
H43 FAR B . 1.11 4.08 2.39
H101 FAR B . 3.17 -0.28 1.66
H102 FAR B . 2.43 -1.65 0.82
H103 FAR B . 1.76 -1.10 2.36
N GLY A 1 -20.13 16.61 -20.15
CA GLY A 1 -21.58 16.36 -20.33
C GLY A 1 -22.06 15.19 -19.48
N MET A 2 -22.02 13.99 -20.04
CA MET A 2 -22.43 12.79 -19.33
C MET A 2 -21.19 12.08 -18.78
N ASP A 3 -20.12 12.84 -18.65
CA ASP A 3 -18.82 12.28 -18.31
C ASP A 3 -18.71 11.99 -16.82
N GLU A 4 -18.37 10.74 -16.50
CA GLU A 4 -18.10 10.31 -15.13
C GLU A 4 -19.33 10.44 -14.24
N GLY A 5 -19.15 10.19 -12.95
CA GLY A 5 -20.25 10.29 -12.00
C GLY A 5 -20.32 11.67 -11.37
N ASP A 6 -19.47 11.90 -10.38
CA ASP A 6 -19.41 13.19 -9.71
C ASP A 6 -18.03 13.40 -9.12
N GLY A 7 -17.55 14.64 -9.15
CA GLY A 7 -16.25 14.94 -8.61
C GLY A 7 -16.09 16.41 -8.27
N GLU A 8 -17.14 16.99 -7.68
CA GLU A 8 -17.12 18.39 -7.31
C GLU A 8 -17.26 18.56 -5.81
N GLY A 9 -16.73 19.65 -5.29
CA GLY A 9 -16.81 19.92 -3.87
C GLY A 9 -15.52 19.59 -3.16
N ASN A 10 -15.61 19.39 -1.86
CA ASN A 10 -14.44 19.06 -1.07
C ASN A 10 -14.38 17.56 -0.81
N ILE A 11 -13.74 16.83 -1.71
CA ILE A 11 -13.62 15.39 -1.57
C ILE A 11 -12.34 15.05 -0.83
N LEU A 12 -11.41 16.01 -0.83
CA LEU A 12 -10.10 15.85 -0.20
C LEU A 12 -10.18 15.18 1.18
N PRO A 13 -10.98 15.73 2.11
CA PRO A 13 -11.06 15.19 3.47
C PRO A 13 -11.75 13.82 3.51
N ILE A 14 -12.59 13.57 2.53
CA ILE A 14 -13.30 12.30 2.45
C ILE A 14 -12.41 11.21 1.86
N MET A 15 -11.39 11.65 1.11
CA MET A 15 -10.51 10.73 0.40
C MET A 15 -9.81 9.76 1.35
N GLN A 16 -9.49 10.22 2.56
CA GLN A 16 -8.85 9.34 3.54
C GLN A 16 -9.76 8.17 3.92
N SER A 17 -11.06 8.44 3.99
CA SER A 17 -12.03 7.41 4.32
C SER A 17 -12.21 6.47 3.13
N ILE A 18 -12.27 7.05 1.94
CA ILE A 18 -12.41 6.28 0.71
C ILE A 18 -11.17 5.40 0.49
N MET A 19 -10.00 6.02 0.63
CA MET A 19 -8.74 5.31 0.45
C MET A 19 -8.62 4.16 1.45
N GLN A 20 -9.05 4.39 2.67
CA GLN A 20 -8.99 3.37 3.71
C GLN A 20 -9.95 2.22 3.38
N ASN A 21 -11.12 2.56 2.86
CA ASN A 21 -12.13 1.56 2.51
C ASN A 21 -11.64 0.71 1.35
N LEU A 22 -11.12 1.36 0.32
CA LEU A 22 -10.64 0.67 -0.86
C LEU A 22 -9.40 -0.16 -0.54
N LEU A 23 -8.61 0.30 0.41
CA LEU A 23 -7.38 -0.40 0.77
C LEU A 23 -7.55 -1.25 2.01
N SER A 24 -8.80 -1.52 2.37
CA SER A 24 -9.08 -2.45 3.46
C SER A 24 -8.66 -3.86 3.04
N LYS A 25 -8.53 -4.76 4.02
CA LYS A 25 -8.01 -6.12 3.76
C LYS A 25 -8.79 -6.82 2.65
N ASP A 26 -10.06 -6.43 2.50
CA ASP A 26 -10.92 -6.96 1.45
C ASP A 26 -10.29 -6.81 0.07
N VAL A 27 -10.00 -5.56 -0.33
CA VAL A 27 -9.45 -5.30 -1.64
C VAL A 27 -7.92 -5.30 -1.62
N LEU A 28 -7.35 -4.88 -0.50
CA LEU A 28 -5.91 -4.76 -0.36
C LEU A 28 -5.20 -6.08 -0.68
N TYR A 29 -5.79 -7.20 -0.25
CA TYR A 29 -5.19 -8.51 -0.49
C TYR A 29 -4.97 -8.80 -1.98
N PRO A 30 -6.04 -8.81 -2.81
CA PRO A 30 -5.90 -9.08 -4.24
C PRO A 30 -5.04 -8.05 -4.96
N SER A 31 -5.16 -6.78 -4.57
CA SER A 31 -4.38 -5.72 -5.20
C SER A 31 -2.88 -5.90 -4.93
N LEU A 32 -2.53 -6.23 -3.69
CA LEU A 32 -1.14 -6.45 -3.35
C LEU A 32 -0.63 -7.71 -4.03
N LYS A 33 -1.49 -8.72 -4.07
CA LYS A 33 -1.15 -9.99 -4.72
C LYS A 33 -0.93 -9.78 -6.22
N GLU A 34 -1.74 -8.93 -6.82
CA GLU A 34 -1.59 -8.59 -8.23
C GLU A 34 -0.24 -7.93 -8.48
N ILE A 35 0.09 -6.96 -7.66
CA ILE A 35 1.30 -6.19 -7.84
C ILE A 35 2.54 -7.04 -7.55
N THR A 36 2.42 -7.97 -6.62
CA THR A 36 3.53 -8.86 -6.30
C THR A 36 3.82 -9.80 -7.46
N GLU A 37 2.77 -10.27 -8.14
CA GLU A 37 2.95 -11.13 -9.30
C GLU A 37 3.51 -10.35 -10.49
N LYS A 38 3.25 -9.04 -10.49
CA LYS A 38 3.66 -8.17 -11.59
C LYS A 38 5.05 -7.60 -11.35
N TYR A 39 5.37 -7.36 -10.08
CA TYR A 39 6.63 -6.73 -9.68
C TYR A 39 7.86 -7.35 -10.36
N PRO A 40 8.01 -8.70 -10.36
CA PRO A 40 9.18 -9.34 -10.95
C PRO A 40 9.31 -9.03 -12.44
N GLU A 41 8.18 -8.95 -13.13
CA GLU A 41 8.16 -8.65 -14.55
C GLU A 41 8.60 -7.22 -14.83
N TRP A 42 8.04 -6.30 -14.07
CA TRP A 42 8.37 -4.89 -14.24
C TRP A 42 9.84 -4.65 -13.93
N LEU A 43 10.27 -5.19 -12.80
CA LEU A 43 11.66 -5.09 -12.37
C LEU A 43 12.59 -5.73 -13.37
N GLN A 44 12.22 -6.90 -13.87
CA GLN A 44 13.06 -7.63 -14.82
C GLN A 44 13.23 -6.84 -16.12
N SER A 45 12.16 -6.19 -16.53
CA SER A 45 12.16 -5.44 -17.77
C SER A 45 13.01 -4.18 -17.63
N HIS A 46 12.81 -3.45 -16.54
CA HIS A 46 13.51 -2.18 -16.32
C HIS A 46 14.80 -2.37 -15.56
N ARG A 47 15.14 -3.62 -15.28
CA ARG A 47 16.30 -3.92 -14.44
C ARG A 47 17.57 -3.34 -15.05
N GLU A 48 17.63 -3.32 -16.38
CA GLU A 48 18.78 -2.80 -17.10
C GLU A 48 18.91 -1.28 -16.91
N SER A 49 17.76 -0.64 -16.72
CA SER A 49 17.72 0.81 -16.56
C SER A 49 17.63 1.20 -15.09
N LEU A 50 17.39 0.22 -14.23
CA LEU A 50 17.20 0.47 -12.81
C LEU A 50 18.50 0.40 -12.04
N PRO A 51 18.82 1.46 -11.27
CA PRO A 51 20.01 1.47 -10.42
C PRO A 51 19.88 0.44 -9.29
N PRO A 52 20.99 -0.20 -8.93
CA PRO A 52 21.00 -1.23 -7.88
C PRO A 52 20.39 -0.75 -6.57
N GLU A 53 20.62 0.52 -6.24
CA GLU A 53 20.11 1.07 -4.98
C GLU A 53 18.58 1.11 -4.98
N GLN A 54 18.02 1.50 -6.11
CA GLN A 54 16.58 1.57 -6.25
C GLN A 54 15.99 0.18 -6.41
N PHE A 55 16.69 -0.64 -7.18
CA PHE A 55 16.25 -1.99 -7.53
C PHE A 55 16.07 -2.84 -6.27
N GLU A 56 17.03 -2.74 -5.35
CA GLU A 56 16.97 -3.49 -4.11
C GLU A 56 15.69 -3.19 -3.35
N LYS A 57 15.41 -1.91 -3.14
CA LYS A 57 14.25 -1.49 -2.36
C LYS A 57 12.97 -2.03 -2.96
N TYR A 58 12.92 -2.08 -4.28
CA TYR A 58 11.73 -2.57 -4.98
C TYR A 58 11.53 -4.05 -4.70
N GLN A 59 12.62 -4.79 -4.65
CA GLN A 59 12.59 -6.19 -4.27
C GLN A 59 12.16 -6.36 -2.82
N GLU A 60 12.56 -5.42 -1.98
CA GLU A 60 12.19 -5.46 -0.57
C GLU A 60 10.68 -5.28 -0.44
N GLN A 61 10.16 -4.33 -1.19
CA GLN A 61 8.72 -4.09 -1.25
C GLN A 61 8.02 -5.32 -1.82
N HIS A 62 8.61 -5.89 -2.86
CA HIS A 62 8.09 -7.09 -3.51
C HIS A 62 8.00 -8.23 -2.51
N SER A 63 9.07 -8.39 -1.73
CA SER A 63 9.14 -9.45 -0.74
C SER A 63 8.15 -9.21 0.40
N VAL A 64 8.15 -7.98 0.92
CA VAL A 64 7.26 -7.64 2.02
C VAL A 64 5.80 -7.77 1.63
N MET A 65 5.43 -7.22 0.47
CA MET A 65 4.05 -7.30 -0.02
C MET A 65 3.61 -8.75 -0.19
N CYS A 66 4.53 -9.60 -0.63
CA CYS A 66 4.24 -11.04 -0.76
C CYS A 66 3.88 -11.63 0.59
N LYS A 67 4.64 -11.27 1.62
CA LYS A 67 4.43 -11.81 2.95
C LYS A 67 3.03 -11.47 3.44
N ILE A 68 2.65 -10.23 3.21
CA ILE A 68 1.34 -9.72 3.61
C ILE A 68 0.22 -10.51 2.94
N CYS A 69 0.34 -10.71 1.63
CA CYS A 69 -0.64 -11.48 0.88
C CYS A 69 -0.73 -12.90 1.43
N GLU A 70 0.44 -13.50 1.69
CA GLU A 70 0.51 -14.85 2.23
C GLU A 70 -0.24 -14.93 3.55
N GLN A 71 -0.16 -13.89 4.35
CA GLN A 71 -0.78 -13.90 5.66
C GLN A 71 -2.30 -13.93 5.55
N PHE A 72 -2.84 -13.12 4.65
CA PHE A 72 -4.28 -13.01 4.51
C PHE A 72 -4.86 -14.28 3.89
N GLU A 73 -4.18 -14.81 2.88
CA GLU A 73 -4.62 -16.03 2.22
C GLU A 73 -4.43 -17.23 3.15
N ALA A 74 -3.60 -17.05 4.16
CA ALA A 74 -3.33 -18.10 5.13
C ALA A 74 -4.05 -17.81 6.44
N GLU A 75 -4.98 -16.85 6.39
CA GLU A 75 -5.76 -16.47 7.55
C GLU A 75 -7.10 -17.21 7.54
N THR A 76 -7.58 -17.55 8.72
CA THR A 76 -8.87 -18.17 8.87
C THR A 76 -9.67 -17.45 9.94
N PRO A 77 -10.99 -17.34 9.74
CA PRO A 77 -11.90 -16.77 10.75
C PRO A 77 -11.94 -17.64 12.00
N THR A 78 -11.38 -18.84 11.89
CA THR A 78 -11.42 -19.80 12.96
C THR A 78 -10.17 -19.72 13.83
N ASP A 79 -9.17 -18.95 13.37
CA ASP A 79 -7.99 -18.67 14.18
C ASP A 79 -8.38 -17.86 15.42
N SER A 80 -7.58 -17.97 16.47
CA SER A 80 -7.86 -17.31 17.74
C SER A 80 -7.63 -15.81 17.66
N GLU A 81 -8.15 -15.08 18.66
CA GLU A 81 -8.02 -13.63 18.72
C GLU A 81 -6.54 -13.21 18.71
N THR A 82 -5.70 -14.00 19.37
CA THR A 82 -4.29 -13.70 19.44
C THR A 82 -3.64 -13.91 18.08
N THR A 83 -4.26 -14.77 17.29
CA THR A 83 -3.78 -15.04 15.95
C THR A 83 -4.16 -13.86 15.04
N GLN A 84 -5.40 -13.42 15.19
CA GLN A 84 -5.88 -12.26 14.45
C GLN A 84 -5.04 -11.05 14.78
N LYS A 85 -4.74 -10.90 16.07
CA LYS A 85 -3.97 -9.76 16.56
C LYS A 85 -2.51 -9.86 16.11
N ALA A 86 -1.93 -11.05 16.25
CA ALA A 86 -0.51 -11.25 15.95
C ALA A 86 -0.24 -11.04 14.46
N ARG A 87 -1.11 -11.59 13.62
CA ARG A 87 -0.98 -11.44 12.19
C ARG A 87 -1.14 -9.99 11.79
N PHE A 88 -2.12 -9.32 12.39
CA PHE A 88 -2.35 -7.91 12.12
C PHE A 88 -1.10 -7.09 12.47
N GLU A 89 -0.55 -7.34 13.64
CA GLU A 89 0.62 -6.59 14.11
C GLU A 89 1.82 -6.85 13.21
N MET A 90 2.00 -8.10 12.82
CA MET A 90 3.11 -8.48 11.94
C MET A 90 2.92 -7.89 10.55
N VAL A 91 1.71 -7.99 10.00
CA VAL A 91 1.39 -7.41 8.70
C VAL A 91 1.56 -5.90 8.75
N LEU A 92 1.03 -5.28 9.79
CA LEU A 92 1.15 -3.85 9.99
C LEU A 92 2.63 -3.45 10.02
N ASP A 93 3.44 -4.24 10.72
CA ASP A 93 4.88 -3.99 10.79
C ASP A 93 5.51 -4.08 9.41
N LEU A 94 5.15 -5.12 8.69
CA LEU A 94 5.63 -5.31 7.33
C LEU A 94 5.23 -4.13 6.45
N MET A 95 3.96 -3.72 6.58
CA MET A 95 3.46 -2.56 5.85
C MET A 95 4.25 -1.31 6.20
N GLN A 96 4.60 -1.17 7.49
CA GLN A 96 5.39 -0.04 7.96
C GLN A 96 6.74 -0.02 7.29
N GLN A 97 7.34 -1.20 7.12
CA GLN A 97 8.67 -1.31 6.53
C GLN A 97 8.63 -1.00 5.05
N LEU A 98 7.65 -1.57 4.36
CA LEU A 98 7.59 -1.44 2.92
C LEU A 98 7.22 -0.01 2.51
N GLN A 99 6.32 0.62 3.25
CA GLN A 99 5.99 2.03 2.97
C GLN A 99 7.23 2.89 3.22
N ASP A 100 8.05 2.50 4.20
CA ASP A 100 9.32 3.15 4.49
C ASP A 100 10.37 2.84 3.41
N LEU A 101 10.11 1.80 2.62
CA LEU A 101 11.03 1.38 1.57
C LEU A 101 10.67 2.02 0.23
N GLY A 102 9.45 2.50 0.11
CA GLY A 102 9.02 3.16 -1.10
C GLY A 102 7.75 2.55 -1.68
N HIS A 103 7.10 3.32 -2.54
CA HIS A 103 5.88 2.84 -3.17
C HIS A 103 6.19 2.14 -4.49
N PRO A 104 5.31 1.21 -4.91
CA PRO A 104 5.42 0.57 -6.22
C PRO A 104 5.18 1.58 -7.34
N PRO A 105 5.72 1.31 -8.55
CA PRO A 105 5.60 2.25 -9.67
C PRO A 105 4.17 2.39 -10.15
N LYS A 106 3.86 3.52 -10.76
CA LYS A 106 2.51 3.82 -11.25
C LYS A 106 2.03 2.76 -12.24
N GLU A 107 2.96 2.22 -13.01
CA GLU A 107 2.65 1.19 -13.99
C GLU A 107 2.11 -0.06 -13.28
N LEU A 108 2.65 -0.33 -12.11
CA LEU A 108 2.25 -1.47 -11.30
C LEU A 108 1.09 -1.12 -10.39
N ALA A 109 0.80 0.17 -10.29
CA ALA A 109 -0.28 0.64 -9.45
C ALA A 109 -1.44 1.08 -10.33
N GLY A 110 -1.35 0.71 -11.61
CA GLY A 110 -2.32 1.15 -12.62
C GLY A 110 -3.76 0.79 -12.32
N GLU A 111 -4.03 0.04 -11.27
CA GLU A 111 -5.40 -0.28 -10.88
C GLU A 111 -5.89 0.68 -9.81
N MET A 112 -4.99 1.53 -9.33
CA MET A 112 -5.33 2.47 -8.27
C MET A 112 -5.79 3.78 -8.89
N PRO A 113 -6.89 4.35 -8.38
CA PRO A 113 -7.45 5.60 -8.90
C PRO A 113 -6.46 6.76 -8.78
N PRO A 114 -5.99 7.31 -9.91
CA PRO A 114 -4.96 8.36 -9.92
C PRO A 114 -5.24 9.49 -8.95
N GLY A 115 -4.48 9.51 -7.87
CA GLY A 115 -4.65 10.54 -6.86
C GLY A 115 -4.30 10.03 -5.47
N LEU A 116 -4.72 8.81 -5.16
CA LEU A 116 -4.48 8.23 -3.83
C LEU A 116 -3.06 7.67 -3.73
N ASN A 117 -2.13 8.31 -4.42
CA ASN A 117 -0.76 7.81 -4.56
C ASN A 117 -0.08 7.69 -3.20
N PHE A 118 1.06 7.03 -3.20
CA PHE A 118 1.74 6.69 -1.96
C PHE A 118 3.11 7.32 -1.92
N ASP A 119 3.20 8.50 -1.32
CA ASP A 119 4.46 9.25 -1.29
C ASP A 119 5.25 8.91 -0.05
N LEU A 120 6.48 8.43 -0.25
CA LEU A 120 7.33 7.94 0.84
C LEU A 120 7.47 8.97 1.95
N ASP A 121 7.75 10.21 1.60
CA ASP A 121 7.89 11.27 2.57
C ASP A 121 6.62 11.41 3.42
N ALA A 122 5.49 11.40 2.74
CA ALA A 122 4.20 11.57 3.40
C ALA A 122 3.85 10.35 4.26
N LEU A 123 4.38 9.20 3.88
CA LEU A 123 4.13 7.97 4.59
C LEU A 123 5.09 7.84 5.77
N ASN A 124 6.27 8.40 5.60
CA ASN A 124 7.32 8.29 6.59
C ASN A 124 7.08 9.28 7.71
N LEU A 125 6.47 10.41 7.36
CA LEU A 125 6.16 11.49 8.31
C LEU A 125 7.42 12.16 8.82
N SER A 126 8.56 11.85 8.21
CA SER A 126 9.81 12.46 8.60
C SER A 126 10.08 13.67 7.73
N GLY A 127 9.16 14.62 7.82
CA GLY A 127 9.24 15.83 7.04
C GLY A 127 8.32 16.88 7.61
N PRO A 128 7.00 16.59 7.65
CA PRO A 128 6.04 17.47 8.32
C PRO A 128 6.39 17.68 9.80
N PRO A 129 6.49 18.94 10.21
CA PRO A 129 6.80 19.31 11.60
C PRO A 129 5.60 19.12 12.51
N GLY A 130 4.42 19.13 11.89
CA GLY A 130 3.20 19.00 12.65
C GLY A 130 2.42 17.77 12.25
N ALA A 131 3.14 16.69 11.94
CA ALA A 131 2.52 15.44 11.55
C ALA A 131 1.58 14.94 12.64
N SER A 132 0.33 14.75 12.29
CA SER A 132 -0.67 14.30 13.24
C SER A 132 -1.24 12.95 12.80
N GLY A 133 -1.26 12.74 11.50
CA GLY A 133 -1.70 11.48 10.94
C GLY A 133 -1.24 11.36 9.52
N GLU A 134 -2.03 11.91 8.60
CA GLU A 134 -1.63 12.00 7.19
C GLU A 134 -1.41 10.61 6.59
N GLN A 135 -2.09 9.63 7.16
CA GLN A 135 -1.88 8.24 6.78
C GLN A 135 -2.87 7.80 5.71
N CYS A 136 -2.92 6.49 5.47
CA CYS A 136 -3.74 5.92 4.43
C CYS A 136 -4.79 5.00 5.08
N LEU A 137 -4.32 3.87 5.56
CA LEU A 137 -5.16 2.91 6.27
C LEU A 137 -4.52 2.57 7.61
N ILE A 138 -3.46 3.28 7.93
CA ILE A 138 -2.69 3.01 9.14
C ILE A 138 -3.36 3.63 10.35
N MET A 139 -3.18 4.94 10.49
CA MET A 139 -3.78 5.67 11.60
C MET A 139 -5.14 6.21 11.18
C1 FAR B . -0.43 4.81 4.66
C2 FAR B . -0.35 3.30 4.46
C3 FAR B . 0.49 2.63 3.70
C5 FAR B . 0.42 1.13 3.66
C6 FAR B . -0.48 0.57 2.57
C7 FAR B . 0.06 0.83 1.18
C8 FAR B . 1.20 0.38 0.66
C9 FAR B . 1.62 0.71 -0.76
C11 FAR B . 1.03 -0.19 -1.82
C12 FAR B . -0.45 -0.42 -1.65
C13 FAR B . -1.40 -0.45 -2.56
C14 FAR B . -1.12 -0.20 -4.03
C15 FAR B . -2.83 -0.69 -2.22
C4 FAR B . 1.54 3.27 2.84
C10 FAR B . 2.11 -0.56 1.38
H11 FAR B . -0.98 5.02 5.55
H12A FAR B . 0.54 5.18 4.77
H2 FAR B . -1.10 2.76 5.02
H51 FAR B . 0.07 0.79 4.62
H52 FAR B . 1.42 0.75 3.50
H61 FAR B . -0.58 -0.50 2.73
H62 FAR B . -1.45 1.03 2.66
H7 FAR B . -0.59 1.45 0.58
H91 FAR B . 2.69 0.67 -0.80
H92 FAR B . 1.30 1.73 -0.96
H111 FAR B . 1.20 0.27 -2.79
H112 FAR B . 1.55 -1.14 -1.79
H12 FAR B . -0.73 -0.61 -0.62
H141 FAR B . -2.06 -0.06 -4.55
H142 FAR B . -0.52 0.70 -4.14
H143 FAR B . -0.60 -1.04 -4.45
H151 FAR B . -3.19 -1.56 -2.75
H152 FAR B . -2.92 -0.86 -1.14
H153 FAR B . -3.42 0.18 -2.48
H41 FAR B . 2.08 2.50 2.30
H42 FAR B . 2.23 3.82 3.45
H43 FAR B . 1.06 3.93 2.13
H101 FAR B . 3.02 -0.04 1.65
H102 FAR B . 2.35 -1.40 0.75
H103 FAR B . 1.63 -0.90 2.29
N GLY A 1 -33.72 5.50 4.60
CA GLY A 1 -34.73 6.06 3.66
C GLY A 1 -34.79 7.57 3.75
N MET A 2 -34.82 8.23 2.60
CA MET A 2 -34.80 9.69 2.51
C MET A 2 -33.55 10.23 3.21
N ASP A 3 -32.45 9.53 3.01
CA ASP A 3 -31.17 9.94 3.59
C ASP A 3 -30.59 11.09 2.79
N GLU A 4 -30.22 12.16 3.48
CA GLU A 4 -29.65 13.31 2.82
C GLU A 4 -28.28 12.97 2.24
N GLY A 5 -27.99 13.52 1.08
CA GLY A 5 -26.72 13.28 0.44
C GLY A 5 -25.90 14.55 0.36
N ASP A 6 -25.27 14.92 1.46
CA ASP A 6 -24.49 16.13 1.53
C ASP A 6 -23.11 15.84 2.11
N GLY A 7 -22.13 16.60 1.69
CA GLY A 7 -20.76 16.37 2.14
C GLY A 7 -19.79 16.36 0.98
N GLU A 8 -20.29 16.68 -0.20
CA GLU A 8 -19.45 16.75 -1.39
C GLU A 8 -18.90 18.16 -1.56
N GLY A 9 -17.72 18.26 -2.16
CA GLY A 9 -17.06 19.55 -2.27
C GLY A 9 -15.75 19.54 -1.53
N ASN A 10 -14.66 19.42 -2.27
CA ASN A 10 -13.33 19.23 -1.70
C ASN A 10 -13.29 17.98 -0.83
N ILE A 11 -13.18 16.83 -1.49
CA ILE A 11 -13.18 15.55 -0.80
C ILE A 11 -11.78 15.21 -0.29
N LEU A 12 -10.88 16.19 -0.43
CA LEU A 12 -9.47 16.01 -0.08
C LEU A 12 -9.30 15.41 1.32
N PRO A 13 -9.84 16.05 2.38
CA PRO A 13 -9.65 15.57 3.75
C PRO A 13 -10.45 14.30 4.03
N ILE A 14 -11.50 14.09 3.26
CA ILE A 14 -12.33 12.92 3.41
C ILE A 14 -11.65 11.69 2.80
N MET A 15 -10.69 11.96 1.91
CA MET A 15 -10.00 10.90 1.18
C MET A 15 -9.28 9.95 2.12
N GLN A 16 -8.84 10.41 3.28
CA GLN A 16 -8.12 9.52 4.19
C GLN A 16 -9.02 8.41 4.74
N SER A 17 -10.31 8.70 4.88
CA SER A 17 -11.28 7.67 5.26
C SER A 17 -11.57 6.74 4.07
N ILE A 18 -11.79 7.34 2.91
CA ILE A 18 -12.10 6.58 1.70
C ILE A 18 -10.94 5.66 1.33
N MET A 19 -9.73 6.21 1.38
CA MET A 19 -8.52 5.46 1.09
C MET A 19 -8.35 4.31 2.10
N GLN A 20 -8.83 4.55 3.31
CA GLN A 20 -8.76 3.56 4.37
C GLN A 20 -9.68 2.38 4.05
N ASN A 21 -10.90 2.68 3.63
CA ASN A 21 -11.86 1.64 3.26
C ASN A 21 -11.44 0.91 1.99
N LEU A 22 -11.07 1.69 0.97
CA LEU A 22 -10.73 1.13 -0.33
C LEU A 22 -9.49 0.25 -0.26
N LEU A 23 -8.60 0.53 0.69
CA LEU A 23 -7.38 -0.23 0.83
C LEU A 23 -7.42 -1.14 2.06
N SER A 24 -8.63 -1.35 2.58
CA SER A 24 -8.80 -2.28 3.69
C SER A 24 -8.43 -3.69 3.25
N LYS A 25 -8.28 -4.62 4.20
CA LYS A 25 -7.80 -5.96 3.90
C LYS A 25 -8.64 -6.63 2.81
N ASP A 26 -9.90 -6.21 2.72
CA ASP A 26 -10.82 -6.72 1.71
C ASP A 26 -10.25 -6.55 0.31
N VAL A 27 -9.97 -5.32 -0.08
CA VAL A 27 -9.44 -5.02 -1.40
C VAL A 27 -7.91 -5.09 -1.42
N LEU A 28 -7.29 -4.74 -0.31
CA LEU A 28 -5.84 -4.67 -0.21
C LEU A 28 -5.18 -5.99 -0.61
N TYR A 29 -5.74 -7.11 -0.15
CA TYR A 29 -5.15 -8.42 -0.43
C TYR A 29 -5.01 -8.67 -1.95
N PRO A 30 -6.11 -8.66 -2.73
CA PRO A 30 -6.02 -8.87 -4.18
C PRO A 30 -5.17 -7.82 -4.89
N SER A 31 -5.21 -6.59 -4.39
CA SER A 31 -4.45 -5.51 -5.00
C SER A 31 -2.95 -5.75 -4.83
N LEU A 32 -2.55 -6.16 -3.63
CA LEU A 32 -1.15 -6.44 -3.36
C LEU A 32 -0.72 -7.72 -4.06
N LYS A 33 -1.61 -8.71 -4.09
CA LYS A 33 -1.32 -9.98 -4.75
C LYS A 33 -1.12 -9.78 -6.25
N GLU A 34 -1.93 -8.90 -6.83
CA GLU A 34 -1.79 -8.57 -8.25
C GLU A 34 -0.41 -7.98 -8.54
N ILE A 35 -0.03 -7.01 -7.74
CA ILE A 35 1.22 -6.28 -7.96
C ILE A 35 2.43 -7.16 -7.67
N THR A 36 2.30 -8.06 -6.69
CA THR A 36 3.40 -8.95 -6.37
C THR A 36 3.70 -9.90 -7.52
N GLU A 37 2.67 -10.35 -8.22
CA GLU A 37 2.85 -11.20 -9.40
C GLU A 37 3.55 -10.43 -10.51
N LYS A 38 3.29 -9.14 -10.57
CA LYS A 38 3.76 -8.30 -11.67
C LYS A 38 5.12 -7.68 -11.37
N TYR A 39 5.39 -7.49 -10.09
CA TYR A 39 6.61 -6.83 -9.64
C TYR A 39 7.88 -7.45 -10.23
N PRO A 40 8.07 -8.79 -10.14
CA PRO A 40 9.31 -9.44 -10.59
C PRO A 40 9.55 -9.27 -12.09
N GLU A 41 8.48 -9.36 -12.88
CA GLU A 41 8.60 -9.24 -14.33
C GLU A 41 8.97 -7.80 -14.70
N TRP A 42 8.37 -6.86 -13.99
CA TRP A 42 8.63 -5.45 -14.21
C TRP A 42 10.08 -5.14 -13.86
N LEU A 43 10.50 -5.62 -12.69
CA LEU A 43 11.86 -5.44 -12.23
C LEU A 43 12.87 -6.07 -13.16
N GLN A 44 12.58 -7.27 -13.63
CA GLN A 44 13.50 -7.99 -14.51
C GLN A 44 13.69 -7.24 -15.83
N SER A 45 12.60 -6.69 -16.33
CA SER A 45 12.62 -5.97 -17.60
C SER A 45 13.40 -4.67 -17.47
N HIS A 46 13.13 -3.91 -16.42
CA HIS A 46 13.74 -2.61 -16.22
C HIS A 46 15.02 -2.72 -15.42
N ARG A 47 15.39 -3.94 -15.08
CA ARG A 47 16.53 -4.19 -14.22
C ARG A 47 17.79 -3.53 -14.79
N GLU A 48 17.92 -3.61 -16.11
CA GLU A 48 19.07 -3.05 -16.81
C GLU A 48 19.10 -1.53 -16.71
N SER A 49 17.91 -0.95 -16.59
CA SER A 49 17.77 0.49 -16.52
C SER A 49 17.61 0.98 -15.08
N LEU A 50 17.44 0.04 -14.17
CA LEU A 50 17.19 0.36 -12.78
C LEU A 50 18.46 0.48 -11.96
N PRO A 51 18.63 1.60 -11.26
CA PRO A 51 19.73 1.80 -10.33
C PRO A 51 19.76 0.70 -9.27
N PRO A 52 20.93 0.12 -8.98
CA PRO A 52 21.05 -0.98 -8.02
C PRO A 52 20.44 -0.63 -6.67
N GLU A 53 20.63 0.60 -6.23
CA GLU A 53 20.08 1.07 -4.97
C GLU A 53 18.55 1.07 -5.01
N GLN A 54 18.02 1.49 -6.13
CA GLN A 54 16.58 1.59 -6.31
C GLN A 54 15.97 0.20 -6.49
N PHE A 55 16.68 -0.63 -7.24
CA PHE A 55 16.26 -2.00 -7.54
C PHE A 55 16.05 -2.78 -6.25
N GLU A 56 17.00 -2.65 -5.34
CA GLU A 56 16.94 -3.34 -4.06
C GLU A 56 15.68 -2.98 -3.28
N LYS A 57 15.39 -1.68 -3.15
CA LYS A 57 14.21 -1.24 -2.41
C LYS A 57 12.95 -1.86 -3.01
N TYR A 58 12.92 -1.92 -4.34
CA TYR A 58 11.78 -2.47 -5.05
C TYR A 58 11.65 -3.95 -4.80
N GLN A 59 12.79 -4.62 -4.66
CA GLN A 59 12.83 -6.04 -4.35
C GLN A 59 12.25 -6.30 -2.98
N GLU A 60 12.56 -5.41 -2.04
CA GLU A 60 12.09 -5.55 -0.67
C GLU A 60 10.58 -5.32 -0.60
N GLN A 61 10.11 -4.35 -1.36
CA GLN A 61 8.68 -4.09 -1.45
C GLN A 61 7.97 -5.31 -2.02
N HIS A 62 8.57 -5.92 -3.03
CA HIS A 62 8.03 -7.14 -3.61
C HIS A 62 8.01 -8.26 -2.57
N SER A 63 9.10 -8.39 -1.82
CA SER A 63 9.20 -9.41 -0.79
C SER A 63 8.19 -9.18 0.31
N VAL A 64 8.15 -7.96 0.83
CA VAL A 64 7.25 -7.61 1.91
C VAL A 64 5.77 -7.77 1.49
N MET A 65 5.41 -7.23 0.33
CA MET A 65 4.05 -7.33 -0.16
C MET A 65 3.62 -8.78 -0.33
N CYS A 66 4.55 -9.63 -0.75
CA CYS A 66 4.29 -11.06 -0.87
C CYS A 66 3.93 -11.66 0.47
N LYS A 67 4.63 -11.25 1.51
CA LYS A 67 4.40 -11.81 2.83
C LYS A 67 3.00 -11.45 3.31
N ILE A 68 2.64 -10.21 3.06
CA ILE A 68 1.34 -9.68 3.44
C ILE A 68 0.20 -10.46 2.78
N CYS A 69 0.29 -10.65 1.48
CA CYS A 69 -0.75 -11.36 0.74
C CYS A 69 -0.82 -12.82 1.20
N GLU A 70 0.34 -13.41 1.44
CA GLU A 70 0.41 -14.79 1.93
C GLU A 70 -0.32 -14.93 3.25
N GLN A 71 -0.24 -13.92 4.10
CA GLN A 71 -0.82 -14.00 5.43
C GLN A 71 -2.34 -14.04 5.36
N PHE A 72 -2.92 -13.26 4.46
CA PHE A 72 -4.37 -13.13 4.38
C PHE A 72 -5.00 -14.36 3.76
N GLU A 73 -4.36 -14.88 2.73
CA GLU A 73 -4.82 -16.11 2.09
C GLU A 73 -4.53 -17.32 2.97
N ALA A 74 -3.65 -17.13 3.94
CA ALA A 74 -3.32 -18.18 4.89
C ALA A 74 -4.03 -17.92 6.22
N GLU A 75 -4.92 -16.95 6.23
CA GLU A 75 -5.66 -16.59 7.44
C GLU A 75 -6.99 -17.33 7.49
N THR A 76 -7.43 -17.66 8.69
CA THR A 76 -8.71 -18.30 8.88
C THR A 76 -9.49 -17.56 9.95
N PRO A 77 -10.82 -17.48 9.81
CA PRO A 77 -11.69 -16.86 10.82
C PRO A 77 -11.74 -17.71 12.07
N THR A 78 -11.23 -18.94 11.97
CA THR A 78 -11.30 -19.90 13.05
C THR A 78 -10.08 -19.80 13.96
N ASP A 79 -9.06 -19.06 13.53
CA ASP A 79 -7.91 -18.75 14.38
C ASP A 79 -8.36 -17.91 15.57
N SER A 80 -7.59 -17.93 16.64
CA SER A 80 -7.94 -17.19 17.85
C SER A 80 -7.81 -15.68 17.64
N GLU A 81 -8.42 -14.92 18.54
CA GLU A 81 -8.38 -13.46 18.47
C GLU A 81 -6.95 -12.94 18.50
N THR A 82 -6.10 -13.61 19.26
CA THR A 82 -4.70 -13.20 19.37
C THR A 82 -3.96 -13.48 18.07
N THR A 83 -4.48 -14.43 17.33
CA THR A 83 -3.91 -14.78 16.04
C THR A 83 -4.27 -13.72 15.01
N GLN A 84 -5.53 -13.32 15.07
CA GLN A 84 -6.03 -12.27 14.19
C GLN A 84 -5.22 -11.00 14.40
N LYS A 85 -4.96 -10.70 15.67
CA LYS A 85 -4.23 -9.51 16.06
C LYS A 85 -2.74 -9.63 15.70
N ALA A 86 -2.17 -10.79 16.02
CA ALA A 86 -0.74 -11.01 15.81
C ALA A 86 -0.38 -10.94 14.35
N ARG A 87 -1.17 -11.58 13.51
CA ARG A 87 -0.97 -11.57 12.07
C ARG A 87 -1.16 -10.16 11.54
N PHE A 88 -2.19 -9.47 12.04
CA PHE A 88 -2.45 -8.10 11.65
C PHE A 88 -1.25 -7.21 11.99
N GLU A 89 -0.74 -7.35 13.21
CA GLU A 89 0.40 -6.56 13.65
C GLU A 89 1.64 -6.88 12.84
N MET A 90 1.84 -8.16 12.54
CA MET A 90 2.98 -8.58 11.74
C MET A 90 2.89 -8.01 10.34
N VAL A 91 1.70 -8.07 9.76
CA VAL A 91 1.44 -7.49 8.45
C VAL A 91 1.62 -5.97 8.50
N LEU A 92 1.05 -5.34 9.51
CA LEU A 92 1.16 -3.91 9.69
C LEU A 92 2.61 -3.49 9.82
N ASP A 93 3.38 -4.26 10.58
CA ASP A 93 4.80 -3.99 10.76
C ASP A 93 5.53 -4.07 9.42
N LEU A 94 5.20 -5.09 8.66
CA LEU A 94 5.73 -5.26 7.31
C LEU A 94 5.31 -4.09 6.41
N MET A 95 4.05 -3.70 6.49
CA MET A 95 3.53 -2.58 5.72
C MET A 95 4.29 -1.30 6.05
N GLN A 96 4.61 -1.13 7.33
CA GLN A 96 5.37 0.04 7.77
C GLN A 96 6.73 0.07 7.10
N GLN A 97 7.34 -1.10 6.95
CA GLN A 97 8.67 -1.20 6.37
C GLN A 97 8.65 -0.94 4.88
N LEU A 98 7.68 -1.53 4.19
CA LEU A 98 7.64 -1.43 2.74
C LEU A 98 7.26 -0.01 2.31
N GLN A 99 6.34 0.63 3.03
CA GLN A 99 5.99 2.01 2.73
C GLN A 99 7.19 2.92 2.96
N ASP A 100 7.99 2.58 3.98
CA ASP A 100 9.22 3.31 4.29
C ASP A 100 10.29 3.06 3.23
N LEU A 101 10.11 1.99 2.47
CA LEU A 101 11.07 1.60 1.44
C LEU A 101 10.74 2.27 0.12
N GLY A 102 9.55 2.80 0.02
CA GLY A 102 9.14 3.50 -1.17
C GLY A 102 7.90 2.91 -1.79
N HIS A 103 7.24 3.70 -2.63
CA HIS A 103 6.05 3.24 -3.32
C HIS A 103 6.42 2.44 -4.57
N PRO A 104 5.53 1.52 -4.99
CA PRO A 104 5.71 0.81 -6.25
C PRO A 104 5.56 1.76 -7.43
N PRO A 105 6.07 1.36 -8.62
CA PRO A 105 5.96 2.17 -9.84
C PRO A 105 4.52 2.39 -10.24
N LYS A 106 4.21 3.56 -10.80
CA LYS A 106 2.85 3.89 -11.21
C LYS A 106 2.32 2.89 -12.24
N GLU A 107 3.22 2.37 -13.06
CA GLU A 107 2.85 1.38 -14.06
C GLU A 107 2.32 0.11 -13.40
N LEU A 108 2.82 -0.16 -12.20
CA LEU A 108 2.36 -1.30 -11.42
C LEU A 108 1.18 -0.93 -10.54
N ALA A 109 0.90 0.36 -10.42
CA ALA A 109 -0.21 0.83 -9.62
C ALA A 109 -1.31 1.35 -10.54
N GLY A 110 -1.15 1.09 -11.84
CA GLY A 110 -2.05 1.64 -12.85
C GLY A 110 -3.42 1.01 -12.85
N GLU A 111 -3.69 0.22 -11.82
CA GLU A 111 -4.99 -0.43 -11.66
C GLU A 111 -5.70 0.19 -10.48
N MET A 112 -5.07 1.21 -9.91
CA MET A 112 -5.62 1.96 -8.79
C MET A 112 -6.21 3.26 -9.32
N PRO A 113 -7.21 3.83 -8.63
CA PRO A 113 -7.82 5.10 -9.03
C PRO A 113 -6.82 6.26 -8.93
N PRO A 114 -6.52 6.92 -10.06
CA PRO A 114 -5.54 8.01 -10.10
C PRO A 114 -5.83 9.10 -9.08
N GLY A 115 -5.05 9.12 -8.01
CA GLY A 115 -5.26 10.09 -6.96
C GLY A 115 -4.79 9.60 -5.61
N LEU A 116 -5.13 8.35 -5.28
CA LEU A 116 -4.76 7.78 -3.98
C LEU A 116 -3.29 7.34 -3.94
N ASN A 117 -2.46 8.00 -4.75
CA ASN A 117 -1.05 7.63 -4.91
C ASN A 117 -0.33 7.64 -3.56
N PHE A 118 0.81 6.97 -3.54
CA PHE A 118 1.51 6.71 -2.29
C PHE A 118 2.88 7.40 -2.29
N ASP A 119 2.93 8.58 -1.71
CA ASP A 119 4.17 9.35 -1.64
C ASP A 119 4.90 9.05 -0.34
N LEU A 120 6.16 8.62 -0.44
CA LEU A 120 6.92 8.17 0.73
C LEU A 120 6.95 9.23 1.82
N ASP A 121 7.21 10.47 1.45
CA ASP A 121 7.24 11.56 2.43
C ASP A 121 5.89 11.70 3.12
N ALA A 122 4.82 11.55 2.35
CA ALA A 122 3.47 11.65 2.90
C ALA A 122 3.15 10.42 3.76
N LEU A 123 3.86 9.33 3.52
CA LEU A 123 3.68 8.11 4.29
C LEU A 123 4.60 8.13 5.50
N ASN A 124 5.55 9.04 5.47
CA ASN A 124 6.59 9.12 6.49
C ASN A 124 6.28 10.25 7.45
N LEU A 125 6.36 9.97 8.73
CA LEU A 125 6.01 10.97 9.74
C LEU A 125 7.22 11.78 10.16
N SER A 126 8.15 11.97 9.23
CA SER A 126 9.32 12.80 9.47
C SER A 126 8.92 14.27 9.55
N GLY A 127 7.98 14.66 8.69
CA GLY A 127 7.48 16.01 8.70
C GLY A 127 6.01 16.06 8.34
N PRO A 128 5.13 15.58 9.23
CA PRO A 128 3.70 15.51 8.99
C PRO A 128 3.02 16.85 9.23
N PRO A 129 1.92 17.14 8.52
CA PRO A 129 1.18 18.41 8.67
C PRO A 129 0.69 18.62 10.11
N GLY A 130 0.19 17.55 10.71
CA GLY A 130 -0.31 17.64 12.06
C GLY A 130 0.49 16.80 13.05
N ALA A 131 1.01 15.66 12.57
CA ALA A 131 1.85 14.77 13.38
C ALA A 131 1.00 14.00 14.40
N SER A 132 -0.28 13.91 14.11
CA SER A 132 -1.21 13.20 14.95
C SER A 132 -1.31 11.73 14.52
N GLY A 133 -0.86 11.45 13.31
CA GLY A 133 -0.93 10.10 12.79
C GLY A 133 -1.68 10.03 11.49
N GLU A 134 -1.50 11.04 10.67
CA GLU A 134 -2.12 11.10 9.34
C GLU A 134 -1.54 9.99 8.46
N GLN A 135 -2.40 9.02 8.14
CA GLN A 135 -1.96 7.84 7.41
C GLN A 135 -2.94 7.48 6.30
N CYS A 136 -2.79 6.28 5.76
CA CYS A 136 -3.60 5.83 4.64
C CYS A 136 -4.69 4.91 5.16
N LEU A 137 -4.27 3.73 5.59
CA LEU A 137 -5.16 2.77 6.22
C LEU A 137 -4.58 2.33 7.57
N ILE A 138 -3.50 2.99 7.94
CA ILE A 138 -2.70 2.59 9.10
C ILE A 138 -3.36 3.04 10.39
N MET A 139 -3.19 4.31 10.71
CA MET A 139 -3.71 4.87 11.95
C MET A 139 -5.09 5.45 11.75
C1 FAR B . -0.21 4.79 4.73
C2 FAR B . -0.14 3.28 4.46
C3 FAR B . 0.61 2.63 3.60
C5 FAR B . 0.53 1.14 3.50
C6 FAR B . -0.43 0.61 2.45
C7 FAR B . 0.08 0.84 1.04
C8 FAR B . 1.19 0.35 0.50
C9 FAR B . 1.58 0.68 -0.93
C11 FAR B . 0.96 -0.23 -1.98
C12 FAR B . -0.53 -0.45 -1.75
C13 FAR B . -1.49 -0.47 -2.65
C14 FAR B . -1.26 -0.25 -4.12
C15 FAR B . -2.93 -0.69 -2.26
C4 FAR B . 1.55 3.32 2.63
C10 FAR B . 2.10 -0.61 1.21
H11 FAR B . -0.70 4.96 5.68
H12A FAR B . 0.77 5.15 4.80
H2 FAR B . -0.82 2.72 5.08
H51 FAR B . 0.22 0.78 4.48
H52 FAR B . 1.52 0.77 3.29
H61 FAR B . -0.56 -0.45 2.61
H62 FAR B . -1.37 1.10 2.57
H7 FAR B . -0.57 1.49 0.46
H91 FAR B . 2.65 0.61 -1.00
H92 FAR B . 1.27 1.68 -1.14
H111 FAR B . 1.11 0.21 -2.95
H112 FAR B . 1.46 -1.19 -1.93
H12 FAR B . -0.78 -0.62 -0.71
H141 FAR B . -2.21 -0.24 -4.64
H142 FAR B . -0.75 0.69 -4.26
H143 FAR B . -0.65 -1.06 -4.51
H151 FAR B . -2.97 -1.03 -1.23
H152 FAR B . -3.46 0.25 -2.34
H153 FAR B . -3.37 -1.42 -2.91
H41 FAR B . 0.99 3.88 1.92
H42 FAR B . 2.13 2.57 2.12
H43 FAR B . 2.21 3.96 3.18
H101 FAR B . 2.31 -1.44 0.55
H102 FAR B . 1.61 -0.97 2.09
H103 FAR B . 3.01 -0.11 1.47
#